data_6MAR
#
_entry.id   6MAR
#
_cell.length_a   1.0
_cell.length_b   1.0
_cell.length_c   1.0
_cell.angle_alpha   90.00
_cell.angle_beta   90.00
_cell.angle_gamma   90.00
#
_symmetry.space_group_name_H-M   'P 1'
#
loop_
_entity.id
_entity.type
_entity.pdbx_description
1 polymer 'Immunoglobulin G PGT151 Fab, Heavy chain'
2 polymer 'Immunoglobulin G PGT151, Light chain'
3 polymer 'Envelope glycoprotein gp160'
4 polymer 'Envelope glycoprotein gp160'
5 branched 2-acetamido-2-deoxy-beta-D-glucopyranose-(1-4)-2-acetamido-2-deoxy-beta-D-glucopyranose
6 branched alpha-D-mannopyranose-(1-2)-alpha-D-mannopyranose-(1-3)-[alpha-D-mannopyranose-(1-6)]beta-D-mannopyranose-(1-4)-2-acetamido-2-deoxy-beta-D-glucopyranose-(1-4)-2-acetamido-2-deoxy-beta-D-glucopyranose
7 branched beta-D-mannopyranose-(1-4)-2-acetamido-2-deoxy-beta-D-glucopyranose-(1-4)-2-acetamido-2-deoxy-beta-D-glucopyranose
8 branched beta-D-galactopyranose-(1-4)-2-acetamido-2-deoxy-beta-D-glucopyranose-(1-2)-[beta-D-galactopyranose-(1-4)-2-acetamido-2-deoxy-beta-D-glucopyranose-(1-6)]alpha-D-mannopyranose-(1-6)-[2-acetamido-2-deoxy-beta-D-glucopyranose-(1-2)-alpha-D-mannopyranose-(1-3)]beta-D-mannopyranose-(1-4)-2-acetamido-2-deoxy-beta-D-glucopyranose-(1-4)-[alpha-L-fucopyranose-(1-6)]2-acetamido-2-deoxy-beta-D-glucopyranose
9 branched beta-D-galactopyranose-(1-4)-2-acetamido-2-deoxy-beta-D-glucopyranose-(1-2)-[2-acetamido-2-deoxy-beta-D-glucopyranose-(1-4)]alpha-D-mannopyranose-(1-3)-[2-acetamido-2-deoxy-beta-D-glucopyranose-(1-2)-alpha-D-mannopyranose-(1-6)]beta-D-mannopyranose-(1-4)-2-acetamido-2-deoxy-beta-D-glucopyranose-(1-4)-[alpha-L-fucopyranose-(1-6)]2-acetamido-2-deoxy-beta-D-glucopyranose
10 branched alpha-D-mannopyranose-(1-3)-beta-D-mannopyranose-(1-4)-2-acetamido-2-deoxy-beta-D-glucopyranose-(1-4)-2-acetamido-2-deoxy-beta-D-glucopyranose
11 branched alpha-D-mannopyranose-(1-2)-alpha-D-mannopyranose-(1-3)-[alpha-D-mannopyranose-(1-3)-alpha-D-mannopyranose-(1-6)]beta-D-mannopyranose-(1-4)-2-acetamido-2-deoxy-beta-D-glucopyranose-(1-4)-2-acetamido-2-deoxy-beta-D-glucopyranose
12 branched beta-D-galactopyranose-(1-4)-2-acetamido-2-deoxy-beta-D-glucopyranose-(1-2)-[beta-D-galactopyranose-(1-4)-2-acetamido-2-deoxy-beta-D-glucopyranose-(1-6)]alpha-D-mannopyranose-(1-6)-[alpha-D-mannopyranose-(1-3)]beta-D-mannopyranose-(1-4)-2-acetamido-2-deoxy-beta-D-glucopyranose-(1-4)-[alpha-L-fucopyranose-(1-6)]2-acetamido-2-deoxy-beta-D-glucopyranose
13 non-polymer 2-acetamido-2-deoxy-beta-D-glucopyranose
#
loop_
_entity_poly.entity_id
_entity_poly.type
_entity_poly.pdbx_seq_one_letter_code
_entity_poly.pdbx_strand_id
1 'polypeptide(L)'
;RVQLVESGGGVVQPGKSVRLSCVVSDFPFSKYPMYWVRQAPGKGLEWVAAISGDAWHVVYSNSVQGRFLVSRDNVKNTLY
LEMNSLKIEDTAVYRCARMFQESGPPRLDRWSGRNYYYYSGMDVWGQGTTVTVSSASTKGPSVFPLAPSSKSTSGGTAAL
GCLVKDYFPEPVTVSWNSGALTSGVHTFPAVLQSSGLYSLSSVVTVPSSSLGTQTYICNVNHKPSNTKVDKRVEPKSCDK
;
M,H
2 'polypeptide(L)'
;DIVMTQTPLSLSVTPGQPASISCKSSESLRQSNGKTSLYWYRQKPGQSPQLLVFEVSNRFSGVSDRFVGSGSGTDFTLRI
SRVEAEDVGFYYCMQSKDFPLTFGGGTKVDLKRTVAAPSVFIFPPSDEQLKSGTASVVCLLNNFYPREAKVQWKVDNALQ
SGNSQESVTEQDSKDSTYSLSSTLTLSKADYEKHKVYACEVTHQGLSSPVTKSFNRGEC
;
N,L
3 'polypeptide(L)'
;METDTLLLWVLLLWVPGSTGDAENLWVTVYYGVPVWKDAETTLFCASDAKAYETEKHNVWATHACVPTDPNPQEIHLENV
TEEFNMWKNNMVEQMHTDIISLWDQSLKPCVKLTPLCVTLQCTNVTNNITDDMRGELKNCSFNMTTELRDKKQKVYSLFY
RLDVVQINENQGNRSNNSNKEYRLINCNTSAITQACPKVSFEPIPIHYCAPAGFAILKCKDKKFNGTGPCPSVSTVQCTH
GIKPVVSTQLLLNGSLAEEEVMIRSENITNNAKNILVQFNTPVQINCTRPNNNTRKSIRIGPGQAFYATGDIIGDIRQAH
CTVSKATWNETLGKVVKQLRKHFGNNTIIRFANSSGGDLEVTTHSFNCGGEFFYCNTSGLFNSTWISNTSVQGSNSTGSN
DSITLPCRIKQIINMWQRIGQAMYAPPIQGVIRCVSNITGLILTRDGGSTNSTTETFRPGGGDMRDNWRSELYKYKVVKI
EPLGVAPTRAKRRV
;
A,C,E
4 'polypeptide(L)'
;VGREKRAVGIGAVFLGFLGAAGSTMGAASMTLTVQARNLLSGIVQQQSNLLRAIEAQQHLLKLTVWGIKQLQARVLAVER
YLRDQQLLGIWGCSGKLICTTNVPWNSSWSNRNLSEIWDNMTWLQWDKEISNYTQIIYGLLEESQNQQEKNEQDLLALDK
WASLWNWFDISNWLWYIKIFIMIVGGLIGLRIVFAVLSVIHRVRQGGGSGGGWSHPQFEK
;
B,D,F
#
loop_
_chem_comp.id
_chem_comp.type
_chem_comp.name
_chem_comp.formula
BMA D-saccharide, beta linking beta-D-mannopyranose 'C6 H12 O6'
FUC L-saccharide, alpha linking alpha-L-fucopyranose 'C6 H12 O5'
GAL D-saccharide, beta linking beta-D-galactopyranose 'C6 H12 O6'
MAN D-saccharide, alpha linking alpha-D-mannopyranose 'C6 H12 O6'
NAG D-saccharide, beta linking 2-acetamido-2-deoxy-beta-D-glucopyranose 'C8 H15 N O6'
#
# COMPACT_ATOMS: atom_id res chain seq x y z
N VAL A 2 29.22 -3.40 51.86
CA VAL A 2 29.68 -2.08 51.45
C VAL A 2 29.38 -1.06 52.54
N GLN A 3 30.12 0.04 52.56
CA GLN A 3 30.01 1.03 53.63
C GLN A 3 29.09 2.17 53.21
N LEU A 4 28.10 2.44 54.04
CA LEU A 4 27.13 3.50 53.78
C LEU A 4 26.49 3.88 55.10
N VAL A 5 26.79 5.08 55.60
CA VAL A 5 26.28 5.51 56.89
C VAL A 5 25.28 6.64 56.69
N GLU A 6 24.40 6.79 57.68
CA GLU A 6 23.40 7.85 57.72
C GLU A 6 23.60 8.62 59.02
N SER A 7 24.48 9.61 58.99
CA SER A 7 24.70 10.44 60.16
C SER A 7 23.59 11.48 60.28
N GLY A 8 23.70 12.33 61.31
CA GLY A 8 22.85 13.49 61.40
C GLY A 8 21.50 13.32 62.08
N GLY A 9 21.51 12.93 63.34
CA GLY A 9 20.32 13.07 64.17
C GLY A 9 20.32 14.41 64.88
N GLY A 10 19.19 14.72 65.52
CA GLY A 10 19.09 15.97 66.24
C GLY A 10 17.65 16.27 66.61
N VAL A 11 17.46 17.50 67.12
CA VAL A 11 16.16 18.00 67.54
C VAL A 11 16.15 19.51 67.44
N VAL A 12 15.12 20.08 66.81
CA VAL A 12 15.04 21.53 66.59
C VAL A 12 13.61 22.02 66.78
N GLN A 13 13.51 23.32 67.00
CA GLN A 13 12.27 24.05 66.93
C GLN A 13 11.97 24.37 65.46
N PRO A 14 10.78 24.85 65.12
CA PRO A 14 10.54 25.28 63.74
C PRO A 14 11.37 26.50 63.35
N GLY A 15 11.60 26.61 62.04
CA GLY A 15 12.35 27.71 61.47
C GLY A 15 13.86 27.57 61.63
N LYS A 16 14.44 26.52 61.06
CA LYS A 16 15.89 26.32 61.16
C LYS A 16 16.51 26.04 59.80
N SER A 17 17.81 25.70 59.80
CA SER A 17 18.55 25.37 58.59
C SER A 17 19.76 24.55 59.00
N VAL A 18 19.90 23.36 58.42
CA VAL A 18 20.93 22.41 58.83
C VAL A 18 21.72 21.96 57.59
N ARG A 19 22.63 21.02 57.83
CA ARG A 19 23.39 20.37 56.77
C ARG A 19 23.57 18.90 57.15
N LEU A 20 23.37 18.01 56.19
CA LEU A 20 23.38 16.58 56.44
C LEU A 20 24.48 15.92 55.61
N SER A 21 25.01 14.82 56.11
CA SER A 21 26.10 14.10 55.45
C SER A 21 25.77 12.62 55.33
N CYS A 22 26.46 11.96 54.41
CA CYS A 22 26.23 10.54 54.11
C CYS A 22 27.48 10.00 53.45
N VAL A 23 28.20 9.12 54.14
CA VAL A 23 29.52 8.66 53.69
C VAL A 23 29.35 7.34 52.98
N VAL A 24 29.98 7.21 51.81
CA VAL A 24 29.89 6.02 50.98
C VAL A 24 31.26 5.38 50.88
N SER A 25 31.27 4.11 50.43
CA SER A 25 32.47 3.42 50.03
C SER A 25 32.10 2.22 49.19
N ASP A 26 33.14 1.62 48.58
CA ASP A 26 33.12 0.31 47.93
C ASP A 26 32.27 0.29 46.65
N PHE A 27 32.25 1.40 45.91
CA PHE A 27 31.70 1.42 44.55
C PHE A 27 32.27 2.63 43.83
N PRO A 28 32.35 2.58 42.50
CA PRO A 28 32.81 3.75 41.72
C PRO A 28 31.79 4.86 41.67
N PHE A 29 31.86 5.76 42.66
CA PHE A 29 30.84 6.75 43.00
C PHE A 29 30.36 7.64 41.85
N SER A 30 31.18 7.84 40.82
CA SER A 30 30.78 8.70 39.72
C SER A 30 29.69 8.10 38.84
N LYS A 31 29.34 6.82 39.02
CA LYS A 31 28.38 6.16 38.17
C LYS A 31 26.99 6.05 38.78
N TYR A 32 26.85 6.19 40.08
CA TYR A 32 25.58 5.71 40.56
C TYR A 32 24.65 6.86 40.93
N PRO A 33 23.34 6.62 40.89
CA PRO A 33 22.39 7.58 41.46
C PRO A 33 22.05 7.22 42.91
N MET A 34 21.60 8.24 43.65
CA MET A 34 21.26 8.10 45.05
C MET A 34 19.87 8.68 45.29
N TYR A 35 19.18 8.15 46.29
CA TYR A 35 17.83 8.61 46.63
C TYR A 35 17.80 9.17 48.04
N TRP A 36 16.60 9.56 48.47
CA TRP A 36 16.32 9.92 49.85
C TRP A 36 14.90 9.48 50.18
N VAL A 37 14.77 8.50 51.05
CA VAL A 37 13.48 7.97 51.43
C VAL A 37 13.12 8.51 52.81
N ARG A 38 11.89 8.25 53.23
CA ARG A 38 11.39 8.84 54.46
C ARG A 38 10.42 7.87 55.11
N GLN A 39 10.56 7.67 56.42
CA GLN A 39 9.72 6.74 57.16
C GLN A 39 9.16 7.44 58.39
N ALA A 40 7.86 7.69 58.40
CA ALA A 40 7.22 8.31 59.53
C ALA A 40 7.18 7.31 60.70
N PRO A 41 7.15 7.81 61.95
CA PRO A 41 7.13 6.89 63.11
C PRO A 41 5.84 6.09 63.17
N GLY A 42 6.01 4.78 63.36
CA GLY A 42 4.88 3.86 63.36
C GLY A 42 4.18 3.75 62.03
N LYS A 43 4.84 4.07 60.93
CA LYS A 43 4.18 4.15 59.63
C LYS A 43 4.97 3.43 58.55
N GLY A 44 4.57 3.64 57.31
CA GLY A 44 5.26 3.10 56.15
C GLY A 44 6.35 4.02 55.66
N LEU A 45 6.59 3.96 54.36
CA LEU A 45 7.70 4.69 53.76
C LEU A 45 7.19 5.83 52.89
N GLU A 46 8.13 6.66 52.44
CA GLU A 46 7.80 7.84 51.64
C GLU A 46 9.04 8.27 50.89
N TRP A 47 8.87 8.59 49.61
CA TRP A 47 9.97 9.08 48.81
C TRP A 47 10.06 10.60 48.90
N VAL A 48 11.28 11.12 48.89
CA VAL A 48 11.48 12.57 48.96
C VAL A 48 12.15 13.10 47.70
N ALA A 49 13.40 12.70 47.49
CA ALA A 49 14.24 13.36 46.50
C ALA A 49 15.22 12.36 45.92
N ALA A 50 15.85 12.76 44.80
CA ALA A 50 16.78 11.90 44.09
C ALA A 50 17.65 12.77 43.22
N ILE A 51 18.94 12.53 43.26
CA ILE A 51 19.90 13.31 42.49
C ILE A 51 20.36 12.46 41.32
N SER A 52 20.78 13.10 40.25
CA SER A 52 21.23 12.38 39.07
C SER A 52 22.60 11.74 39.32
N GLY A 53 23.02 10.95 38.33
CA GLY A 53 24.31 10.28 38.44
C GLY A 53 25.47 11.26 38.33
N ASP A 54 25.47 12.09 37.30
CA ASP A 54 26.52 13.06 37.09
C ASP A 54 26.29 14.37 37.83
N ALA A 55 25.29 14.40 38.72
CA ALA A 55 24.94 15.54 39.56
C ALA A 55 24.59 16.78 38.74
N TRP A 56 23.59 16.62 37.86
CA TRP A 56 23.06 17.75 37.13
C TRP A 56 21.54 17.80 37.10
N HIS A 57 20.85 16.69 37.28
CA HIS A 57 19.41 16.65 37.30
C HIS A 57 18.92 16.33 38.71
N VAL A 58 17.78 16.88 39.08
CA VAL A 58 17.26 16.72 40.43
C VAL A 58 15.74 16.82 40.41
N VAL A 59 15.08 15.94 41.16
CA VAL A 59 13.64 15.96 41.35
C VAL A 59 13.33 15.92 42.83
N TYR A 60 12.14 16.42 43.17
CA TYR A 60 11.66 16.47 44.54
C TYR A 60 10.34 15.72 44.65
N SER A 61 9.83 15.66 45.86
CA SER A 61 8.49 15.13 46.12
C SER A 61 7.47 16.23 45.84
N ASN A 62 6.20 15.97 46.18
CA ASN A 62 5.15 16.95 45.95
C ASN A 62 5.08 18.01 47.05
N SER A 63 5.90 17.89 48.09
CA SER A 63 5.76 18.73 49.26
C SER A 63 6.76 19.89 49.27
N VAL A 64 8.04 19.58 49.19
CA VAL A 64 9.09 20.49 49.55
C VAL A 64 9.66 21.21 48.33
N GLN A 65 8.91 21.28 47.24
CA GLN A 65 9.35 22.02 46.07
C GLN A 65 9.30 23.50 46.40
N GLY A 66 10.44 24.02 46.86
CA GLY A 66 10.52 25.38 47.36
C GLY A 66 11.20 25.43 48.70
N ARG A 67 11.59 24.26 49.21
CA ARG A 67 12.31 24.16 50.48
C ARG A 67 13.73 23.65 50.32
N PHE A 68 13.90 22.47 49.71
CA PHE A 68 15.11 21.71 49.95
C PHE A 68 16.21 22.06 48.96
N LEU A 69 17.36 21.43 49.17
CA LEU A 69 18.51 21.53 48.28
C LEU A 69 19.41 20.34 48.55
N VAL A 70 19.82 19.66 47.49
CA VAL A 70 20.70 18.49 47.60
C VAL A 70 21.81 18.65 46.58
N SER A 71 23.01 18.19 46.94
CA SER A 71 24.16 18.31 46.07
C SER A 71 25.12 17.16 46.32
N ARG A 72 25.89 16.82 45.29
CA ARG A 72 26.78 15.68 45.30
C ARG A 72 28.22 16.13 45.19
N ASP A 73 29.10 15.53 46.00
CA ASP A 73 30.54 15.77 45.91
C ASP A 73 31.17 14.49 45.39
N ASN A 74 31.50 14.47 44.10
CA ASN A 74 32.17 13.32 43.52
C ASN A 74 33.61 13.21 43.97
N VAL A 75 34.24 14.30 44.39
CA VAL A 75 35.63 14.25 44.79
C VAL A 75 35.77 13.58 46.14
N LYS A 76 35.03 14.05 47.13
CA LYS A 76 35.10 13.49 48.46
C LYS A 76 34.27 12.23 48.63
N ASN A 77 33.46 11.88 47.62
CA ASN A 77 32.48 10.79 47.67
C ASN A 77 31.54 10.97 48.86
N THR A 78 30.82 12.08 48.85
CA THR A 78 30.09 12.51 50.04
C THR A 78 28.83 13.28 49.63
N LEU A 79 27.68 12.88 50.18
CA LEU A 79 26.41 13.54 49.90
C LEU A 79 26.10 14.64 50.91
N TYR A 80 25.59 15.76 50.40
CA TYR A 80 25.21 16.91 51.21
C TYR A 80 23.75 17.23 50.97
N LEU A 81 22.97 17.22 52.04
CA LEU A 81 21.55 17.53 52.00
C LEU A 81 21.26 18.71 52.92
N GLU A 82 20.29 19.53 52.54
CA GLU A 82 19.86 20.66 53.35
C GLU A 82 18.35 20.70 53.41
N MET A 83 17.82 20.91 54.61
CA MET A 83 16.38 21.01 54.83
C MET A 83 16.10 22.30 55.58
N ASN A 84 15.29 23.16 54.99
CA ASN A 84 15.09 24.52 55.51
C ASN A 84 13.61 24.76 55.78
N SER A 85 13.35 25.69 56.71
CA SER A 85 12.01 26.15 57.08
C SER A 85 11.14 24.98 57.56
N LEU A 86 11.55 24.40 58.68
CA LEU A 86 11.05 23.10 59.08
C LEU A 86 9.68 23.21 59.73
N LYS A 87 9.03 22.05 59.88
CA LYS A 87 7.78 21.92 60.61
C LYS A 87 7.89 20.76 61.57
N ILE A 88 7.14 20.83 62.68
CA ILE A 88 7.18 19.78 63.70
C ILE A 88 6.60 18.48 63.16
N GLU A 89 5.59 18.56 62.30
CA GLU A 89 5.02 17.37 61.68
C GLU A 89 5.90 16.80 60.57
N ASP A 90 7.09 17.33 60.33
CA ASP A 90 8.04 16.74 59.41
C ASP A 90 9.00 15.80 60.11
N THR A 91 8.61 15.24 61.25
CA THR A 91 9.45 14.31 61.99
C THR A 91 9.26 12.90 61.46
N ALA A 92 10.35 12.27 61.05
CA ALA A 92 10.33 10.94 60.46
C ALA A 92 11.74 10.37 60.48
N VAL A 93 11.93 9.22 59.86
CA VAL A 93 13.24 8.60 59.69
C VAL A 93 13.78 9.00 58.32
N TYR A 94 15.00 9.52 58.31
CA TYR A 94 15.63 10.01 57.09
C TYR A 94 16.80 9.10 56.75
N ARG A 95 16.76 8.48 55.58
CA ARG A 95 17.75 7.49 55.19
C ARG A 95 18.32 7.81 53.83
N CYS A 96 19.53 7.29 53.59
CA CYS A 96 20.38 7.64 52.46
C CYS A 96 20.78 6.35 51.76
N ALA A 97 20.00 5.95 50.76
CA ALA A 97 20.10 4.63 50.16
C ALA A 97 20.37 4.72 48.68
N ARG A 98 20.72 3.59 48.07
CA ARG A 98 21.29 3.52 46.74
C ARG A 98 20.45 2.67 45.81
N MET A 99 20.24 3.19 44.59
CA MET A 99 19.70 2.43 43.47
C MET A 99 20.50 1.16 43.24
N PHE A 100 19.80 0.07 42.95
CA PHE A 100 20.47 -1.15 42.52
C PHE A 100 21.18 -0.98 41.20
N GLN A 101 20.43 -0.72 40.14
CA GLN A 101 20.92 -0.93 38.79
C GLN A 101 21.88 0.18 38.40
N GLU A 102 23.03 -0.21 37.88
CA GLU A 102 23.99 0.75 37.36
C GLU A 102 23.43 1.42 36.12
N SER A 103 23.23 2.74 36.20
CA SER A 103 22.88 3.52 35.04
C SER A 103 24.12 3.76 34.19
N GLY A 104 23.90 4.31 33.00
CA GLY A 104 24.97 4.55 32.09
C GLY A 104 25.03 5.99 31.65
N PRO A 105 25.57 6.22 30.46
CA PRO A 105 25.64 7.58 29.91
C PRO A 105 24.25 8.06 29.51
N PRO A 106 24.08 9.36 29.27
CA PRO A 106 22.81 9.85 28.74
C PRO A 106 22.58 9.41 27.31
N ARG A 107 21.36 9.62 26.82
CA ARG A 107 21.02 9.40 25.42
C ARG A 107 20.64 10.71 24.78
N LEU A 108 21.18 10.94 23.58
CA LEU A 108 20.83 12.11 22.78
C LEU A 108 20.07 11.64 21.56
N ASP A 109 18.77 11.87 21.56
CA ASP A 109 17.98 11.67 20.35
C ASP A 109 18.36 12.72 19.32
N ARG A 110 18.22 12.34 18.05
CA ARG A 110 18.44 13.26 16.95
C ARG A 110 17.17 13.99 16.55
N TRP A 111 16.18 13.93 17.43
CA TRP A 111 14.90 14.60 17.24
C TRP A 111 14.80 15.62 18.37
N SER A 112 15.17 16.86 18.07
CA SER A 112 15.16 17.96 19.03
C SER A 112 15.98 17.67 20.29
N GLY A 113 17.14 17.05 20.11
CA GLY A 113 18.04 16.70 21.20
C GLY A 113 17.39 16.08 22.42
N ARG A 114 17.25 16.90 23.46
CA ARG A 114 16.64 16.50 24.73
C ARG A 114 17.26 15.28 25.40
N ASN A 115 18.43 15.47 26.00
CA ASN A 115 19.12 14.39 26.71
C ASN A 115 18.26 13.75 27.79
N TYR A 116 18.12 12.42 27.72
CA TYR A 116 17.24 11.68 28.61
C TYR A 116 18.05 10.85 29.58
N TYR A 117 17.47 10.61 30.76
CA TYR A 117 18.07 9.82 31.81
C TYR A 117 17.16 8.64 32.13
N TYR A 118 17.70 7.67 32.86
CA TYR A 118 16.95 6.48 33.20
C TYR A 118 17.22 6.06 34.63
N TYR A 119 16.16 5.75 35.35
CA TYR A 119 16.23 5.39 36.76
C TYR A 119 15.58 4.04 37.00
N SER A 120 15.82 3.49 38.19
CA SER A 120 15.13 2.30 38.68
C SER A 120 15.27 2.28 40.19
N GLY A 121 14.68 1.26 40.83
CA GLY A 121 14.61 1.19 42.28
C GLY A 121 15.92 0.75 42.93
N MET A 122 15.82 0.35 44.19
CA MET A 122 16.96 0.23 45.08
C MET A 122 17.19 -1.20 45.54
N ASP A 123 18.34 -1.42 46.17
CA ASP A 123 18.74 -2.67 46.77
C ASP A 123 19.24 -2.56 48.21
N VAL A 124 19.98 -1.51 48.53
CA VAL A 124 20.75 -1.42 49.76
C VAL A 124 20.23 -0.26 50.59
N TRP A 125 19.92 -0.52 51.85
CA TRP A 125 19.62 0.51 52.82
C TRP A 125 20.64 0.44 53.95
N GLY A 126 21.04 1.61 54.45
CA GLY A 126 21.88 1.67 55.62
C GLY A 126 21.06 1.60 56.89
N GLN A 127 21.67 2.01 57.99
CA GLN A 127 21.00 1.93 59.28
C GLN A 127 19.92 3.01 59.41
N GLY A 128 20.34 4.27 59.37
CA GLY A 128 19.40 5.38 59.36
C GLY A 128 19.72 6.40 60.42
N THR A 129 18.92 7.47 60.42
CA THR A 129 18.99 8.52 61.42
C THR A 129 17.62 9.18 61.51
N THR A 130 17.46 10.04 62.52
CA THR A 130 16.19 10.70 62.75
C THR A 130 16.43 12.04 63.44
N VAL A 131 15.89 13.10 62.85
CA VAL A 131 15.80 14.41 63.49
C VAL A 131 14.34 14.69 63.80
N THR A 132 14.03 14.84 65.08
CA THR A 132 12.67 15.15 65.51
C THR A 132 12.55 16.66 65.63
N VAL A 133 11.82 17.28 64.69
CA VAL A 133 11.54 18.69 64.83
C VAL A 133 10.51 18.87 65.94
N SER A 134 10.90 19.54 67.00
CA SER A 134 10.10 19.62 68.22
C SER A 134 9.68 21.06 68.48
N SER A 135 9.11 21.30 69.65
CA SER A 135 8.80 22.63 70.13
C SER A 135 9.53 22.98 71.42
N ALA A 136 9.62 22.03 72.35
CA ALA A 136 10.29 22.27 73.63
C ALA A 136 10.92 20.98 74.15
N ILE B 2 0.52 8.28 40.46
CA ILE B 2 0.11 6.90 40.28
C ILE B 2 0.08 6.18 41.61
N VAL B 3 -1.07 5.63 41.96
CA VAL B 3 -1.27 4.99 43.24
C VAL B 3 -1.11 3.49 43.09
N MET B 4 -1.04 2.79 44.22
CA MET B 4 -0.84 1.35 44.25
C MET B 4 -1.30 0.84 45.60
N THR B 5 -1.96 -0.31 45.61
CA THR B 5 -2.53 -0.87 46.83
C THR B 5 -1.96 -2.25 47.11
N GLN B 6 -1.82 -2.56 48.40
CA GLN B 6 -1.55 -3.93 48.82
C GLN B 6 -2.85 -4.70 49.00
N THR B 7 -2.78 -5.99 48.72
CA THR B 7 -3.89 -6.93 48.77
C THR B 7 -3.39 -8.30 49.24
N PRO B 8 -3.87 -8.82 50.38
CA PRO B 8 -4.73 -8.21 51.40
C PRO B 8 -3.90 -7.43 52.40
N LEU B 9 -4.44 -7.16 53.59
CA LEU B 9 -3.71 -6.34 54.55
C LEU B 9 -2.60 -7.12 55.23
N SER B 10 -2.96 -8.13 56.02
CA SER B 10 -1.98 -8.84 56.82
C SER B 10 -2.52 -10.22 57.14
N LEU B 11 -1.64 -11.10 57.60
CA LEU B 11 -2.02 -12.48 57.82
C LEU B 11 -1.04 -13.14 58.77
N SER B 12 -1.58 -13.94 59.69
CA SER B 12 -0.76 -14.84 60.49
C SER B 12 -0.71 -16.20 59.81
N VAL B 13 0.49 -16.77 59.74
CA VAL B 13 0.72 -17.99 58.97
C VAL B 13 1.29 -19.06 59.88
N THR B 14 1.29 -20.29 59.37
CA THR B 14 1.76 -21.50 60.03
C THR B 14 2.73 -22.22 59.11
N PRO B 15 3.68 -22.99 59.66
CA PRO B 15 4.62 -23.72 58.81
C PRO B 15 3.94 -24.86 58.05
N GLY B 16 4.67 -25.37 57.06
CA GLY B 16 4.17 -26.41 56.19
C GLY B 16 3.03 -25.93 55.31
N GLN B 17 3.27 -24.87 54.55
CA GLN B 17 2.20 -24.19 53.82
C GLN B 17 2.80 -23.32 52.73
N PRO B 18 2.20 -23.25 51.55
CA PRO B 18 2.63 -22.27 50.56
C PRO B 18 2.08 -20.88 50.88
N ALA B 19 2.69 -19.87 50.25
CA ALA B 19 2.29 -18.48 50.49
C ALA B 19 2.16 -17.75 49.17
N SER B 20 1.37 -16.69 49.19
CA SER B 20 1.10 -15.86 48.02
C SER B 20 0.57 -14.51 48.49
N ILE B 21 1.29 -13.44 48.18
CA ILE B 21 0.93 -12.09 48.61
C ILE B 21 0.84 -11.19 47.38
N SER B 22 -0.31 -10.57 47.18
CA SER B 22 -0.55 -9.76 46.00
C SER B 22 -0.30 -8.28 46.27
N CYS B 23 -0.28 -7.51 45.19
CA CYS B 23 -0.15 -6.05 45.26
C CYS B 23 -0.82 -5.48 44.02
N LYS B 24 -2.03 -4.96 44.19
CA LYS B 24 -2.82 -4.53 43.04
C LYS B 24 -2.28 -3.22 42.48
N SER B 25 -2.10 -3.18 41.16
CA SER B 25 -1.69 -1.98 40.47
C SER B 25 -2.86 -1.02 40.32
N SER B 26 -2.56 0.17 39.79
CA SER B 26 -3.57 1.08 39.29
C SER B 26 -3.36 1.43 37.82
N GLU B 27 -2.21 1.07 37.25
CA GLU B 27 -1.97 1.22 35.82
C GLU B 27 -1.34 -0.05 35.27
N SER B 28 -0.86 0.01 34.03
CA SER B 28 0.00 -1.02 33.48
C SER B 28 1.31 -0.35 33.10
N LEU B 29 2.41 -0.90 33.58
CA LEU B 29 3.70 -0.23 33.53
C LEU B 29 4.68 -0.97 32.64
N ARG B 30 4.20 -1.40 31.48
CA ARG B 30 5.05 -2.05 30.48
C ARG B 30 6.07 -1.05 29.97
N GLN B 31 7.31 -1.21 30.41
CA GLN B 31 8.38 -0.29 30.05
C GLN B 31 8.73 -0.44 28.57
N SER B 32 9.19 0.66 27.97
CA SER B 32 9.71 0.61 26.61
C SER B 32 10.97 -0.24 26.50
N ASN B 33 11.68 -0.44 27.62
CA ASN B 33 12.76 -1.44 27.63
C ASN B 33 12.21 -2.85 27.47
N GLY B 34 10.97 -3.09 27.88
CA GLY B 34 10.33 -4.36 27.60
C GLY B 34 9.97 -5.21 28.80
N LYS B 35 9.67 -4.55 29.92
CA LYS B 35 9.32 -5.24 31.16
C LYS B 35 8.46 -4.31 32.00
N THR B 36 8.31 -4.63 33.28
CA THR B 36 7.47 -3.86 34.17
C THR B 36 8.22 -3.62 35.47
N SER B 37 8.09 -2.41 36.02
CA SER B 37 8.92 -1.97 37.14
C SER B 37 8.20 -2.20 38.46
N LEU B 38 8.19 -3.47 38.90
CA LEU B 38 7.68 -3.85 40.21
C LEU B 38 8.77 -4.53 41.01
N TYR B 39 9.12 -3.96 42.15
CA TYR B 39 10.12 -4.53 43.04
C TYR B 39 9.49 -4.86 44.38
N TRP B 40 10.03 -5.87 45.05
CA TRP B 40 9.70 -6.16 46.44
C TRP B 40 10.98 -6.10 47.27
N TYR B 41 10.83 -5.70 48.53
CA TYR B 41 11.93 -5.71 49.48
C TYR B 41 11.35 -5.76 50.88
N ARG B 42 11.98 -6.53 51.76
CA ARG B 42 11.45 -6.73 53.10
C ARG B 42 12.33 -6.09 54.16
N GLN B 43 11.70 -5.66 55.24
CA GLN B 43 12.40 -5.21 56.43
C GLN B 43 12.02 -6.12 57.59
N LYS B 44 12.72 -5.92 58.70
CA LYS B 44 12.48 -6.57 59.97
C LYS B 44 12.43 -5.48 61.03
N PRO B 45 11.74 -5.72 62.15
CA PRO B 45 11.52 -4.65 63.12
C PRO B 45 12.81 -4.15 63.77
N GLY B 46 12.95 -2.82 63.81
CA GLY B 46 14.16 -2.19 64.29
C GLY B 46 15.34 -2.28 63.36
N GLN B 47 15.13 -2.72 62.12
CA GLN B 47 16.22 -2.98 61.20
C GLN B 47 15.96 -2.26 59.88
N SER B 48 16.86 -2.46 58.95
CA SER B 48 16.81 -1.88 57.63
C SER B 48 16.11 -2.82 56.66
N PRO B 49 15.58 -2.31 55.55
CA PRO B 49 15.01 -3.19 54.54
C PRO B 49 16.09 -3.96 53.79
N GLN B 50 15.67 -5.08 53.22
CA GLN B 50 16.55 -5.91 52.40
C GLN B 50 15.80 -6.30 51.13
N LEU B 51 16.51 -6.31 50.01
CA LEU B 51 15.86 -6.43 48.71
C LEU B 51 15.38 -7.86 48.47
N LEU B 52 14.11 -8.00 48.11
CA LEU B 52 13.55 -9.32 47.85
C LEU B 52 13.70 -9.74 46.39
N VAL B 53 13.04 -9.03 45.47
CA VAL B 53 12.94 -9.50 44.10
C VAL B 53 12.73 -8.31 43.16
N PHE B 54 13.53 -8.29 42.10
CA PHE B 54 13.48 -7.30 41.02
C PHE B 54 13.15 -8.02 39.73
N GLU B 55 12.89 -7.27 38.67
CA GLU B 55 12.56 -7.84 37.38
C GLU B 55 11.31 -8.72 37.48
N VAL B 56 10.29 -8.19 38.15
CA VAL B 56 9.03 -8.90 38.35
C VAL B 56 9.25 -10.31 38.87
N SER B 57 9.75 -11.18 38.00
CA SER B 57 10.02 -12.57 38.37
C SER B 57 11.52 -12.86 38.21
N ASN B 58 12.33 -12.40 39.18
CA ASN B 58 13.76 -12.68 39.15
C ASN B 58 14.33 -12.52 40.55
N ARG B 59 14.71 -13.65 41.18
CA ARG B 59 15.24 -13.65 42.54
C ARG B 59 16.56 -12.87 42.65
N PHE B 60 16.69 -12.12 43.73
CA PHE B 60 17.89 -11.34 43.99
C PHE B 60 19.07 -12.28 44.31
N SER B 61 20.28 -11.76 44.09
CA SER B 61 21.50 -12.53 44.28
C SER B 61 21.73 -12.86 45.76
N GLY B 62 22.06 -14.11 46.03
CA GLY B 62 22.31 -14.54 47.40
C GLY B 62 21.06 -14.71 48.22
N VAL B 63 20.00 -15.25 47.63
CA VAL B 63 18.71 -15.42 48.27
C VAL B 63 18.31 -16.88 48.13
N SER B 64 17.75 -17.45 49.20
CA SER B 64 17.19 -18.80 49.16
C SER B 64 16.10 -18.92 48.10
N ASP B 65 15.90 -20.15 47.63
CA ASP B 65 15.10 -20.44 46.45
C ASP B 65 13.60 -20.31 46.69
N ARG B 66 13.17 -20.00 47.91
CA ARG B 66 11.76 -19.86 48.20
C ARG B 66 11.18 -18.55 47.67
N PHE B 67 12.01 -17.63 47.20
CA PHE B 67 11.59 -16.29 46.80
C PHE B 67 11.71 -16.14 45.29
N VAL B 68 10.58 -16.02 44.62
CA VAL B 68 10.52 -15.63 43.21
C VAL B 68 9.46 -14.55 43.05
N GLY B 69 9.21 -14.12 41.82
CA GLY B 69 8.20 -13.12 41.54
C GLY B 69 7.20 -13.62 40.52
N SER B 70 6.16 -12.82 40.30
CA SER B 70 5.05 -13.21 39.44
C SER B 70 4.21 -11.98 39.09
N GLY B 71 3.41 -12.12 38.04
CA GLY B 71 2.38 -11.16 37.71
C GLY B 71 2.74 -10.32 36.49
N SER B 72 1.70 -9.72 35.91
CA SER B 72 1.86 -8.78 34.80
C SER B 72 1.15 -7.48 35.12
N GLY B 73 1.06 -6.58 34.14
CA GLY B 73 0.62 -5.19 34.32
C GLY B 73 -0.79 -5.00 34.84
N THR B 74 -1.62 -6.05 34.82
CA THR B 74 -2.96 -5.97 35.42
C THR B 74 -2.86 -5.96 36.95
N ASP B 75 -2.33 -7.04 37.51
CA ASP B 75 -2.04 -7.12 38.95
C ASP B 75 -0.94 -8.16 39.16
N PHE B 76 -0.45 -8.22 40.39
CA PHE B 76 0.73 -9.00 40.70
C PHE B 76 0.47 -9.84 41.95
N THR B 77 1.34 -10.84 42.17
CA THR B 77 1.30 -11.70 43.36
C THR B 77 2.74 -11.95 43.82
N LEU B 78 2.88 -12.91 44.74
CA LEU B 78 4.17 -13.42 45.18
C LEU B 78 4.11 -14.93 45.28
N ARG B 79 5.21 -15.54 45.70
CA ARG B 79 5.30 -16.99 45.72
C ARG B 79 6.35 -17.41 46.74
N ILE B 80 5.90 -17.93 47.88
CA ILE B 80 6.79 -18.41 48.95
C ILE B 80 6.31 -19.79 49.39
N SER B 81 7.19 -20.77 49.31
CA SER B 81 6.95 -22.05 49.96
C SER B 81 7.79 -22.14 51.23
N ARG B 82 7.47 -23.14 52.05
CA ARG B 82 8.25 -23.52 53.24
C ARG B 82 8.36 -22.35 54.24
N VAL B 83 7.21 -22.03 54.82
CA VAL B 83 7.12 -20.92 55.76
C VAL B 83 7.97 -21.18 56.99
N GLU B 84 8.85 -20.22 57.29
CA GLU B 84 9.79 -20.33 58.38
C GLU B 84 9.69 -19.06 59.22
N ALA B 85 10.05 -19.17 60.51
CA ALA B 85 9.96 -18.04 61.43
C ALA B 85 10.89 -16.89 61.08
N GLU B 86 11.94 -17.14 60.30
CA GLU B 86 12.80 -16.07 59.82
C GLU B 86 12.13 -15.19 58.77
N ASP B 87 11.00 -15.60 58.23
CA ASP B 87 10.35 -14.89 57.14
C ASP B 87 9.22 -13.99 57.64
N VAL B 88 9.41 -13.39 58.80
CA VAL B 88 8.42 -12.48 59.37
C VAL B 88 8.93 -11.05 59.23
N GLY B 89 8.01 -10.11 59.41
CA GLY B 89 8.30 -8.70 59.22
C GLY B 89 7.27 -8.04 58.34
N PHE B 90 7.68 -7.01 57.60
CA PHE B 90 6.79 -6.31 56.69
C PHE B 90 7.29 -6.47 55.27
N TYR B 91 6.38 -6.74 54.35
CA TYR B 91 6.71 -6.92 52.95
C TYR B 91 6.06 -5.78 52.17
N TYR B 92 6.84 -5.07 51.38
CA TYR B 92 6.35 -3.91 50.66
C TYR B 92 6.54 -4.09 49.15
N CYS B 93 5.52 -3.72 48.39
CA CYS B 93 5.63 -3.58 46.95
C CYS B 93 5.83 -2.11 46.60
N MET B 94 6.61 -1.87 45.54
CA MET B 94 7.08 -0.52 45.24
C MET B 94 7.01 -0.23 43.75
N GLN B 95 6.45 0.92 43.40
CA GLN B 95 6.45 1.41 42.03
C GLN B 95 7.78 2.08 41.73
N SER B 96 8.36 1.76 40.58
CA SER B 96 9.54 2.47 40.09
C SER B 96 9.38 2.76 38.61
N LYS B 97 8.21 3.27 38.23
CA LYS B 97 7.99 3.69 36.86
C LYS B 97 8.03 5.20 36.70
N ASP B 98 7.25 5.92 37.49
CA ASP B 98 7.03 7.33 37.27
C ASP B 98 7.20 8.10 38.57
N PHE B 99 7.54 9.37 38.43
CA PHE B 99 7.58 10.24 39.59
C PHE B 99 6.18 10.76 39.90
N PRO B 100 5.79 10.84 41.18
CA PRO B 100 6.56 10.37 42.34
C PRO B 100 6.38 8.89 42.56
N LEU B 101 7.28 8.27 43.31
CA LEU B 101 7.16 6.85 43.56
C LEU B 101 6.09 6.61 44.62
N THR B 102 5.65 5.36 44.71
CA THR B 102 4.73 4.98 45.77
C THR B 102 5.09 3.58 46.26
N PHE B 103 4.47 3.21 47.37
CA PHE B 103 4.94 2.12 48.20
C PHE B 103 3.75 1.26 48.60
N GLY B 104 4.04 0.01 48.94
CA GLY B 104 3.03 -0.81 49.57
C GLY B 104 2.79 -0.38 51.01
N GLY B 105 1.56 -0.61 51.48
CA GLY B 105 1.18 -0.16 52.80
C GLY B 105 1.84 -0.92 53.94
N GLY B 106 1.48 -2.18 54.13
CA GLY B 106 2.04 -2.96 55.22
C GLY B 106 1.46 -4.35 55.32
N THR B 107 2.31 -5.35 55.51
CA THR B 107 1.90 -6.74 55.63
C THR B 107 2.48 -7.30 56.93
N LYS B 108 1.65 -7.39 57.97
CA LYS B 108 2.10 -7.98 59.21
C LYS B 108 2.09 -9.49 59.09
N VAL B 109 3.24 -10.10 59.36
CA VAL B 109 3.45 -11.53 59.19
C VAL B 109 3.98 -12.10 60.49
N ASP B 110 3.28 -13.09 61.05
CA ASP B 110 3.73 -13.74 62.27
C ASP B 110 3.21 -15.17 62.31
N LEU B 111 3.49 -15.85 63.42
CA LEU B 111 3.01 -17.20 63.66
C LEU B 111 1.61 -17.13 64.27
N LYS B 112 1.14 -18.24 64.81
CA LYS B 112 -0.26 -18.38 65.23
C LYS B 112 -0.33 -18.92 66.64
N ARG B 113 -1.04 -18.20 67.52
CA ARG B 113 -1.32 -18.71 68.86
C ARG B 113 -2.81 -18.55 69.19
N ARG C 1 -14.52 55.00 -10.30
CA ARG C 1 -14.49 53.55 -10.52
C ARG C 1 -13.65 53.21 -11.73
N VAL C 2 -14.28 52.52 -12.67
CA VAL C 2 -13.68 52.14 -13.94
C VAL C 2 -14.65 52.56 -15.03
N GLN C 3 -14.21 53.46 -15.90
CA GLN C 3 -15.10 54.04 -16.90
C GLN C 3 -14.36 54.19 -18.22
N LEU C 4 -15.01 53.77 -19.30
CA LEU C 4 -14.38 53.55 -20.60
C LEU C 4 -14.54 54.77 -21.50
N VAL C 5 -13.69 54.83 -22.52
CA VAL C 5 -13.73 55.87 -23.55
C VAL C 5 -13.55 55.20 -24.90
N GLU C 6 -14.44 55.50 -25.84
CA GLU C 6 -14.34 55.02 -27.22
C GLU C 6 -14.51 56.19 -28.17
N SER C 7 -13.43 56.61 -28.81
CA SER C 7 -13.44 57.73 -29.73
C SER C 7 -13.24 57.24 -31.17
N GLY C 8 -13.26 58.17 -32.11
CA GLY C 8 -12.95 57.86 -33.49
C GLY C 8 -14.01 57.11 -34.25
N GLY C 9 -15.14 57.76 -34.55
CA GLY C 9 -16.18 57.14 -35.34
C GLY C 9 -16.75 58.12 -36.35
N GLY C 10 -17.44 57.56 -37.33
CA GLY C 10 -18.09 58.37 -38.35
C GLY C 10 -18.22 57.60 -39.65
N VAL C 11 -17.95 58.31 -40.75
CA VAL C 11 -18.08 57.77 -42.10
C VAL C 11 -16.81 58.09 -42.89
N VAL C 12 -16.32 57.11 -43.63
CA VAL C 12 -15.13 57.24 -44.46
C VAL C 12 -15.38 56.60 -45.82
N GLN C 13 -14.35 56.62 -46.64
CA GLN C 13 -14.31 56.04 -47.98
C GLN C 13 -13.31 54.90 -48.02
N PRO C 14 -13.36 54.02 -49.02
CA PRO C 14 -12.35 52.96 -49.12
C PRO C 14 -10.97 53.50 -49.46
N GLY C 15 -9.97 52.66 -49.19
CA GLY C 15 -8.58 53.01 -49.46
C GLY C 15 -7.99 54.01 -48.49
N LYS C 16 -8.29 53.87 -47.20
CA LYS C 16 -7.83 54.83 -46.20
C LYS C 16 -7.18 54.11 -45.02
N SER C 17 -6.90 54.87 -43.96
CA SER C 17 -6.30 54.34 -42.75
C SER C 17 -6.79 55.12 -41.56
N VAL C 18 -6.88 54.46 -40.40
CA VAL C 18 -7.35 55.08 -39.17
C VAL C 18 -6.39 54.76 -38.03
N ARG C 19 -6.56 55.50 -36.95
CA ARG C 19 -5.99 55.17 -35.65
C ARG C 19 -7.04 55.46 -34.60
N LEU C 20 -7.30 54.50 -33.71
CA LEU C 20 -8.34 54.63 -32.72
C LEU C 20 -7.72 54.76 -31.33
N SER C 21 -8.59 54.86 -30.33
CA SER C 21 -8.12 55.10 -28.98
C SER C 21 -9.13 54.58 -27.97
N CYS C 22 -8.62 54.15 -26.82
CA CYS C 22 -9.45 53.70 -25.70
C CYS C 22 -8.64 53.90 -24.42
N VAL C 23 -9.03 54.87 -23.61
CA VAL C 23 -8.37 55.16 -22.34
C VAL C 23 -9.41 55.04 -21.23
N VAL C 24 -9.21 54.09 -20.32
CA VAL C 24 -10.21 53.73 -19.32
C VAL C 24 -9.66 54.08 -17.95
N SER C 25 -10.50 54.72 -17.13
CA SER C 25 -10.01 55.39 -15.93
C SER C 25 -9.75 54.42 -14.79
N ASP C 26 -8.60 54.62 -14.12
CA ASP C 26 -8.25 54.04 -12.81
C ASP C 26 -8.27 52.51 -12.85
N PHE C 27 -7.34 51.98 -13.66
CA PHE C 27 -7.29 50.56 -13.89
C PHE C 27 -5.81 50.26 -14.14
N PRO C 28 -5.28 49.14 -13.63
CA PRO C 28 -3.81 48.99 -13.55
C PRO C 28 -3.11 48.82 -14.89
N PHE C 29 -3.65 47.99 -15.79
CA PHE C 29 -3.16 47.61 -17.11
C PHE C 29 -1.89 46.80 -17.10
N SER C 30 -1.28 46.55 -15.96
CA SER C 30 -0.16 45.62 -15.93
C SER C 30 -0.63 44.18 -15.92
N LYS C 31 -1.89 43.94 -15.55
CA LYS C 31 -2.38 42.58 -15.34
C LYS C 31 -3.56 42.22 -16.21
N TYR C 32 -4.03 43.14 -17.06
CA TYR C 32 -5.32 42.97 -17.73
C TYR C 32 -5.20 43.00 -19.23
N PRO C 33 -5.45 41.89 -19.92
CA PRO C 33 -5.64 41.94 -21.37
C PRO C 33 -7.05 42.43 -21.69
N MET C 34 -7.26 42.72 -22.98
CA MET C 34 -8.50 43.35 -23.40
C MET C 34 -8.79 42.96 -24.84
N TYR C 35 -10.00 43.31 -25.30
CA TYR C 35 -10.59 42.71 -26.49
C TYR C 35 -10.99 43.78 -27.49
N TRP C 36 -11.60 43.31 -28.59
CA TRP C 36 -12.39 44.16 -29.48
C TRP C 36 -13.58 43.36 -29.98
N VAL C 37 -14.74 44.00 -30.00
CA VAL C 37 -15.95 43.38 -30.55
C VAL C 37 -16.46 44.26 -31.67
N ARG C 38 -17.57 43.87 -32.29
CA ARG C 38 -18.02 44.54 -33.49
C ARG C 38 -19.52 44.42 -33.64
N GLN C 39 -20.19 45.56 -33.78
CA GLN C 39 -21.64 45.63 -33.91
C GLN C 39 -21.98 46.12 -35.32
N ALA C 40 -22.35 45.20 -36.19
CA ALA C 40 -22.87 45.60 -37.49
C ALA C 40 -24.26 46.19 -37.32
N PRO C 41 -24.65 47.13 -38.19
CA PRO C 41 -26.01 47.69 -38.11
C PRO C 41 -27.11 46.72 -38.49
N GLY C 42 -26.78 45.57 -39.08
CA GLY C 42 -27.73 44.49 -39.20
C GLY C 42 -27.60 43.52 -38.03
N LYS C 43 -27.21 44.06 -36.87
CA LYS C 43 -27.06 43.34 -35.60
C LYS C 43 -26.04 42.20 -35.68
N GLY C 44 -25.06 42.35 -36.57
CA GLY C 44 -24.00 41.36 -36.67
C GLY C 44 -23.02 41.54 -35.54
N LEU C 45 -22.69 40.44 -34.87
CA LEU C 45 -21.82 40.45 -33.71
C LEU C 45 -20.72 39.42 -33.90
N GLU C 46 -19.48 39.83 -33.71
CA GLU C 46 -18.35 38.95 -33.95
C GLU C 46 -17.16 39.42 -33.13
N TRP C 47 -16.45 38.46 -32.55
CA TRP C 47 -15.17 38.73 -31.94
C TRP C 47 -14.16 39.23 -32.97
N VAL C 48 -13.30 40.15 -32.55
CA VAL C 48 -12.35 40.73 -33.48
C VAL C 48 -10.93 40.29 -33.17
N ALA C 49 -10.42 40.68 -32.00
CA ALA C 49 -8.99 40.56 -31.73
C ALA C 49 -8.75 40.65 -30.24
N ALA C 50 -7.58 40.18 -29.81
CA ALA C 50 -7.21 40.19 -28.42
C ALA C 50 -5.72 40.48 -28.26
N ILE C 51 -5.38 41.23 -27.22
CA ILE C 51 -4.01 41.56 -26.89
C ILE C 51 -3.66 40.79 -25.62
N SER C 52 -2.36 40.69 -25.33
CA SER C 52 -1.92 39.97 -24.14
C SER C 52 -1.99 40.89 -22.93
N GLY C 53 -1.40 40.47 -21.83
CA GLY C 53 -1.26 41.35 -20.68
C GLY C 53 -0.30 42.48 -20.94
N ASP C 54 0.69 42.27 -21.82
CA ASP C 54 1.72 43.27 -22.08
C ASP C 54 2.16 43.31 -23.54
N ALA C 55 1.24 43.02 -24.47
CA ALA C 55 1.45 42.99 -25.92
C ALA C 55 2.52 41.96 -26.31
N TRP C 56 2.12 40.69 -26.19
CA TRP C 56 2.99 39.58 -26.53
C TRP C 56 2.19 38.39 -27.06
N HIS C 57 0.93 38.62 -27.44
CA HIS C 57 0.10 37.54 -27.95
C HIS C 57 -0.96 38.18 -28.83
N VAL C 58 -0.85 37.97 -30.12
CA VAL C 58 -1.71 38.64 -31.09
C VAL C 58 -2.48 37.57 -31.83
N VAL C 59 -3.79 37.56 -31.66
CA VAL C 59 -4.67 36.62 -32.36
C VAL C 59 -5.79 37.41 -33.01
N TYR C 60 -5.95 37.24 -34.30
CA TYR C 60 -6.95 37.91 -35.10
C TYR C 60 -8.03 36.93 -35.52
N SER C 61 -8.95 37.39 -36.35
CA SER C 61 -9.93 36.55 -37.00
C SER C 61 -9.54 36.36 -38.46
N ASN C 62 -10.41 35.69 -39.20
CA ASN C 62 -10.07 35.30 -40.57
C ASN C 62 -10.13 36.48 -41.53
N SER C 63 -11.25 37.21 -41.53
CA SER C 63 -11.44 38.27 -42.50
C SER C 63 -10.54 39.46 -42.23
N VAL C 64 -10.20 39.69 -40.96
CA VAL C 64 -9.36 40.83 -40.60
C VAL C 64 -7.89 40.52 -40.70
N GLN C 65 -7.54 39.29 -41.06
CA GLN C 65 -6.17 38.81 -40.98
C GLN C 65 -5.28 39.50 -42.00
N GLY C 66 -4.10 39.92 -41.54
CA GLY C 66 -3.14 40.57 -42.41
C GLY C 66 -3.51 41.97 -42.82
N ARG C 67 -4.46 42.60 -42.12
CA ARG C 67 -4.93 43.91 -42.50
C ARG C 67 -4.85 44.91 -41.36
N PHE C 68 -5.05 44.45 -40.14
CA PHE C 68 -5.23 45.33 -39.01
C PHE C 68 -4.00 45.26 -38.11
N LEU C 69 -4.00 46.08 -37.05
CA LEU C 69 -2.87 46.10 -36.13
C LEU C 69 -3.35 46.60 -34.78
N VAL C 70 -2.93 45.90 -33.71
CA VAL C 70 -3.23 46.28 -32.34
C VAL C 70 -1.91 46.57 -31.64
N SER C 71 -1.85 47.69 -30.93
CA SER C 71 -0.70 48.02 -30.09
C SER C 71 -1.18 48.84 -28.91
N ARG C 72 -0.33 48.91 -27.89
CA ARG C 72 -0.78 49.50 -26.62
C ARG C 72 0.41 49.95 -25.79
N ASP C 73 0.30 51.12 -25.19
CA ASP C 73 1.15 51.54 -24.09
C ASP C 73 0.35 51.42 -22.80
N ASN C 74 0.91 50.73 -21.81
CA ASN C 74 0.30 50.67 -20.50
C ASN C 74 0.75 51.81 -19.59
N VAL C 75 1.83 52.50 -19.94
CA VAL C 75 2.24 53.65 -19.17
C VAL C 75 1.28 54.80 -19.37
N LYS C 76 1.01 55.13 -20.63
CA LYS C 76 0.08 56.20 -20.97
C LYS C 76 -1.38 55.78 -20.82
N ASN C 77 -1.63 54.53 -20.44
CA ASN C 77 -2.98 53.96 -20.30
C ASN C 77 -3.77 54.08 -21.60
N THR C 78 -3.09 53.86 -22.72
CA THR C 78 -3.62 54.25 -24.02
C THR C 78 -3.54 53.08 -24.97
N LEU C 79 -4.66 52.80 -25.65
CA LEU C 79 -4.78 51.69 -26.57
C LEU C 79 -4.85 52.19 -28.00
N TYR C 80 -4.16 51.52 -28.90
CA TYR C 80 -4.09 51.91 -30.30
C TYR C 80 -4.72 50.82 -31.16
N LEU C 81 -5.66 51.22 -32.00
CA LEU C 81 -6.27 50.32 -32.98
C LEU C 81 -6.23 50.99 -34.34
N GLU C 82 -5.56 50.33 -35.29
CA GLU C 82 -5.30 50.89 -36.61
C GLU C 82 -5.71 49.90 -37.68
N MET C 83 -6.35 50.39 -38.73
CA MET C 83 -6.92 49.54 -39.76
C MET C 83 -6.53 50.04 -41.15
N ASN C 84 -6.24 49.09 -42.04
CA ASN C 84 -5.75 49.39 -43.38
C ASN C 84 -6.48 48.50 -44.37
N SER C 85 -6.45 48.91 -45.64
CA SER C 85 -7.07 48.19 -46.78
C SER C 85 -8.56 47.97 -46.56
N LEU C 86 -9.28 49.09 -46.56
CA LEU C 86 -10.62 49.14 -46.00
C LEU C 86 -11.64 48.63 -47.02
N LYS C 87 -12.53 47.75 -46.55
CA LYS C 87 -13.65 47.26 -47.35
C LYS C 87 -14.89 48.11 -47.08
N ILE C 88 -15.83 48.06 -48.02
CA ILE C 88 -17.08 48.80 -47.85
C ILE C 88 -17.97 48.11 -46.83
N GLU C 89 -17.95 46.78 -46.77
CA GLU C 89 -18.73 45.99 -45.84
C GLU C 89 -18.14 45.96 -44.43
N ASP C 90 -17.16 46.80 -44.14
CA ASP C 90 -16.64 46.99 -42.79
C ASP C 90 -17.51 47.92 -41.96
N THR C 91 -18.63 48.39 -42.51
CA THR C 91 -19.58 49.28 -41.85
C THR C 91 -20.17 48.60 -40.62
N ALA C 92 -19.80 49.08 -39.44
CA ALA C 92 -20.18 48.48 -38.17
C ALA C 92 -19.89 49.47 -37.05
N VAL C 93 -20.02 48.99 -35.82
CA VAL C 93 -19.72 49.76 -34.62
C VAL C 93 -18.60 49.04 -33.88
N TYR C 94 -17.60 49.78 -33.44
CA TYR C 94 -16.43 49.22 -32.77
C TYR C 94 -16.45 49.63 -31.31
N ARG C 95 -16.21 48.65 -30.42
CA ARG C 95 -16.42 48.85 -28.99
C ARG C 95 -15.26 48.25 -28.19
N CYS C 96 -14.74 49.01 -27.24
CA CYS C 96 -13.65 48.62 -26.38
C CYS C 96 -14.17 47.90 -25.14
N ALA C 97 -13.37 46.98 -24.60
CA ALA C 97 -13.87 46.13 -23.51
C ALA C 97 -12.72 45.64 -22.64
N ARG C 98 -13.08 44.89 -21.59
CA ARG C 98 -12.14 44.44 -20.57
C ARG C 98 -12.33 42.96 -20.25
N MET C 99 -11.30 42.38 -19.65
CA MET C 99 -11.33 40.99 -19.23
C MET C 99 -12.03 40.88 -17.89
N PHE C 100 -12.65 39.71 -17.66
CA PHE C 100 -13.37 39.38 -16.42
C PHE C 100 -12.52 39.60 -15.18
N GLN C 101 -11.45 38.83 -15.05
CA GLN C 101 -10.48 38.99 -13.98
C GLN C 101 -9.14 39.34 -14.58
N GLU C 102 -8.09 39.35 -13.76
CA GLU C 102 -6.75 39.43 -14.29
C GLU C 102 -6.13 38.05 -14.35
N SER C 103 -5.44 37.78 -15.44
CA SER C 103 -4.53 36.66 -15.45
C SER C 103 -3.25 37.05 -14.74
N GLY C 104 -2.45 36.07 -14.39
CA GLY C 104 -1.22 36.33 -13.71
C GLY C 104 -0.06 36.43 -14.67
N PRO C 105 1.12 36.09 -14.18
CA PRO C 105 2.28 35.96 -15.05
C PRO C 105 2.13 34.74 -15.96
N PRO C 106 2.91 34.64 -17.03
CA PRO C 106 2.78 33.50 -17.93
C PRO C 106 3.20 32.19 -17.28
N ARG C 107 2.51 31.12 -17.68
CA ARG C 107 2.83 29.79 -17.21
C ARG C 107 3.75 29.08 -18.18
N LEU C 108 4.59 28.20 -17.63
CA LEU C 108 5.56 27.44 -18.39
C LEU C 108 5.22 25.95 -18.32
N ASP C 109 5.54 25.23 -19.39
CA ASP C 109 5.40 23.77 -19.40
C ASP C 109 6.79 23.19 -19.63
N ARG C 110 7.28 22.46 -18.62
CA ARG C 110 8.69 22.11 -18.58
C ARG C 110 9.06 21.05 -19.61
N TRP C 111 8.16 20.10 -19.88
CA TRP C 111 8.44 19.05 -20.85
C TRP C 111 8.41 19.55 -22.28
N SER C 112 7.99 20.78 -22.52
CA SER C 112 7.98 21.34 -23.87
C SER C 112 8.94 22.50 -24.02
N GLY C 113 8.80 23.54 -23.21
CA GLY C 113 9.39 24.83 -23.49
C GLY C 113 8.39 25.84 -23.99
N ARG C 114 7.18 25.39 -24.33
CA ARG C 114 6.10 26.25 -24.80
C ARG C 114 5.60 27.10 -23.64
N ASN C 115 5.97 28.38 -23.64
CA ASN C 115 5.58 29.31 -22.59
C ASN C 115 4.10 29.64 -22.77
N TYR C 116 3.24 29.02 -21.94
CA TYR C 116 1.81 29.16 -22.11
C TYR C 116 1.30 30.52 -21.64
N TYR C 117 0.22 30.97 -22.29
CA TYR C 117 -0.61 32.07 -21.82
C TYR C 117 -2.01 31.54 -21.56
N TYR C 118 -2.69 32.13 -20.57
CA TYR C 118 -4.06 31.76 -20.29
C TYR C 118 -4.97 32.97 -20.49
N TYR C 119 -6.12 32.73 -21.11
CA TYR C 119 -7.12 33.75 -21.30
C TYR C 119 -8.44 33.31 -20.70
N SER C 120 -9.33 34.28 -20.55
CA SER C 120 -10.74 34.05 -20.27
C SER C 120 -11.50 35.23 -20.81
N GLY C 121 -12.81 35.03 -20.99
CA GLY C 121 -13.62 36.01 -21.68
C GLY C 121 -13.91 37.24 -20.84
N MET C 122 -14.80 38.07 -21.38
CA MET C 122 -14.94 39.47 -20.98
C MET C 122 -16.01 39.63 -19.90
N ASP C 123 -16.11 40.86 -19.39
CA ASP C 123 -17.09 41.23 -18.38
C ASP C 123 -17.89 42.49 -18.69
N VAL C 124 -17.25 43.51 -19.27
CA VAL C 124 -17.82 44.85 -19.31
C VAL C 124 -17.49 45.49 -20.65
N TRP C 125 -18.25 46.53 -20.98
CA TRP C 125 -18.07 47.25 -22.23
C TRP C 125 -18.05 48.74 -21.93
N GLY C 126 -18.07 49.57 -22.96
CA GLY C 126 -18.17 51.00 -22.78
C GLY C 126 -19.30 51.60 -23.59
N GLN C 127 -18.98 52.58 -24.43
CA GLN C 127 -19.97 53.21 -25.28
C GLN C 127 -19.81 52.86 -26.75
N GLY C 128 -18.63 52.42 -27.16
CA GLY C 128 -18.40 52.04 -28.53
C GLY C 128 -18.21 53.24 -29.44
N THR C 129 -17.85 52.94 -30.69
CA THR C 129 -17.67 53.98 -31.69
C THR C 129 -17.98 53.38 -33.06
N THR C 130 -18.44 54.22 -33.97
CA THR C 130 -19.08 53.74 -35.20
C THR C 130 -18.37 54.31 -36.42
N VAL C 131 -17.59 53.47 -37.09
CA VAL C 131 -16.96 53.83 -38.35
C VAL C 131 -17.68 53.09 -39.46
N THR C 132 -18.17 53.83 -40.45
CA THR C 132 -18.86 53.26 -41.58
C THR C 132 -18.08 53.58 -42.85
N VAL C 133 -18.12 52.66 -43.81
CA VAL C 133 -17.41 52.83 -45.08
C VAL C 133 -18.43 52.88 -46.19
N SER C 134 -18.44 53.98 -46.94
CA SER C 134 -19.30 54.13 -48.10
C SER C 134 -18.50 54.81 -49.20
N SER C 135 -19.12 54.95 -50.37
CA SER C 135 -18.46 55.56 -51.50
C SER C 135 -18.36 57.07 -51.34
N ASP D 1 -15.34 25.99 -37.05
CA ASP D 1 -14.90 26.22 -35.69
C ASP D 1 -15.88 25.64 -34.70
N ILE D 2 -15.75 26.05 -33.44
CA ILE D 2 -16.59 25.56 -32.36
C ILE D 2 -17.82 26.46 -32.32
N VAL D 3 -18.96 25.93 -32.75
CA VAL D 3 -20.14 26.76 -32.89
C VAL D 3 -21.24 26.27 -31.96
N MET D 4 -22.37 26.95 -31.96
CA MET D 4 -23.41 26.75 -30.98
C MET D 4 -24.76 27.17 -31.56
N THR D 5 -25.78 27.25 -30.71
CA THR D 5 -27.14 27.54 -31.15
C THR D 5 -27.92 28.09 -29.97
N GLN D 6 -29.14 28.54 -30.23
CA GLN D 6 -30.03 29.05 -29.20
C GLN D 6 -31.44 28.50 -29.43
N THR D 7 -32.38 29.03 -28.67
CA THR D 7 -33.80 28.79 -28.85
C THR D 7 -34.30 29.73 -29.96
N PRO D 8 -35.57 29.62 -30.38
CA PRO D 8 -36.14 30.67 -31.24
C PRO D 8 -36.13 32.04 -30.58
N LEU D 9 -36.20 33.06 -31.44
CA LEU D 9 -35.73 34.39 -31.06
C LEU D 9 -36.74 35.15 -30.21
N SER D 10 -37.91 35.44 -30.76
CA SER D 10 -38.83 36.34 -30.08
C SER D 10 -39.57 35.63 -28.96
N LEU D 11 -40.09 36.42 -28.02
CA LEU D 11 -40.90 35.92 -26.92
C LEU D 11 -41.75 37.05 -26.36
N SER D 12 -43.03 36.78 -26.13
CA SER D 12 -43.93 37.78 -25.54
C SER D 12 -44.79 37.09 -24.49
N VAL D 13 -44.56 37.41 -23.22
CA VAL D 13 -45.27 36.80 -22.11
C VAL D 13 -45.83 37.89 -21.20
N THR D 14 -46.44 37.45 -20.12
CA THR D 14 -47.06 38.26 -19.08
C THR D 14 -46.19 38.25 -17.82
N PRO D 15 -46.39 39.19 -16.88
CA PRO D 15 -45.62 39.14 -15.64
C PRO D 15 -45.97 37.95 -14.77
N GLY D 16 -44.97 37.49 -14.01
CA GLY D 16 -45.11 36.32 -13.17
C GLY D 16 -45.28 35.05 -13.98
N GLN D 17 -44.29 34.73 -14.80
CA GLN D 17 -44.44 33.64 -15.75
C GLN D 17 -43.08 33.10 -16.17
N PRO D 18 -42.53 32.14 -15.42
CA PRO D 18 -41.21 31.60 -15.76
C PRO D 18 -41.22 30.79 -17.06
N ALA D 19 -40.02 30.56 -17.58
CA ALA D 19 -39.82 29.89 -18.86
C ALA D 19 -38.41 29.29 -18.86
N SER D 20 -37.92 28.91 -20.05
CA SER D 20 -36.61 28.28 -20.16
C SER D 20 -35.97 28.63 -21.50
N ILE D 21 -34.71 29.07 -21.45
CA ILE D 21 -33.90 29.32 -22.64
C ILE D 21 -32.68 28.40 -22.55
N SER D 22 -32.41 27.68 -23.63
CA SER D 22 -31.28 26.77 -23.70
C SER D 22 -30.21 27.31 -24.66
N CYS D 23 -29.04 26.68 -24.62
CA CYS D 23 -27.95 27.01 -25.53
C CYS D 23 -27.12 25.75 -25.70
N LYS D 24 -27.31 25.06 -26.81
CA LYS D 24 -26.52 23.87 -27.12
C LYS D 24 -25.32 24.25 -27.99
N SER D 25 -24.39 23.31 -28.12
CA SER D 25 -23.20 23.55 -28.94
C SER D 25 -22.68 22.21 -29.44
N SER D 26 -21.47 22.24 -30.01
CA SER D 26 -20.89 21.11 -30.72
C SER D 26 -19.77 20.44 -29.96
N GLU D 27 -19.52 20.83 -28.71
CA GLU D 27 -18.36 20.35 -27.98
C GLU D 27 -18.57 20.61 -26.50
N SER D 28 -18.02 19.72 -25.66
CA SER D 28 -17.83 20.04 -24.25
C SER D 28 -16.91 21.23 -24.09
N LEU D 29 -17.43 22.30 -23.49
CA LEU D 29 -16.63 23.49 -23.22
C LEU D 29 -15.91 23.41 -21.88
N ARG D 30 -15.72 22.20 -21.36
CA ARG D 30 -14.96 22.00 -20.14
C ARG D 30 -13.49 22.25 -20.41
N GLN D 31 -12.85 23.05 -19.56
CA GLN D 31 -11.42 23.26 -19.65
C GLN D 31 -10.70 22.24 -18.78
N SER D 32 -9.40 22.44 -18.59
CA SER D 32 -8.62 21.49 -17.81
C SER D 32 -8.96 21.58 -16.33
N ASN D 33 -9.13 22.81 -15.83
CA ASN D 33 -9.32 23.02 -14.39
C ASN D 33 -10.67 22.55 -13.88
N GLY D 34 -11.61 22.29 -14.77
CA GLY D 34 -12.96 21.99 -14.37
C GLY D 34 -13.93 23.14 -14.57
N LYS D 35 -13.41 24.35 -14.73
CA LYS D 35 -14.25 25.47 -15.09
C LYS D 35 -14.77 25.30 -16.51
N THR D 36 -16.07 25.45 -16.70
CA THR D 36 -16.73 25.25 -17.97
C THR D 36 -17.19 26.60 -18.50
N SER D 37 -16.74 26.95 -19.70
CA SER D 37 -16.88 28.30 -20.22
C SER D 37 -18.29 28.56 -20.73
N LEU D 38 -18.97 29.52 -20.13
CA LEU D 38 -20.31 29.91 -20.57
C LEU D 38 -20.63 31.29 -20.03
N TYR D 39 -20.99 32.23 -20.91
CA TYR D 39 -21.42 33.56 -20.50
C TYR D 39 -22.84 33.82 -20.99
N TRP D 40 -23.67 34.39 -20.13
CA TRP D 40 -24.95 34.95 -20.55
C TRP D 40 -24.88 36.46 -20.43
N TYR D 41 -25.22 37.14 -21.50
CA TYR D 41 -25.21 38.59 -21.59
C TYR D 41 -26.58 39.08 -22.01
N ARG D 42 -26.86 40.36 -21.78
CA ARG D 42 -28.06 40.95 -22.33
C ARG D 42 -27.87 42.45 -22.54
N GLN D 43 -28.67 43.00 -23.45
CA GLN D 43 -28.77 44.44 -23.61
C GLN D 43 -30.13 44.76 -24.22
N LYS D 44 -30.38 46.04 -24.40
CA LYS D 44 -31.55 46.53 -25.11
C LYS D 44 -31.04 47.41 -26.24
N PRO D 45 -31.87 47.79 -27.22
CA PRO D 45 -31.48 48.85 -28.14
C PRO D 45 -31.31 50.17 -27.40
N GLY D 46 -30.37 50.98 -27.90
CA GLY D 46 -29.99 52.18 -27.18
C GLY D 46 -29.32 51.89 -25.86
N GLN D 47 -28.55 50.80 -25.79
CA GLN D 47 -27.98 50.35 -24.54
C GLN D 47 -26.77 49.46 -24.84
N SER D 48 -25.66 49.71 -24.12
CA SER D 48 -24.46 48.90 -24.22
C SER D 48 -24.73 47.48 -23.72
N PRO D 49 -23.90 46.50 -24.10
CA PRO D 49 -24.09 45.14 -23.56
C PRO D 49 -23.84 45.09 -22.07
N GLN D 50 -24.39 44.06 -21.44
CA GLN D 50 -24.29 43.92 -19.99
C GLN D 50 -23.99 42.50 -19.58
N LEU D 51 -23.28 42.38 -18.47
CA LEU D 51 -22.95 41.10 -17.85
C LEU D 51 -24.08 40.63 -16.97
N LEU D 52 -24.59 39.42 -17.23
CA LEU D 52 -25.52 38.78 -16.32
C LEU D 52 -24.82 37.80 -15.40
N VAL D 53 -24.23 36.74 -15.97
CA VAL D 53 -23.51 35.72 -15.22
C VAL D 53 -22.21 35.45 -15.94
N PHE D 54 -21.27 34.81 -15.23
CA PHE D 54 -20.00 34.45 -15.84
C PHE D 54 -19.73 32.96 -15.88
N GLU D 55 -20.45 32.14 -15.11
CA GLU D 55 -20.31 30.70 -15.23
C GLU D 55 -21.67 30.05 -15.13
N VAL D 56 -21.67 28.72 -15.17
CA VAL D 56 -22.86 27.91 -14.97
C VAL D 56 -23.35 28.12 -13.56
N SER D 57 -24.52 28.76 -13.43
CA SER D 57 -25.20 29.02 -12.15
C SER D 57 -24.29 29.78 -11.19
N ASN D 58 -23.56 30.77 -11.71
CA ASN D 58 -22.71 31.60 -10.88
C ASN D 58 -22.87 33.03 -11.39
N ARG D 59 -23.43 33.90 -10.55
CA ARG D 59 -23.84 35.22 -10.99
C ARG D 59 -22.87 36.29 -10.50
N PHE D 60 -23.16 37.53 -10.86
CA PHE D 60 -22.25 38.64 -10.76
C PHE D 60 -22.81 39.69 -9.80
N SER D 61 -21.92 40.52 -9.27
CA SER D 61 -22.30 41.55 -8.30
C SER D 61 -23.21 42.60 -8.93
N GLY D 62 -24.29 42.91 -8.22
CA GLY D 62 -25.30 43.84 -8.69
C GLY D 62 -26.49 43.18 -9.33
N VAL D 63 -26.33 41.97 -9.88
CA VAL D 63 -27.43 41.25 -10.48
C VAL D 63 -28.36 40.77 -9.37
N SER D 64 -29.67 40.83 -9.62
CA SER D 64 -30.64 40.29 -8.70
C SER D 64 -30.51 38.77 -8.59
N ASP D 65 -31.12 38.23 -7.54
CA ASP D 65 -31.15 36.80 -7.32
C ASP D 65 -32.24 36.10 -8.12
N ARG D 66 -32.95 36.85 -8.96
CA ARG D 66 -33.96 36.24 -9.82
C ARG D 66 -33.33 35.43 -10.93
N PHE D 67 -32.10 35.76 -11.32
CA PHE D 67 -31.49 35.24 -12.54
C PHE D 67 -30.32 34.33 -12.18
N VAL D 68 -30.59 33.03 -12.10
CA VAL D 68 -29.55 32.01 -11.99
C VAL D 68 -29.88 30.92 -12.99
N GLY D 69 -28.96 30.65 -13.90
CA GLY D 69 -29.16 29.67 -14.95
C GLY D 69 -28.71 28.28 -14.53
N SER D 70 -28.50 27.43 -15.53
CA SER D 70 -28.14 26.04 -15.31
C SER D 70 -27.47 25.52 -16.58
N GLY D 71 -27.36 24.20 -16.70
CA GLY D 71 -26.88 23.59 -17.91
C GLY D 71 -25.39 23.39 -17.97
N SER D 72 -24.93 22.15 -18.11
CA SER D 72 -23.52 21.82 -18.06
C SER D 72 -23.16 20.87 -19.19
N GLY D 73 -21.85 20.73 -19.43
CA GLY D 73 -21.37 19.82 -20.44
C GLY D 73 -21.48 20.36 -21.84
N THR D 74 -22.43 19.82 -22.61
CA THR D 74 -22.72 20.31 -23.95
C THR D 74 -24.10 20.94 -24.06
N ASP D 75 -24.99 20.71 -23.10
CA ASP D 75 -26.30 21.33 -23.04
C ASP D 75 -26.26 22.39 -21.95
N PHE D 76 -26.37 23.65 -22.35
CA PHE D 76 -26.37 24.77 -21.42
C PHE D 76 -27.74 25.44 -21.49
N THR D 77 -28.21 25.95 -20.36
CA THR D 77 -29.54 26.53 -20.33
C THR D 77 -29.57 27.73 -19.39
N LEU D 78 -30.78 28.20 -19.11
CA LEU D 78 -31.07 29.43 -18.39
C LEU D 78 -32.55 29.42 -18.08
N ARG D 79 -32.92 29.92 -16.90
CA ARG D 79 -34.31 29.89 -16.48
C ARG D 79 -34.76 31.27 -16.06
N ILE D 80 -35.75 31.80 -16.77
CA ILE D 80 -36.33 33.08 -16.43
C ILE D 80 -37.14 32.94 -15.16
N SER D 81 -37.04 33.92 -14.27
CA SER D 81 -37.85 33.93 -13.06
C SER D 81 -38.34 35.34 -12.78
N ARG D 82 -39.61 35.44 -12.40
CA ARG D 82 -40.24 36.67 -11.91
C ARG D 82 -40.18 37.79 -12.96
N VAL D 83 -40.97 37.59 -14.01
CA VAL D 83 -41.03 38.49 -15.16
C VAL D 83 -41.41 39.91 -14.71
N GLU D 84 -40.50 40.85 -14.97
CA GLU D 84 -40.70 42.24 -14.56
C GLU D 84 -40.47 43.18 -15.74
N ALA D 85 -40.36 44.48 -15.44
CA ALA D 85 -40.33 45.49 -16.49
C ALA D 85 -39.05 45.43 -17.31
N GLU D 86 -37.90 45.29 -16.65
CA GLU D 86 -36.61 45.40 -17.33
C GLU D 86 -36.14 44.09 -17.93
N ASP D 87 -37.01 43.09 -18.03
CA ASP D 87 -36.63 41.76 -18.50
C ASP D 87 -36.68 41.62 -20.01
N VAL D 88 -36.80 42.73 -20.73
CA VAL D 88 -36.91 42.69 -22.17
C VAL D 88 -35.53 42.89 -22.79
N GLY D 89 -35.40 42.53 -24.06
CA GLY D 89 -34.17 42.75 -24.78
C GLY D 89 -33.54 41.52 -25.39
N PHE D 90 -32.29 41.65 -25.82
CA PHE D 90 -31.56 40.59 -26.51
C PHE D 90 -30.86 39.70 -25.49
N TYR D 91 -30.91 38.40 -25.71
CA TYR D 91 -30.29 37.42 -24.81
C TYR D 91 -29.24 36.64 -25.56
N TYR D 92 -28.00 36.67 -25.07
CA TYR D 92 -26.85 36.18 -25.81
C TYR D 92 -26.20 35.00 -25.09
N CYS D 93 -25.58 34.14 -25.88
CA CYS D 93 -24.79 33.01 -25.41
C CYS D 93 -23.39 33.14 -25.99
N MET D 94 -22.37 32.77 -25.22
CA MET D 94 -20.99 33.02 -25.63
C MET D 94 -20.06 31.90 -25.18
N GLN D 95 -19.20 31.47 -26.09
CA GLN D 95 -18.12 30.53 -25.79
C GLN D 95 -16.86 31.29 -25.41
N SER D 96 -16.02 30.64 -24.62
CA SER D 96 -14.63 31.08 -24.49
C SER D 96 -13.68 29.90 -24.35
N LYS D 97 -14.01 28.77 -24.97
CA LYS D 97 -13.13 27.61 -24.84
C LYS D 97 -11.87 27.75 -25.68
N ASP D 98 -12.01 28.15 -26.94
CA ASP D 98 -10.87 28.18 -27.82
C ASP D 98 -11.08 29.21 -28.92
N PHE D 99 -9.98 29.61 -29.54
CA PHE D 99 -10.02 30.63 -30.57
C PHE D 99 -10.62 30.08 -31.85
N PRO D 100 -11.43 30.88 -32.57
CA PRO D 100 -11.88 32.22 -32.19
C PRO D 100 -13.11 32.21 -31.30
N LEU D 101 -13.46 33.37 -30.77
CA LEU D 101 -14.61 33.49 -29.89
C LEU D 101 -15.87 33.67 -30.71
N THR D 102 -16.95 33.06 -30.25
CA THR D 102 -18.19 33.00 -31.03
C THR D 102 -19.34 33.66 -30.27
N PHE D 103 -20.27 34.22 -31.04
CA PHE D 103 -21.45 34.89 -30.51
C PHE D 103 -22.70 34.18 -31.02
N GLY D 104 -23.70 34.06 -30.15
CA GLY D 104 -24.87 33.26 -30.44
C GLY D 104 -25.91 33.96 -31.28
N GLY D 105 -27.13 33.46 -31.18
CA GLY D 105 -28.23 33.91 -32.00
C GLY D 105 -28.85 35.23 -31.58
N GLY D 106 -29.08 35.41 -30.28
CA GLY D 106 -29.74 36.62 -29.83
C GLY D 106 -31.25 36.53 -29.73
N THR D 107 -31.75 35.63 -28.88
CA THR D 107 -33.18 35.57 -28.59
C THR D 107 -33.64 36.86 -27.91
N LYS D 108 -34.93 37.15 -28.09
CA LYS D 108 -35.50 38.45 -27.72
C LYS D 108 -36.79 38.25 -26.95
N VAL D 109 -37.02 39.10 -25.95
CA VAL D 109 -38.26 39.11 -25.18
C VAL D 109 -38.83 40.51 -25.23
N ASP D 110 -40.12 40.63 -25.50
CA ASP D 110 -40.83 41.90 -25.38
C ASP D 110 -42.23 41.62 -24.85
N LEU D 111 -43.09 42.64 -24.91
CA LEU D 111 -44.49 42.50 -24.57
C LEU D 111 -45.32 42.47 -25.84
N LYS D 112 -46.65 42.53 -25.68
CA LYS D 112 -47.60 42.35 -26.77
C LYS D 112 -48.02 43.71 -27.31
N ARG D 113 -47.56 44.03 -28.52
CA ARG D 113 -47.89 45.29 -29.17
C ARG D 113 -47.69 45.14 -30.68
N THR D 114 -48.39 45.97 -31.43
CA THR D 114 -48.32 45.94 -32.89
C THR D 114 -48.48 47.33 -33.50
N GLU E 23 23.07 48.15 -8.31
CA GLU E 23 22.20 47.06 -7.91
C GLU E 23 22.73 45.73 -8.44
N ASN E 24 24.02 45.53 -8.30
CA ASN E 24 24.65 44.27 -8.70
C ASN E 24 24.24 43.19 -7.71
N LEU E 25 23.27 42.38 -8.09
CA LEU E 25 22.71 41.36 -7.21
C LEU E 25 22.74 40.01 -7.89
N TRP E 26 23.08 38.99 -7.12
CA TRP E 26 23.02 37.63 -7.61
C TRP E 26 22.19 36.83 -6.63
N VAL E 27 22.07 35.52 -6.81
CA VAL E 27 21.09 34.72 -6.09
C VAL E 27 21.79 33.55 -5.39
N THR E 28 21.34 33.21 -4.19
CA THR E 28 21.74 31.99 -3.51
C THR E 28 20.69 30.91 -3.68
N VAL E 29 21.12 29.67 -3.49
CA VAL E 29 20.23 28.52 -3.55
C VAL E 29 20.34 27.84 -2.20
N TYR E 30 19.34 28.01 -1.36
CA TYR E 30 19.43 27.45 -0.03
C TYR E 30 18.98 26.00 -0.05
N TYR E 31 18.96 25.39 1.12
CA TYR E 31 18.60 23.99 1.26
C TYR E 31 18.05 23.74 2.65
N GLY E 32 16.96 23.00 2.72
CA GLY E 32 16.38 22.68 4.01
C GLY E 32 15.68 23.84 4.69
N VAL E 33 15.16 24.78 3.91
CA VAL E 33 14.43 25.90 4.50
C VAL E 33 13.08 25.40 5.00
N PRO E 34 12.56 25.93 6.10
CA PRO E 34 11.29 25.42 6.65
C PRO E 34 10.06 25.90 5.91
N VAL E 35 9.65 25.20 4.85
CA VAL E 35 8.53 25.62 4.02
C VAL E 35 7.44 24.55 4.04
N TRP E 36 6.20 24.98 4.21
CA TRP E 36 5.04 24.11 4.25
C TRP E 36 4.28 24.09 2.94
N LYS E 37 3.62 22.97 2.68
CA LYS E 37 2.56 22.86 1.67
C LYS E 37 1.47 22.00 2.27
N ASP E 38 0.58 21.51 1.42
CA ASP E 38 -0.48 20.62 1.84
C ASP E 38 -0.64 19.53 0.80
N ALA E 39 -1.04 18.34 1.25
CA ALA E 39 -1.22 17.20 0.36
C ALA E 39 -2.14 16.19 1.04
N GLU E 40 -2.26 15.02 0.43
CA GLU E 40 -2.90 13.86 1.03
C GLU E 40 -1.97 12.66 0.84
N THR E 41 -1.79 11.88 1.89
CA THR E 41 -0.84 10.79 1.87
C THR E 41 -1.45 9.57 2.56
N THR E 42 -0.60 8.59 2.82
CA THR E 42 -1.00 7.36 3.48
C THR E 42 -0.42 7.34 4.89
N LEU E 43 -1.29 6.95 5.84
CA LEU E 43 -1.03 6.90 7.29
C LEU E 43 0.11 6.02 7.79
N PHE E 44 -0.02 5.46 9.00
CA PHE E 44 1.07 4.66 9.52
C PHE E 44 0.79 4.18 10.93
N CYS E 45 0.56 2.89 11.11
CA CYS E 45 0.16 2.35 12.41
C CYS E 45 1.31 2.41 13.43
N ALA E 46 0.95 2.29 14.70
CA ALA E 46 1.91 2.27 15.79
C ALA E 46 1.29 1.49 16.95
N SER E 47 1.92 1.58 18.12
CA SER E 47 1.37 0.96 19.33
C SER E 47 1.84 1.65 20.60
N HIS E 57 -8.02 -14.38 20.12
CA HIS E 57 -7.02 -13.41 19.69
C HIS E 57 -7.71 -12.24 19.01
N ASN E 58 -7.23 -11.02 19.25
CA ASN E 58 -7.94 -9.82 18.83
C ASN E 58 -7.61 -9.47 17.39
N VAL E 59 -8.63 -8.97 16.70
CA VAL E 59 -8.55 -8.51 15.32
C VAL E 59 -8.99 -7.05 15.32
N TRP E 60 -8.54 -6.26 16.29
CA TRP E 60 -8.64 -4.81 16.11
C TRP E 60 -7.38 -4.23 15.48
N ALA E 61 -6.27 -4.28 16.19
CA ALA E 61 -5.06 -3.82 15.54
C ALA E 61 -4.39 -4.95 14.80
N THR E 62 -3.74 -5.79 15.59
CA THR E 62 -2.82 -6.88 15.25
C THR E 62 -2.35 -7.42 16.58
N HIS E 63 -1.63 -8.53 16.54
CA HIS E 63 -0.71 -8.80 17.62
C HIS E 63 0.54 -7.95 17.49
N ALA E 64 0.98 -7.70 16.25
CA ALA E 64 2.24 -7.02 15.99
C ALA E 64 2.01 -5.87 15.00
N CYS E 65 1.66 -4.71 15.53
CA CYS E 65 1.90 -3.48 14.79
C CYS E 65 3.31 -3.01 15.10
N VAL E 66 3.65 -1.78 14.74
CA VAL E 66 5.04 -1.32 14.78
C VAL E 66 5.53 -1.12 16.21
N PRO E 67 6.59 -1.81 16.63
CA PRO E 67 7.20 -1.51 17.92
C PRO E 67 8.02 -0.24 17.80
N THR E 68 8.08 0.51 18.90
CA THR E 68 8.65 1.84 18.85
C THR E 68 9.07 2.28 20.24
N ASP E 69 9.70 3.44 20.29
CA ASP E 69 9.81 4.26 21.49
C ASP E 69 8.48 4.99 21.60
N PRO E 70 7.59 4.56 22.51
CA PRO E 70 6.19 5.00 22.44
C PRO E 70 5.93 6.36 23.06
N ASN E 71 6.97 7.18 23.24
CA ASN E 71 6.85 8.53 23.78
C ASN E 71 7.23 9.55 22.72
N PRO E 72 6.29 9.96 21.86
CA PRO E 72 6.62 10.96 20.85
C PRO E 72 6.59 12.35 21.45
N GLN E 73 7.73 13.04 21.47
CA GLN E 73 7.81 14.29 22.20
C GLN E 73 7.18 15.43 21.41
N GLU E 74 6.27 16.14 22.08
CA GLU E 74 5.67 17.34 21.55
C GLU E 74 6.71 18.44 21.40
N ILE E 75 6.63 19.16 20.29
CA ILE E 75 7.55 20.26 20.00
C ILE E 75 6.72 21.51 19.78
N HIS E 76 6.92 22.51 20.63
CA HIS E 76 6.15 23.74 20.52
C HIS E 76 6.90 24.78 19.71
N LEU E 77 6.15 25.60 18.99
CA LEU E 77 6.67 26.54 18.03
C LEU E 77 6.69 27.95 18.61
N GLU E 78 6.99 28.93 17.75
CA GLU E 78 6.86 30.34 18.10
C GLU E 78 6.37 31.12 16.88
N ASN E 79 5.49 32.09 17.15
CA ASN E 79 5.03 33.09 16.18
C ASN E 79 4.36 32.43 14.96
N VAL E 80 3.42 31.53 15.21
CA VAL E 80 2.79 30.76 14.14
C VAL E 80 1.28 30.90 14.26
N THR E 81 0.64 31.33 13.18
CA THR E 81 -0.81 31.30 13.06
C THR E 81 -1.17 30.57 11.77
N GLU E 82 -1.97 29.52 11.89
CA GLU E 82 -2.25 28.64 10.76
C GLU E 82 -3.74 28.43 10.60
N GLU E 83 -4.23 28.57 9.37
CA GLU E 83 -5.62 28.28 9.09
C GLU E 83 -5.84 26.77 9.07
N PHE E 84 -6.92 26.33 9.73
CA PHE E 84 -7.36 24.94 9.72
C PHE E 84 -8.70 24.84 9.02
N ASN E 85 -9.23 23.63 8.98
CA ASN E 85 -10.57 23.40 8.46
C ASN E 85 -11.09 22.08 9.03
N MET E 86 -12.41 21.97 9.06
CA MET E 86 -13.08 20.76 9.53
C MET E 86 -14.12 20.38 8.50
N TRP E 87 -14.56 19.11 8.58
CA TRP E 87 -15.41 18.44 7.59
C TRP E 87 -14.76 18.42 6.21
N LYS E 88 -13.43 18.32 6.21
CA LYS E 88 -12.63 18.17 5.01
C LYS E 88 -11.57 17.10 5.20
N ASN E 89 -11.65 16.31 6.26
CA ASN E 89 -10.51 15.55 6.73
C ASN E 89 -10.34 14.28 5.90
N ASN E 90 -9.18 14.19 5.25
CA ASN E 90 -8.78 12.96 4.58
C ASN E 90 -8.60 11.82 5.58
N MET E 91 -8.16 12.16 6.79
CA MET E 91 -7.79 11.17 7.79
C MET E 91 -9.00 10.39 8.25
N VAL E 92 -10.16 11.04 8.29
CA VAL E 92 -11.40 10.35 8.64
C VAL E 92 -11.74 9.31 7.59
N GLU E 93 -11.53 9.65 6.32
CA GLU E 93 -11.85 8.72 5.25
C GLU E 93 -10.87 7.55 5.23
N GLN E 94 -9.60 7.83 5.52
CA GLN E 94 -8.62 6.75 5.61
C GLN E 94 -8.94 5.83 6.77
N MET E 95 -9.36 6.39 7.91
CA MET E 95 -9.74 5.57 9.05
C MET E 95 -10.95 4.71 8.73
N HIS E 96 -11.92 5.28 7.98
CA HIS E 96 -13.12 4.55 7.62
C HIS E 96 -12.79 3.37 6.72
N THR E 97 -11.97 3.61 5.70
CA THR E 97 -11.56 2.54 4.79
C THR E 97 -10.71 1.49 5.51
N ASP E 98 -9.83 1.91 6.41
CA ASP E 98 -8.96 0.95 7.11
C ASP E 98 -9.77 0.06 8.04
N ILE E 99 -10.76 0.63 8.72
CA ILE E 99 -11.53 -0.18 9.64
C ILE E 99 -12.45 -1.13 8.90
N ILE E 100 -13.01 -0.68 7.78
CA ILE E 100 -13.81 -1.60 6.95
C ILE E 100 -12.94 -2.70 6.38
N SER E 101 -11.71 -2.37 6.01
CA SER E 101 -10.80 -3.36 5.46
C SER E 101 -10.40 -4.40 6.50
N LEU E 102 -10.10 -3.95 7.73
CA LEU E 102 -9.76 -4.91 8.77
C LEU E 102 -10.95 -5.75 9.19
N TRP E 103 -12.14 -5.14 9.20
CA TRP E 103 -13.34 -5.90 9.53
C TRP E 103 -13.65 -6.93 8.45
N ASP E 104 -13.33 -6.62 7.20
CA ASP E 104 -13.45 -7.62 6.14
C ASP E 104 -12.37 -8.67 6.27
N GLN E 105 -11.19 -8.28 6.72
CA GLN E 105 -10.09 -9.21 6.92
C GLN E 105 -10.41 -10.21 8.01
N SER E 106 -11.23 -9.81 8.98
CA SER E 106 -11.63 -10.72 10.05
C SER E 106 -12.53 -11.83 9.56
N LEU E 107 -13.57 -11.50 8.80
CA LEU E 107 -14.66 -12.42 8.55
C LEU E 107 -14.40 -13.40 7.42
N LYS E 108 -13.16 -13.51 6.92
CA LYS E 108 -12.90 -14.42 5.82
C LYS E 108 -12.90 -15.89 6.24
N PRO E 109 -12.07 -16.36 7.18
CA PRO E 109 -11.88 -17.81 7.30
C PRO E 109 -13.01 -18.55 8.00
N CYS E 110 -14.06 -17.85 8.40
CA CYS E 110 -15.07 -18.46 9.25
C CYS E 110 -16.07 -19.25 8.42
N VAL E 111 -17.20 -19.61 9.02
CA VAL E 111 -18.10 -20.64 8.52
C VAL E 111 -19.31 -19.98 7.86
N LYS E 112 -19.63 -20.41 6.64
CA LYS E 112 -20.84 -19.95 5.98
C LYS E 112 -22.05 -20.72 6.49
N LEU E 113 -23.15 -20.01 6.69
CA LEU E 113 -24.30 -20.55 7.39
C LEU E 113 -25.47 -20.84 6.46
N THR E 114 -25.17 -21.35 5.27
CA THR E 114 -26.21 -21.60 4.28
C THR E 114 -27.30 -22.60 4.65
N PRO E 115 -27.09 -23.69 5.47
CA PRO E 115 -28.23 -24.59 5.68
C PRO E 115 -29.25 -24.12 6.70
N LEU E 116 -29.26 -22.84 7.04
CA LEU E 116 -30.18 -22.37 8.06
C LEU E 116 -31.52 -21.89 7.52
N CYS E 117 -31.60 -21.49 6.25
CA CYS E 117 -32.85 -20.99 5.69
C CYS E 117 -33.81 -22.15 5.47
N VAL E 118 -34.47 -22.55 6.55
CA VAL E 118 -35.44 -23.62 6.55
C VAL E 118 -36.71 -23.15 7.28
N THR E 119 -37.66 -24.06 7.40
CA THR E 119 -38.94 -23.79 8.04
C THR E 119 -38.83 -24.14 9.53
N LEU E 120 -39.51 -23.35 10.36
CA LEU E 120 -39.35 -23.44 11.81
C LEU E 120 -40.69 -23.72 12.48
N GLN E 121 -40.84 -24.92 13.02
CA GLN E 121 -41.98 -25.25 13.88
C GLN E 121 -41.64 -24.78 15.29
N CYS E 122 -42.54 -24.00 15.89
CA CYS E 122 -42.20 -23.21 17.06
C CYS E 122 -43.19 -23.42 18.20
N THR E 123 -42.82 -22.88 19.36
CA THR E 123 -43.68 -22.80 20.54
C THR E 123 -43.15 -21.69 21.44
N ASN E 124 -44.02 -21.25 22.36
CA ASN E 124 -43.72 -20.14 23.24
C ASN E 124 -42.97 -20.60 24.49
N VAL E 125 -42.43 -19.62 25.22
CA VAL E 125 -41.66 -19.84 26.43
C VAL E 125 -42.54 -19.50 27.62
N THR E 126 -42.49 -20.33 28.67
CA THR E 126 -43.42 -20.20 29.79
C THR E 126 -42.76 -20.12 31.16
N ASN E 127 -41.65 -20.83 31.38
CA ASN E 127 -41.24 -21.25 32.71
C ASN E 127 -40.64 -20.11 33.51
N ASN E 128 -41.40 -19.61 34.50
CA ASN E 128 -40.95 -18.64 35.50
C ASN E 128 -40.45 -17.34 34.84
N ILE E 129 -41.37 -16.68 34.14
CA ILE E 129 -41.04 -15.56 33.28
C ILE E 129 -41.65 -14.28 33.85
N THR E 130 -40.91 -13.19 33.74
CA THR E 130 -41.48 -11.87 33.99
C THR E 130 -42.38 -11.49 32.83
N ASP E 131 -43.58 -10.98 33.14
CA ASP E 131 -44.60 -10.75 32.12
C ASP E 131 -44.24 -9.62 31.16
N ASP E 132 -43.28 -8.76 31.50
CA ASP E 132 -42.85 -7.75 30.52
C ASP E 132 -42.01 -8.37 29.42
N MET E 133 -41.36 -9.48 29.70
CA MET E 133 -40.57 -10.19 28.71
C MET E 133 -41.37 -11.19 27.90
N ARG E 134 -42.69 -11.11 27.92
CA ARG E 134 -43.51 -12.01 27.11
C ARG E 134 -43.45 -11.60 25.65
N GLY E 135 -43.10 -12.56 24.79
CA GLY E 135 -43.03 -12.35 23.36
C GLY E 135 -41.64 -12.43 22.78
N GLU E 136 -40.61 -12.17 23.59
CA GLU E 136 -39.24 -12.11 23.08
C GLU E 136 -38.72 -13.48 22.66
N LEU E 137 -38.65 -14.40 23.60
CA LEU E 137 -38.01 -15.68 23.34
C LEU E 137 -38.99 -16.70 22.78
N LYS E 138 -38.48 -17.53 21.89
CA LYS E 138 -39.27 -18.53 21.18
C LYS E 138 -38.48 -19.81 21.06
N ASN E 139 -39.14 -20.94 21.31
CA ASN E 139 -38.56 -22.27 21.21
C ASN E 139 -38.99 -22.86 19.87
N CYS E 140 -38.05 -23.03 18.95
CA CYS E 140 -38.34 -23.49 17.60
C CYS E 140 -37.45 -24.67 17.26
N SER E 141 -37.91 -25.51 16.33
CA SER E 141 -37.19 -26.71 15.94
C SER E 141 -37.29 -26.90 14.42
N PHE E 142 -36.38 -27.71 13.89
CA PHE E 142 -36.24 -27.89 12.45
C PHE E 142 -35.38 -29.12 12.17
N ASN E 143 -35.23 -29.44 10.88
CA ASN E 143 -34.36 -30.51 10.40
C ASN E 143 -33.10 -29.91 9.81
N MET E 144 -32.00 -30.66 9.91
CA MET E 144 -30.71 -30.21 9.39
C MET E 144 -29.79 -31.42 9.27
N THR E 145 -28.88 -31.35 8.30
CA THR E 145 -27.95 -32.43 8.04
C THR E 145 -26.75 -32.36 8.97
N THR E 146 -26.16 -33.52 9.23
CA THR E 146 -24.92 -33.63 9.98
C THR E 146 -23.74 -33.63 9.02
N GLU E 147 -22.56 -34.04 9.50
CA GLU E 147 -21.40 -34.16 8.63
C GLU E 147 -21.58 -35.27 7.61
N LEU E 148 -22.41 -36.25 7.91
CA LEU E 148 -22.81 -37.22 6.90
C LEU E 148 -23.79 -36.57 5.94
N ARG E 149 -23.60 -36.82 4.65
CA ARG E 149 -24.48 -36.32 3.62
C ARG E 149 -25.70 -37.19 3.40
N ASP E 150 -26.05 -38.05 4.34
CA ASP E 150 -27.05 -39.07 4.10
C ASP E 150 -28.14 -39.15 5.16
N LYS E 151 -28.05 -38.36 6.23
CA LYS E 151 -29.03 -38.39 7.30
C LYS E 151 -29.40 -36.97 7.70
N LYS E 152 -30.24 -36.86 8.71
CA LYS E 152 -30.65 -35.58 9.28
C LYS E 152 -30.71 -35.72 10.80
N GLN E 153 -31.28 -34.72 11.46
CA GLN E 153 -31.39 -34.71 12.91
C GLN E 153 -32.51 -33.75 13.31
N LYS E 154 -32.66 -33.55 14.62
CA LYS E 154 -33.66 -32.63 15.18
C LYS E 154 -32.95 -31.65 16.09
N VAL E 155 -32.95 -30.38 15.70
CA VAL E 155 -32.22 -29.33 16.40
C VAL E 155 -33.19 -28.25 16.85
N TYR E 156 -33.14 -27.91 18.14
CA TYR E 156 -33.96 -26.84 18.67
C TYR E 156 -33.11 -25.89 19.50
N SER E 157 -33.47 -24.61 19.47
CA SER E 157 -32.75 -23.56 20.18
C SER E 157 -33.75 -22.48 20.60
N LEU E 158 -33.21 -21.33 21.00
CA LEU E 158 -34.02 -20.23 21.49
C LEU E 158 -33.62 -18.96 20.76
N PHE E 159 -34.61 -18.23 20.25
CA PHE E 159 -34.37 -17.09 19.39
C PHE E 159 -35.06 -15.86 19.95
N TYR E 160 -34.62 -14.69 19.52
CA TYR E 160 -35.28 -13.45 19.86
C TYR E 160 -36.47 -13.20 18.94
N ARG E 161 -37.39 -12.36 19.41
CA ARG E 161 -38.52 -12.00 18.57
C ARG E 161 -38.10 -11.15 17.39
N LEU E 162 -37.07 -10.33 17.56
CA LEU E 162 -36.69 -9.34 16.56
C LEU E 162 -35.78 -9.90 15.48
N ASP E 163 -35.76 -11.22 15.30
CA ASP E 163 -34.88 -11.85 14.34
C ASP E 163 -35.57 -12.87 13.44
N VAL E 164 -36.85 -13.16 13.66
CA VAL E 164 -37.56 -14.17 12.89
C VAL E 164 -38.85 -13.55 12.37
N VAL E 165 -39.27 -13.99 11.18
CA VAL E 165 -40.40 -13.39 10.49
C VAL E 165 -41.31 -14.49 9.93
N GLN E 166 -42.61 -14.22 9.98
CA GLN E 166 -43.62 -15.22 9.62
C GLN E 166 -43.63 -15.52 8.13
N ILE E 167 -43.83 -16.79 7.80
CA ILE E 167 -43.85 -17.21 6.41
C ILE E 167 -45.17 -16.84 5.74
N ASN E 168 -46.27 -17.42 6.21
CA ASN E 168 -47.55 -17.25 5.53
C ASN E 168 -48.18 -15.89 5.79
N ASN E 179 -47.58 -24.70 13.30
CA ASN E 179 -48.15 -23.57 14.04
C ASN E 179 -47.51 -22.26 13.61
N LYS E 180 -46.42 -21.90 14.29
CA LYS E 180 -45.72 -20.64 14.03
C LYS E 180 -44.57 -20.89 13.04
N GLU E 181 -44.96 -21.26 11.84
CA GLU E 181 -44.01 -21.50 10.76
C GLU E 181 -43.45 -20.17 10.30
N TYR E 182 -42.30 -19.77 10.84
CA TYR E 182 -41.70 -18.49 10.54
C TYR E 182 -40.33 -18.72 9.91
N ARG E 183 -39.88 -17.75 9.11
CA ARG E 183 -38.58 -17.87 8.44
C ARG E 183 -37.59 -16.86 9.01
N LEU E 184 -36.33 -17.03 8.63
CA LEU E 184 -35.25 -16.21 9.17
C LEU E 184 -35.13 -14.92 8.39
N ILE E 185 -34.85 -13.83 9.12
CA ILE E 185 -35.11 -12.47 8.66
C ILE E 185 -34.27 -12.06 7.44
N ASN E 186 -33.18 -12.77 7.15
CA ASN E 186 -32.34 -12.40 6.02
C ASN E 186 -32.42 -13.38 4.87
N CYS E 187 -33.32 -14.36 4.93
CA CYS E 187 -33.41 -15.35 3.87
C CYS E 187 -34.09 -14.82 2.62
N ASN E 188 -34.73 -13.67 2.68
CA ASN E 188 -35.19 -13.02 1.46
C ASN E 188 -34.04 -12.34 0.71
N THR E 189 -32.91 -12.16 1.37
CA THR E 189 -31.85 -11.29 0.89
C THR E 189 -30.53 -12.03 1.11
N SER E 190 -29.43 -11.28 1.08
CA SER E 190 -28.05 -11.76 1.15
C SER E 190 -27.76 -12.79 2.23
N ALA E 191 -26.75 -13.63 2.00
CA ALA E 191 -26.54 -14.82 2.80
C ALA E 191 -26.02 -14.48 4.20
N ILE E 192 -25.85 -15.51 5.01
CA ILE E 192 -25.61 -15.37 6.43
C ILE E 192 -24.32 -16.08 6.80
N THR E 193 -23.50 -15.44 7.64
CA THR E 193 -22.22 -15.95 8.06
C THR E 193 -22.15 -16.01 9.59
N GLN E 194 -21.14 -16.71 10.09
CA GLN E 194 -20.88 -16.84 11.51
C GLN E 194 -19.53 -16.21 11.82
N ALA E 195 -19.36 -15.70 13.03
CA ALA E 195 -18.07 -15.24 13.47
C ALA E 195 -17.34 -16.35 14.20
N CYS E 196 -16.04 -16.38 14.06
CA CYS E 196 -15.23 -17.38 14.73
C CYS E 196 -15.11 -17.04 16.22
N PRO E 197 -15.29 -18.01 17.11
CA PRO E 197 -15.45 -17.70 18.54
C PRO E 197 -14.17 -17.35 19.26
N LYS E 198 -13.01 -17.40 18.61
CA LYS E 198 -11.76 -17.12 19.27
C LYS E 198 -11.39 -15.64 19.26
N VAL E 199 -12.26 -14.78 18.73
CA VAL E 199 -11.94 -13.38 18.50
C VAL E 199 -12.87 -12.52 19.34
N SER E 200 -12.30 -11.70 20.21
CA SER E 200 -13.10 -10.77 20.99
C SER E 200 -13.27 -9.47 20.22
N PHE E 201 -14.01 -8.53 20.82
CA PHE E 201 -14.34 -7.25 20.20
C PHE E 201 -13.94 -6.08 21.09
N GLU E 202 -13.05 -6.29 22.05
CA GLU E 202 -12.68 -5.23 22.96
C GLU E 202 -11.67 -4.31 22.28
N PRO E 203 -11.97 -3.02 22.12
CA PRO E 203 -11.11 -2.15 21.34
C PRO E 203 -9.84 -1.79 22.09
N ILE E 204 -8.84 -1.38 21.32
CA ILE E 204 -7.51 -1.04 21.80
C ILE E 204 -7.18 0.31 21.18
N PRO E 205 -6.50 1.21 21.88
CA PRO E 205 -6.11 2.48 21.27
C PRO E 205 -5.15 2.29 20.11
N ILE E 206 -5.20 3.21 19.16
CA ILE E 206 -4.37 3.18 17.96
C ILE E 206 -3.70 4.53 17.83
N HIS E 207 -2.38 4.52 17.65
CA HIS E 207 -1.62 5.72 17.35
C HIS E 207 -1.35 5.81 15.86
N TYR E 208 -1.83 6.88 15.23
CA TYR E 208 -1.40 7.20 13.89
C TYR E 208 -0.09 7.98 13.93
N CYS E 209 0.71 7.77 12.90
CA CYS E 209 1.98 8.45 12.76
C CYS E 209 2.13 8.88 11.31
N ALA E 210 3.18 9.64 11.04
CA ALA E 210 3.36 10.16 9.70
C ALA E 210 4.62 9.58 9.07
N PRO E 211 4.61 9.37 7.76
CA PRO E 211 5.84 9.00 7.07
C PRO E 211 6.83 10.15 7.04
N ALA E 212 8.09 9.79 6.82
CA ALA E 212 9.16 10.77 6.79
C ALA E 212 9.02 11.69 5.57
N GLY E 213 9.60 12.87 5.69
CA GLY E 213 9.35 13.92 4.72
C GLY E 213 8.06 14.68 4.93
N PHE E 214 7.23 14.24 5.87
CA PHE E 214 5.93 14.82 6.16
C PHE E 214 5.86 15.21 7.63
N ALA E 215 4.72 15.76 8.03
CA ALA E 215 4.55 16.24 9.40
C ALA E 215 3.06 16.37 9.71
N ILE E 216 2.76 16.36 11.00
CA ILE E 216 1.41 16.56 11.52
C ILE E 216 1.46 17.79 12.43
N LEU E 217 0.40 18.58 12.43
CA LEU E 217 0.32 19.73 13.32
C LEU E 217 -0.82 19.57 14.31
N LYS E 218 -0.86 20.47 15.29
CA LYS E 218 -1.80 20.37 16.39
C LYS E 218 -2.08 21.75 16.94
N CYS E 219 -3.35 22.04 17.22
CA CYS E 219 -3.78 23.34 17.73
C CYS E 219 -3.75 23.34 19.25
N LYS E 220 -2.96 24.24 19.83
CA LYS E 220 -2.88 24.35 21.27
C LYS E 220 -3.95 25.25 21.86
N ASP E 221 -4.64 26.03 21.02
CA ASP E 221 -5.71 26.89 21.50
C ASP E 221 -6.89 26.02 21.93
N LYS E 222 -7.27 26.12 23.19
CA LYS E 222 -8.33 25.28 23.74
C LYS E 222 -9.72 25.77 23.39
N LYS E 223 -9.84 26.90 22.69
CA LYS E 223 -11.13 27.49 22.38
C LYS E 223 -11.37 27.54 20.87
N PHE E 224 -11.06 26.46 20.18
CA PHE E 224 -11.13 26.43 18.73
C PHE E 224 -12.41 25.73 18.29
N ASN E 225 -13.40 26.52 17.87
CA ASN E 225 -14.45 26.00 17.02
C ASN E 225 -13.84 25.49 15.73
N GLY E 226 -14.48 24.48 15.14
CA GLY E 226 -13.97 23.67 14.05
C GLY E 226 -13.25 24.30 12.88
N THR E 227 -13.61 25.53 12.52
CA THR E 227 -12.95 26.23 11.44
C THR E 227 -12.33 27.52 11.96
N GLY E 228 -11.59 28.19 11.09
CA GLY E 228 -10.92 29.41 11.46
C GLY E 228 -9.46 29.18 11.77
N PRO E 229 -8.75 30.23 12.16
CA PRO E 229 -7.32 30.09 12.47
C PRO E 229 -7.07 29.72 13.92
N CYS E 230 -5.87 29.20 14.16
CA CYS E 230 -5.35 28.85 15.47
C CYS E 230 -4.07 29.63 15.73
N PRO E 231 -3.91 30.20 16.91
CA PRO E 231 -2.75 31.08 17.14
C PRO E 231 -1.58 30.41 17.83
N SER E 232 -1.77 29.19 18.32
CA SER E 232 -0.74 28.48 19.06
C SER E 232 -0.63 27.07 18.50
N VAL E 233 0.48 26.78 17.83
CA VAL E 233 0.66 25.55 17.08
C VAL E 233 1.87 24.81 17.64
N SER E 234 1.72 23.52 17.84
CA SER E 234 2.84 22.64 18.17
C SER E 234 2.75 21.39 17.32
N THR E 235 3.89 20.75 17.09
CA THR E 235 3.96 19.56 16.25
C THR E 235 4.34 18.33 17.06
N VAL E 236 3.84 17.19 16.61
CA VAL E 236 4.13 15.89 17.18
C VAL E 236 4.46 14.94 16.05
N GLN E 237 5.24 13.91 16.35
CA GLN E 237 5.50 12.92 15.33
C GLN E 237 4.50 11.77 15.35
N CYS E 238 3.81 11.56 16.47
CA CYS E 238 2.67 10.65 16.47
C CYS E 238 1.57 11.24 17.31
N THR E 239 0.39 10.66 17.20
CA THR E 239 -0.81 11.19 17.82
C THR E 239 -1.11 10.47 19.11
N HIS E 240 -2.20 10.87 19.76
CA HIS E 240 -2.63 10.22 20.97
C HIS E 240 -3.41 8.96 20.63
N GLY E 241 -3.78 8.22 21.68
CA GLY E 241 -4.49 6.97 21.48
C GLY E 241 -5.93 7.22 21.05
N ILE E 242 -6.39 6.42 20.11
CA ILE E 242 -7.73 6.56 19.54
C ILE E 242 -8.42 5.21 19.67
N LYS E 243 -9.54 5.18 20.38
CA LYS E 243 -10.30 3.97 20.52
C LYS E 243 -11.43 3.97 19.51
N PRO E 244 -11.44 3.05 18.57
CA PRO E 244 -12.51 3.00 17.57
C PRO E 244 -13.78 2.35 18.11
N VAL E 245 -14.60 3.15 18.79
CA VAL E 245 -15.77 2.67 19.53
C VAL E 245 -17.03 3.08 18.78
N VAL E 246 -17.96 2.14 18.63
CA VAL E 246 -19.12 2.31 17.76
C VAL E 246 -20.36 2.52 18.61
N SER E 247 -21.06 3.62 18.36
CA SER E 247 -22.34 3.90 19.00
C SER E 247 -23.12 4.87 18.13
N THR E 248 -24.45 4.85 18.28
CA THR E 248 -25.28 5.70 17.44
C THR E 248 -25.40 7.12 17.99
N GLN E 249 -25.96 7.28 19.18
CA GLN E 249 -26.51 8.57 19.59
C GLN E 249 -25.65 9.32 20.60
N LEU E 250 -25.19 8.64 21.64
CA LEU E 250 -24.29 9.25 22.60
C LEU E 250 -22.87 9.10 22.11
N LEU E 251 -21.89 9.35 22.97
CA LEU E 251 -20.52 8.94 22.73
C LEU E 251 -20.00 8.25 23.98
N LEU E 252 -19.26 7.17 23.80
CA LEU E 252 -18.82 6.32 24.90
C LEU E 252 -17.30 6.21 24.90
N ASN E 253 -16.72 6.23 26.11
CA ASN E 253 -15.28 6.12 26.36
C ASN E 253 -14.45 7.18 25.64
N GLY E 254 -15.05 8.29 25.24
CA GLY E 254 -14.39 9.26 24.39
C GLY E 254 -13.50 10.19 25.17
N SER E 255 -13.08 11.26 24.50
CA SER E 255 -12.27 12.27 25.13
C SER E 255 -13.15 13.34 25.78
N LEU E 256 -12.55 14.09 26.68
CA LEU E 256 -13.25 15.20 27.32
C LEU E 256 -13.00 16.47 26.53
N ALA E 257 -13.39 17.60 27.12
CA ALA E 257 -12.97 18.90 26.66
C ALA E 257 -12.12 19.55 27.74
N GLU E 258 -11.33 20.54 27.33
CA GLU E 258 -10.38 21.17 28.26
C GLU E 258 -11.10 21.99 29.32
N GLU E 259 -12.09 22.78 28.91
CA GLU E 259 -12.64 23.82 29.75
C GLU E 259 -14.07 23.57 30.19
N GLU E 260 -14.95 23.28 29.24
CA GLU E 260 -16.37 23.48 29.44
C GLU E 260 -17.11 22.59 28.46
N VAL E 261 -18.39 22.84 28.27
CA VAL E 261 -19.15 22.20 27.20
C VAL E 261 -19.06 23.08 25.97
N MET E 262 -18.69 22.48 24.84
CA MET E 262 -18.64 23.20 23.58
C MET E 262 -19.56 22.56 22.56
N ILE E 263 -19.84 23.33 21.52
CA ILE E 263 -20.85 23.01 20.53
C ILE E 263 -20.21 23.14 19.15
N ARG E 264 -20.26 22.08 18.37
CA ARG E 264 -19.67 22.05 17.04
C ARG E 264 -20.72 21.69 16.02
N SER E 265 -20.79 22.46 14.94
CA SER E 265 -21.58 22.10 13.77
C SER E 265 -21.05 22.89 12.57
N GLU E 266 -21.52 22.48 11.39
CA GLU E 266 -21.00 23.04 10.15
C GLU E 266 -21.61 24.42 9.90
N ASN E 267 -22.92 24.47 9.73
CA ASN E 267 -23.65 25.69 9.41
C ASN E 267 -24.82 25.75 10.39
N ILE E 268 -24.68 26.53 11.46
CA ILE E 268 -25.72 26.60 12.47
C ILE E 268 -26.91 27.41 11.98
N THR E 269 -26.68 28.29 11.00
CA THR E 269 -27.80 28.95 10.33
C THR E 269 -28.63 27.95 9.53
N ASN E 270 -27.98 26.95 8.96
CA ASN E 270 -28.69 25.82 8.40
C ASN E 270 -29.29 24.99 9.52
N ASN E 271 -30.43 24.39 9.23
CA ASN E 271 -31.04 23.40 10.09
C ASN E 271 -30.76 21.98 9.63
N ALA E 272 -30.05 21.81 8.52
CA ALA E 272 -29.75 20.49 7.96
C ALA E 272 -28.33 20.06 8.27
N LYS E 273 -27.85 20.39 9.46
CA LYS E 273 -26.50 20.04 9.90
C LYS E 273 -26.59 19.36 11.24
N ASN E 274 -25.92 18.22 11.38
CA ASN E 274 -25.82 17.60 12.69
C ASN E 274 -24.90 18.43 13.58
N ILE E 275 -25.16 18.39 14.88
CA ILE E 275 -24.44 19.22 15.85
C ILE E 275 -23.68 18.30 16.79
N LEU E 276 -22.41 18.61 17.02
CA LEU E 276 -21.58 17.82 17.90
C LEU E 276 -21.57 18.41 19.29
N VAL E 277 -21.71 17.54 20.29
CA VAL E 277 -21.72 17.93 21.70
C VAL E 277 -20.50 17.31 22.34
N GLN E 278 -19.82 18.07 23.18
CA GLN E 278 -18.63 17.59 23.89
C GLN E 278 -18.69 18.10 25.32
N PHE E 279 -18.76 17.18 26.27
CA PHE E 279 -18.95 17.55 27.66
C PHE E 279 -17.65 17.99 28.30
N ASN E 280 -17.76 18.42 29.55
CA ASN E 280 -16.62 18.76 30.39
C ASN E 280 -16.35 17.69 31.45
N THR E 281 -17.41 17.13 32.03
CA THR E 281 -17.32 16.12 33.06
C THR E 281 -18.06 14.87 32.60
N PRO E 282 -17.46 13.69 32.71
CA PRO E 282 -18.12 12.47 32.23
C PRO E 282 -19.16 11.98 33.21
N VAL E 283 -20.03 11.11 32.71
CA VAL E 283 -21.15 10.53 33.46
C VAL E 283 -21.05 9.02 33.38
N GLN E 284 -21.01 8.37 34.54
CA GLN E 284 -20.98 6.91 34.61
C GLN E 284 -22.30 6.34 34.12
N ILE E 285 -22.25 5.12 33.58
CA ILE E 285 -23.46 4.37 33.25
C ILE E 285 -23.21 2.89 33.45
N ASN E 286 -24.12 2.23 34.18
CA ASN E 286 -24.22 0.79 34.18
C ASN E 286 -25.14 0.33 33.07
N CYS E 287 -24.76 -0.77 32.41
CA CYS E 287 -25.63 -1.52 31.52
C CYS E 287 -25.24 -2.98 31.68
N THR E 288 -26.22 -3.84 31.93
CA THR E 288 -25.89 -5.23 32.17
C THR E 288 -27.00 -6.14 31.70
N ARG E 289 -26.65 -7.42 31.60
CA ARG E 289 -27.60 -8.46 31.20
C ARG E 289 -27.85 -9.34 32.40
N PRO E 290 -29.01 -9.19 33.06
CA PRO E 290 -29.23 -9.95 34.30
C PRO E 290 -29.46 -11.42 34.09
N ASN E 291 -29.81 -11.85 32.88
CA ASN E 291 -30.04 -13.26 32.65
C ASN E 291 -28.71 -14.02 32.56
N ASN E 292 -28.81 -15.34 32.58
CA ASN E 292 -27.68 -16.22 32.84
C ASN E 292 -27.70 -17.34 31.82
N ASN E 293 -26.70 -17.38 30.95
CA ASN E 293 -26.84 -17.95 29.61
C ASN E 293 -26.09 -19.27 29.44
N THR E 294 -26.61 -20.12 28.54
CA THR E 294 -25.97 -21.36 28.13
C THR E 294 -25.91 -21.47 26.62
N ARG E 295 -25.12 -22.44 26.15
CA ARG E 295 -24.88 -22.61 24.71
C ARG E 295 -24.45 -24.04 24.43
N LYS E 296 -25.08 -24.66 23.43
CA LYS E 296 -24.72 -25.98 22.95
C LYS E 296 -23.67 -25.86 21.85
N SER E 297 -23.41 -26.96 21.15
CA SER E 297 -22.48 -26.97 20.03
C SER E 297 -22.81 -28.18 19.16
N ILE E 298 -23.22 -27.93 17.92
CA ILE E 298 -23.75 -28.99 17.05
C ILE E 298 -22.99 -29.00 15.74
N ARG E 299 -22.45 -30.17 15.38
CA ARG E 299 -21.85 -30.38 14.07
C ARG E 299 -22.92 -30.32 12.99
N ILE E 300 -22.62 -29.64 11.89
CA ILE E 300 -23.53 -29.55 10.76
C ILE E 300 -22.94 -30.11 9.48
N GLY E 301 -21.62 -30.20 9.37
CA GLY E 301 -21.00 -30.57 8.13
C GLY E 301 -19.59 -31.05 8.37
N PRO E 302 -18.92 -31.51 7.32
CA PRO E 302 -17.50 -31.86 7.43
C PRO E 302 -16.64 -30.67 7.75
N GLY E 303 -16.05 -30.66 8.95
CA GLY E 303 -15.32 -29.52 9.42
C GLY E 303 -16.17 -28.31 9.73
N GLN E 304 -17.45 -28.51 10.00
CA GLN E 304 -18.34 -27.39 10.28
C GLN E 304 -19.20 -27.73 11.49
N ALA E 305 -19.34 -26.78 12.40
CA ALA E 305 -20.16 -26.95 13.59
C ALA E 305 -20.92 -25.66 13.87
N PHE E 306 -21.96 -25.77 14.69
CA PHE E 306 -22.87 -24.65 14.93
C PHE E 306 -23.12 -24.52 16.42
N TYR E 307 -23.34 -23.28 16.87
CA TYR E 307 -23.45 -22.93 18.28
C TYR E 307 -24.90 -22.56 18.58
N ALA E 308 -25.64 -23.47 19.21
CA ALA E 308 -27.03 -23.23 19.53
C ALA E 308 -27.21 -22.95 21.02
N THR E 309 -28.31 -22.27 21.34
CA THR E 309 -28.56 -21.79 22.70
C THR E 309 -29.20 -22.88 23.55
N GLY E 310 -28.70 -23.05 24.77
CA GLY E 310 -29.26 -24.04 25.68
C GLY E 310 -30.45 -23.52 26.46
N ASP E 311 -30.39 -23.60 27.79
CA ASP E 311 -31.49 -23.18 28.65
C ASP E 311 -30.99 -22.19 29.69
N ILE E 312 -31.93 -21.65 30.47
CA ILE E 312 -31.63 -20.60 31.43
C ILE E 312 -32.10 -21.05 32.82
N ILE E 313 -31.25 -20.86 33.82
CA ILE E 313 -31.61 -21.14 35.21
C ILE E 313 -32.44 -20.00 35.77
N GLY E 314 -33.59 -20.34 36.35
CA GLY E 314 -34.35 -19.40 37.14
C GLY E 314 -35.29 -18.50 36.37
N ASP E 315 -35.13 -17.21 36.55
CA ASP E 315 -36.09 -16.26 36.01
C ASP E 315 -35.72 -15.85 34.59
N ILE E 316 -36.59 -15.07 33.99
CA ILE E 316 -36.38 -14.50 32.67
C ILE E 316 -36.57 -13.00 32.82
N ARG E 317 -35.48 -12.26 32.85
CA ARG E 317 -35.54 -10.85 33.19
C ARG E 317 -35.28 -10.00 31.96
N GLN E 318 -35.16 -8.69 32.17
CA GLN E 318 -35.10 -7.72 31.09
C GLN E 318 -33.85 -6.85 31.28
N ALA E 319 -33.00 -6.81 30.26
CA ALA E 319 -31.78 -6.03 30.36
C ALA E 319 -32.10 -4.55 30.25
N HIS E 320 -31.26 -3.74 30.90
CA HIS E 320 -31.54 -2.33 31.05
C HIS E 320 -30.27 -1.59 31.45
N CYS E 321 -30.39 -0.27 31.52
CA CYS E 321 -29.29 0.60 31.93
C CYS E 321 -29.76 1.52 33.05
N THR E 322 -28.78 2.07 33.78
CA THR E 322 -29.10 2.90 34.94
C THR E 322 -28.05 3.99 35.08
N VAL E 323 -28.51 5.24 35.20
CA VAL E 323 -27.63 6.40 35.33
C VAL E 323 -28.06 7.22 36.54
N SER E 324 -27.29 8.27 36.81
CA SER E 324 -27.64 9.28 37.79
C SER E 324 -28.74 10.19 37.25
N LYS E 325 -29.19 11.13 38.06
CA LYS E 325 -30.25 12.04 37.64
C LYS E 325 -29.84 13.50 37.68
N ALA E 326 -29.25 13.95 38.78
CA ALA E 326 -29.02 15.37 38.96
C ALA E 326 -27.87 15.87 38.10
N THR E 327 -26.86 15.02 37.87
CA THR E 327 -25.76 15.39 37.00
C THR E 327 -26.24 15.58 35.57
N TRP E 328 -27.23 14.78 35.17
CA TRP E 328 -27.90 14.98 33.88
C TRP E 328 -28.56 16.35 33.81
N ASN E 329 -29.23 16.76 34.88
CA ASN E 329 -29.89 18.06 34.92
C ASN E 329 -28.90 19.20 34.85
N GLU E 330 -27.81 19.10 35.61
CA GLU E 330 -26.77 20.12 35.57
C GLU E 330 -26.08 20.18 34.21
N THR E 331 -25.93 19.00 33.59
CA THR E 331 -25.30 18.93 32.28
C THR E 331 -26.15 19.64 31.24
N LEU E 332 -27.46 19.39 31.25
CA LEU E 332 -28.34 20.05 30.30
C LEU E 332 -28.49 21.53 30.60
N GLY E 333 -28.34 21.92 31.88
CA GLY E 333 -28.29 23.33 32.20
C GLY E 333 -27.09 24.03 31.58
N LYS E 334 -25.92 23.40 31.67
CA LYS E 334 -24.72 23.96 31.03
C LYS E 334 -24.86 23.98 29.52
N VAL E 335 -25.54 22.97 28.97
CA VAL E 335 -25.79 22.89 27.54
C VAL E 335 -26.64 24.07 27.07
N VAL E 336 -27.76 24.33 27.76
CA VAL E 336 -28.60 25.43 27.31
C VAL E 336 -27.97 26.79 27.63
N LYS E 337 -27.08 26.85 28.63
CA LYS E 337 -26.28 28.06 28.83
C LYS E 337 -25.41 28.36 27.62
N GLN E 338 -24.79 27.34 27.05
CA GLN E 338 -24.02 27.60 25.84
C GLN E 338 -24.92 27.79 24.63
N LEU E 339 -26.11 27.18 24.64
CA LEU E 339 -27.02 27.28 23.50
C LEU E 339 -27.59 28.68 23.35
N ARG E 340 -27.81 29.39 24.46
CA ARG E 340 -28.34 30.73 24.37
C ARG E 340 -27.33 31.73 23.82
N LYS E 341 -26.07 31.35 23.65
CA LYS E 341 -25.06 32.24 23.13
C LYS E 341 -25.15 32.44 21.62
N HIS E 342 -25.97 31.68 20.91
CA HIS E 342 -26.05 31.79 19.46
C HIS E 342 -27.46 31.85 18.91
N PHE E 343 -28.45 31.36 19.62
CA PHE E 343 -29.83 31.51 19.22
C PHE E 343 -30.48 32.59 20.06
N GLY E 344 -31.81 32.71 19.92
CA GLY E 344 -32.58 33.60 20.77
C GLY E 344 -32.55 33.09 22.19
N ASN E 345 -32.12 33.93 23.13
CA ASN E 345 -31.96 33.50 24.51
C ASN E 345 -33.31 33.23 25.17
N ASN E 346 -34.28 34.09 24.90
CA ASN E 346 -35.62 33.95 25.43
C ASN E 346 -36.50 33.08 24.56
N THR E 347 -35.94 32.56 23.47
CA THR E 347 -36.65 31.53 22.71
C THR E 347 -36.69 30.26 23.55
N ILE E 348 -37.85 29.59 23.53
CA ILE E 348 -38.07 28.40 24.34
C ILE E 348 -37.17 27.26 23.86
N ILE E 349 -36.42 26.69 24.79
CA ILE E 349 -35.51 25.58 24.49
C ILE E 349 -36.16 24.30 25.01
N ARG E 350 -36.38 23.34 24.12
CA ARG E 350 -37.09 22.12 24.45
C ARG E 350 -36.42 20.92 23.81
N PHE E 351 -36.80 19.74 24.27
CA PHE E 351 -36.38 18.47 23.70
C PHE E 351 -37.58 17.67 23.23
N ALA E 352 -37.44 17.06 22.06
CA ALA E 352 -38.44 16.16 21.53
C ALA E 352 -37.98 14.72 21.69
N ASN E 353 -38.78 13.79 21.18
CA ASN E 353 -38.38 12.40 21.14
C ASN E 353 -37.69 12.17 19.79
N SER E 354 -37.46 10.91 19.44
CA SER E 354 -37.06 10.59 18.08
C SER E 354 -38.23 10.84 17.13
N SER E 355 -37.90 11.29 15.93
CA SER E 355 -38.89 11.58 14.90
C SER E 355 -39.28 10.35 14.09
N GLY E 356 -38.82 9.18 14.49
CA GLY E 356 -39.11 7.97 13.74
C GLY E 356 -38.13 7.75 12.60
N GLY E 357 -38.41 6.71 11.84
CA GLY E 357 -37.55 6.33 10.74
C GLY E 357 -37.12 4.88 10.83
N ASP E 358 -35.82 4.66 11.01
CA ASP E 358 -35.26 3.32 11.04
C ASP E 358 -34.99 2.91 12.49
N LEU E 359 -34.94 1.59 12.70
CA LEU E 359 -34.62 1.04 14.02
C LEU E 359 -33.19 1.34 14.43
N GLU E 360 -32.30 1.53 13.46
CA GLU E 360 -30.87 1.75 13.74
C GLU E 360 -30.64 3.06 14.47
N VAL E 361 -31.01 4.18 13.85
CA VAL E 361 -30.80 5.48 14.48
C VAL E 361 -31.79 5.77 15.60
N THR E 362 -32.80 4.91 15.79
CA THR E 362 -33.74 5.10 16.88
C THR E 362 -33.10 4.76 18.22
N THR E 363 -32.58 3.55 18.36
CA THR E 363 -32.08 3.08 19.64
C THR E 363 -30.66 3.60 19.88
N HIS E 364 -30.01 3.05 20.90
CA HIS E 364 -28.63 3.41 21.23
C HIS E 364 -27.78 2.16 21.19
N SER E 365 -27.06 1.99 20.08
CA SER E 365 -26.18 0.84 19.92
C SER E 365 -24.94 0.99 20.77
N PHE E 366 -24.47 -0.12 21.34
CA PHE E 366 -23.15 -0.18 21.95
C PHE E 366 -22.71 -1.63 22.05
N ASN E 367 -21.47 -1.82 22.49
CA ASN E 367 -20.75 -3.08 22.40
C ASN E 367 -20.10 -3.42 23.74
N CYS E 368 -20.87 -3.39 24.81
CA CYS E 368 -20.40 -3.92 26.07
C CYS E 368 -20.47 -5.44 26.05
N GLY E 369 -19.42 -6.08 26.59
CA GLY E 369 -19.40 -7.52 26.70
C GLY E 369 -19.30 -8.27 25.40
N GLY E 370 -18.89 -7.61 24.33
CA GLY E 370 -18.84 -8.28 23.04
C GLY E 370 -20.20 -8.60 22.48
N GLU E 371 -21.20 -7.78 22.79
CA GLU E 371 -22.54 -8.03 22.27
C GLU E 371 -23.21 -6.67 22.07
N PHE E 372 -24.22 -6.65 21.22
CA PHE E 372 -24.78 -5.43 20.67
C PHE E 372 -26.15 -5.19 21.30
N PHE E 373 -26.30 -4.07 22.00
CA PHE E 373 -27.52 -3.77 22.71
C PHE E 373 -28.21 -2.56 22.08
N TYR E 374 -29.52 -2.65 21.89
CA TYR E 374 -30.33 -1.57 21.34
C TYR E 374 -31.30 -1.11 22.41
N CYS E 375 -31.21 0.15 22.79
CA CYS E 375 -31.86 0.67 23.97
C CYS E 375 -33.00 1.61 23.59
N ASN E 376 -34.17 1.35 24.16
CA ASN E 376 -35.31 2.26 24.07
C ASN E 376 -35.03 3.48 24.94
N THR E 377 -34.62 4.59 24.32
CA THR E 377 -34.13 5.74 25.03
C THR E 377 -35.03 6.96 24.87
N SER E 378 -36.34 6.76 24.97
CA SER E 378 -37.24 7.91 24.88
C SER E 378 -37.30 8.71 26.17
N GLY E 379 -36.77 8.18 27.28
CA GLY E 379 -36.93 8.86 28.55
C GLY E 379 -35.98 10.03 28.74
N LEU E 380 -34.76 9.93 28.23
CA LEU E 380 -33.74 10.92 28.53
C LEU E 380 -33.93 12.25 27.82
N PHE E 381 -34.84 12.34 26.85
CA PHE E 381 -34.92 13.54 26.01
C PHE E 381 -36.28 14.20 26.16
N ASN E 382 -36.72 14.35 27.41
CA ASN E 382 -38.07 14.81 27.74
C ASN E 382 -37.94 15.98 28.72
N SER E 383 -37.79 17.20 28.20
CA SER E 383 -37.66 18.36 29.07
C SER E 383 -37.97 19.62 28.29
N THR E 384 -38.44 20.63 29.02
CA THR E 384 -38.60 21.99 28.51
C THR E 384 -37.78 22.93 29.38
N TRP E 385 -37.29 24.03 28.80
CA TRP E 385 -36.48 24.97 29.54
C TRP E 385 -36.78 26.40 29.10
N ILE E 386 -37.03 27.27 30.07
CA ILE E 386 -37.30 28.67 29.82
C ILE E 386 -36.07 29.47 30.27
N SER E 387 -35.91 30.66 29.70
CA SER E 387 -34.83 31.54 30.09
C SER E 387 -35.14 32.23 31.43
N ASP E 401 -32.96 9.28 42.09
CA ASP E 401 -31.65 9.57 41.52
C ASP E 401 -31.34 8.60 40.39
N SER E 402 -32.04 7.48 40.37
CA SER E 402 -31.81 6.42 39.39
C SER E 402 -32.82 6.52 38.26
N ILE E 403 -32.36 6.21 37.04
CA ILE E 403 -33.17 6.28 35.83
C ILE E 403 -33.06 4.95 35.10
N THR E 404 -34.20 4.33 34.81
CA THR E 404 -34.25 3.01 34.19
C THR E 404 -34.54 3.16 32.70
N LEU E 405 -33.74 2.49 31.88
CA LEU E 405 -33.95 2.47 30.43
C LEU E 405 -33.83 1.04 29.93
N PRO E 406 -34.92 0.41 29.51
CA PRO E 406 -34.84 -0.95 28.99
C PRO E 406 -34.18 -0.99 27.62
N CYS E 407 -33.53 -2.11 27.34
CA CYS E 407 -32.78 -2.29 26.11
C CYS E 407 -33.12 -3.63 25.49
N ARG E 408 -32.86 -3.75 24.20
CA ARG E 408 -33.08 -4.99 23.46
C ARG E 408 -31.81 -5.40 22.74
N ILE E 409 -31.76 -6.68 22.38
CA ILE E 409 -30.58 -7.29 21.76
C ILE E 409 -31.00 -7.88 20.42
N LYS E 410 -30.14 -7.75 19.42
CA LYS E 410 -30.30 -8.50 18.18
C LYS E 410 -29.18 -9.52 18.01
N GLN E 411 -29.40 -10.47 17.11
CA GLN E 411 -28.41 -11.47 16.76
C GLN E 411 -27.85 -11.27 15.36
N ILE E 412 -28.71 -11.07 14.36
CA ILE E 412 -28.26 -10.87 12.99
C ILE E 412 -28.04 -9.38 12.79
N ILE E 413 -26.80 -9.00 12.54
CA ILE E 413 -26.34 -7.62 12.69
C ILE E 413 -25.90 -7.10 11.34
N ASN E 414 -26.65 -6.17 10.77
CA ASN E 414 -26.28 -5.58 9.49
C ASN E 414 -24.79 -5.22 9.46
N MET E 415 -24.51 -3.96 9.17
CA MET E 415 -23.14 -3.45 9.13
C MET E 415 -23.19 -1.94 9.25
N TRP E 416 -22.16 -1.26 8.76
CA TRP E 416 -22.13 0.19 8.82
C TRP E 416 -23.34 0.69 8.04
N GLN E 417 -23.44 0.25 6.79
CA GLN E 417 -24.53 0.60 5.89
C GLN E 417 -24.50 -0.32 4.68
N ARG E 418 -24.41 -1.63 4.91
CA ARG E 418 -24.34 -2.56 3.81
C ARG E 418 -25.39 -3.65 3.98
N ILE E 419 -26.00 -4.06 2.87
CA ILE E 419 -26.92 -5.19 2.86
C ILE E 419 -26.30 -6.39 2.15
N GLY E 420 -24.97 -6.41 2.04
CA GLY E 420 -24.29 -7.50 1.37
C GLY E 420 -23.75 -8.55 2.31
N GLN E 421 -23.80 -8.31 3.61
CA GLN E 421 -23.27 -9.24 4.59
C GLN E 421 -24.31 -9.49 5.67
N ALA E 422 -23.99 -10.46 6.55
CA ALA E 422 -24.82 -10.78 7.71
C ALA E 422 -23.96 -11.60 8.67
N MET E 423 -23.85 -11.16 9.91
CA MET E 423 -23.03 -11.84 10.91
C MET E 423 -23.94 -12.37 12.02
N TYR E 424 -23.62 -13.57 12.50
CA TYR E 424 -24.38 -14.23 13.57
C TYR E 424 -23.43 -14.49 14.74
N ALA E 425 -23.46 -13.61 15.72
CA ALA E 425 -22.62 -13.77 16.90
C ALA E 425 -23.13 -14.95 17.74
N PRO E 426 -22.23 -15.72 18.34
CA PRO E 426 -22.68 -16.82 19.18
C PRO E 426 -23.22 -16.30 20.50
N PRO E 427 -24.18 -17.01 21.11
CA PRO E 427 -24.70 -16.57 22.42
C PRO E 427 -23.66 -16.79 23.50
N ILE E 428 -23.32 -15.72 24.20
CA ILE E 428 -22.25 -15.75 25.19
C ILE E 428 -22.80 -16.26 26.51
N GLN E 429 -22.21 -17.35 27.02
CA GLN E 429 -22.67 -17.97 28.24
C GLN E 429 -22.32 -17.11 29.45
N GLY E 430 -23.28 -16.94 30.35
CA GLY E 430 -22.98 -16.28 31.62
C GLY E 430 -23.73 -14.99 31.86
N VAL E 431 -23.13 -14.11 32.67
CA VAL E 431 -23.73 -12.83 33.03
C VAL E 431 -22.73 -11.73 32.66
N ILE E 432 -23.22 -10.67 32.03
CA ILE E 432 -22.39 -9.62 31.46
C ILE E 432 -22.71 -8.31 32.16
N ARG E 433 -21.69 -7.66 32.71
CA ARG E 433 -21.81 -6.31 33.23
C ARG E 433 -20.84 -5.39 32.52
N CYS E 434 -21.19 -4.10 32.48
CA CYS E 434 -20.39 -3.11 31.76
C CYS E 434 -20.56 -1.75 32.39
N VAL E 435 -19.44 -1.08 32.65
CA VAL E 435 -19.41 0.29 33.12
C VAL E 435 -18.67 1.10 32.08
N SER E 436 -19.17 2.30 31.76
CA SER E 436 -18.51 3.12 30.77
C SER E 436 -18.78 4.59 31.08
N ASN E 437 -18.01 5.45 30.43
CA ASN E 437 -18.22 6.88 30.53
C ASN E 437 -19.07 7.39 29.37
N ILE E 438 -19.51 8.64 29.48
CA ILE E 438 -20.29 9.31 28.45
C ILE E 438 -19.67 10.68 28.23
N THR E 439 -19.33 11.00 26.98
CA THR E 439 -18.63 12.25 26.67
C THR E 439 -19.37 13.17 25.73
N GLY E 440 -20.16 12.65 24.79
CA GLY E 440 -20.69 13.47 23.72
C GLY E 440 -22.06 13.05 23.24
N LEU E 441 -22.70 13.98 22.52
CA LEU E 441 -24.05 13.80 22.00
C LEU E 441 -24.16 14.37 20.60
N ILE E 442 -25.26 14.02 19.92
CA ILE E 442 -25.50 14.37 18.53
C ILE E 442 -26.90 14.96 18.41
N LEU E 443 -27.00 16.17 17.88
CA LEU E 443 -28.26 16.90 17.87
C LEU E 443 -28.61 17.40 16.48
N THR E 444 -29.91 17.47 16.23
CA THR E 444 -30.50 18.01 15.00
C THR E 444 -31.41 19.18 15.37
N ARG E 445 -32.01 19.79 14.33
CA ARG E 445 -32.84 20.97 14.54
C ARG E 445 -33.77 21.13 13.35
N ASP E 446 -35.04 21.43 13.63
CA ASP E 446 -36.00 21.75 12.58
C ASP E 446 -35.85 23.21 12.16
N GLY E 447 -36.80 23.70 11.37
CA GLY E 447 -36.77 25.08 10.94
C GLY E 447 -38.12 25.75 11.04
N GLY E 448 -38.51 26.50 10.01
CA GLY E 448 -39.75 27.23 10.04
C GLY E 448 -39.68 28.39 11.02
N SER E 449 -38.91 29.43 10.69
CA SER E 449 -38.64 30.53 11.60
C SER E 449 -39.90 31.38 11.74
N THR E 450 -40.83 30.88 12.56
CA THR E 450 -42.10 31.54 12.81
C THR E 450 -41.97 32.34 14.11
N ASN E 451 -41.33 33.51 13.97
CA ASN E 451 -41.22 34.54 15.02
C ASN E 451 -40.44 34.06 16.24
N SER E 452 -39.53 33.10 16.03
CA SER E 452 -38.51 32.66 17.00
C SER E 452 -39.13 32.13 18.30
N THR E 453 -39.82 31.00 18.16
CA THR E 453 -40.41 30.33 19.30
C THR E 453 -40.16 28.83 19.25
N THR E 454 -39.99 28.24 20.44
CA THR E 454 -40.09 26.81 20.71
C THR E 454 -39.08 25.99 19.90
N GLU E 455 -37.80 26.19 20.27
CA GLU E 455 -36.74 25.35 19.73
C GLU E 455 -36.82 23.96 20.36
N THR E 456 -37.01 22.95 19.53
CA THR E 456 -37.11 21.56 19.97
C THR E 456 -36.05 20.74 19.24
N PHE E 457 -35.31 19.93 19.99
CA PHE E 457 -34.24 19.13 19.41
C PHE E 457 -34.59 17.65 19.51
N ARG E 458 -33.90 16.87 18.68
CA ARG E 458 -34.14 15.44 18.46
C ARG E 458 -32.82 14.69 18.44
N PRO E 459 -32.83 13.35 18.53
CA PRO E 459 -31.59 12.60 18.29
C PRO E 459 -31.17 12.60 16.83
N GLY E 460 -30.08 11.89 16.53
CA GLY E 460 -29.56 11.83 15.17
C GLY E 460 -28.45 10.81 15.00
N GLY E 461 -27.35 11.20 14.36
CA GLY E 461 -26.18 10.36 14.28
C GLY E 461 -26.22 9.25 13.24
N GLY E 462 -26.28 9.61 11.96
CA GLY E 462 -26.34 8.62 10.92
C GLY E 462 -25.03 7.90 10.64
N ASP E 463 -24.04 8.62 10.14
CA ASP E 463 -22.81 8.01 9.67
C ASP E 463 -21.72 8.13 10.72
N MET E 464 -20.75 7.24 10.64
CA MET E 464 -19.69 7.17 11.64
C MET E 464 -18.57 8.17 11.39
N ARG E 465 -18.62 8.89 10.27
CA ARG E 465 -17.59 9.88 10.00
C ARG E 465 -17.65 11.05 10.96
N ASP E 466 -18.85 11.38 11.43
CA ASP E 466 -18.97 12.39 12.47
C ASP E 466 -18.36 11.90 13.78
N ASN E 467 -18.56 10.61 14.08
CA ASN E 467 -17.96 10.00 15.25
C ASN E 467 -16.44 10.00 15.18
N TRP E 468 -15.88 9.92 13.99
CA TRP E 468 -14.44 9.95 13.87
C TRP E 468 -13.90 11.33 13.57
N ARG E 469 -14.77 12.32 13.40
CA ARG E 469 -14.31 13.71 13.50
C ARG E 469 -14.35 14.18 14.93
N SER E 470 -15.07 13.48 15.80
CA SER E 470 -15.19 13.86 17.20
C SER E 470 -13.84 13.81 17.90
N GLU E 471 -13.03 12.82 17.58
CA GLU E 471 -11.69 12.75 18.13
C GLU E 471 -10.70 13.53 17.29
N LEU E 472 -10.89 13.56 15.98
CA LEU E 472 -9.90 14.09 15.06
C LEU E 472 -10.16 15.53 14.67
N TYR E 473 -10.70 16.34 15.57
CA TYR E 473 -11.05 17.71 15.24
C TYR E 473 -9.86 18.66 15.31
N LYS E 474 -8.62 18.17 15.30
CA LYS E 474 -7.49 19.05 15.50
C LYS E 474 -6.42 18.92 14.42
N TYR E 475 -6.28 17.73 13.85
CA TYR E 475 -5.04 17.37 13.19
C TYR E 475 -5.06 17.72 11.70
N LYS E 476 -3.85 17.93 11.16
CA LYS E 476 -3.67 18.39 9.79
C LYS E 476 -2.31 17.92 9.31
N VAL E 477 -2.22 17.57 8.02
CA VAL E 477 -1.04 16.96 7.43
C VAL E 477 -0.36 17.97 6.51
N VAL E 478 0.96 18.06 6.59
CA VAL E 478 1.73 19.07 5.87
C VAL E 478 2.86 18.41 5.10
N LYS E 479 2.92 18.68 3.81
CA LYS E 479 4.07 18.28 2.99
C LYS E 479 5.20 19.30 3.16
N ILE E 480 6.44 18.83 3.16
CA ILE E 480 7.61 19.66 3.44
C ILE E 480 8.35 19.93 2.15
N GLU E 481 8.68 21.21 1.91
CA GLU E 481 9.50 21.61 0.77
C GLU E 481 10.87 22.06 1.24
N PRO E 482 11.90 21.25 1.08
CA PRO E 482 13.22 21.66 1.59
C PRO E 482 13.92 22.67 0.73
N LEU E 483 13.60 22.75 -0.55
CA LEU E 483 14.38 23.57 -1.46
C LEU E 483 13.90 25.02 -1.40
N GLY E 484 14.73 25.94 -1.86
CA GLY E 484 14.35 27.34 -1.95
C GLY E 484 15.51 28.24 -2.31
N VAL E 485 15.23 29.42 -2.87
CA VAL E 485 16.26 30.36 -3.30
C VAL E 485 15.93 31.76 -2.79
N ALA E 486 16.93 32.64 -2.85
CA ALA E 486 16.80 34.03 -2.45
C ALA E 486 17.98 34.80 -3.02
N PRO E 487 17.81 36.08 -3.36
CA PRO E 487 18.93 36.87 -3.88
C PRO E 487 19.92 37.25 -2.80
N THR E 488 21.03 37.84 -3.23
CA THR E 488 22.16 38.17 -2.36
C THR E 488 23.05 39.18 -3.07
N ARG E 489 24.15 39.54 -2.40
CA ARG E 489 25.17 40.40 -2.98
C ARG E 489 26.45 39.65 -3.39
N ALA E 490 26.53 38.34 -3.13
CA ALA E 490 27.73 37.59 -3.43
C ALA E 490 27.76 37.20 -4.91
N LYS E 491 28.82 36.51 -5.32
CA LYS E 491 28.99 36.11 -6.71
C LYS E 491 30.03 35.00 -6.77
N ARG E 492 29.76 33.99 -7.60
CA ARG E 492 30.69 32.87 -7.75
C ARG E 492 31.94 33.34 -8.48
N ARG E 493 33.07 32.69 -8.17
CA ARG E 493 34.39 33.22 -8.48
C ARG E 493 35.20 32.16 -9.23
N VAL E 494 35.88 32.59 -10.30
CA VAL E 494 36.68 31.68 -11.11
C VAL E 494 38.10 31.58 -10.56
N ALA F 7 10.41 7.14 34.77
CA ALA F 7 11.69 7.19 35.45
C ALA F 7 12.72 7.91 34.59
N VAL F 8 12.33 9.07 34.06
CA VAL F 8 13.15 9.79 33.09
C VAL F 8 13.27 11.24 33.46
N GLY F 9 14.24 11.91 32.83
CA GLY F 9 14.36 13.34 32.91
C GLY F 9 14.59 13.91 31.51
N ILE F 10 14.54 15.23 31.42
CA ILE F 10 14.68 15.92 30.14
C ILE F 10 15.75 17.00 30.24
N GLY F 11 16.66 17.00 29.25
CA GLY F 11 17.90 17.75 29.29
C GLY F 11 18.22 18.51 28.02
N ALA F 12 17.24 19.24 27.48
CA ALA F 12 17.29 19.83 26.13
C ALA F 12 18.52 20.70 25.89
N VAL F 13 19.17 20.47 24.74
CA VAL F 13 20.40 21.17 24.38
C VAL F 13 20.25 21.87 23.04
N PHE F 14 19.89 21.12 22.01
CA PHE F 14 19.90 21.62 20.65
C PHE F 14 18.52 22.09 20.23
N LEU F 15 18.44 22.58 19.00
CA LEU F 15 17.26 23.23 18.47
C LEU F 15 16.15 22.22 18.22
N GLY F 16 14.96 22.74 18.02
CA GLY F 16 13.83 21.90 17.70
C GLY F 16 13.74 21.58 16.22
N PHE F 17 13.00 20.51 15.93
CA PHE F 17 12.63 20.23 14.55
C PHE F 17 11.65 21.29 14.08
N LEU F 18 12.07 22.07 13.08
CA LEU F 18 11.32 23.21 12.54
C LEU F 18 10.97 24.24 13.60
N GLY F 19 11.85 24.39 14.60
CA GLY F 19 11.59 25.39 15.62
C GLY F 19 11.76 26.80 15.12
N ALA F 20 12.70 27.00 14.21
CA ALA F 20 13.05 28.34 13.73
C ALA F 20 12.10 28.87 12.67
N ALA F 21 10.99 28.17 12.40
CA ALA F 21 10.10 28.54 11.31
C ALA F 21 9.38 29.86 11.55
N GLY F 22 9.20 30.24 12.80
CA GLY F 22 8.61 31.52 13.11
C GLY F 22 9.61 32.64 13.28
N SER F 23 10.88 32.39 12.99
CA SER F 23 11.91 33.40 13.11
C SER F 23 12.21 34.01 11.74
N THR F 24 13.10 34.99 11.74
CA THR F 24 13.40 35.72 10.52
C THR F 24 14.44 34.94 9.72
N MET F 25 14.42 35.15 8.40
CA MET F 25 15.16 34.33 7.44
C MET F 25 16.66 34.35 7.68
N GLY F 26 17.25 35.55 7.79
CA GLY F 26 18.68 35.68 8.00
C GLY F 26 19.16 35.15 9.33
N ALA F 27 18.27 34.99 10.30
CA ALA F 27 18.60 34.34 11.56
C ALA F 27 18.27 32.86 11.55
N ALA F 28 17.16 32.47 10.91
CA ALA F 28 16.78 31.06 10.86
C ALA F 28 17.56 30.28 9.82
N SER F 29 18.49 30.91 9.11
CA SER F 29 19.36 30.21 8.19
C SER F 29 20.40 29.32 8.87
N MET F 30 20.51 29.36 10.20
CA MET F 30 21.57 28.64 10.88
C MET F 30 21.11 27.35 11.51
N THR F 31 19.86 26.93 11.27
CA THR F 31 19.34 25.67 11.77
C THR F 31 19.03 24.69 10.66
N LEU F 32 19.62 24.87 9.48
CA LEU F 32 19.31 24.08 8.30
C LEU F 32 19.72 22.63 8.42
N THR F 33 20.53 22.29 9.42
CA THR F 33 21.06 20.95 9.51
C THR F 33 19.99 19.96 9.93
N VAL F 34 19.11 20.38 10.83
CA VAL F 34 18.25 19.46 11.58
C VAL F 34 17.24 18.79 10.66
N GLN F 35 16.78 19.53 9.66
CA GLN F 35 15.79 19.01 8.71
C GLN F 35 16.38 17.88 7.89
N ALA F 36 17.52 18.11 7.26
CA ALA F 36 18.19 17.07 6.49
C ALA F 36 18.70 15.96 7.39
N ARG F 37 18.94 16.25 8.66
CA ARG F 37 19.18 15.19 9.63
C ARG F 37 17.95 14.33 9.81
N ASN F 38 16.77 14.91 9.65
CA ASN F 38 15.57 14.14 9.95
C ASN F 38 14.69 13.95 8.72
N LEU F 39 15.28 13.52 7.61
CA LEU F 39 14.49 13.25 6.41
C LEU F 39 14.22 11.76 6.16
N LEU F 40 15.08 10.85 6.62
CA LEU F 40 14.98 9.46 6.20
C LEU F 40 15.01 8.51 7.38
N SER F 41 14.21 8.79 8.40
CA SER F 41 14.14 7.91 9.57
C SER F 41 12.68 7.84 10.00
N GLY F 42 12.44 7.36 11.21
CA GLY F 42 11.10 7.12 11.72
C GLY F 42 10.84 5.65 11.99
N ILE F 43 11.46 4.76 11.21
CA ILE F 43 11.57 3.36 11.60
C ILE F 43 12.70 3.13 12.59
N VAL F 44 13.44 4.19 12.93
CA VAL F 44 14.52 4.15 13.90
C VAL F 44 13.98 3.93 15.31
N THR F 64 0.74 -8.48 5.45
CA THR F 64 -0.58 -7.87 5.58
C THR F 64 -0.58 -6.42 5.13
N VAL F 65 -1.70 -5.73 5.35
CA VAL F 65 -1.94 -4.42 4.77
C VAL F 65 -1.01 -3.35 5.34
N TRP F 66 -0.59 -3.52 6.59
CA TRP F 66 0.17 -2.49 7.26
C TRP F 66 1.59 -2.40 6.73
N GLY F 67 2.26 -3.53 6.57
CA GLY F 67 3.57 -3.53 5.93
C GLY F 67 3.53 -3.08 4.49
N ILE F 68 2.39 -3.32 3.81
CA ILE F 68 2.20 -2.81 2.46
C ILE F 68 2.28 -1.30 2.45
N LYS F 69 1.54 -0.64 3.34
CA LYS F 69 1.63 0.80 3.30
C LYS F 69 2.91 1.33 3.94
N GLN F 70 3.58 0.55 4.79
CA GLN F 70 4.92 0.88 5.25
C GLN F 70 5.90 1.01 4.07
N LEU F 71 5.93 -0.02 3.23
CA LEU F 71 6.82 -0.02 2.08
C LEU F 71 6.43 1.08 1.10
N GLN F 72 5.13 1.34 0.99
CA GLN F 72 4.63 2.46 0.20
C GLN F 72 5.23 3.78 0.66
N ALA F 73 5.20 4.02 1.98
CA ALA F 73 5.73 5.26 2.54
C ALA F 73 7.25 5.37 2.33
N ARG F 74 7.95 4.26 2.54
CA ARG F 74 9.40 4.26 2.41
C ARG F 74 9.84 4.54 0.98
N VAL F 75 9.12 3.97 0.02
CA VAL F 75 9.39 4.23 -1.40
C VAL F 75 9.16 5.70 -1.74
N LEU F 76 8.07 6.29 -1.20
CA LEU F 76 7.81 7.70 -1.47
C LEU F 76 8.91 8.60 -0.94
N ALA F 77 9.41 8.29 0.27
CA ALA F 77 10.50 9.07 0.85
C ALA F 77 11.76 8.97 0.00
N VAL F 78 12.09 7.75 -0.45
CA VAL F 78 13.24 7.53 -1.32
C VAL F 78 13.13 8.36 -2.59
N GLU F 79 11.94 8.37 -3.18
CA GLU F 79 11.74 9.06 -4.46
C GLU F 79 11.92 10.56 -4.31
N ARG F 80 11.37 11.15 -3.25
CA ARG F 80 11.52 12.60 -3.11
C ARG F 80 12.95 12.99 -2.81
N TYR F 81 13.64 12.20 -1.98
CA TYR F 81 15.02 12.55 -1.65
C TYR F 81 15.93 12.44 -2.86
N LEU F 82 15.73 11.42 -3.68
CA LEU F 82 16.54 11.29 -4.89
C LEU F 82 16.23 12.38 -5.89
N ARG F 83 14.96 12.80 -5.97
CA ARG F 83 14.58 13.88 -6.87
C ARG F 83 15.32 15.17 -6.49
N ASP F 84 15.34 15.50 -5.21
CA ASP F 84 15.98 16.74 -4.82
C ASP F 84 17.49 16.65 -4.90
N GLN F 85 18.07 15.47 -4.66
CA GLN F 85 19.52 15.36 -4.85
C GLN F 85 19.90 15.43 -6.32
N GLN F 86 19.05 14.93 -7.21
CA GLN F 86 19.31 15.09 -8.64
C GLN F 86 19.28 16.55 -9.05
N LEU F 87 18.28 17.29 -8.54
CA LEU F 87 18.22 18.72 -8.82
C LEU F 87 19.41 19.46 -8.23
N LEU F 88 19.96 18.98 -7.13
CA LEU F 88 21.21 19.53 -6.64
C LEU F 88 22.36 19.21 -7.60
N GLY F 89 22.41 17.97 -8.06
CA GLY F 89 23.57 17.51 -8.79
C GLY F 89 23.71 18.10 -10.17
N ILE F 90 22.58 18.39 -10.82
CA ILE F 90 22.63 18.97 -12.16
C ILE F 90 23.19 20.39 -12.08
N TRP F 91 22.81 21.14 -11.06
CA TRP F 91 23.45 22.41 -10.79
C TRP F 91 24.88 22.18 -10.30
N GLY F 92 25.66 23.25 -10.35
CA GLY F 92 27.02 23.21 -9.83
C GLY F 92 27.09 23.58 -8.37
N CYS F 93 26.10 23.12 -7.62
CA CYS F 93 25.99 23.35 -6.20
C CYS F 93 25.62 22.03 -5.53
N SER F 94 26.32 20.99 -5.92
CA SER F 94 26.03 19.64 -5.44
C SER F 94 26.90 19.29 -4.25
N GLY F 95 26.44 18.32 -3.48
CA GLY F 95 27.19 17.85 -2.33
C GLY F 95 27.16 18.78 -1.14
N LYS F 96 27.71 19.97 -1.31
CA LYS F 96 27.81 20.94 -0.24
C LYS F 96 26.44 21.56 0.06
N LEU F 97 26.42 22.42 1.07
CA LEU F 97 25.30 23.30 1.37
C LEU F 97 25.45 24.58 0.55
N ILE F 98 24.82 25.66 1.00
CA ILE F 98 24.56 26.91 0.28
C ILE F 98 25.78 27.46 -0.46
N CYS F 99 25.54 28.08 -1.61
CA CYS F 99 26.64 28.43 -2.50
C CYS F 99 26.26 29.67 -3.28
N THR F 100 26.99 29.93 -4.35
CA THR F 100 26.83 31.11 -5.18
C THR F 100 26.63 30.68 -6.63
N THR F 101 26.49 31.67 -7.49
CA THR F 101 26.32 31.43 -8.93
C THR F 101 26.75 32.70 -9.67
N ASN F 102 26.44 32.77 -10.96
CA ASN F 102 26.80 33.92 -11.77
C ASN F 102 25.60 34.49 -12.53
N VAL F 103 24.38 34.20 -12.11
CA VAL F 103 23.18 34.72 -12.74
C VAL F 103 22.80 36.03 -12.04
N PRO F 104 22.88 37.17 -12.71
CA PRO F 104 22.47 38.43 -12.08
C PRO F 104 20.96 38.47 -11.90
N TRP F 105 20.54 39.13 -10.82
CA TRP F 105 19.14 39.18 -10.45
C TRP F 105 18.34 40.05 -11.40
N ASN F 106 17.16 39.58 -11.78
CA ASN F 106 16.21 40.37 -12.55
C ASN F 106 15.19 40.94 -11.58
N SER F 107 14.98 42.24 -11.64
CA SER F 107 14.10 42.91 -10.69
C SER F 107 12.64 42.86 -11.10
N SER F 108 12.26 41.97 -12.02
CA SER F 108 10.88 41.85 -12.42
C SER F 108 10.06 40.98 -11.46
N TRP F 109 10.67 40.49 -10.39
CA TRP F 109 10.07 39.50 -9.52
C TRP F 109 9.72 40.09 -8.16
N SER F 110 10.68 40.74 -7.51
CA SER F 110 10.39 41.67 -6.44
C SER F 110 11.41 42.80 -6.52
N ASN F 111 11.20 43.82 -5.68
CA ASN F 111 11.98 45.05 -5.77
C ASN F 111 12.31 45.61 -4.40
N ARG F 112 12.55 44.74 -3.42
CA ARG F 112 12.82 45.20 -2.06
C ARG F 112 14.20 45.84 -1.96
N ASN F 113 14.45 46.47 -0.81
CA ASN F 113 15.71 47.16 -0.61
C ASN F 113 16.48 46.49 0.52
N LEU F 114 16.51 45.16 0.46
CA LEU F 114 17.56 44.30 1.04
C LEU F 114 17.51 44.22 2.56
N SER F 115 16.72 45.05 3.22
CA SER F 115 16.54 44.93 4.66
C SER F 115 15.19 44.35 5.02
N GLU F 116 14.17 44.63 4.19
CA GLU F 116 12.82 44.17 4.44
C GLU F 116 12.68 42.67 4.29
N ILE F 117 13.60 42.02 3.58
CA ILE F 117 13.55 40.57 3.43
C ILE F 117 14.29 39.94 4.59
N TRP F 118 15.55 40.34 4.78
CA TRP F 118 16.42 39.64 5.72
C TRP F 118 16.09 39.93 7.17
N ASP F 119 15.42 41.03 7.45
CA ASP F 119 15.15 41.41 8.83
C ASP F 119 13.68 41.55 9.13
N ASN F 120 12.81 41.41 8.14
CA ASN F 120 11.42 41.80 8.38
C ASN F 120 10.47 40.83 7.70
N MET F 121 10.91 39.60 7.43
CA MET F 121 10.12 38.66 6.65
C MET F 121 10.48 37.24 7.02
N THR F 122 9.46 36.40 7.20
CA THR F 122 9.68 34.98 7.43
C THR F 122 9.78 34.25 6.10
N TRP F 123 9.73 32.92 6.15
CA TRP F 123 9.89 32.11 4.94
C TRP F 123 8.59 31.83 4.22
N LEU F 124 7.50 31.64 4.95
CA LEU F 124 6.22 31.37 4.31
C LEU F 124 5.73 32.59 3.54
N GLN F 125 6.05 33.78 4.05
CA GLN F 125 5.75 35.03 3.37
C GLN F 125 6.49 35.14 2.03
N TRP F 126 7.79 34.85 2.04
CA TRP F 126 8.57 34.92 0.80
C TRP F 126 8.14 33.85 -0.19
N ASP F 127 7.76 32.67 0.32
CA ASP F 127 7.28 31.61 -0.54
C ASP F 127 5.96 31.98 -1.21
N LYS F 128 5.07 32.62 -0.47
CA LYS F 128 3.85 33.10 -1.12
C LYS F 128 4.12 34.30 -2.00
N GLU F 129 5.21 35.02 -1.81
CA GLU F 129 5.54 36.10 -2.72
C GLU F 129 6.06 35.62 -4.08
N ILE F 130 6.84 34.55 -4.14
CA ILE F 130 7.50 34.19 -5.40
C ILE F 130 7.00 32.90 -6.01
N SER F 131 5.86 32.35 -5.58
CA SER F 131 5.45 31.05 -6.11
C SER F 131 4.74 31.13 -7.46
N ASN F 132 5.33 31.87 -8.40
CA ASN F 132 4.97 31.77 -9.80
C ASN F 132 6.18 31.78 -10.72
N TYR F 133 7.37 32.09 -10.22
CA TYR F 133 8.56 32.28 -11.05
C TYR F 133 9.57 31.16 -10.91
N THR F 134 9.15 29.97 -10.51
CA THR F 134 10.11 28.97 -10.05
C THR F 134 10.86 28.35 -11.22
N GLN F 135 10.15 27.98 -12.27
CA GLN F 135 10.70 27.15 -13.32
C GLN F 135 11.68 27.93 -14.17
N ILE F 136 11.44 29.23 -14.33
CA ILE F 136 12.34 30.08 -15.10
C ILE F 136 13.68 30.20 -14.42
N ILE F 137 13.66 30.37 -13.10
CA ILE F 137 14.90 30.47 -12.33
C ILE F 137 15.66 29.16 -12.39
N TYR F 138 14.95 28.03 -12.29
CA TYR F 138 15.58 26.72 -12.45
C TYR F 138 16.26 26.58 -13.81
N GLY F 139 15.53 26.93 -14.88
CA GLY F 139 16.08 26.80 -16.21
C GLY F 139 17.25 27.71 -16.49
N LEU F 140 17.23 28.92 -15.95
CA LEU F 140 18.33 29.83 -16.21
C LEU F 140 19.57 29.45 -15.41
N LEU F 141 19.39 28.89 -14.22
CA LEU F 141 20.54 28.35 -13.49
C LEU F 141 21.13 27.16 -14.21
N GLU F 142 20.28 26.31 -14.78
CA GLU F 142 20.76 25.19 -15.60
C GLU F 142 21.50 25.70 -16.83
N GLU F 143 21.01 26.81 -17.41
CA GLU F 143 21.63 27.37 -18.60
C GLU F 143 23.01 27.91 -18.30
N SER F 144 23.15 28.71 -17.24
CA SER F 144 24.47 29.24 -16.92
C SER F 144 25.39 28.17 -16.35
N GLN F 145 24.82 27.10 -15.80
CA GLN F 145 25.66 26.01 -15.34
C GLN F 145 26.25 25.22 -16.50
N ASN F 146 25.46 25.03 -17.54
CA ASN F 146 26.01 24.36 -18.71
C ASN F 146 26.91 25.32 -19.46
N GLN F 147 26.34 26.43 -19.91
CA GLN F 147 27.01 27.29 -20.86
C GLN F 147 28.12 28.08 -20.17
N GLN F 148 29.25 28.21 -20.88
CA GLN F 148 30.42 28.96 -20.46
C GLN F 148 31.00 28.43 -19.14
N GLU F 149 30.81 27.15 -18.89
CA GLU F 149 31.37 26.56 -17.68
C GLU F 149 32.07 25.25 -18.01
N LYS F 150 31.57 24.54 -19.01
CA LYS F 150 32.08 23.21 -19.31
C LYS F 150 32.71 23.12 -20.68
N ASN F 151 32.08 23.69 -21.71
CA ASN F 151 32.78 23.91 -22.96
C ASN F 151 33.89 24.92 -22.76
N GLU F 152 33.64 25.92 -21.93
CA GLU F 152 34.67 26.87 -21.54
C GLU F 152 35.81 26.19 -20.79
N GLN F 153 35.48 25.14 -20.02
CA GLN F 153 36.51 24.36 -19.34
C GLN F 153 37.44 23.67 -20.32
N ASP F 154 36.88 23.08 -21.37
CA ASP F 154 37.71 22.42 -22.36
C ASP F 154 38.40 23.40 -23.29
N LEU F 155 37.88 24.62 -23.41
CA LEU F 155 38.65 25.69 -24.02
C LEU F 155 39.86 26.01 -23.16
N LEU F 156 39.67 26.07 -21.84
CA LEU F 156 40.79 26.32 -20.94
C LEU F 156 41.68 25.11 -20.77
N ALA F 157 41.20 23.92 -21.13
CA ALA F 157 42.01 22.72 -21.02
C ALA F 157 42.95 22.53 -22.21
N LEU F 158 43.07 23.52 -23.08
CA LEU F 158 43.99 23.43 -24.21
C LEU F 158 44.48 24.81 -24.56
N ASP F 159 45.77 24.92 -24.84
CA ASP F 159 46.38 26.18 -25.26
C ASP F 159 45.87 26.55 -26.65
N ALA G 7 -9.91 29.14 -23.61
CA ALA G 7 -9.16 30.19 -24.29
C ALA G 7 -7.69 30.09 -23.92
N VAL G 8 -6.96 29.23 -24.62
CA VAL G 8 -5.58 28.92 -24.30
C VAL G 8 -4.72 29.29 -25.50
N GLY G 9 -3.75 30.17 -25.30
CA GLY G 9 -2.83 30.55 -26.34
C GLY G 9 -1.40 30.25 -25.94
N ILE G 10 -0.59 29.85 -26.91
CA ILE G 10 0.78 29.42 -26.66
C ILE G 10 1.72 30.55 -27.03
N GLY G 11 2.99 30.40 -26.64
CA GLY G 11 3.93 31.49 -26.74
C GLY G 11 5.37 31.08 -26.99
N ALA G 12 6.28 31.66 -26.20
CA ALA G 12 7.72 31.56 -26.42
C ALA G 12 8.23 30.14 -26.14
N VAL G 13 9.45 29.90 -26.59
CA VAL G 13 9.98 28.55 -26.75
C VAL G 13 11.30 28.40 -26.02
N PHE G 14 11.73 27.15 -25.92
CA PHE G 14 12.98 26.73 -25.27
C PHE G 14 13.58 25.61 -26.10
N LEU G 15 14.52 24.87 -25.51
CA LEU G 15 15.15 23.77 -26.23
C LEU G 15 14.21 22.58 -26.34
N GLY G 16 13.80 22.02 -25.21
CA GLY G 16 12.81 20.96 -25.21
C GLY G 16 13.42 19.56 -25.16
N PHE G 17 12.54 18.61 -24.88
CA PHE G 17 12.92 17.21 -24.72
C PHE G 17 13.27 16.60 -26.07
N LEU G 18 14.45 15.97 -26.13
CA LEU G 18 14.99 15.34 -27.35
C LEU G 18 15.12 16.31 -28.52
N GLY G 19 15.42 17.55 -28.21
CA GLY G 19 15.43 18.58 -29.23
C GLY G 19 16.62 18.62 -30.15
N ALA G 20 17.58 17.71 -30.01
CA ALA G 20 18.78 17.80 -30.82
C ALA G 20 19.27 16.43 -31.28
N ALA G 21 18.36 15.46 -31.39
CA ALA G 21 18.77 14.11 -31.76
C ALA G 21 19.18 13.98 -33.21
N GLY G 22 18.88 14.97 -34.05
CA GLY G 22 19.29 14.96 -35.43
C GLY G 22 20.18 16.13 -35.75
N SER G 23 21.12 16.42 -34.87
CA SER G 23 21.93 17.62 -35.01
C SER G 23 23.41 17.27 -34.92
N THR G 24 24.23 18.29 -35.18
CA THR G 24 25.68 18.15 -35.10
C THR G 24 26.11 18.02 -33.64
N MET G 25 26.97 17.04 -33.37
CA MET G 25 27.30 16.68 -31.99
C MET G 25 28.00 17.81 -31.25
N GLY G 26 28.87 18.54 -31.94
CA GLY G 26 29.54 19.68 -31.31
C GLY G 26 28.60 20.80 -30.92
N ALA G 27 27.46 20.90 -31.58
CA ALA G 27 26.41 21.83 -31.17
C ALA G 27 25.36 21.18 -30.28
N ALA G 28 25.02 19.91 -30.54
CA ALA G 28 24.02 19.20 -29.74
C ALA G 28 24.53 18.81 -28.36
N SER G 29 25.79 19.02 -28.08
CA SER G 29 26.39 18.77 -26.78
C SER G 29 25.93 19.71 -25.71
N MET G 30 24.96 20.60 -25.87
CA MET G 30 24.66 21.59 -24.85
C MET G 30 23.23 21.51 -24.36
N THR G 31 22.45 20.52 -24.81
CA THR G 31 21.11 20.27 -24.30
C THR G 31 21.09 19.06 -23.38
N LEU G 32 22.24 18.78 -22.75
CA LEU G 32 22.38 17.59 -21.92
C LEU G 32 21.53 17.67 -20.68
N THR G 33 21.27 18.90 -20.22
CA THR G 33 20.53 19.12 -18.99
C THR G 33 19.09 18.68 -19.13
N VAL G 34 18.40 19.21 -20.13
CA VAL G 34 16.99 18.89 -20.33
C VAL G 34 16.84 17.45 -20.76
N GLN G 35 17.82 16.94 -21.50
CA GLN G 35 17.79 15.54 -21.92
C GLN G 35 17.96 14.60 -20.73
N ALA G 36 18.81 14.98 -19.79
CA ALA G 36 19.16 14.11 -18.67
C ALA G 36 18.28 14.34 -17.45
N ARG G 37 17.40 15.33 -17.49
CA ARG G 37 16.51 15.55 -16.36
C ARG G 37 15.50 14.42 -16.22
N ASN G 38 15.01 13.91 -17.35
CA ASN G 38 13.84 13.05 -17.36
C ASN G 38 14.18 11.58 -17.27
N LEU G 39 15.28 11.22 -16.62
CA LEU G 39 15.53 9.82 -16.35
C LEU G 39 14.60 9.31 -15.25
N LEU G 40 14.21 10.18 -14.33
CA LEU G 40 13.33 9.80 -13.23
C LEU G 40 11.94 10.41 -13.36
N SER G 41 11.64 11.08 -14.45
CA SER G 41 10.32 11.66 -14.64
C SER G 41 10.00 11.66 -16.12
N GLY G 42 8.99 12.43 -16.50
CA GLY G 42 8.42 12.40 -17.83
C GLY G 42 6.94 12.71 -17.71
N ILE G 43 6.48 12.75 -16.46
CA ILE G 43 5.13 13.16 -16.13
C ILE G 43 5.21 14.27 -15.09
N VAL G 44 6.29 15.04 -15.14
CA VAL G 44 6.50 16.19 -14.26
C VAL G 44 5.47 17.29 -14.54
N ARG G 52 -2.79 15.67 -13.24
CA ARG G 52 -1.67 15.01 -12.59
C ARG G 52 -1.96 14.75 -11.11
N ALA G 53 -2.95 13.88 -10.90
CA ALA G 53 -3.48 13.53 -9.57
C ALA G 53 -3.24 12.07 -9.25
N ILE G 54 -2.00 11.60 -9.43
CA ILE G 54 -1.66 10.19 -9.34
C ILE G 54 -1.78 9.65 -7.91
N GLU G 55 -1.79 10.54 -6.91
CA GLU G 55 -1.64 10.15 -5.51
C GLU G 55 -2.80 9.31 -5.01
N ALA G 56 -4.00 9.51 -5.55
CA ALA G 56 -5.16 8.73 -5.12
C ALA G 56 -4.99 7.27 -5.52
N GLN G 57 -4.57 7.01 -6.75
CA GLN G 57 -4.28 5.64 -7.15
C GLN G 57 -2.96 5.15 -6.58
N GLN G 58 -2.08 6.05 -6.15
CA GLN G 58 -0.95 5.63 -5.33
C GLN G 58 -1.42 5.09 -3.99
N HIS G 59 -2.54 5.58 -3.50
CA HIS G 59 -3.00 5.18 -2.18
C HIS G 59 -3.77 3.87 -2.21
N LEU G 60 -4.89 3.82 -2.93
CA LEU G 60 -5.91 2.80 -2.74
C LEU G 60 -5.65 1.49 -3.50
N LEU G 61 -4.48 1.28 -4.09
CA LEU G 61 -4.24 0.07 -4.88
C LEU G 61 -3.56 -1.02 -4.07
N LYS G 62 -3.94 -1.15 -2.81
CA LYS G 62 -3.22 -1.99 -1.86
C LYS G 62 -3.50 -3.48 -2.03
N LEU G 63 -4.73 -3.88 -2.41
CA LEU G 63 -5.11 -5.28 -2.41
C LEU G 63 -5.09 -5.91 -3.80
N THR G 64 -4.17 -5.49 -4.65
CA THR G 64 -4.07 -6.07 -5.99
C THR G 64 -2.61 -6.21 -6.39
N VAL G 65 -2.43 -6.95 -7.49
CA VAL G 65 -1.10 -7.19 -8.07
C VAL G 65 -0.64 -6.00 -8.90
N TRP G 66 -1.56 -5.10 -9.24
CA TRP G 66 -1.26 -4.09 -10.24
C TRP G 66 -0.42 -2.97 -9.64
N GLY G 67 -0.76 -2.52 -8.43
CA GLY G 67 0.11 -1.60 -7.72
C GLY G 67 1.43 -2.23 -7.32
N ILE G 68 1.43 -3.56 -7.11
CA ILE G 68 2.68 -4.29 -6.88
C ILE G 68 3.58 -4.18 -8.09
N LYS G 69 3.01 -4.30 -9.29
CA LYS G 69 3.82 -4.16 -10.50
C LYS G 69 4.26 -2.72 -10.72
N GLN G 70 3.44 -1.75 -10.31
CA GLN G 70 3.89 -0.37 -10.34
C GLN G 70 5.05 -0.13 -9.39
N LEU G 71 5.00 -0.80 -8.24
CA LEU G 71 6.09 -0.74 -7.28
C LEU G 71 7.36 -1.35 -7.84
N GLN G 72 7.23 -2.49 -8.52
CA GLN G 72 8.30 -3.10 -9.30
C GLN G 72 8.95 -2.10 -10.22
N ALA G 73 8.11 -1.38 -10.99
CA ALA G 73 8.60 -0.45 -11.99
C ALA G 73 9.35 0.71 -11.36
N ARG G 74 8.80 1.27 -10.28
CA ARG G 74 9.43 2.43 -9.65
C ARG G 74 10.76 2.06 -9.02
N VAL G 75 10.81 0.92 -8.33
CA VAL G 75 12.05 0.47 -7.70
C VAL G 75 13.11 0.15 -8.75
N LEU G 76 12.69 -0.44 -9.87
CA LEU G 76 13.63 -0.76 -10.93
C LEU G 76 14.22 0.49 -11.55
N ALA G 77 13.40 1.53 -11.74
CA ALA G 77 13.88 2.78 -12.31
C ALA G 77 14.88 3.45 -11.37
N VAL G 78 14.58 3.44 -10.07
CA VAL G 78 15.49 3.97 -9.07
C VAL G 78 16.82 3.24 -9.09
N GLU G 79 16.78 1.91 -9.22
CA GLU G 79 18.02 1.14 -9.27
C GLU G 79 18.82 1.40 -10.52
N ARG G 80 18.15 1.67 -11.64
CA ARG G 80 18.88 2.00 -12.86
C ARG G 80 19.59 3.34 -12.72
N TYR G 81 18.93 4.32 -12.09
CA TYR G 81 19.59 5.59 -11.84
C TYR G 81 20.76 5.42 -10.88
N LEU G 82 20.61 4.54 -9.89
CA LEU G 82 21.70 4.29 -8.95
C LEU G 82 22.87 3.59 -9.61
N ARG G 83 22.58 2.68 -10.54
CA ARG G 83 23.64 1.98 -11.27
C ARG G 83 24.47 2.96 -12.09
N ASP G 84 23.78 3.87 -12.81
CA ASP G 84 24.50 4.84 -13.63
C ASP G 84 25.30 5.81 -12.78
N GLN G 85 24.68 6.39 -11.75
CA GLN G 85 25.37 7.37 -10.94
C GLN G 85 26.49 6.74 -10.13
N GLN G 86 26.31 5.49 -9.68
CA GLN G 86 27.34 4.81 -8.92
C GLN G 86 28.53 4.46 -9.79
N LEU G 87 28.27 4.01 -11.02
CA LEU G 87 29.37 3.67 -11.91
C LEU G 87 30.15 4.92 -12.31
N LEU G 88 29.47 6.05 -12.45
CA LEU G 88 30.22 7.29 -12.62
C LEU G 88 30.97 7.65 -11.35
N GLY G 89 30.38 7.36 -10.18
CA GLY G 89 31.01 7.67 -8.93
C GLY G 89 32.25 6.84 -8.63
N ILE G 90 32.37 5.67 -9.26
CA ILE G 90 33.58 4.87 -9.14
C ILE G 90 34.76 5.61 -9.74
N TRP G 91 34.56 6.19 -10.90
CA TRP G 91 35.54 7.08 -11.48
C TRP G 91 35.57 8.39 -10.71
N GLY G 92 36.67 9.11 -10.86
CA GLY G 92 36.77 10.42 -10.24
C GLY G 92 36.17 11.51 -11.08
N CYS G 93 34.90 11.34 -11.45
CA CYS G 93 34.18 12.35 -12.21
C CYS G 93 32.76 12.51 -11.69
N SER G 94 32.56 12.28 -10.39
CA SER G 94 31.23 12.42 -9.81
C SER G 94 30.86 13.89 -9.66
N GLY G 95 29.56 14.15 -9.69
CA GLY G 95 29.05 15.50 -9.47
C GLY G 95 29.34 16.48 -10.58
N LYS G 96 29.70 16.02 -11.77
CA LYS G 96 30.02 16.90 -12.87
C LYS G 96 29.22 16.51 -14.09
N LEU G 97 29.30 17.33 -15.12
CA LEU G 97 28.67 17.04 -16.40
C LEU G 97 29.62 16.30 -17.34
N ILE G 98 30.82 16.83 -17.48
CA ILE G 98 31.87 16.25 -18.31
C ILE G 98 33.15 16.23 -17.48
N CYS G 99 34.13 15.46 -17.95
CA CYS G 99 35.45 15.49 -17.35
C CYS G 99 36.45 14.99 -18.38
N THR G 100 37.64 15.55 -18.35
CA THR G 100 38.76 14.98 -19.08
C THR G 100 39.50 14.01 -18.18
N THR G 101 40.41 13.27 -18.78
CA THR G 101 41.03 12.16 -18.07
C THR G 101 42.45 12.00 -18.59
N ASN G 102 43.05 10.83 -18.33
CA ASN G 102 44.45 10.63 -18.61
C ASN G 102 44.72 9.32 -19.36
N VAL G 103 43.71 8.73 -19.98
CA VAL G 103 43.92 7.59 -20.88
C VAL G 103 44.19 8.12 -22.27
N PRO G 104 45.35 7.84 -22.87
CA PRO G 104 45.57 8.24 -24.25
C PRO G 104 44.69 7.43 -25.20
N TRP G 105 44.15 8.11 -26.19
CA TRP G 105 43.28 7.46 -27.15
C TRP G 105 44.07 6.48 -28.02
N ASN G 106 43.46 5.32 -28.28
CA ASN G 106 44.07 4.33 -29.14
C ASN G 106 43.62 4.63 -30.57
N SER G 107 44.57 5.00 -31.42
CA SER G 107 44.30 5.34 -32.81
C SER G 107 44.07 4.11 -33.68
N SER G 108 44.08 2.91 -33.11
CA SER G 108 43.60 1.75 -33.84
C SER G 108 42.10 1.81 -34.07
N TRP G 109 41.41 2.54 -33.21
CA TRP G 109 39.95 2.52 -33.18
C TRP G 109 39.33 3.34 -34.31
N SER G 110 40.02 4.40 -34.75
CA SER G 110 39.75 5.14 -35.98
C SER G 110 40.94 6.06 -36.23
N ASN G 111 40.99 6.63 -37.44
CA ASN G 111 41.96 7.67 -37.74
C ASN G 111 41.32 8.82 -38.49
N ARG G 112 40.02 9.03 -38.29
CA ARG G 112 39.32 10.17 -38.86
C ARG G 112 39.80 11.46 -38.21
N ASN G 113 39.81 12.54 -38.98
CA ASN G 113 40.08 13.83 -38.36
C ASN G 113 38.87 14.28 -37.55
N LEU G 114 39.13 15.22 -36.64
CA LEU G 114 38.07 15.74 -35.79
C LEU G 114 37.09 16.62 -36.56
N SER G 115 37.50 17.16 -37.70
CA SER G 115 36.66 18.07 -38.47
C SER G 115 35.49 17.37 -39.13
N GLU G 116 35.49 16.04 -39.22
CA GLU G 116 34.33 15.33 -39.73
C GLU G 116 33.40 14.91 -38.60
N ILE G 117 33.97 14.47 -37.48
CA ILE G 117 33.17 14.06 -36.33
C ILE G 117 32.46 15.25 -35.72
N TRP G 118 33.18 16.34 -35.50
CA TRP G 118 32.57 17.49 -34.83
C TRP G 118 31.71 18.33 -35.75
N ASP G 119 31.66 18.05 -37.03
CA ASP G 119 30.90 18.93 -37.90
C ASP G 119 29.88 18.19 -38.75
N ASN G 120 30.20 17.00 -39.24
CA ASN G 120 29.30 16.27 -40.13
C ASN G 120 29.12 14.85 -39.63
N MET G 121 28.83 14.71 -38.34
CA MET G 121 28.52 13.40 -37.78
C MET G 121 27.58 13.60 -36.60
N THR G 122 26.63 12.68 -36.44
CA THR G 122 25.66 12.77 -35.36
C THR G 122 25.90 11.62 -34.38
N TRP G 123 25.07 11.60 -33.32
CA TRP G 123 25.34 10.72 -32.20
C TRP G 123 25.03 9.28 -32.50
N LEU G 124 23.89 9.01 -33.16
CA LEU G 124 23.52 7.63 -33.43
C LEU G 124 24.45 7.01 -34.47
N GLN G 125 24.97 7.82 -35.39
CA GLN G 125 26.03 7.39 -36.29
C GLN G 125 27.26 6.94 -35.51
N TRP G 126 27.69 7.75 -34.55
CA TRP G 126 28.84 7.43 -33.73
C TRP G 126 28.61 6.21 -32.87
N ASP G 127 27.37 6.03 -32.41
CA ASP G 127 26.98 4.82 -31.69
C ASP G 127 27.13 3.59 -32.55
N LYS G 128 26.61 3.64 -33.78
CA LYS G 128 26.73 2.50 -34.67
C LYS G 128 28.17 2.27 -35.12
N GLU G 129 29.00 3.32 -35.08
CA GLU G 129 30.42 3.12 -35.39
C GLU G 129 31.14 2.36 -34.28
N ILE G 130 31.17 2.91 -33.08
CA ILE G 130 32.15 2.48 -32.09
C ILE G 130 31.61 1.41 -31.15
N SER G 131 30.51 0.76 -31.50
CA SER G 131 29.78 -0.09 -30.54
C SER G 131 30.51 -1.37 -30.13
N ASN G 132 31.75 -1.71 -30.53
CA ASN G 132 32.40 -2.91 -30.03
C ASN G 132 33.59 -2.62 -29.13
N TYR G 133 34.05 -1.38 -29.03
CA TYR G 133 35.23 -1.03 -28.26
C TYR G 133 34.93 -0.74 -26.80
N THR G 134 33.77 -1.17 -26.32
CA THR G 134 33.14 -0.70 -25.10
C THR G 134 33.92 -0.99 -23.82
N GLN G 135 34.02 -2.28 -23.47
CA GLN G 135 34.49 -2.66 -22.15
C GLN G 135 35.99 -2.43 -22.02
N ILE G 136 36.70 -2.39 -23.14
CA ILE G 136 38.10 -2.02 -23.14
C ILE G 136 38.27 -0.59 -22.63
N ILE G 137 37.40 0.31 -23.11
CA ILE G 137 37.42 1.70 -22.67
C ILE G 137 37.05 1.80 -21.21
N TYR G 138 36.05 1.02 -20.77
CA TYR G 138 35.68 1.00 -19.36
C TYR G 138 36.82 0.54 -18.46
N GLY G 139 37.54 -0.49 -18.89
CA GLY G 139 38.66 -0.98 -18.11
C GLY G 139 39.82 0.00 -18.05
N LEU G 140 40.13 0.66 -19.16
CA LEU G 140 41.22 1.62 -19.17
C LEU G 140 40.91 2.85 -18.35
N LEU G 141 39.65 3.32 -18.40
CA LEU G 141 39.26 4.43 -17.55
C LEU G 141 39.31 4.05 -16.08
N GLU G 142 38.88 2.84 -15.75
CA GLU G 142 38.97 2.38 -14.37
C GLU G 142 40.42 2.23 -13.92
N GLU G 143 41.30 1.84 -14.83
CA GLU G 143 42.72 1.70 -14.51
C GLU G 143 43.36 3.05 -14.22
N SER G 144 43.09 4.05 -15.05
CA SER G 144 43.69 5.37 -14.81
C SER G 144 43.04 6.06 -13.63
N GLN G 145 41.78 5.73 -13.33
CA GLN G 145 41.20 6.20 -12.08
C GLN G 145 41.72 5.42 -10.88
N ASN G 146 42.41 4.31 -11.08
CA ASN G 146 43.08 3.61 -10.00
C ASN G 146 44.56 3.88 -9.98
N GLN G 147 45.25 3.56 -11.07
CA GLN G 147 46.71 3.62 -11.09
C GLN G 147 47.18 5.06 -11.13
N GLN G 148 47.98 5.43 -10.12
CA GLN G 148 48.55 6.75 -9.86
C GLN G 148 47.51 7.80 -9.51
N GLU G 149 46.23 7.45 -9.58
CA GLU G 149 45.17 8.30 -9.09
C GLU G 149 44.99 8.11 -7.60
N LYS G 150 45.44 6.99 -7.07
CA LYS G 150 45.62 6.83 -5.65
C LYS G 150 47.04 6.44 -5.26
N ASN G 151 47.75 5.70 -6.11
CA ASN G 151 49.08 5.23 -5.75
C ASN G 151 50.09 6.37 -5.73
N GLU G 152 50.21 7.09 -6.84
CA GLU G 152 51.02 8.29 -6.83
C GLU G 152 50.35 9.40 -6.02
N GLN G 153 49.03 9.34 -5.84
CA GLN G 153 48.38 10.26 -4.90
C GLN G 153 48.75 9.95 -3.46
N ASP G 154 48.93 8.66 -3.13
CA ASP G 154 49.57 8.33 -1.86
C ASP G 154 51.00 8.84 -1.82
N LEU G 155 51.70 8.80 -2.96
CA LEU G 155 53.02 9.42 -3.05
C LEU G 155 52.93 10.94 -3.13
N LEU G 156 51.80 11.48 -3.57
CA LEU G 156 51.51 12.91 -3.44
C LEU G 156 50.91 13.27 -2.09
N ALA G 157 50.79 12.32 -1.16
CA ALA G 157 50.32 12.58 0.19
C ALA G 157 51.47 12.67 1.19
N LEU G 158 52.61 13.18 0.73
CA LEU G 158 53.81 13.31 1.55
C LEU G 158 53.94 14.76 1.97
N ASP G 159 53.28 15.13 3.06
CA ASP G 159 53.35 16.48 3.58
C ASP G 159 53.79 16.47 5.04
N GLU H 23 51.04 14.80 -31.62
CA GLU H 23 49.67 15.03 -31.20
C GLU H 23 49.02 13.78 -30.61
N ASN H 24 49.12 13.66 -29.30
CA ASN H 24 48.37 12.62 -28.60
C ASN H 24 46.93 13.06 -28.44
N LEU H 25 46.04 12.09 -28.42
CA LEU H 25 44.63 12.35 -28.20
C LEU H 25 44.15 11.51 -27.03
N TRP H 26 43.01 11.91 -26.47
CA TRP H 26 42.61 11.43 -25.15
C TRP H 26 41.14 11.06 -25.20
N VAL H 27 40.58 10.82 -24.02
CA VAL H 27 39.23 10.30 -23.86
C VAL H 27 38.40 11.35 -23.12
N THR H 28 37.13 11.46 -23.47
CA THR H 28 36.19 12.21 -22.66
C THR H 28 34.88 11.45 -22.56
N VAL H 29 34.10 11.78 -21.55
CA VAL H 29 32.85 11.08 -21.23
C VAL H 29 31.75 12.11 -21.00
N TYR H 30 30.57 11.82 -21.53
CA TYR H 30 29.52 12.82 -21.65
C TYR H 30 28.21 12.31 -21.05
N TYR H 31 27.31 13.25 -20.83
CA TYR H 31 25.91 12.96 -20.55
C TYR H 31 25.06 13.10 -21.81
N GLY H 32 23.74 13.04 -21.63
CA GLY H 32 22.76 13.60 -22.53
C GLY H 32 22.69 13.10 -23.95
N VAL H 33 23.46 12.08 -24.29
CA VAL H 33 23.42 11.55 -25.65
C VAL H 33 22.19 10.67 -25.81
N PRO H 34 21.33 10.93 -26.78
CA PRO H 34 20.13 10.12 -26.96
C PRO H 34 20.46 8.81 -27.65
N VAL H 35 20.47 7.74 -26.88
CA VAL H 35 20.78 6.40 -27.39
C VAL H 35 19.52 5.57 -27.31
N TRP H 36 19.21 4.88 -28.39
CA TRP H 36 17.95 4.16 -28.53
C TRP H 36 18.22 2.67 -28.53
N LYS H 37 17.57 1.95 -27.63
CA LYS H 37 17.57 0.49 -27.64
C LYS H 37 16.13 0.02 -27.68
N ASP H 38 15.80 -0.74 -28.71
CA ASP H 38 14.44 -1.25 -28.84
C ASP H 38 14.23 -2.34 -27.82
N ALA H 39 13.28 -2.12 -26.91
CA ALA H 39 13.13 -3.04 -25.80
C ALA H 39 11.66 -3.11 -25.42
N GLU H 40 11.39 -3.64 -24.24
CA GLU H 40 10.06 -3.99 -23.81
C GLU H 40 9.87 -3.50 -22.38
N THR H 41 8.65 -3.06 -22.06
CA THR H 41 8.34 -2.64 -20.70
C THR H 41 6.85 -2.78 -20.46
N THR H 42 6.47 -2.62 -19.20
CA THR H 42 5.08 -2.51 -18.83
C THR H 42 4.63 -1.08 -19.07
N LEU H 43 3.43 -0.91 -19.62
CA LEU H 43 2.96 0.39 -20.05
C LEU H 43 2.16 1.08 -18.95
N PHE H 44 1.44 2.14 -19.32
CA PHE H 44 0.94 3.14 -18.39
C PHE H 44 -0.48 3.52 -18.83
N CYS H 45 -1.48 3.02 -18.11
CA CYS H 45 -2.87 3.24 -18.49
C CYS H 45 -3.25 4.70 -18.33
N ALA H 46 -4.21 5.15 -19.14
CA ALA H 46 -4.65 6.53 -19.11
C ALA H 46 -6.05 6.64 -19.67
N SER H 47 -7.02 6.88 -18.81
CA SER H 47 -8.35 7.28 -19.24
C SER H 47 -8.34 8.78 -19.48
N ASP H 48 -9.13 9.24 -20.46
CA ASP H 48 -9.09 10.63 -20.91
C ASP H 48 -9.70 11.52 -19.85
N ALA H 49 -8.86 11.94 -18.89
CA ALA H 49 -9.22 12.67 -17.67
C ALA H 49 -10.25 11.95 -16.80
N LYS H 50 -10.42 10.63 -17.02
CA LYS H 50 -11.51 9.81 -16.47
C LYS H 50 -12.85 10.53 -16.62
N ALA H 51 -13.23 10.77 -17.88
CA ALA H 51 -14.26 11.75 -18.20
C ALA H 51 -15.64 11.32 -17.72
N TYR H 52 -15.85 10.03 -17.50
CA TYR H 52 -17.07 9.52 -16.91
C TYR H 52 -17.19 9.92 -15.45
N ASN H 58 -20.59 -1.21 -14.94
CA ASN H 58 -20.00 -1.16 -16.27
C ASN H 58 -18.75 -2.03 -16.33
N VAL H 59 -18.58 -2.73 -17.46
CA VAL H 59 -17.32 -3.45 -17.73
C VAL H 59 -16.16 -2.48 -17.73
N TRP H 60 -16.35 -1.35 -18.39
CA TRP H 60 -15.29 -0.37 -18.59
C TRP H 60 -15.40 0.77 -17.59
N ALA H 61 -15.78 0.42 -16.35
CA ALA H 61 -15.75 1.38 -15.26
C ALA H 61 -14.35 1.83 -14.93
N THR H 62 -13.35 1.01 -15.30
CA THR H 62 -11.88 1.28 -15.37
C THR H 62 -11.37 2.13 -14.19
N HIS H 63 -11.78 1.72 -13.00
CA HIS H 63 -11.37 2.40 -11.77
C HIS H 63 -9.89 2.28 -11.51
N ALA H 64 -9.25 1.24 -12.04
CA ALA H 64 -7.81 1.05 -11.90
C ALA H 64 -7.07 1.60 -13.12
N CYS H 65 -7.28 2.90 -13.35
CA CYS H 65 -6.61 3.61 -14.42
C CYS H 65 -6.61 5.09 -14.09
N VAL H 66 -5.86 5.85 -14.88
CA VAL H 66 -5.41 7.19 -14.48
C VAL H 66 -6.08 8.26 -15.34
N PRO H 67 -6.55 9.37 -14.76
CA PRO H 67 -7.03 10.49 -15.58
C PRO H 67 -5.87 11.20 -16.27
N THR H 68 -6.05 11.52 -17.55
CA THR H 68 -4.94 12.07 -18.33
C THR H 68 -5.30 13.39 -18.97
N ASP H 69 -4.26 14.06 -19.45
CA ASP H 69 -4.39 15.28 -20.21
C ASP H 69 -5.04 14.96 -21.56
N PRO H 70 -6.14 15.61 -21.91
CA PRO H 70 -6.67 15.47 -23.28
C PRO H 70 -5.84 16.19 -24.34
N ASN H 71 -4.80 16.93 -23.95
CA ASN H 71 -3.89 17.58 -24.90
C ASN H 71 -2.46 17.15 -24.59
N PRO H 72 -2.04 15.96 -25.04
CA PRO H 72 -0.62 15.60 -24.88
C PRO H 72 0.25 16.44 -25.78
N GLN H 73 1.39 16.87 -25.25
CA GLN H 73 2.27 17.76 -25.98
C GLN H 73 3.05 17.00 -27.05
N GLU H 74 3.19 17.60 -28.22
CA GLU H 74 3.76 16.94 -29.37
C GLU H 74 4.97 17.72 -29.83
N ILE H 75 6.12 17.04 -29.95
CA ILE H 75 7.38 17.66 -30.32
C ILE H 75 7.84 17.07 -31.63
N HIS H 76 8.07 17.93 -32.62
CA HIS H 76 8.53 17.49 -33.93
C HIS H 76 10.04 17.54 -34.00
N LEU H 77 10.61 16.70 -34.84
CA LEU H 77 12.06 16.56 -34.92
C LEU H 77 12.53 16.83 -36.34
N GLU H 78 13.81 16.59 -36.57
CA GLU H 78 14.40 16.70 -37.90
C GLU H 78 15.36 15.54 -38.08
N ASN H 79 15.68 15.26 -39.34
CA ASN H 79 16.83 14.49 -39.79
C ASN H 79 16.79 13.01 -39.42
N VAL H 80 15.78 12.54 -38.70
CA VAL H 80 15.79 11.18 -38.19
C VAL H 80 15.13 10.25 -39.20
N THR H 81 15.84 9.20 -39.56
CA THR H 81 15.23 8.05 -40.18
C THR H 81 15.13 6.94 -39.14
N GLU H 82 14.11 6.11 -39.28
CA GLU H 82 13.81 5.11 -38.25
C GLU H 82 13.01 3.97 -38.86
N GLU H 83 13.41 2.75 -38.53
CA GLU H 83 12.66 1.57 -38.96
C GLU H 83 11.61 1.21 -37.92
N PHE H 84 10.40 0.95 -38.39
CA PHE H 84 9.36 0.32 -37.58
C PHE H 84 9.22 -1.13 -37.99
N ASN H 85 8.63 -1.93 -37.11
CA ASN H 85 8.32 -3.31 -37.46
C ASN H 85 6.92 -3.60 -36.94
N MET H 86 5.94 -3.53 -37.83
CA MET H 86 4.60 -3.97 -37.51
C MET H 86 4.62 -5.50 -37.38
N TRP H 87 3.62 -6.02 -36.64
CA TRP H 87 3.41 -7.40 -36.22
C TRP H 87 4.44 -7.87 -35.18
N LYS H 88 5.41 -7.04 -34.82
CA LYS H 88 6.51 -7.43 -33.94
C LYS H 88 6.70 -6.40 -32.84
N ASN H 89 5.61 -6.01 -32.18
CA ASN H 89 5.66 -4.96 -31.19
C ASN H 89 4.93 -5.41 -29.93
N ASN H 90 5.63 -5.37 -28.80
CA ASN H 90 5.13 -5.89 -27.53
C ASN H 90 4.10 -5.00 -26.87
N MET H 91 3.68 -3.90 -27.52
CA MET H 91 2.50 -3.20 -27.07
C MET H 91 1.26 -4.07 -27.22
N VAL H 92 1.23 -4.87 -28.28
CA VAL H 92 0.01 -5.59 -28.67
C VAL H 92 -0.29 -6.71 -27.69
N GLU H 93 0.73 -7.47 -27.31
CA GLU H 93 0.52 -8.59 -26.41
C GLU H 93 0.11 -8.11 -25.03
N GLN H 94 0.70 -7.00 -24.58
CA GLN H 94 0.32 -6.41 -23.31
C GLN H 94 -1.11 -5.91 -23.36
N MET H 95 -1.49 -5.30 -24.48
CA MET H 95 -2.87 -4.87 -24.70
C MET H 95 -3.84 -6.04 -24.57
N HIS H 96 -3.52 -7.14 -25.23
CA HIS H 96 -4.41 -8.29 -25.26
C HIS H 96 -4.57 -8.91 -23.88
N THR H 97 -3.45 -9.03 -23.14
CA THR H 97 -3.53 -9.55 -21.78
C THR H 97 -4.30 -8.61 -20.86
N ASP H 98 -4.11 -7.30 -21.02
CA ASP H 98 -4.76 -6.36 -20.13
C ASP H 98 -6.26 -6.32 -20.35
N ILE H 99 -6.69 -6.39 -21.61
CA ILE H 99 -8.11 -6.36 -21.89
C ILE H 99 -8.77 -7.67 -21.45
N ILE H 100 -8.05 -8.80 -21.59
CA ILE H 100 -8.58 -10.07 -21.08
C ILE H 100 -8.74 -10.04 -19.58
N SER H 101 -7.72 -9.57 -18.86
CA SER H 101 -7.78 -9.59 -17.41
C SER H 101 -8.79 -8.59 -16.88
N LEU H 102 -8.97 -7.47 -17.57
CA LEU H 102 -10.01 -6.55 -17.13
C LEU H 102 -11.40 -7.09 -17.41
N TRP H 103 -11.54 -7.82 -18.53
CA TRP H 103 -12.80 -8.50 -18.82
C TRP H 103 -13.13 -9.53 -17.76
N ASP H 104 -12.12 -10.26 -17.29
CA ASP H 104 -12.36 -11.21 -16.20
C ASP H 104 -12.63 -10.50 -14.90
N GLN H 105 -12.00 -9.33 -14.70
CA GLN H 105 -12.18 -8.56 -13.47
C GLN H 105 -13.61 -8.07 -13.34
N SER H 106 -14.21 -7.65 -14.44
CA SER H 106 -15.58 -7.14 -14.38
C SER H 106 -16.58 -8.24 -14.02
N LEU H 107 -16.34 -9.45 -14.48
CA LEU H 107 -17.28 -10.54 -14.28
C LEU H 107 -17.04 -11.31 -13.00
N LYS H 108 -16.21 -10.77 -12.08
CA LYS H 108 -15.93 -11.49 -10.84
C LYS H 108 -17.12 -11.57 -9.90
N PRO H 109 -17.66 -10.47 -9.35
CA PRO H 109 -18.45 -10.61 -8.12
C PRO H 109 -19.88 -11.09 -8.33
N CYS H 110 -20.32 -11.34 -9.56
CA CYS H 110 -21.73 -11.61 -9.79
C CYS H 110 -22.05 -13.07 -9.47
N VAL H 111 -23.31 -13.43 -9.67
CA VAL H 111 -23.86 -14.69 -9.19
C VAL H 111 -23.61 -15.79 -10.22
N LYS H 112 -23.02 -16.90 -9.77
CA LYS H 112 -22.80 -18.05 -10.63
C LYS H 112 -24.12 -18.75 -10.94
N LEU H 113 -24.10 -19.63 -11.93
CA LEU H 113 -25.32 -20.23 -12.44
C LEU H 113 -25.21 -21.75 -12.45
N THR H 114 -24.74 -22.31 -11.36
CA THR H 114 -24.58 -23.76 -11.29
C THR H 114 -25.85 -24.62 -11.35
N PRO H 115 -27.01 -24.27 -10.73
CA PRO H 115 -28.10 -25.27 -10.72
C PRO H 115 -28.91 -25.35 -12.00
N LEU H 116 -28.42 -24.79 -13.10
CA LEU H 116 -29.19 -24.82 -14.33
C LEU H 116 -29.12 -26.15 -15.06
N CYS H 117 -28.17 -27.02 -14.71
CA CYS H 117 -27.87 -28.21 -15.51
C CYS H 117 -28.87 -29.35 -15.32
N VAL H 118 -30.05 -29.08 -14.76
CA VAL H 118 -31.14 -30.03 -14.87
C VAL H 118 -31.65 -30.04 -16.31
N THR H 119 -32.37 -31.11 -16.66
CA THR H 119 -32.90 -31.30 -18.00
C THR H 119 -34.13 -30.43 -18.20
N LEU H 120 -34.70 -30.48 -19.40
CA LEU H 120 -35.82 -29.61 -19.76
C LEU H 120 -36.93 -30.41 -20.42
N GLN H 121 -38.17 -30.04 -20.13
CA GLN H 121 -39.35 -30.55 -20.81
C GLN H 121 -39.78 -29.52 -21.84
N CYS H 122 -39.47 -29.78 -23.11
CA CYS H 122 -39.60 -28.78 -24.16
C CYS H 122 -40.73 -29.12 -25.12
N THR H 123 -41.15 -28.10 -25.85
CA THR H 123 -42.08 -28.27 -26.96
C THR H 123 -41.82 -27.17 -27.98
N ASN H 124 -42.04 -27.49 -29.26
CA ASN H 124 -41.84 -26.51 -30.31
C ASN H 124 -42.92 -25.46 -30.26
N VAL H 125 -42.52 -24.20 -30.44
CA VAL H 125 -43.48 -23.11 -30.43
C VAL H 125 -44.25 -23.13 -31.74
N THR H 126 -45.57 -23.30 -31.65
CA THR H 126 -46.42 -23.40 -32.82
C THR H 126 -47.53 -22.35 -32.78
N ASN H 127 -47.17 -21.10 -32.50
CA ASN H 127 -48.15 -20.03 -32.33
C ASN H 127 -47.62 -18.75 -32.97
N ASN H 128 -48.38 -18.22 -33.95
CA ASN H 128 -48.11 -16.95 -34.64
C ASN H 128 -46.73 -16.93 -35.29
N ILE H 129 -46.46 -17.94 -36.10
CA ILE H 129 -45.16 -18.11 -36.70
C ILE H 129 -44.98 -17.13 -37.86
N THR H 130 -43.72 -16.82 -38.16
CA THR H 130 -43.35 -16.13 -39.38
C THR H 130 -42.54 -17.09 -40.26
N ASP H 131 -42.05 -16.58 -41.39
CA ASP H 131 -41.47 -17.46 -42.40
C ASP H 131 -40.08 -17.96 -41.99
N ASP H 132 -39.13 -17.05 -41.84
CA ASP H 132 -37.72 -17.42 -41.68
C ASP H 132 -37.30 -17.50 -40.22
N MET H 133 -38.21 -17.86 -39.32
CA MET H 133 -37.88 -18.10 -37.91
C MET H 133 -38.52 -19.40 -37.46
N ARG H 134 -38.35 -20.44 -38.25
CA ARG H 134 -38.92 -21.75 -37.92
C ARG H 134 -37.93 -22.56 -37.11
N GLY H 135 -38.44 -23.20 -36.06
CA GLY H 135 -37.64 -24.02 -35.17
C GLY H 135 -36.80 -23.25 -34.17
N GLU H 136 -36.75 -21.93 -34.24
CA GLU H 136 -35.86 -21.13 -33.42
C GLU H 136 -36.30 -21.15 -31.96
N LEU H 137 -37.48 -20.62 -31.70
CA LEU H 137 -37.92 -20.44 -30.33
C LEU H 137 -38.54 -21.72 -29.79
N LYS H 138 -38.22 -22.02 -28.53
CA LYS H 138 -38.72 -23.20 -27.86
C LYS H 138 -39.27 -22.81 -26.50
N ASN H 139 -40.17 -23.64 -26.00
CA ASN H 139 -40.85 -23.42 -24.73
C ASN H 139 -40.55 -24.61 -23.83
N CYS H 140 -39.74 -24.39 -22.80
CA CYS H 140 -39.22 -25.47 -21.98
C CYS H 140 -39.50 -25.20 -20.51
N SER H 141 -40.10 -26.18 -19.84
CA SER H 141 -40.45 -26.07 -18.43
C SER H 141 -39.67 -27.11 -17.63
N PHE H 142 -39.46 -26.83 -16.34
CA PHE H 142 -38.56 -27.63 -15.54
C PHE H 142 -38.83 -27.46 -14.06
N ASN H 143 -38.17 -28.29 -13.26
CA ASN H 143 -38.08 -28.09 -11.82
C ASN H 143 -36.87 -27.23 -11.49
N MET H 144 -37.02 -26.39 -10.46
CA MET H 144 -35.92 -25.59 -9.96
C MET H 144 -36.23 -25.21 -8.52
N THR H 145 -35.18 -25.12 -7.71
CA THR H 145 -35.35 -24.86 -6.30
C THR H 145 -35.68 -23.40 -6.06
N THR H 146 -36.36 -23.15 -4.95
CA THR H 146 -36.64 -21.79 -4.50
C THR H 146 -35.53 -21.33 -3.57
N GLU H 147 -35.73 -20.21 -2.89
CA GLU H 147 -34.71 -19.71 -1.98
C GLU H 147 -34.65 -20.53 -0.70
N LEU H 148 -35.68 -21.29 -0.39
CA LEU H 148 -35.66 -22.21 0.73
C LEU H 148 -35.36 -23.61 0.22
N ARG H 149 -34.59 -24.36 1.02
CA ARG H 149 -34.08 -25.64 0.57
C ARG H 149 -35.17 -26.69 0.43
N ASP H 150 -36.18 -26.61 1.29
CA ASP H 150 -37.21 -27.63 1.39
C ASP H 150 -38.30 -27.51 0.33
N LYS H 151 -38.15 -26.64 -0.67
CA LYS H 151 -39.21 -26.48 -1.65
C LYS H 151 -38.72 -26.61 -3.09
N LYS H 152 -39.62 -26.35 -4.03
CA LYS H 152 -39.34 -26.42 -5.46
C LYS H 152 -40.39 -25.56 -6.16
N GLN H 153 -40.26 -25.45 -7.49
CA GLN H 153 -41.23 -24.68 -8.26
C GLN H 153 -41.22 -25.16 -9.71
N LYS H 154 -42.04 -24.49 -10.51
CA LYS H 154 -42.15 -24.76 -11.94
C LYS H 154 -41.92 -23.47 -12.70
N VAL H 155 -40.94 -23.48 -13.59
CA VAL H 155 -40.57 -22.30 -14.38
C VAL H 155 -40.47 -22.72 -15.84
N TYR H 156 -41.14 -21.97 -16.72
CA TYR H 156 -40.91 -22.11 -18.15
C TYR H 156 -40.40 -20.80 -18.72
N SER H 157 -39.53 -20.89 -19.72
CA SER H 157 -38.97 -19.72 -20.35
C SER H 157 -38.70 -20.00 -21.82
N LEU H 158 -38.63 -18.94 -22.60
CA LEU H 158 -38.51 -19.03 -24.06
C LEU H 158 -37.05 -19.00 -24.45
N PHE H 159 -36.62 -20.01 -25.20
CA PHE H 159 -35.21 -20.28 -25.46
C PHE H 159 -34.98 -20.43 -26.95
N TYR H 160 -33.71 -20.35 -27.35
CA TYR H 160 -33.33 -20.48 -28.74
C TYR H 160 -33.18 -21.95 -29.12
N ARG H 161 -32.73 -22.19 -30.36
CA ARG H 161 -32.40 -23.52 -30.84
C ARG H 161 -30.91 -23.78 -30.82
N LEU H 162 -30.08 -22.74 -30.86
CA LEU H 162 -28.63 -22.87 -30.89
C LEU H 162 -28.02 -23.14 -29.53
N ASP H 163 -28.79 -23.59 -28.55
CA ASP H 163 -28.33 -23.62 -27.17
C ASP H 163 -28.60 -24.92 -26.45
N VAL H 164 -29.43 -25.82 -26.97
CA VAL H 164 -29.76 -27.06 -26.28
C VAL H 164 -29.46 -28.23 -27.21
N VAL H 165 -29.36 -29.42 -26.61
CA VAL H 165 -29.05 -30.64 -27.33
C VAL H 165 -29.97 -31.76 -26.87
N GLN H 166 -30.25 -32.68 -27.78
CA GLN H 166 -31.10 -33.81 -27.51
C GLN H 166 -30.37 -34.80 -26.59
N ILE H 167 -31.15 -35.67 -25.94
CA ILE H 167 -30.66 -36.54 -24.88
C ILE H 167 -30.77 -38.01 -25.26
N ASN H 168 -31.96 -38.46 -25.65
CA ASN H 168 -32.19 -39.87 -25.95
C ASN H 168 -31.55 -40.35 -27.24
N ASN H 179 -42.62 -35.77 -25.15
CA ASN H 179 -41.85 -34.90 -26.03
C ASN H 179 -40.39 -35.34 -26.15
N LYS H 180 -39.62 -34.55 -26.89
CA LYS H 180 -38.17 -34.73 -26.89
C LYS H 180 -37.59 -34.15 -25.61
N GLU H 181 -36.31 -34.43 -25.38
CA GLU H 181 -35.66 -34.03 -24.15
C GLU H 181 -34.39 -33.26 -24.47
N TYR H 182 -34.29 -32.04 -23.95
CA TYR H 182 -33.19 -31.13 -24.23
C TYR H 182 -32.42 -30.83 -22.96
N ARG H 183 -31.15 -31.19 -22.94
CA ARG H 183 -30.25 -30.69 -21.92
C ARG H 183 -29.45 -29.54 -22.51
N LEU H 184 -28.57 -28.98 -21.70
CA LEU H 184 -27.92 -27.73 -22.07
C LEU H 184 -26.58 -28.00 -22.74
N ILE H 185 -26.02 -26.93 -23.31
CA ILE H 185 -24.93 -27.09 -24.25
C ILE H 185 -23.59 -27.35 -23.56
N ASN H 186 -23.37 -26.80 -22.36
CA ASN H 186 -22.02 -26.77 -21.82
C ASN H 186 -21.94 -27.30 -20.40
N CYS H 187 -22.89 -28.14 -19.99
CA CYS H 187 -22.81 -28.70 -18.65
C CYS H 187 -21.71 -29.75 -18.53
N ASN H 188 -21.32 -30.39 -19.63
CA ASN H 188 -20.20 -31.32 -19.58
C ASN H 188 -18.87 -30.65 -19.90
N THR H 189 -18.77 -29.35 -19.68
CA THR H 189 -17.53 -28.60 -19.76
C THR H 189 -17.63 -27.45 -18.76
N SER H 190 -16.83 -26.40 -18.97
CA SER H 190 -16.65 -25.27 -18.05
C SER H 190 -17.97 -24.64 -17.63
N ALA H 191 -17.94 -24.01 -16.45
CA ALA H 191 -19.13 -23.56 -15.77
C ALA H 191 -19.70 -22.31 -16.44
N ILE H 192 -20.83 -21.83 -15.89
CA ILE H 192 -21.58 -20.71 -16.44
C ILE H 192 -21.92 -19.74 -15.33
N THR H 193 -21.62 -18.46 -15.53
CA THR H 193 -22.01 -17.38 -14.66
C THR H 193 -22.93 -16.42 -15.41
N GLN H 194 -23.31 -15.34 -14.74
CA GLN H 194 -24.20 -14.32 -15.28
C GLN H 194 -23.60 -12.94 -15.02
N ALA H 195 -23.56 -12.10 -16.04
CA ALA H 195 -23.18 -10.71 -15.82
C ALA H 195 -24.30 -9.95 -15.11
N CYS H 196 -23.92 -9.01 -14.28
CA CYS H 196 -24.92 -8.24 -13.56
C CYS H 196 -25.54 -7.19 -14.48
N PRO H 197 -26.84 -6.91 -14.32
CA PRO H 197 -27.53 -6.02 -15.28
C PRO H 197 -27.13 -4.56 -15.18
N LYS H 198 -26.45 -4.15 -14.12
CA LYS H 198 -25.92 -2.79 -14.01
C LYS H 198 -24.55 -2.64 -14.64
N VAL H 199 -24.18 -3.54 -15.55
CA VAL H 199 -22.82 -3.61 -16.08
C VAL H 199 -22.92 -3.42 -17.59
N SER H 200 -22.59 -2.23 -18.08
CA SER H 200 -22.67 -1.91 -19.49
C SER H 200 -21.57 -2.59 -20.29
N PHE H 201 -21.73 -2.61 -21.61
CA PHE H 201 -20.81 -3.27 -22.52
C PHE H 201 -20.19 -2.34 -23.53
N GLU H 202 -20.46 -1.06 -23.46
CA GLU H 202 -19.94 -0.15 -24.48
C GLU H 202 -18.46 0.14 -24.23
N PRO H 203 -17.64 0.13 -25.28
CA PRO H 203 -16.22 0.48 -25.09
C PRO H 203 -16.02 1.95 -24.79
N ILE H 204 -14.87 2.24 -24.20
CA ILE H 204 -14.48 3.58 -23.76
C ILE H 204 -13.15 3.91 -24.41
N PRO H 205 -12.94 5.13 -24.90
CA PRO H 205 -11.64 5.46 -25.51
C PRO H 205 -10.51 5.41 -24.50
N ILE H 206 -9.40 4.80 -24.90
CA ILE H 206 -8.27 4.54 -24.02
C ILE H 206 -7.06 5.28 -24.56
N HIS H 207 -6.27 5.86 -23.67
CA HIS H 207 -4.94 6.35 -23.99
C HIS H 207 -3.90 5.50 -23.29
N TYR H 208 -2.77 5.27 -23.94
CA TYR H 208 -1.59 4.81 -23.25
C TYR H 208 -0.57 5.93 -23.23
N CYS H 209 0.25 5.93 -22.19
CA CYS H 209 1.28 6.94 -22.03
C CYS H 209 2.59 6.25 -21.67
N ALA H 210 3.63 7.06 -21.49
CA ALA H 210 4.99 6.54 -21.38
C ALA H 210 5.42 6.48 -19.93
N PRO H 211 5.84 5.32 -19.43
CA PRO H 211 6.52 5.27 -18.14
C PRO H 211 7.85 6.01 -18.19
N ALA H 212 8.33 6.42 -17.01
CA ALA H 212 9.52 7.24 -16.91
C ALA H 212 10.75 6.46 -17.34
N GLY H 213 11.69 7.16 -17.95
CA GLY H 213 12.86 6.54 -18.53
C GLY H 213 12.68 6.05 -19.95
N PHE H 214 11.46 6.05 -20.47
CA PHE H 214 11.15 5.44 -21.74
C PHE H 214 10.42 6.44 -22.63
N ALA H 215 10.55 6.27 -23.94
CA ALA H 215 10.03 7.23 -24.90
C ALA H 215 9.23 6.54 -25.98
N ILE H 216 8.41 7.32 -26.67
CA ILE H 216 7.57 6.86 -27.78
C ILE H 216 7.87 7.72 -29.00
N LEU H 217 8.12 7.07 -30.13
CA LEU H 217 8.38 7.78 -31.38
C LEU H 217 7.21 7.62 -32.32
N LYS H 218 7.18 8.46 -33.37
CA LYS H 218 6.01 8.58 -34.22
C LYS H 218 6.42 8.93 -35.65
N CYS H 219 5.81 8.26 -36.62
CA CYS H 219 6.02 8.54 -38.03
C CYS H 219 4.89 9.36 -38.60
N LYS H 220 5.20 10.16 -39.62
CA LYS H 220 4.21 11.06 -40.22
C LYS H 220 4.07 10.87 -41.72
N ASP H 221 4.59 9.78 -42.27
CA ASP H 221 4.31 9.45 -43.66
C ASP H 221 2.87 9.00 -43.79
N LYS H 222 2.29 9.22 -44.97
CA LYS H 222 0.92 8.83 -45.23
C LYS H 222 0.81 7.49 -45.94
N LYS H 223 1.61 7.26 -46.98
CA LYS H 223 1.66 5.98 -47.66
C LYS H 223 2.65 5.01 -47.04
N PHE H 224 2.96 5.17 -45.76
CA PHE H 224 3.92 4.31 -45.08
C PHE H 224 3.37 2.91 -44.92
N ASN H 225 3.95 1.96 -45.64
CA ASN H 225 3.67 0.55 -45.43
C ASN H 225 4.16 0.12 -44.04
N GLY H 226 3.63 -1.01 -43.56
CA GLY H 226 3.83 -1.47 -42.19
C GLY H 226 5.27 -1.70 -41.77
N THR H 227 6.17 -1.92 -42.72
CA THR H 227 7.59 -1.91 -42.42
C THR H 227 8.29 -0.91 -43.32
N GLY H 228 9.62 -0.88 -43.30
CA GLY H 228 10.35 0.10 -44.04
C GLY H 228 10.62 1.32 -43.19
N PRO H 229 11.52 2.18 -43.63
CA PRO H 229 11.91 3.35 -42.83
C PRO H 229 10.87 4.46 -42.95
N CYS H 230 11.10 5.52 -42.17
CA CYS H 230 10.28 6.70 -42.15
C CYS H 230 11.19 7.87 -41.86
N PRO H 231 11.19 8.90 -42.69
CA PRO H 231 12.10 10.02 -42.48
C PRO H 231 11.47 11.17 -41.69
N SER H 232 10.17 11.12 -41.47
CA SER H 232 9.44 12.21 -40.82
C SER H 232 9.09 11.77 -39.41
N VAL H 233 9.74 12.38 -38.42
CA VAL H 233 9.73 11.89 -37.05
C VAL H 233 9.30 13.02 -36.11
N SER H 234 8.31 12.73 -35.27
CA SER H 234 7.94 13.57 -34.14
C SER H 234 7.76 12.66 -32.93
N THR H 235 7.56 13.25 -31.76
CA THR H 235 7.38 12.42 -30.58
C THR H 235 6.40 13.06 -29.61
N VAL H 236 5.72 12.20 -28.85
CA VAL H 236 4.69 12.60 -27.90
C VAL H 236 4.94 11.91 -26.58
N GLN H 237 4.04 12.08 -25.62
CA GLN H 237 4.08 11.31 -24.39
C GLN H 237 2.86 10.43 -24.20
N CYS H 238 1.82 10.59 -25.01
CA CYS H 238 0.63 9.78 -24.86
C CYS H 238 0.04 9.50 -26.23
N THR H 239 -0.70 8.41 -26.34
CA THR H 239 -1.36 8.03 -27.57
C THR H 239 -2.64 8.84 -27.75
N HIS H 240 -3.30 8.62 -28.89
CA HIS H 240 -4.62 9.18 -29.11
C HIS H 240 -5.67 8.28 -28.46
N GLY H 241 -6.93 8.66 -28.64
CA GLY H 241 -8.00 7.83 -28.11
C GLY H 241 -8.14 6.55 -28.90
N ILE H 242 -8.24 5.44 -28.19
CA ILE H 242 -8.28 4.11 -28.78
C ILE H 242 -9.45 3.35 -28.20
N LYS H 243 -10.30 2.82 -29.06
CA LYS H 243 -11.50 2.13 -28.63
C LYS H 243 -11.30 0.63 -28.73
N PRO H 244 -11.47 -0.11 -27.66
CA PRO H 244 -11.42 -1.57 -27.73
C PRO H 244 -12.67 -2.16 -28.36
N VAL H 245 -12.69 -2.23 -29.70
CA VAL H 245 -13.85 -2.68 -30.44
C VAL H 245 -13.71 -4.17 -30.73
N VAL H 246 -14.75 -4.94 -30.43
CA VAL H 246 -14.74 -6.39 -30.60
C VAL H 246 -15.52 -6.70 -31.87
N SER H 247 -14.80 -7.01 -32.94
CA SER H 247 -15.41 -7.43 -34.20
C SER H 247 -14.70 -8.66 -34.73
N THR H 248 -15.33 -9.31 -35.72
CA THR H 248 -14.87 -10.62 -36.17
C THR H 248 -14.49 -10.69 -37.64
N GLN H 249 -15.11 -9.88 -38.51
CA GLN H 249 -14.80 -9.93 -39.93
C GLN H 249 -14.59 -8.57 -40.58
N LEU H 250 -14.99 -7.47 -39.94
CA LEU H 250 -14.89 -6.16 -40.54
C LEU H 250 -14.44 -5.17 -39.48
N LEU H 251 -13.60 -4.22 -39.89
CA LEU H 251 -13.18 -3.18 -38.97
C LEU H 251 -14.31 -2.20 -38.74
N LEU H 252 -14.76 -2.09 -37.49
CA LEU H 252 -15.88 -1.25 -37.12
C LEU H 252 -15.42 -0.14 -36.20
N ASN H 253 -15.95 1.08 -36.44
CA ASN H 253 -15.61 2.30 -35.68
C ASN H 253 -14.11 2.60 -35.71
N GLY H 254 -13.47 2.23 -36.81
CA GLY H 254 -12.02 2.30 -36.85
C GLY H 254 -11.51 3.68 -37.20
N SER H 255 -10.33 3.72 -37.79
CA SER H 255 -9.69 4.97 -38.21
C SER H 255 -9.60 5.01 -39.72
N LEU H 256 -10.07 6.10 -40.30
CA LEU H 256 -9.94 6.31 -41.73
C LEU H 256 -8.52 6.68 -42.07
N ALA H 257 -8.09 6.29 -43.27
CA ALA H 257 -6.75 6.60 -43.73
C ALA H 257 -6.74 8.01 -44.31
N GLU H 258 -5.66 8.38 -44.98
CA GLU H 258 -5.53 9.73 -45.49
C GLU H 258 -6.12 9.89 -46.88
N GLU H 259 -5.74 9.02 -47.81
CA GLU H 259 -5.97 9.26 -49.23
C GLU H 259 -6.85 8.23 -49.89
N GLU H 260 -6.59 6.95 -49.65
CA GLU H 260 -7.15 5.90 -50.49
C GLU H 260 -7.13 4.61 -49.69
N VAL H 261 -7.36 3.49 -50.39
CA VAL H 261 -7.13 2.19 -49.79
C VAL H 261 -5.62 1.97 -49.69
N MET H 262 -5.17 1.55 -48.51
CA MET H 262 -3.79 1.13 -48.33
C MET H 262 -3.79 -0.28 -47.78
N ILE H 263 -2.82 -1.08 -48.22
CA ILE H 263 -2.83 -2.52 -48.02
C ILE H 263 -1.63 -2.90 -47.16
N ARG H 264 -1.87 -3.71 -46.12
CA ARG H 264 -0.85 -4.06 -45.15
C ARG H 264 -0.71 -5.57 -45.06
N SER H 265 0.45 -6.07 -45.45
CA SER H 265 0.86 -7.44 -45.15
C SER H 265 2.38 -7.49 -45.23
N GLU H 266 2.95 -8.58 -44.74
CA GLU H 266 4.39 -8.78 -44.79
C GLU H 266 4.84 -9.52 -46.03
N ASN H 267 4.11 -10.57 -46.40
CA ASN H 267 4.56 -11.49 -47.43
C ASN H 267 3.31 -11.99 -48.15
N ILE H 268 2.96 -11.33 -49.25
CA ILE H 268 1.79 -11.73 -50.00
C ILE H 268 2.02 -13.04 -50.74
N THR H 269 3.29 -13.37 -51.04
CA THR H 269 3.57 -14.65 -51.66
C THR H 269 3.33 -15.81 -50.70
N ASN H 270 3.65 -15.59 -49.43
CA ASN H 270 3.21 -16.53 -48.40
C ASN H 270 1.72 -16.36 -48.23
N ASN H 271 0.94 -17.24 -48.84
CA ASN H 271 -0.50 -17.14 -48.72
C ASN H 271 -1.02 -17.62 -47.37
N ALA H 272 -0.15 -18.17 -46.52
CA ALA H 272 -0.57 -18.56 -45.17
C ALA H 272 -0.81 -17.37 -44.27
N LYS H 273 -0.28 -16.20 -44.61
CA LYS H 273 -0.46 -15.01 -43.81
C LYS H 273 -1.83 -14.40 -44.08
N ASN H 274 -2.04 -13.18 -43.59
CA ASN H 274 -3.26 -12.45 -43.85
C ASN H 274 -2.91 -11.13 -44.54
N ILE H 275 -3.96 -10.43 -44.96
CA ILE H 275 -3.83 -9.15 -45.66
C ILE H 275 -4.72 -8.15 -44.95
N LEU H 276 -4.12 -7.10 -44.43
CA LEU H 276 -4.86 -6.07 -43.72
C LEU H 276 -5.13 -4.89 -44.65
N VAL H 277 -6.40 -4.52 -44.74
CA VAL H 277 -6.86 -3.52 -45.70
C VAL H 277 -7.61 -2.43 -44.96
N GLN H 278 -7.21 -1.18 -45.18
CA GLN H 278 -7.86 -0.02 -44.59
C GLN H 278 -8.49 0.83 -45.67
N PHE H 279 -9.71 1.29 -45.43
CA PHE H 279 -10.44 2.11 -46.38
C PHE H 279 -9.96 3.55 -46.34
N ASN H 280 -10.61 4.40 -47.13
CA ASN H 280 -10.49 5.84 -47.03
C ASN H 280 -11.75 6.46 -46.45
N THR H 281 -12.91 6.05 -46.95
CA THR H 281 -14.20 6.61 -46.65
C THR H 281 -15.08 5.55 -46.00
N PRO H 282 -15.90 5.92 -45.02
CA PRO H 282 -16.66 4.91 -44.27
C PRO H 282 -17.88 4.48 -45.06
N VAL H 283 -18.56 3.48 -44.51
CA VAL H 283 -19.82 2.96 -45.04
C VAL H 283 -20.81 2.88 -43.90
N GLN H 284 -21.89 3.65 -43.98
CA GLN H 284 -22.93 3.56 -42.97
C GLN H 284 -23.67 2.24 -43.11
N ILE H 285 -24.04 1.64 -41.98
CA ILE H 285 -24.65 0.33 -41.98
C ILE H 285 -25.70 0.24 -40.87
N ASN H 286 -26.94 0.02 -41.25
CA ASN H 286 -28.04 -0.18 -40.32
C ASN H 286 -28.22 -1.65 -40.02
N CYS H 287 -28.26 -1.97 -38.72
CA CYS H 287 -28.69 -3.27 -38.25
C CYS H 287 -29.48 -3.03 -36.98
N THR H 288 -30.57 -3.77 -36.80
CA THR H 288 -31.45 -3.51 -35.68
C THR H 288 -32.17 -4.77 -35.24
N ARG H 289 -32.55 -4.78 -33.96
CA ARG H 289 -33.36 -5.87 -33.45
C ARG H 289 -34.81 -5.60 -33.80
N PRO H 290 -35.46 -6.45 -34.57
CA PRO H 290 -36.75 -6.08 -35.18
C PRO H 290 -37.94 -6.41 -34.32
N ASN H 291 -37.73 -6.68 -33.03
CA ASN H 291 -38.75 -7.31 -32.22
C ASN H 291 -38.97 -6.56 -30.92
N ASN H 292 -40.15 -6.80 -30.35
CA ASN H 292 -40.53 -6.31 -29.04
C ASN H 292 -40.36 -7.45 -28.04
N ASN H 293 -39.99 -7.11 -26.81
CA ASN H 293 -39.40 -8.10 -25.93
C ASN H 293 -39.75 -7.83 -24.48
N THR H 294 -40.00 -8.90 -23.72
CA THR H 294 -40.23 -8.83 -22.28
C THR H 294 -39.20 -9.68 -21.55
N ARG H 295 -39.26 -9.65 -20.23
CA ARG H 295 -38.23 -10.27 -19.40
C ARG H 295 -38.80 -10.54 -18.01
N LYS H 296 -38.51 -11.72 -17.47
CA LYS H 296 -38.99 -12.10 -16.15
C LYS H 296 -37.92 -11.80 -15.11
N SER H 297 -38.16 -12.24 -13.88
CA SER H 297 -37.22 -12.04 -12.77
C SER H 297 -37.45 -13.16 -11.76
N ILE H 298 -36.59 -14.16 -11.77
CA ILE H 298 -36.84 -15.42 -11.07
C ILE H 298 -35.88 -15.53 -9.90
N ARG H 299 -36.43 -15.90 -8.74
CA ARG H 299 -35.63 -16.06 -7.53
C ARG H 299 -35.04 -17.45 -7.45
N ILE H 300 -33.76 -17.52 -7.15
CA ILE H 300 -33.02 -18.77 -7.07
C ILE H 300 -32.72 -19.15 -5.63
N GLY H 301 -32.06 -18.28 -4.90
CA GLY H 301 -31.64 -18.54 -3.54
C GLY H 301 -31.62 -17.26 -2.74
N PRO H 302 -31.00 -17.29 -1.57
CA PRO H 302 -30.87 -16.06 -0.76
C PRO H 302 -29.95 -15.08 -1.46
N GLY H 303 -30.51 -13.97 -1.93
CA GLY H 303 -29.73 -13.01 -2.70
C GLY H 303 -29.29 -13.53 -4.04
N GLN H 304 -30.10 -14.39 -4.66
CA GLN H 304 -29.77 -15.00 -5.93
C GLN H 304 -30.97 -14.87 -6.86
N ALA H 305 -30.87 -13.99 -7.85
CA ALA H 305 -31.97 -13.71 -8.75
C ALA H 305 -31.49 -13.82 -10.19
N PHE H 306 -32.13 -14.70 -10.96
CA PHE H 306 -31.80 -14.90 -12.36
C PHE H 306 -32.82 -14.20 -13.25
N TYR H 307 -32.34 -13.64 -14.37
CA TYR H 307 -33.19 -13.01 -15.36
C TYR H 307 -33.29 -13.92 -16.57
N ALA H 308 -34.49 -14.41 -16.83
CA ALA H 308 -34.78 -15.22 -18.00
C ALA H 308 -35.53 -14.39 -19.03
N THR H 309 -35.76 -15.01 -20.19
CA THR H 309 -36.52 -14.37 -21.25
C THR H 309 -38.00 -14.36 -20.89
N GLY H 310 -38.66 -13.23 -21.12
CA GLY H 310 -40.09 -13.13 -20.91
C GLY H 310 -40.90 -13.75 -22.02
N ASP H 311 -41.99 -13.10 -22.42
CA ASP H 311 -42.87 -13.58 -23.47
C ASP H 311 -43.07 -12.47 -24.48
N ILE H 312 -42.91 -12.79 -25.75
CA ILE H 312 -42.80 -11.75 -26.78
C ILE H 312 -44.16 -11.15 -27.06
N ILE H 313 -44.22 -9.82 -27.01
CA ILE H 313 -45.40 -9.08 -27.45
C ILE H 313 -45.31 -8.87 -28.95
N GLY H 314 -46.35 -9.29 -29.67
CA GLY H 314 -46.41 -9.14 -31.10
C GLY H 314 -46.11 -10.43 -31.84
N ASP H 315 -45.67 -10.26 -33.08
CA ASP H 315 -45.27 -11.37 -33.92
C ASP H 315 -43.74 -11.45 -34.00
N ILE H 316 -43.26 -12.32 -34.87
CA ILE H 316 -41.85 -12.71 -34.91
C ILE H 316 -41.22 -12.15 -36.18
N ARG H 317 -40.01 -11.63 -36.05
CA ARG H 317 -39.19 -11.21 -37.19
C ARG H 317 -37.79 -11.78 -37.04
N GLN H 318 -36.95 -11.49 -38.03
CA GLN H 318 -35.54 -11.87 -38.00
C GLN H 318 -34.69 -10.62 -38.17
N ALA H 319 -33.58 -10.57 -37.45
CA ALA H 319 -32.68 -9.43 -37.53
C ALA H 319 -32.03 -9.35 -38.90
N HIS H 320 -31.81 -8.13 -39.36
CA HIS H 320 -31.32 -7.87 -40.70
C HIS H 320 -30.24 -6.80 -40.65
N CYS H 321 -29.51 -6.67 -41.76
CA CYS H 321 -28.54 -5.61 -41.93
C CYS H 321 -28.69 -5.01 -43.31
N THR H 322 -28.48 -3.69 -43.39
CA THR H 322 -28.83 -2.92 -44.56
C THR H 322 -27.72 -1.93 -44.86
N VAL H 323 -27.24 -1.91 -46.11
CA VAL H 323 -26.17 -1.02 -46.55
C VAL H 323 -26.56 -0.38 -47.87
N SER H 324 -25.73 0.56 -48.31
CA SER H 324 -25.84 1.14 -49.64
C SER H 324 -25.47 0.12 -50.71
N LYS H 325 -25.88 0.39 -51.94
CA LYS H 325 -25.63 -0.52 -53.04
C LYS H 325 -24.42 -0.11 -53.87
N ALA H 326 -24.44 1.08 -54.46
CA ALA H 326 -23.39 1.46 -55.38
C ALA H 326 -22.11 1.88 -54.67
N THR H 327 -22.21 2.30 -53.42
CA THR H 327 -21.04 2.72 -52.66
C THR H 327 -20.14 1.53 -52.38
N TRP H 328 -20.74 0.36 -52.16
CA TRP H 328 -19.99 -0.89 -52.05
C TRP H 328 -19.24 -1.20 -53.33
N ASN H 329 -19.88 -0.95 -54.47
CA ASN H 329 -19.23 -1.18 -55.76
C ASN H 329 -18.09 -0.21 -56.00
N GLU H 330 -18.29 1.05 -55.62
CA GLU H 330 -17.22 2.04 -55.70
C GLU H 330 -16.05 1.68 -54.78
N THR H 331 -16.38 1.12 -53.61
CA THR H 331 -15.36 0.72 -52.65
C THR H 331 -14.51 -0.41 -53.21
N LEU H 332 -15.16 -1.42 -53.76
CA LEU H 332 -14.39 -2.52 -54.34
C LEU H 332 -13.71 -2.12 -55.64
N GLY H 333 -14.21 -1.10 -56.32
CA GLY H 333 -13.46 -0.51 -57.41
C GLY H 333 -12.15 0.11 -56.94
N LYS H 334 -12.20 0.83 -55.81
CA LYS H 334 -11.00 1.35 -55.18
C LYS H 334 -10.05 0.23 -54.78
N VAL H 335 -10.63 -0.88 -54.31
CA VAL H 335 -9.85 -2.07 -53.96
C VAL H 335 -9.08 -2.58 -55.17
N VAL H 336 -9.78 -2.74 -56.31
CA VAL H 336 -9.14 -3.18 -57.55
C VAL H 336 -8.08 -2.18 -57.99
N LYS H 337 -8.35 -0.89 -57.78
CA LYS H 337 -7.40 0.16 -58.14
C LYS H 337 -6.13 0.11 -57.29
N GLN H 338 -6.22 -0.43 -56.07
CA GLN H 338 -5.01 -0.49 -55.25
C GLN H 338 -4.35 -1.85 -55.23
N LEU H 339 -5.02 -2.91 -55.70
CA LEU H 339 -4.40 -4.22 -55.77
C LEU H 339 -3.37 -4.33 -56.88
N ARG H 340 -3.44 -3.46 -57.88
CA ARG H 340 -2.70 -3.59 -59.12
C ARG H 340 -1.20 -3.35 -58.98
N LYS H 341 -0.74 -2.84 -57.84
CA LYS H 341 0.67 -2.52 -57.72
C LYS H 341 1.50 -3.77 -57.48
N HIS H 342 1.25 -4.46 -56.37
CA HIS H 342 2.12 -5.54 -55.94
C HIS H 342 1.95 -6.83 -56.74
N PHE H 343 0.90 -6.93 -57.55
CA PHE H 343 0.73 -8.11 -58.40
C PHE H 343 -0.04 -7.68 -59.65
N GLY H 344 -0.45 -8.68 -60.44
CA GLY H 344 -0.81 -8.42 -61.82
C GLY H 344 -2.13 -7.70 -62.01
N ASN H 345 -2.19 -6.94 -63.10
CA ASN H 345 -3.38 -6.21 -63.49
C ASN H 345 -4.16 -6.88 -64.62
N ASN H 346 -3.49 -7.60 -65.51
CA ASN H 346 -4.23 -8.54 -66.35
C ASN H 346 -4.69 -9.75 -65.55
N THR H 347 -4.07 -10.00 -64.40
CA THR H 347 -4.60 -10.91 -63.41
C THR H 347 -5.99 -10.45 -62.96
N ILE H 348 -6.98 -11.30 -63.17
CA ILE H 348 -8.37 -10.96 -62.89
C ILE H 348 -8.64 -11.14 -61.39
N ILE H 349 -9.43 -10.25 -60.81
CA ILE H 349 -9.78 -10.30 -59.41
C ILE H 349 -11.09 -11.07 -59.26
N ARG H 350 -11.09 -12.07 -58.38
CA ARG H 350 -12.29 -12.83 -58.06
C ARG H 350 -12.53 -12.79 -56.57
N PHE H 351 -13.75 -12.51 -56.17
CA PHE H 351 -14.19 -12.67 -54.79
C PHE H 351 -14.98 -13.96 -54.64
N ALA H 352 -15.08 -14.42 -53.41
CA ALA H 352 -15.74 -15.68 -53.11
C ALA H 352 -16.22 -15.64 -51.67
N ASN H 353 -17.04 -16.61 -51.31
CA ASN H 353 -17.31 -16.86 -49.91
C ASN H 353 -16.06 -17.42 -49.26
N SER H 354 -15.93 -17.23 -47.95
CA SER H 354 -14.81 -17.79 -47.22
C SER H 354 -14.94 -19.31 -47.11
N SER H 355 -13.90 -19.93 -46.56
CA SER H 355 -13.84 -21.39 -46.49
C SER H 355 -14.87 -22.00 -45.55
N GLY H 356 -15.36 -21.23 -44.59
CA GLY H 356 -16.33 -21.73 -43.65
C GLY H 356 -15.69 -22.50 -42.51
N GLY H 357 -16.53 -22.90 -41.55
CA GLY H 357 -16.03 -23.59 -40.38
C GLY H 357 -16.45 -22.95 -39.08
N ASP H 358 -15.49 -22.38 -38.37
CA ASP H 358 -15.72 -21.84 -37.04
C ASP H 358 -16.65 -20.64 -37.09
N LEU H 359 -17.60 -20.62 -36.15
CA LEU H 359 -18.51 -19.48 -36.01
C LEU H 359 -17.81 -18.24 -35.48
N GLU H 360 -16.57 -18.35 -35.02
CA GLU H 360 -15.76 -17.17 -34.76
C GLU H 360 -15.42 -16.43 -36.05
N VAL H 361 -15.33 -17.15 -37.19
CA VAL H 361 -15.02 -16.55 -38.47
C VAL H 361 -16.05 -16.85 -39.53
N THR H 362 -17.15 -17.53 -39.20
CA THR H 362 -18.19 -17.79 -40.19
C THR H 362 -18.99 -16.51 -40.46
N THR H 363 -19.66 -16.00 -39.44
CA THR H 363 -20.41 -14.77 -39.58
C THR H 363 -19.57 -13.59 -39.12
N HIS H 364 -20.09 -12.40 -39.35
CA HIS H 364 -19.51 -11.18 -38.83
C HIS H 364 -20.23 -10.80 -37.55
N SER H 365 -19.48 -10.64 -36.46
CA SER H 365 -20.08 -10.44 -35.16
C SER H 365 -19.49 -9.23 -34.46
N PHE H 366 -20.28 -8.68 -33.56
CA PHE H 366 -20.02 -7.40 -32.90
C PHE H 366 -20.96 -7.28 -31.70
N ASN H 367 -20.99 -6.11 -31.07
CA ASN H 367 -21.55 -5.95 -29.74
C ASN H 367 -22.46 -4.71 -29.68
N CYS H 368 -23.39 -4.59 -30.61
CA CYS H 368 -24.35 -3.50 -30.53
C CYS H 368 -25.37 -3.73 -29.43
N GLY H 369 -25.51 -2.75 -28.55
CA GLY H 369 -26.59 -2.71 -27.58
C GLY H 369 -26.55 -3.82 -26.55
N GLY H 370 -25.38 -4.33 -26.23
CA GLY H 370 -25.29 -5.44 -25.30
C GLY H 370 -25.84 -6.72 -25.86
N GLU H 371 -25.60 -6.99 -27.15
CA GLU H 371 -26.11 -8.20 -27.77
C GLU H 371 -25.20 -8.54 -28.94
N PHE H 372 -25.20 -9.82 -29.30
CA PHE H 372 -24.23 -10.40 -30.22
C PHE H 372 -24.95 -10.92 -31.45
N PHE H 373 -24.45 -10.58 -32.64
CA PHE H 373 -25.17 -10.79 -33.88
C PHE H 373 -24.33 -11.65 -34.82
N TYR H 374 -24.94 -12.69 -35.37
CA TYR H 374 -24.26 -13.62 -36.29
C TYR H 374 -24.93 -13.52 -37.65
N CYS H 375 -24.36 -12.70 -38.53
CA CYS H 375 -25.03 -12.30 -39.76
C CYS H 375 -24.46 -13.07 -40.96
N ASN H 376 -25.36 -13.62 -41.77
CA ASN H 376 -25.01 -14.47 -42.90
C ASN H 376 -24.44 -13.65 -44.04
N THR H 377 -23.13 -13.41 -44.02
CA THR H 377 -22.47 -12.56 -45.01
C THR H 377 -22.10 -13.31 -46.29
N SER H 378 -22.74 -14.44 -46.58
CA SER H 378 -22.40 -15.24 -47.74
C SER H 378 -23.03 -14.73 -49.03
N GLY H 379 -23.49 -13.48 -49.06
CA GLY H 379 -24.08 -12.92 -50.26
C GLY H 379 -23.36 -11.71 -50.79
N LEU H 380 -22.58 -11.06 -49.94
CA LEU H 380 -21.88 -9.83 -50.32
C LEU H 380 -20.60 -10.08 -51.10
N PHE H 381 -20.13 -11.33 -51.16
CA PHE H 381 -18.79 -11.61 -51.66
C PHE H 381 -18.82 -12.45 -52.93
N ASN H 382 -19.95 -12.44 -53.65
CA ASN H 382 -20.07 -13.09 -54.95
C ASN H 382 -19.70 -12.04 -56.00
N SER H 383 -18.43 -12.05 -56.41
CA SER H 383 -17.96 -10.99 -57.29
C SER H 383 -16.75 -11.48 -58.07
N THR H 384 -16.59 -10.93 -59.27
CA THR H 384 -15.41 -11.17 -60.09
C THR H 384 -15.28 -9.99 -61.05
N TRP H 385 -14.15 -9.30 -61.00
CA TRP H 385 -13.93 -8.16 -61.87
C TRP H 385 -12.58 -8.30 -62.53
N ILE H 386 -12.52 -7.99 -63.83
CA ILE H 386 -11.23 -7.89 -64.50
C ILE H 386 -10.51 -6.64 -64.01
N SER H 387 -9.26 -6.82 -63.59
CA SER H 387 -8.50 -5.71 -63.04
C SER H 387 -7.82 -4.90 -64.12
N ASP H 401 -30.93 -0.79 -54.47
CA ASP H 401 -30.53 0.17 -53.45
C ASP H 401 -30.25 -0.53 -52.12
N SER H 402 -31.19 -1.35 -51.69
CA SER H 402 -31.12 -2.01 -50.39
C SER H 402 -30.52 -3.41 -50.53
N ILE H 403 -29.61 -3.74 -49.62
CA ILE H 403 -29.01 -5.07 -49.55
C ILE H 403 -29.32 -5.63 -48.17
N THR H 404 -29.93 -6.81 -48.12
CA THR H 404 -30.47 -7.37 -46.89
C THR H 404 -29.87 -8.73 -46.62
N LEU H 405 -29.38 -8.93 -45.40
CA LEU H 405 -28.84 -10.22 -44.97
C LEU H 405 -29.42 -10.64 -43.62
N PRO H 406 -29.69 -11.92 -43.42
CA PRO H 406 -30.21 -12.37 -42.14
C PRO H 406 -29.12 -12.45 -41.09
N CYS H 407 -29.53 -12.42 -39.83
CA CYS H 407 -28.59 -12.51 -38.73
C CYS H 407 -29.07 -13.55 -37.72
N ARG H 408 -28.14 -14.02 -36.90
CA ARG H 408 -28.43 -15.00 -35.87
C ARG H 408 -27.95 -14.47 -34.51
N ILE H 409 -28.59 -14.95 -33.45
CA ILE H 409 -28.33 -14.50 -32.10
C ILE H 409 -28.07 -15.72 -31.21
N LYS H 410 -27.04 -15.64 -30.37
CA LYS H 410 -26.84 -16.63 -29.32
C LYS H 410 -26.84 -15.97 -27.94
N GLN H 411 -26.75 -16.80 -26.92
CA GLN H 411 -26.78 -16.41 -25.52
C GLN H 411 -25.61 -16.97 -24.72
N ILE H 412 -25.18 -18.19 -25.00
CA ILE H 412 -24.10 -18.83 -24.27
C ILE H 412 -22.81 -18.45 -24.99
N ILE H 413 -22.07 -17.51 -24.43
CA ILE H 413 -21.03 -16.81 -25.18
C ILE H 413 -19.68 -17.19 -24.61
N ASN H 414 -18.93 -18.01 -25.35
CA ASN H 414 -17.54 -18.18 -25.05
C ASN H 414 -16.77 -16.92 -25.42
N MET H 415 -15.72 -16.64 -24.66
CA MET H 415 -14.94 -15.43 -24.84
C MET H 415 -13.80 -15.76 -25.80
N TRP H 416 -12.76 -14.91 -25.85
CA TRP H 416 -11.87 -14.63 -26.98
C TRP H 416 -11.47 -15.84 -27.82
N GLN H 417 -10.73 -16.75 -27.21
CA GLN H 417 -10.54 -18.09 -27.74
C GLN H 417 -10.64 -19.12 -26.64
N ARG H 418 -10.98 -18.70 -25.44
CA ARG H 418 -10.95 -19.55 -24.26
C ARG H 418 -12.20 -20.41 -24.19
N ILE H 419 -12.02 -21.64 -23.70
CA ILE H 419 -13.12 -22.55 -23.45
C ILE H 419 -13.33 -22.82 -21.97
N GLY H 420 -12.53 -22.20 -21.10
CA GLY H 420 -12.69 -22.37 -19.67
C GLY H 420 -13.40 -21.20 -19.02
N GLN H 421 -14.43 -20.68 -19.69
CA GLN H 421 -15.13 -19.47 -19.28
C GLN H 421 -16.40 -19.36 -20.11
N ALA H 422 -17.50 -18.97 -19.46
CA ALA H 422 -18.77 -18.80 -20.16
C ALA H 422 -19.62 -17.81 -19.39
N MET H 423 -20.01 -16.72 -20.04
CA MET H 423 -20.82 -15.68 -19.39
C MET H 423 -22.10 -15.45 -20.18
N TYR H 424 -23.20 -15.32 -19.44
CA TYR H 424 -24.55 -15.29 -19.99
C TYR H 424 -25.11 -13.89 -19.93
N ALA H 425 -25.68 -13.44 -21.01
CA ALA H 425 -26.24 -12.10 -21.02
C ALA H 425 -27.73 -12.11 -20.76
N PRO H 426 -28.27 -11.10 -20.09
CA PRO H 426 -29.72 -10.99 -19.94
C PRO H 426 -30.33 -10.36 -21.18
N PRO H 427 -31.45 -10.90 -21.68
CA PRO H 427 -32.11 -10.33 -22.85
C PRO H 427 -32.74 -8.98 -22.53
N ILE H 428 -32.34 -7.96 -23.26
CA ILE H 428 -32.80 -6.60 -23.00
C ILE H 428 -34.15 -6.39 -23.68
N GLN H 429 -35.08 -5.76 -22.95
CA GLN H 429 -36.41 -5.49 -23.45
C GLN H 429 -36.37 -4.41 -24.53
N GLY H 430 -37.49 -4.27 -25.23
CA GLY H 430 -37.66 -3.15 -26.15
C GLY H 430 -37.21 -3.45 -27.57
N VAL H 431 -36.86 -2.39 -28.31
CA VAL H 431 -36.41 -2.49 -29.69
C VAL H 431 -35.04 -1.83 -29.79
N ILE H 432 -34.06 -2.57 -30.29
CA ILE H 432 -32.67 -2.13 -30.32
C ILE H 432 -32.33 -1.70 -31.73
N ARG H 433 -31.74 -0.50 -31.86
CA ARG H 433 -31.29 0.01 -33.14
C ARG H 433 -29.84 0.46 -33.00
N CYS H 434 -28.97 -0.02 -33.90
CA CYS H 434 -27.55 0.28 -33.84
C CYS H 434 -27.04 0.71 -35.20
N VAL H 435 -26.44 1.88 -35.26
CA VAL H 435 -25.84 2.42 -36.47
C VAL H 435 -24.33 2.51 -36.24
N SER H 436 -23.54 2.16 -37.25
CA SER H 436 -22.09 2.29 -37.13
C SER H 436 -21.48 2.52 -38.52
N ASN H 437 -20.16 2.54 -38.56
CA ASN H 437 -19.40 2.65 -39.79
C ASN H 437 -18.66 1.36 -40.07
N ILE H 438 -17.96 1.33 -41.19
CA ILE H 438 -17.09 0.23 -41.59
C ILE H 438 -15.83 0.84 -42.16
N THR H 439 -14.67 0.41 -41.65
CA THR H 439 -13.41 1.05 -42.01
C THR H 439 -12.39 0.13 -42.65
N GLY H 440 -12.56 -1.19 -42.60
CA GLY H 440 -11.54 -2.02 -43.21
C GLY H 440 -11.83 -3.50 -43.14
N LEU H 441 -11.05 -4.26 -43.92
CA LEU H 441 -11.30 -5.67 -44.15
C LEU H 441 -10.04 -6.49 -43.93
N ILE H 442 -10.23 -7.77 -43.67
CA ILE H 442 -9.16 -8.74 -43.46
C ILE H 442 -9.32 -9.83 -44.51
N LEU H 443 -8.32 -9.97 -45.38
CA LEU H 443 -8.45 -10.77 -46.58
C LEU H 443 -7.48 -11.93 -46.60
N THR H 444 -7.96 -13.09 -47.03
CA THR H 444 -7.17 -14.31 -47.16
C THR H 444 -7.19 -14.78 -48.60
N ARG H 445 -6.04 -15.27 -49.06
CA ARG H 445 -5.87 -15.76 -50.42
C ARG H 445 -5.37 -17.20 -50.37
N ASP H 446 -5.92 -18.03 -51.25
CA ASP H 446 -5.49 -19.42 -51.34
C ASP H 446 -4.07 -19.51 -51.88
N GLY H 447 -3.48 -20.68 -51.68
CA GLY H 447 -2.20 -21.02 -52.26
C GLY H 447 -2.37 -21.87 -53.50
N GLY H 448 -1.29 -21.96 -54.28
CA GLY H 448 -1.34 -22.70 -55.53
C GLY H 448 -2.03 -21.97 -56.65
N SER H 449 -2.33 -20.69 -56.50
CA SER H 449 -2.99 -19.90 -57.54
C SER H 449 -1.95 -19.54 -58.61
N THR H 450 -1.71 -20.50 -59.50
CA THR H 450 -0.79 -20.31 -60.61
C THR H 450 -1.54 -19.74 -61.81
N ASN H 451 -0.90 -19.79 -62.98
CA ASN H 451 -1.45 -19.39 -64.28
C ASN H 451 -1.82 -17.90 -64.35
N SER H 452 -1.20 -17.08 -63.50
CA SER H 452 -1.05 -15.63 -63.68
C SER H 452 -2.34 -14.81 -63.67
N THR H 453 -3.49 -15.44 -63.44
CA THR H 453 -4.75 -14.71 -63.42
C THR H 453 -5.74 -15.45 -62.54
N THR H 454 -6.87 -14.77 -62.28
CA THR H 454 -8.00 -15.26 -61.49
C THR H 454 -7.55 -15.67 -60.08
N GLU H 455 -7.15 -14.65 -59.33
CA GLU H 455 -6.78 -14.84 -57.94
C GLU H 455 -8.01 -14.67 -57.05
N THR H 456 -8.08 -15.47 -56.00
CA THR H 456 -9.26 -15.55 -55.15
C THR H 456 -8.96 -14.96 -53.77
N PHE H 457 -9.89 -14.14 -53.28
CA PHE H 457 -9.79 -13.50 -51.98
C PHE H 457 -10.97 -13.90 -51.11
N ARG H 458 -10.70 -14.15 -49.83
CA ARG H 458 -11.68 -14.61 -48.87
C ARG H 458 -11.46 -13.90 -47.55
N PRO H 459 -12.52 -13.70 -46.77
CA PRO H 459 -12.36 -13.15 -45.42
C PRO H 459 -11.93 -14.20 -44.42
N GLY H 460 -11.57 -13.74 -43.23
CA GLY H 460 -11.15 -14.63 -42.15
C GLY H 460 -10.30 -13.88 -41.14
N GLY H 461 -9.31 -14.59 -40.60
CA GLY H 461 -8.38 -14.01 -39.64
C GLY H 461 -8.88 -13.92 -38.20
N GLY H 462 -9.09 -15.06 -37.55
CA GLY H 462 -9.62 -15.09 -36.21
C GLY H 462 -8.63 -14.95 -35.08
N ASP H 463 -7.65 -14.06 -35.25
CA ASP H 463 -6.70 -13.69 -34.20
C ASP H 463 -6.89 -12.19 -33.98
N MET H 464 -7.53 -11.84 -32.88
CA MET H 464 -8.03 -10.49 -32.69
C MET H 464 -6.95 -9.49 -32.33
N ARG H 465 -5.70 -9.92 -32.24
CA ARG H 465 -4.59 -8.99 -32.08
C ARG H 465 -4.40 -8.10 -33.31
N ASP H 466 -4.90 -8.54 -34.47
CA ASP H 466 -4.72 -7.75 -35.68
C ASP H 466 -5.59 -6.50 -35.65
N ASN H 467 -6.70 -6.54 -34.91
CA ASN H 467 -7.48 -5.35 -34.65
C ASN H 467 -6.64 -4.29 -33.96
N TRP H 468 -5.80 -4.72 -33.03
CA TRP H 468 -4.88 -3.83 -32.36
C TRP H 468 -3.74 -3.43 -33.28
N ARG H 469 -3.30 -4.36 -34.12
CA ARG H 469 -2.27 -4.06 -35.10
C ARG H 469 -2.77 -3.07 -36.14
N SER H 470 -4.07 -3.09 -36.42
CA SER H 470 -4.68 -2.13 -37.33
C SER H 470 -4.75 -0.72 -36.76
N GLU H 471 -4.40 -0.53 -35.50
CA GLU H 471 -4.39 0.80 -34.90
C GLU H 471 -3.02 1.24 -34.47
N LEU H 472 -2.23 0.34 -33.89
CA LEU H 472 -0.98 0.70 -33.25
C LEU H 472 0.20 0.63 -34.20
N TYR H 473 -0.05 0.78 -35.49
CA TYR H 473 0.97 0.66 -36.52
C TYR H 473 1.85 1.91 -36.65
N LYS H 474 1.74 2.86 -35.74
CA LYS H 474 2.48 4.10 -35.85
C LYS H 474 3.49 4.31 -34.75
N TYR H 475 3.44 3.53 -33.68
CA TYR H 475 4.12 3.88 -32.45
C TYR H 475 5.17 2.82 -32.11
N LYS H 476 6.15 3.25 -31.34
CA LYS H 476 7.31 2.44 -31.04
C LYS H 476 7.90 2.90 -29.71
N VAL H 477 8.15 1.94 -28.81
CA VAL H 477 8.64 2.22 -27.48
C VAL H 477 10.14 1.92 -27.45
N VAL H 478 10.94 2.87 -26.95
CA VAL H 478 12.38 2.72 -27.00
C VAL H 478 13.00 3.18 -25.68
N LYS H 479 14.19 2.68 -25.40
CA LYS H 479 14.91 2.91 -24.16
C LYS H 479 15.95 3.99 -24.37
N ILE H 480 16.21 4.76 -23.32
CA ILE H 480 17.22 5.80 -23.32
C ILE H 480 18.44 5.30 -22.56
N GLU H 481 19.62 5.48 -23.13
CA GLU H 481 20.88 5.24 -22.42
C GLU H 481 21.71 6.50 -22.48
N PRO H 482 21.70 7.31 -21.44
CA PRO H 482 22.24 8.68 -21.52
C PRO H 482 23.74 8.80 -21.28
N LEU H 483 24.49 7.72 -21.26
CA LEU H 483 25.89 7.74 -20.87
C LEU H 483 26.75 7.49 -22.09
N GLY H 484 27.58 8.47 -22.46
CA GLY H 484 28.35 8.40 -23.68
C GLY H 484 29.77 8.88 -23.50
N VAL H 485 30.65 8.40 -24.40
CA VAL H 485 32.06 8.73 -24.40
C VAL H 485 32.46 9.23 -25.77
N ALA H 486 33.64 9.83 -25.84
CA ALA H 486 34.15 10.43 -27.07
C ALA H 486 35.65 10.63 -26.93
N PRO H 487 36.36 10.78 -28.03
CA PRO H 487 37.77 11.17 -27.97
C PRO H 487 37.96 12.67 -28.10
N THR H 488 39.07 13.15 -27.55
CA THR H 488 39.42 14.55 -27.64
C THR H 488 40.94 14.69 -27.50
N ARG H 489 41.41 15.92 -27.42
CA ARG H 489 42.83 16.21 -27.35
C ARG H 489 43.31 16.74 -26.00
N ALA H 490 42.41 17.19 -25.13
CA ALA H 490 42.85 17.83 -23.90
C ALA H 490 43.17 16.77 -22.84
N LYS H 491 43.73 17.22 -21.71
CA LYS H 491 44.20 16.33 -20.66
C LYS H 491 43.90 16.98 -19.32
N ARG H 492 43.50 16.18 -18.34
CA ARG H 492 43.14 16.78 -17.06
C ARG H 492 44.38 17.13 -16.25
N ARG H 493 44.15 17.70 -15.08
CA ARG H 493 45.19 18.39 -14.33
C ARG H 493 45.17 17.93 -12.87
N VAL H 494 46.36 17.86 -12.28
CA VAL H 494 46.52 17.56 -10.87
C VAL H 494 46.98 18.81 -10.15
N GLU I 23 47.52 17.20 24.30
CA GLU I 23 47.60 18.40 23.49
C GLU I 23 46.38 18.59 22.61
N ASN I 24 46.58 19.24 21.46
CA ASN I 24 45.52 19.47 20.50
C ASN I 24 45.16 18.14 19.84
N LEU I 25 44.00 17.60 20.17
CA LEU I 25 43.57 16.29 19.69
C LEU I 25 42.27 16.46 18.92
N TRP I 26 42.33 16.23 17.61
CA TRP I 26 41.16 16.39 16.76
C TRP I 26 40.83 15.04 16.13
N VAL I 27 39.63 14.96 15.56
CA VAL I 27 39.00 13.68 15.22
C VAL I 27 38.99 13.50 13.71
N THR I 28 39.26 12.28 13.26
CA THR I 28 39.12 11.89 11.87
C THR I 28 38.01 10.87 11.71
N VAL I 29 37.24 11.01 10.64
CA VAL I 29 36.19 10.06 10.31
C VAL I 29 36.74 9.11 9.26
N TYR I 30 36.61 7.82 9.51
CA TYR I 30 37.12 6.79 8.63
C TYR I 30 35.98 6.11 7.90
N TYR I 31 36.24 5.69 6.68
CA TYR I 31 35.28 4.97 5.87
C TYR I 31 35.82 3.59 5.55
N GLY I 32 34.93 2.61 5.53
CA GLY I 32 35.33 1.25 5.23
C GLY I 32 36.14 0.62 6.33
N VAL I 33 35.48 0.35 7.45
CA VAL I 33 36.14 -0.30 8.58
C VAL I 33 35.35 -1.55 8.93
N PRO I 34 35.99 -2.72 9.02
CA PRO I 34 35.27 -3.96 9.30
C PRO I 34 34.65 -4.02 10.68
N VAL I 35 33.33 -4.03 10.76
CA VAL I 35 32.60 -4.04 12.02
C VAL I 35 31.51 -5.10 11.96
N TRP I 36 31.56 -6.06 12.86
CA TRP I 36 30.47 -6.99 13.05
C TRP I 36 29.37 -6.33 13.87
N LYS I 37 28.12 -6.64 13.51
CA LYS I 37 26.97 -6.36 14.34
C LYS I 37 26.05 -7.57 14.31
N ASP I 38 25.50 -7.92 15.46
CA ASP I 38 24.84 -9.20 15.63
C ASP I 38 23.33 -8.98 15.63
N ALA I 39 22.74 -9.09 14.43
CA ALA I 39 21.32 -8.88 14.24
C ALA I 39 20.81 -9.92 13.25
N GLU I 40 19.54 -9.81 12.85
CA GLU I 40 18.96 -10.77 11.94
C GLU I 40 17.93 -10.10 11.04
N THR I 41 18.03 -10.37 9.73
CA THR I 41 17.18 -9.78 8.70
C THR I 41 16.55 -10.88 7.85
N THR I 42 15.97 -10.52 6.72
CA THR I 42 15.28 -11.47 5.84
C THR I 42 16.16 -11.84 4.66
N LEU I 43 16.20 -13.14 4.32
CA LEU I 43 17.13 -13.66 3.33
C LEU I 43 16.51 -13.68 1.94
N PHE I 44 17.16 -14.42 1.02
CA PHE I 44 17.06 -14.17 -0.40
C PHE I 44 17.10 -15.48 -1.19
N CYS I 45 16.30 -15.56 -2.26
CA CYS I 45 16.12 -16.78 -3.03
C CYS I 45 17.39 -17.14 -3.81
N ALA I 46 17.36 -18.33 -4.44
CA ALA I 46 18.45 -18.81 -5.27
C ALA I 46 17.94 -19.96 -6.14
N SER I 47 18.87 -20.61 -6.83
CA SER I 47 18.57 -21.77 -7.67
C SER I 47 19.78 -22.69 -7.78
N ASN I 58 8.51 -27.69 -10.41
CA ASN I 58 8.58 -28.44 -9.16
C ASN I 58 7.81 -27.67 -8.07
N VAL I 59 7.22 -28.41 -7.13
CA VAL I 59 6.43 -27.80 -6.07
C VAL I 59 7.32 -26.98 -5.15
N TRP I 60 8.40 -27.58 -4.66
CA TRP I 60 9.28 -26.94 -3.68
C TRP I 60 9.96 -25.73 -4.29
N ALA I 61 10.75 -25.96 -5.33
CA ALA I 61 11.46 -24.88 -5.98
C ALA I 61 10.48 -24.09 -6.84
N THR I 62 11.02 -23.12 -7.55
CA THR I 62 10.20 -22.34 -8.45
C THR I 62 10.56 -22.68 -9.89
N HIS I 63 9.60 -22.46 -10.76
CA HIS I 63 9.90 -22.39 -12.18
C HIS I 63 10.62 -21.09 -12.54
N ALA I 64 10.75 -20.15 -11.61
CA ALA I 64 11.46 -18.91 -11.85
C ALA I 64 12.02 -18.38 -10.53
N CYS I 65 13.34 -18.39 -10.39
CA CYS I 65 14.03 -17.61 -9.37
C CYS I 65 15.32 -17.07 -10.00
N VAL I 66 16.16 -16.46 -9.17
CA VAL I 66 17.44 -15.92 -9.68
C VAL I 66 18.39 -17.09 -9.96
N PRO I 67 19.15 -17.05 -11.06
CA PRO I 67 20.16 -18.10 -11.27
C PRO I 67 21.32 -17.93 -10.30
N THR I 68 22.02 -19.03 -10.09
CA THR I 68 23.10 -19.08 -9.13
C THR I 68 24.37 -18.46 -9.71
N ASP I 69 25.49 -18.65 -9.03
CA ASP I 69 26.79 -18.21 -9.50
C ASP I 69 27.77 -19.37 -9.45
N PRO I 70 28.58 -19.56 -10.49
CA PRO I 70 29.51 -20.69 -10.49
C PRO I 70 30.72 -20.48 -9.62
N ASN I 71 31.09 -19.23 -9.37
CA ASN I 71 32.31 -18.95 -8.63
C ASN I 71 32.05 -19.04 -7.13
N PRO I 72 32.88 -19.76 -6.38
CA PRO I 72 32.84 -19.67 -4.92
C PRO I 72 33.34 -18.32 -4.45
N GLN I 73 33.06 -18.01 -3.19
CA GLN I 73 33.50 -16.75 -2.61
C GLN I 73 33.64 -16.94 -1.11
N GLU I 74 34.87 -16.98 -0.62
CA GLU I 74 35.14 -17.26 0.78
C GLU I 74 36.54 -16.79 1.13
N ILE I 75 36.66 -16.02 2.19
CA ILE I 75 37.95 -15.53 2.65
C ILE I 75 38.19 -16.01 4.07
N HIS I 76 39.25 -16.80 4.24
CA HIS I 76 39.69 -17.17 5.56
C HIS I 76 40.35 -15.97 6.25
N LEU I 77 40.09 -15.83 7.54
CA LEU I 77 40.66 -14.76 8.35
C LEU I 77 41.40 -15.39 9.52
N GLU I 78 41.87 -14.54 10.44
CA GLU I 78 42.58 -15.06 11.59
C GLU I 78 42.32 -14.18 12.80
N ASN I 79 42.65 -14.74 13.96
CA ASN I 79 42.64 -14.07 15.26
C ASN I 79 41.26 -13.56 15.63
N VAL I 80 40.23 -14.30 15.22
CA VAL I 80 38.85 -13.95 15.51
C VAL I 80 38.17 -15.17 16.13
N THR I 81 37.61 -15.00 17.32
CA THR I 81 36.88 -16.05 18.02
C THR I 81 35.49 -15.54 18.35
N GLU I 82 34.50 -16.44 18.27
CA GLU I 82 33.12 -16.10 18.59
C GLU I 82 32.33 -17.37 18.87
N GLU I 83 31.43 -17.31 19.84
CA GLU I 83 30.54 -18.42 20.14
C GLU I 83 29.28 -18.35 19.29
N PHE I 84 28.99 -19.44 18.58
CA PHE I 84 27.88 -19.52 17.64
C PHE I 84 26.78 -20.31 18.33
N ASN I 85 25.73 -19.63 18.74
CA ASN I 85 24.72 -20.26 19.58
C ASN I 85 23.74 -21.03 18.71
N MET I 86 23.79 -22.35 18.81
CA MET I 86 22.85 -23.22 18.14
C MET I 86 21.52 -23.17 18.91
N TRP I 87 20.47 -23.74 18.29
CA TRP I 87 19.08 -23.78 18.74
C TRP I 87 18.42 -22.42 18.81
N LYS I 88 19.04 -21.37 18.27
CA LYS I 88 18.56 -20.02 18.50
C LYS I 88 18.31 -19.23 17.22
N ASN I 89 19.10 -19.44 16.18
CA ASN I 89 18.98 -18.64 14.98
C ASN I 89 17.71 -19.00 14.23
N ASN I 90 16.87 -18.01 13.97
CA ASN I 90 15.55 -18.20 13.37
C ASN I 90 15.59 -18.41 11.87
N MET I 91 16.76 -18.69 11.31
CA MET I 91 16.85 -19.15 9.93
C MET I 91 16.09 -20.46 9.76
N VAL I 92 16.15 -21.30 10.79
CA VAL I 92 15.28 -22.47 10.87
C VAL I 92 13.82 -22.04 10.89
N GLU I 93 13.52 -20.98 11.64
CA GLU I 93 12.14 -20.52 11.77
C GLU I 93 11.65 -19.92 10.47
N GLN I 94 12.50 -19.14 9.79
CA GLN I 94 12.14 -18.59 8.49
C GLN I 94 11.91 -19.69 7.47
N MET I 95 12.80 -20.69 7.45
CA MET I 95 12.65 -21.83 6.54
C MET I 95 11.36 -22.58 6.83
N HIS I 96 11.00 -22.72 8.11
CA HIS I 96 9.79 -23.41 8.50
C HIS I 96 8.55 -22.69 7.99
N THR I 97 8.50 -21.37 8.22
CA THR I 97 7.41 -20.54 7.71
C THR I 97 7.30 -20.62 6.20
N ASP I 98 8.44 -20.55 5.52
CA ASP I 98 8.43 -20.48 4.06
C ASP I 98 8.00 -21.80 3.45
N ILE I 99 8.41 -22.90 4.06
CA ILE I 99 8.04 -24.21 3.53
C ILE I 99 6.56 -24.48 3.72
N ILE I 100 6.01 -24.10 4.88
CA ILE I 100 4.58 -24.32 5.06
C ILE I 100 3.77 -23.38 4.15
N SER I 101 4.29 -22.17 3.90
CA SER I 101 3.62 -21.26 3.00
C SER I 101 3.63 -21.77 1.57
N LEU I 102 4.76 -22.33 1.11
CA LEU I 102 4.81 -22.86 -0.24
C LEU I 102 3.99 -24.13 -0.37
N TRP I 103 3.91 -24.91 0.70
CA TRP I 103 3.06 -26.10 0.70
C TRP I 103 1.60 -25.72 0.56
N ASP I 104 1.19 -24.63 1.22
CA ASP I 104 -0.18 -24.18 1.03
C ASP I 104 -0.37 -23.50 -0.32
N GLN I 105 0.70 -22.89 -0.85
CA GLN I 105 0.68 -22.31 -2.18
C GLN I 105 0.42 -23.36 -3.25
N SER I 106 0.84 -24.60 -2.99
CA SER I 106 0.64 -25.69 -3.94
C SER I 106 -0.83 -25.98 -4.18
N LEU I 107 -1.57 -26.34 -3.13
CA LEU I 107 -2.92 -26.88 -3.29
C LEU I 107 -3.98 -25.81 -3.51
N LYS I 108 -3.61 -24.60 -3.92
CA LYS I 108 -4.64 -23.58 -4.15
C LYS I 108 -5.49 -23.86 -5.38
N PRO I 109 -4.94 -24.08 -6.62
CA PRO I 109 -5.86 -24.30 -7.75
C PRO I 109 -6.35 -25.73 -7.85
N CYS I 110 -6.16 -26.52 -6.81
CA CYS I 110 -6.66 -27.88 -6.79
C CYS I 110 -8.15 -27.88 -6.43
N VAL I 111 -8.74 -29.07 -6.40
CA VAL I 111 -10.19 -29.23 -6.44
C VAL I 111 -10.69 -29.76 -5.11
N LYS I 112 -11.77 -29.17 -4.62
CA LYS I 112 -12.43 -29.66 -3.41
C LYS I 112 -13.06 -31.03 -3.64
N LEU I 113 -13.29 -31.75 -2.54
CA LEU I 113 -13.80 -33.11 -2.60
C LEU I 113 -14.87 -33.37 -1.55
N THR I 114 -15.59 -32.35 -1.14
CA THR I 114 -16.62 -32.44 -0.12
C THR I 114 -17.76 -33.44 -0.36
N PRO I 115 -18.14 -33.86 -1.60
CA PRO I 115 -19.12 -34.96 -1.68
C PRO I 115 -18.59 -36.35 -1.40
N LEU I 116 -17.38 -36.48 -0.85
CA LEU I 116 -16.84 -37.81 -0.63
C LEU I 116 -17.17 -38.40 0.73
N CYS I 117 -17.82 -37.66 1.63
CA CYS I 117 -18.22 -38.23 2.92
C CYS I 117 -19.57 -38.93 2.85
N VAL I 118 -19.96 -39.41 1.67
CA VAL I 118 -21.12 -40.28 1.56
C VAL I 118 -20.76 -41.64 2.15
N THR I 119 -21.79 -42.38 2.58
CA THR I 119 -21.61 -43.63 3.30
C THR I 119 -21.05 -44.69 2.37
N LEU I 120 -20.27 -45.62 2.95
CA LEU I 120 -19.54 -46.62 2.17
C LEU I 120 -19.94 -48.02 2.62
N GLN I 121 -20.66 -48.75 1.77
CA GLN I 121 -20.81 -50.19 1.91
C GLN I 121 -19.60 -50.87 1.27
N CYS I 122 -19.04 -51.85 1.97
CA CYS I 122 -17.79 -52.44 1.54
C CYS I 122 -17.86 -53.95 1.61
N THR I 123 -16.87 -54.59 0.99
CA THR I 123 -16.69 -56.02 1.04
C THR I 123 -15.19 -56.31 0.94
N ASN I 124 -14.83 -57.59 1.04
CA ASN I 124 -13.45 -57.99 1.15
C ASN I 124 -12.96 -58.62 -0.16
N VAL I 125 -11.64 -58.62 -0.32
CA VAL I 125 -10.97 -59.17 -1.49
C VAL I 125 -10.09 -60.33 -1.04
N THR I 126 -10.28 -61.49 -1.65
CA THR I 126 -9.53 -62.72 -1.34
C THR I 126 -9.02 -63.39 -2.61
N ASN I 127 -8.41 -62.62 -3.50
CA ASN I 127 -8.01 -63.12 -4.82
C ASN I 127 -6.61 -62.62 -5.15
N ASN I 128 -5.71 -63.56 -5.50
CA ASN I 128 -4.30 -63.29 -5.79
C ASN I 128 -3.61 -62.57 -4.63
N ILE I 129 -3.57 -63.25 -3.49
CA ILE I 129 -3.18 -62.65 -2.22
C ILE I 129 -2.11 -63.50 -1.56
N THR I 130 -1.13 -62.85 -0.94
CA THR I 130 -0.22 -63.50 -0.02
C THR I 130 -0.78 -63.31 1.39
N ASP I 131 -0.67 -64.34 2.23
CA ASP I 131 -1.36 -64.43 3.51
C ASP I 131 -0.91 -63.39 4.53
N ASP I 132 0.17 -62.65 4.28
CA ASP I 132 0.57 -61.58 5.16
C ASP I 132 -0.13 -60.26 4.84
N MET I 133 -0.75 -60.15 3.67
CA MET I 133 -1.47 -58.95 3.28
C MET I 133 -2.98 -59.14 3.35
N ARG I 134 -3.46 -59.95 4.28
CA ARG I 134 -4.88 -60.26 4.38
C ARG I 134 -5.66 -59.09 4.97
N GLY I 135 -6.87 -58.88 4.45
CA GLY I 135 -7.79 -57.92 5.00
C GLY I 135 -7.45 -56.46 4.75
N GLU I 136 -6.40 -56.17 3.99
CA GLU I 136 -6.00 -54.77 3.78
C GLU I 136 -6.91 -54.08 2.77
N LEU I 137 -6.95 -54.60 1.55
CA LEU I 137 -7.70 -53.95 0.48
C LEU I 137 -9.20 -54.08 0.71
N LYS I 138 -9.91 -53.02 0.36
CA LYS I 138 -11.35 -52.94 0.62
C LYS I 138 -12.07 -52.59 -0.66
N ASN I 139 -12.94 -53.48 -1.11
CA ASN I 139 -13.78 -53.25 -2.28
C ASN I 139 -15.05 -52.58 -1.80
N CYS I 140 -15.20 -51.30 -2.14
CA CYS I 140 -16.26 -50.45 -1.60
C CYS I 140 -17.00 -49.77 -2.73
N SER I 141 -18.32 -49.91 -2.76
CA SER I 141 -19.17 -49.30 -3.77
C SER I 141 -20.06 -48.25 -3.13
N PHE I 142 -20.34 -47.17 -3.86
CA PHE I 142 -21.11 -46.07 -3.32
C PHE I 142 -21.73 -45.25 -4.44
N ASN I 143 -22.77 -44.50 -4.08
CA ASN I 143 -23.36 -43.53 -4.99
C ASN I 143 -22.55 -42.25 -5.00
N MET I 144 -22.49 -41.60 -6.16
CA MET I 144 -21.77 -40.35 -6.32
C MET I 144 -22.31 -39.67 -7.57
N THR I 145 -22.42 -38.35 -7.52
CA THR I 145 -23.17 -37.62 -8.53
C THR I 145 -22.32 -37.30 -9.75
N THR I 146 -23.02 -37.16 -10.88
CA THR I 146 -22.41 -36.74 -12.15
C THR I 146 -22.45 -35.23 -12.24
N GLU I 147 -22.15 -34.69 -13.42
CA GLU I 147 -22.29 -33.26 -13.64
C GLU I 147 -23.75 -32.83 -13.78
N LEU I 148 -24.65 -33.77 -14.01
CA LEU I 148 -26.07 -33.46 -14.01
C LEU I 148 -26.59 -33.48 -12.58
N ARG I 149 -27.36 -32.46 -12.23
CA ARG I 149 -27.99 -32.41 -10.92
C ARG I 149 -29.03 -33.51 -10.76
N ASP I 150 -29.61 -33.95 -11.87
CA ASP I 150 -30.57 -35.04 -11.82
C ASP I 150 -29.93 -36.41 -11.78
N LYS I 151 -28.65 -36.53 -12.07
CA LYS I 151 -28.04 -37.83 -12.33
C LYS I 151 -26.86 -38.10 -11.40
N LYS I 152 -26.93 -39.22 -10.70
CA LYS I 152 -25.84 -39.81 -9.95
C LYS I 152 -25.46 -41.14 -10.62
N GLN I 153 -24.55 -41.88 -9.99
CA GLN I 153 -24.05 -43.11 -10.59
C GLN I 153 -23.43 -44.00 -9.53
N LYS I 154 -23.41 -45.31 -9.83
CA LYS I 154 -22.73 -46.29 -9.00
C LYS I 154 -21.23 -46.24 -9.26
N VAL I 155 -20.44 -46.22 -8.18
CA VAL I 155 -19.00 -46.05 -8.25
C VAL I 155 -18.35 -46.97 -7.23
N TYR I 156 -17.38 -47.78 -7.68
CA TYR I 156 -16.65 -48.68 -6.79
C TYR I 156 -15.16 -48.66 -7.09
N SER I 157 -14.35 -48.80 -6.03
CA SER I 157 -12.89 -48.86 -6.17
C SER I 157 -12.31 -49.59 -4.96
N LEU I 158 -10.98 -49.61 -4.86
CA LEU I 158 -10.26 -50.37 -3.85
C LEU I 158 -9.48 -49.44 -2.95
N PHE I 159 -9.65 -49.60 -1.63
CA PHE I 159 -9.05 -48.71 -0.66
C PHE I 159 -8.21 -49.48 0.34
N TYR I 160 -7.42 -48.72 1.09
CA TYR I 160 -6.65 -49.27 2.21
C TYR I 160 -7.49 -49.18 3.47
N ARG I 161 -7.43 -50.23 4.29
CA ARG I 161 -8.15 -50.23 5.56
C ARG I 161 -7.59 -49.22 6.55
N LEU I 162 -6.35 -48.78 6.37
CA LEU I 162 -5.72 -47.87 7.30
C LEU I 162 -6.38 -46.51 7.30
N ASP I 163 -6.85 -46.05 6.14
CA ASP I 163 -7.44 -44.73 6.02
C ASP I 163 -8.96 -44.74 6.18
N VAL I 164 -9.55 -45.89 6.42
CA VAL I 164 -10.99 -46.03 6.46
C VAL I 164 -11.41 -46.44 7.86
N VAL I 165 -12.31 -45.67 8.45
CA VAL I 165 -12.79 -45.94 9.80
C VAL I 165 -14.20 -46.48 9.72
N GLN I 166 -14.63 -47.10 10.81
CA GLN I 166 -15.93 -47.74 10.88
C GLN I 166 -16.97 -46.79 11.46
N ILE I 167 -18.10 -46.65 10.76
CA ILE I 167 -19.20 -45.88 11.31
C ILE I 167 -19.86 -46.65 12.44
N ASN I 168 -20.40 -47.81 12.12
CA ASN I 168 -21.17 -48.62 13.06
C ASN I 168 -20.30 -49.52 13.92
N ASN I 179 -24.54 -54.86 5.65
CA ASN I 179 -23.61 -55.53 6.54
C ASN I 179 -23.02 -54.54 7.54
N LYS I 180 -21.77 -54.16 7.29
CA LYS I 180 -21.09 -53.12 8.06
C LYS I 180 -20.62 -52.04 7.11
N GLU I 181 -20.96 -50.79 7.43
CA GLU I 181 -20.63 -49.67 6.58
C GLU I 181 -19.65 -48.74 7.27
N TYR I 182 -18.82 -48.11 6.45
CA TYR I 182 -17.67 -47.36 6.90
C TYR I 182 -17.74 -45.93 6.39
N ARG I 183 -16.88 -45.08 6.93
CA ARG I 183 -16.61 -43.77 6.37
C ARG I 183 -15.11 -43.54 6.34
N LEU I 184 -14.73 -42.35 5.91
CA LEU I 184 -13.32 -42.00 5.97
C LEU I 184 -13.01 -41.36 7.30
N ILE I 185 -11.72 -41.28 7.60
CA ILE I 185 -11.28 -40.73 8.87
C ILE I 185 -11.46 -39.22 8.91
N ASN I 186 -11.55 -38.56 7.77
CA ASN I 186 -11.52 -37.11 7.75
C ASN I 186 -12.88 -36.45 7.96
N CYS I 187 -13.96 -37.23 8.11
CA CYS I 187 -15.29 -36.62 7.97
C CYS I 187 -15.77 -35.92 9.23
N ASN I 188 -15.30 -36.28 10.41
CA ASN I 188 -15.61 -35.49 11.60
C ASN I 188 -14.51 -34.49 11.92
N THR I 189 -13.71 -34.14 10.93
CA THR I 189 -12.62 -33.19 11.03
C THR I 189 -12.50 -32.52 9.67
N SER I 190 -11.33 -31.95 9.38
CA SER I 190 -11.12 -31.16 8.17
C SER I 190 -11.45 -31.91 6.89
N ALA I 191 -12.02 -31.19 5.93
CA ALA I 191 -12.31 -31.72 4.61
C ALA I 191 -11.04 -31.75 3.76
N ILE I 192 -11.13 -32.35 2.58
CA ILE I 192 -9.96 -32.80 1.86
C ILE I 192 -10.08 -32.38 0.39
N THR I 193 -8.93 -32.25 -0.27
CA THR I 193 -8.83 -31.90 -1.68
C THR I 193 -8.04 -32.96 -2.43
N GLN I 194 -8.11 -32.89 -3.75
CA GLN I 194 -7.36 -33.78 -4.63
C GLN I 194 -6.07 -33.10 -5.05
N ALA I 195 -4.98 -33.85 -5.04
CA ALA I 195 -3.69 -33.27 -5.42
C ALA I 195 -3.63 -33.06 -6.92
N CYS I 196 -3.11 -31.92 -7.33
CA CYS I 196 -2.98 -31.57 -8.74
C CYS I 196 -1.85 -32.37 -9.38
N PRO I 197 -2.17 -33.37 -10.20
CA PRO I 197 -1.22 -34.46 -10.49
C PRO I 197 -0.26 -34.14 -11.63
N LYS I 198 0.36 -32.98 -11.57
CA LYS I 198 1.19 -32.56 -12.68
C LYS I 198 2.60 -32.19 -12.25
N VAL I 199 2.74 -31.72 -11.02
CA VAL I 199 3.98 -31.10 -10.57
C VAL I 199 4.58 -31.97 -9.49
N SER I 200 5.84 -32.36 -9.69
CA SER I 200 6.46 -33.46 -8.95
C SER I 200 6.85 -33.03 -7.54
N PHE I 201 7.55 -33.92 -6.83
CA PHE I 201 7.86 -33.76 -5.41
C PHE I 201 9.34 -33.83 -5.10
N GLU I 202 10.20 -33.86 -6.11
CA GLU I 202 11.59 -34.20 -5.89
C GLU I 202 12.33 -33.06 -5.20
N PRO I 203 13.12 -33.34 -4.16
CA PRO I 203 13.86 -32.27 -3.49
C PRO I 203 14.97 -31.70 -4.36
N ILE I 204 15.22 -30.41 -4.18
CA ILE I 204 16.19 -29.67 -4.97
C ILE I 204 17.14 -28.98 -4.00
N PRO I 205 18.44 -28.95 -4.29
CA PRO I 205 19.36 -28.11 -3.51
C PRO I 205 18.96 -26.64 -3.57
N ILE I 206 18.77 -26.05 -2.41
CA ILE I 206 18.39 -24.65 -2.29
C ILE I 206 19.51 -23.92 -1.56
N HIS I 207 20.08 -22.93 -2.23
CA HIS I 207 20.95 -22.00 -1.54
C HIS I 207 20.12 -20.90 -0.89
N TYR I 208 20.59 -20.42 0.24
CA TYR I 208 20.15 -19.13 0.75
C TYR I 208 21.23 -18.09 0.54
N CYS I 209 20.81 -16.84 0.42
CA CYS I 209 21.73 -15.73 0.27
C CYS I 209 21.24 -14.58 1.11
N ALA I 210 22.13 -13.63 1.32
CA ALA I 210 21.83 -12.43 2.07
C ALA I 210 21.76 -11.23 1.16
N PRO I 211 21.03 -10.19 1.54
CA PRO I 211 21.06 -8.94 0.76
C PRO I 211 22.40 -8.25 0.88
N ALA I 212 22.55 -7.20 0.08
CA ALA I 212 23.80 -6.45 0.04
C ALA I 212 24.02 -5.70 1.36
N GLY I 213 25.29 -5.44 1.65
CA GLY I 213 25.63 -4.85 2.92
C GLY I 213 25.59 -5.80 4.10
N PHE I 214 25.34 -7.08 3.87
CA PHE I 214 25.24 -8.09 4.92
C PHE I 214 26.29 -9.16 4.72
N ALA I 215 26.32 -10.12 5.65
CA ALA I 215 27.32 -11.16 5.62
C ALA I 215 26.81 -12.39 6.36
N ILE I 216 27.45 -13.52 6.09
CA ILE I 216 27.13 -14.78 6.74
C ILE I 216 28.43 -15.35 7.30
N LEU I 217 28.44 -15.63 8.60
CA LEU I 217 29.61 -16.21 9.23
C LEU I 217 29.45 -17.72 9.39
N LYS I 218 30.58 -18.41 9.38
CA LYS I 218 30.62 -19.86 9.25
C LYS I 218 31.83 -20.40 9.98
N CYS I 219 31.60 -21.31 10.92
CA CYS I 219 32.68 -21.90 11.69
C CYS I 219 33.50 -22.86 10.82
N LYS I 220 34.63 -23.29 11.36
CA LYS I 220 35.51 -24.19 10.64
C LYS I 220 35.99 -25.36 11.47
N ASP I 221 35.55 -25.47 12.74
CA ASP I 221 35.98 -26.58 13.58
C ASP I 221 35.36 -27.87 13.08
N LYS I 222 36.22 -28.83 12.75
CA LYS I 222 35.72 -30.16 12.44
C LYS I 222 35.20 -30.85 13.68
N LYS I 223 35.76 -30.52 14.84
CA LYS I 223 35.35 -31.09 16.11
C LYS I 223 34.49 -30.10 16.91
N PHE I 224 33.63 -29.38 16.20
CA PHE I 224 32.78 -28.40 16.87
C PHE I 224 31.68 -29.08 17.67
N ASN I 225 31.35 -28.47 18.80
CA ASN I 225 30.37 -28.95 19.77
C ASN I 225 28.99 -28.49 19.33
N GLY I 226 28.00 -28.51 20.22
CA GLY I 226 26.76 -27.79 19.95
C GLY I 226 26.98 -26.29 19.90
N THR I 227 27.72 -25.76 20.87
CA THR I 227 28.03 -24.34 20.93
C THR I 227 29.48 -24.21 21.39
N GLY I 228 29.88 -22.98 21.75
CA GLY I 228 31.23 -22.73 22.18
C GLY I 228 31.94 -21.79 21.24
N PRO I 229 32.98 -21.11 21.73
CA PRO I 229 33.69 -20.14 20.88
C PRO I 229 34.49 -20.78 19.77
N CYS I 230 33.97 -20.69 18.55
CA CYS I 230 34.70 -21.20 17.39
C CYS I 230 35.90 -20.31 17.14
N PRO I 231 37.08 -20.87 16.94
CA PRO I 231 38.26 -20.03 16.78
C PRO I 231 38.63 -19.74 15.34
N SER I 232 37.98 -20.40 14.39
CA SER I 232 38.35 -20.29 12.99
C SER I 232 37.17 -19.80 12.17
N VAL I 233 37.39 -18.75 11.39
CA VAL I 233 36.32 -17.94 10.82
C VAL I 233 36.39 -18.00 9.30
N SER I 234 35.25 -18.28 8.68
CA SER I 234 35.13 -18.23 7.23
C SER I 234 33.86 -17.47 6.89
N THR I 235 33.96 -16.52 5.97
CA THR I 235 32.84 -15.68 5.58
C THR I 235 32.46 -15.95 4.14
N VAL I 236 31.17 -16.20 3.91
CA VAL I 236 30.63 -16.42 2.57
C VAL I 236 29.42 -15.52 2.37
N GLN I 237 29.05 -15.37 1.11
CA GLN I 237 27.85 -14.63 0.71
C GLN I 237 26.62 -15.51 0.61
N CYS I 238 26.77 -16.75 0.15
CA CYS I 238 25.65 -17.65 0.00
C CYS I 238 26.00 -19.01 0.58
N THR I 239 25.00 -19.85 0.68
CA THR I 239 25.11 -21.13 1.36
C THR I 239 25.36 -22.24 0.36
N HIS I 240 25.35 -23.47 0.84
CA HIS I 240 25.44 -24.63 -0.03
C HIS I 240 24.04 -25.11 -0.39
N GLY I 241 24.00 -26.14 -1.24
CA GLY I 241 22.73 -26.71 -1.61
C GLY I 241 22.10 -27.47 -0.45
N ILE I 242 20.81 -27.27 -0.26
CA ILE I 242 20.07 -27.87 0.84
C ILE I 242 18.82 -28.52 0.28
N LYS I 243 18.61 -29.79 0.61
CA LYS I 243 17.44 -30.52 0.14
C LYS I 243 16.47 -30.74 1.29
N PRO I 244 15.25 -30.24 1.19
CA PRO I 244 14.31 -30.25 2.32
C PRO I 244 13.46 -31.51 2.41
N VAL I 245 14.05 -32.61 2.83
CA VAL I 245 13.36 -33.90 2.84
C VAL I 245 12.56 -34.04 4.12
N VAL I 246 11.27 -34.34 3.97
CA VAL I 246 10.45 -34.69 5.13
C VAL I 246 10.85 -36.07 5.63
N SER I 247 11.19 -36.16 6.90
CA SER I 247 11.56 -37.43 7.50
C SER I 247 11.06 -37.47 8.93
N THR I 248 10.78 -38.67 9.43
CA THR I 248 10.19 -38.83 10.75
C THR I 248 11.09 -39.57 11.74
N GLN I 249 12.05 -40.36 11.28
CA GLN I 249 12.93 -41.08 12.18
C GLN I 249 14.40 -41.01 11.81
N LEU I 250 14.75 -40.75 10.55
CA LEU I 250 16.14 -40.77 10.14
C LEU I 250 16.51 -39.49 9.42
N LEU I 251 17.71 -39.44 8.85
CA LEU I 251 18.19 -38.32 8.07
C LEU I 251 18.53 -38.83 6.68
N LEU I 252 17.54 -38.89 5.81
CA LEU I 252 17.76 -39.38 4.46
C LEU I 252 18.33 -38.27 3.60
N ASN I 253 19.34 -38.63 2.78
CA ASN I 253 20.02 -37.73 1.84
C ASN I 253 20.67 -36.53 2.52
N GLY I 254 21.01 -36.66 3.79
CA GLY I 254 21.59 -35.56 4.54
C GLY I 254 23.06 -35.38 4.24
N SER I 255 23.67 -34.48 5.01
CA SER I 255 25.09 -34.21 4.88
C SER I 255 25.88 -35.25 5.67
N LEU I 256 27.22 -35.13 5.61
CA LEU I 256 28.10 -36.07 6.28
C LEU I 256 29.09 -35.32 7.15
N ALA I 257 29.36 -35.88 8.32
CA ALA I 257 30.40 -35.34 9.18
C ALA I 257 31.77 -35.77 8.67
N GLU I 258 32.78 -34.99 9.03
CA GLU I 258 34.11 -35.23 8.51
C GLU I 258 34.83 -36.35 9.27
N GLU I 259 35.03 -36.15 10.57
CA GLU I 259 35.91 -37.02 11.33
C GLU I 259 35.21 -38.29 11.77
N GLU I 260 34.17 -38.16 12.58
CA GLU I 260 33.57 -39.30 13.24
C GLU I 260 32.13 -38.96 13.59
N VAL I 261 31.49 -39.86 14.33
CA VAL I 261 30.17 -39.59 14.88
C VAL I 261 30.29 -38.50 15.94
N MET I 262 29.44 -37.48 15.84
CA MET I 262 29.38 -36.41 16.82
C MET I 262 27.94 -36.21 17.27
N ILE I 263 27.79 -35.86 18.55
CA ILE I 263 26.51 -35.91 19.24
C ILE I 263 26.16 -34.51 19.72
N ARG I 264 24.90 -34.11 19.50
CA ARG I 264 24.47 -32.75 19.77
C ARG I 264 23.27 -32.74 20.70
N SER I 265 23.39 -32.03 21.81
CA SER I 265 22.28 -31.59 22.65
C SER I 265 22.80 -30.47 23.55
N GLU I 266 21.86 -29.76 24.18
CA GLU I 266 22.24 -28.66 25.07
C GLU I 266 22.63 -29.15 26.46
N ASN I 267 21.65 -29.68 27.17
CA ASN I 267 21.79 -30.11 28.55
C ASN I 267 21.67 -31.62 28.55
N ILE I 268 22.83 -32.30 28.54
CA ILE I 268 22.88 -33.75 28.47
C ILE I 268 22.31 -34.38 29.73
N THR I 269 22.42 -33.68 30.87
CA THR I 269 21.91 -34.21 32.13
C THR I 269 20.38 -34.23 32.15
N ASN I 270 19.75 -33.32 31.42
CA ASN I 270 18.30 -33.33 31.33
C ASN I 270 17.86 -34.11 30.10
N ASN I 271 16.68 -34.70 30.21
CA ASN I 271 16.05 -35.39 29.10
C ASN I 271 14.99 -34.54 28.41
N ALA I 272 14.83 -33.28 28.81
CA ALA I 272 13.84 -32.42 28.18
C ALA I 272 14.24 -32.06 26.75
N LYS I 273 15.52 -32.09 26.44
CA LYS I 273 15.98 -31.88 25.09
C LYS I 273 16.07 -33.21 24.37
N ASN I 274 16.14 -33.16 23.05
CA ASN I 274 16.41 -34.35 22.25
C ASN I 274 17.92 -34.53 22.14
N ILE I 275 18.34 -35.52 21.38
CA ILE I 275 19.76 -35.76 21.13
C ILE I 275 19.96 -35.93 19.64
N LEU I 276 20.83 -35.12 19.07
CA LEU I 276 21.13 -35.14 17.64
C LEU I 276 22.44 -35.84 17.39
N VAL I 277 22.41 -36.88 16.54
CA VAL I 277 23.56 -37.72 16.26
C VAL I 277 23.73 -37.86 14.75
N GLN I 278 24.92 -37.56 14.27
CA GLN I 278 25.25 -37.60 12.85
C GLN I 278 26.26 -38.70 12.59
N PHE I 279 26.15 -39.38 11.46
CA PHE I 279 27.07 -40.46 11.11
C PHE I 279 28.33 -39.90 10.46
N ASN I 280 29.13 -40.79 9.90
CA ASN I 280 30.33 -40.44 9.17
C ASN I 280 30.30 -40.87 7.71
N THR I 281 29.77 -42.05 7.43
CA THR I 281 29.65 -42.60 6.09
C THR I 281 28.21 -42.95 5.80
N PRO I 282 27.76 -42.84 4.54
CA PRO I 282 26.36 -43.16 4.23
C PRO I 282 26.09 -44.66 4.27
N VAL I 283 24.81 -44.98 4.40
CA VAL I 283 24.32 -46.35 4.48
C VAL I 283 23.24 -46.55 3.42
N GLN I 284 23.40 -47.56 2.58
CA GLN I 284 22.46 -47.80 1.50
C GLN I 284 21.14 -48.36 2.03
N ILE I 285 20.05 -47.97 1.38
CA ILE I 285 18.74 -48.57 1.61
C ILE I 285 17.93 -48.51 0.31
N ASN I 286 17.33 -49.64 -0.05
CA ASN I 286 16.39 -49.72 -1.15
C ASN I 286 14.97 -49.88 -0.63
N CYS I 287 14.02 -49.32 -1.36
CA CYS I 287 12.61 -49.47 -1.05
C CYS I 287 11.84 -49.52 -2.37
N THR I 288 10.82 -50.38 -2.43
CA THR I 288 10.11 -50.58 -3.68
C THR I 288 8.65 -50.95 -3.44
N ARG I 289 7.86 -50.81 -4.50
CA ARG I 289 6.48 -51.27 -4.51
C ARG I 289 6.39 -52.38 -5.55
N PRO I 290 5.93 -53.57 -5.21
CA PRO I 290 5.99 -54.68 -6.17
C PRO I 290 4.82 -54.73 -7.13
N ASN I 291 3.67 -54.17 -6.75
CA ASN I 291 2.43 -54.52 -7.43
C ASN I 291 2.22 -53.68 -8.69
N ASN I 292 1.37 -54.21 -9.57
CA ASN I 292 1.07 -53.60 -10.88
C ASN I 292 -0.12 -52.65 -10.69
N ASN I 293 0.20 -51.39 -10.46
CA ASN I 293 -0.82 -50.41 -10.12
C ASN I 293 -1.58 -49.93 -11.35
N THR I 294 -2.90 -49.80 -11.20
CA THR I 294 -3.78 -49.25 -12.23
C THR I 294 -4.75 -48.26 -11.59
N ARG I 295 -5.24 -47.33 -12.41
CA ARG I 295 -6.06 -46.23 -11.92
C ARG I 295 -7.07 -45.83 -12.99
N LYS I 296 -8.34 -45.77 -12.61
CA LYS I 296 -9.38 -45.31 -13.50
C LYS I 296 -9.59 -43.81 -13.31
N SER I 297 -10.66 -43.28 -13.91
CA SER I 297 -10.92 -41.84 -13.86
C SER I 297 -12.43 -41.62 -13.95
N ILE I 298 -13.00 -40.99 -12.93
CA ILE I 298 -14.44 -40.85 -12.79
C ILE I 298 -14.78 -39.38 -12.66
N ARG I 299 -15.71 -38.92 -13.49
CA ARG I 299 -16.14 -37.53 -13.44
C ARG I 299 -16.93 -37.25 -12.17
N ILE I 300 -16.92 -35.97 -11.77
CA ILE I 300 -17.65 -35.49 -10.60
C ILE I 300 -18.67 -34.44 -10.98
N GLY I 301 -18.23 -33.38 -11.63
CA GLY I 301 -19.09 -32.31 -12.05
C GLY I 301 -18.49 -31.57 -13.22
N PRO I 302 -18.77 -30.27 -13.32
CA PRO I 302 -18.15 -29.46 -14.40
C PRO I 302 -16.68 -29.25 -14.12
N GLY I 303 -15.85 -29.74 -15.05
CA GLY I 303 -14.41 -29.61 -14.92
C GLY I 303 -13.81 -30.37 -13.77
N GLN I 304 -14.46 -31.44 -13.32
CA GLN I 304 -14.04 -32.16 -12.13
C GLN I 304 -13.93 -33.64 -12.46
N ALA I 305 -12.81 -34.26 -12.09
CA ALA I 305 -12.54 -35.65 -12.41
C ALA I 305 -11.78 -36.28 -11.25
N PHE I 306 -12.43 -37.21 -10.56
CA PHE I 306 -11.78 -37.92 -9.46
C PHE I 306 -10.99 -39.11 -9.99
N TYR I 307 -9.86 -39.38 -9.35
CA TYR I 307 -8.99 -40.49 -9.72
C TYR I 307 -9.19 -41.60 -8.69
N ALA I 308 -10.01 -42.59 -9.04
CA ALA I 308 -10.32 -43.70 -8.16
C ALA I 308 -9.32 -44.84 -8.40
N THR I 309 -9.61 -46.03 -7.89
CA THR I 309 -8.70 -47.16 -7.98
C THR I 309 -9.18 -48.13 -9.04
N GLY I 310 -8.27 -48.50 -9.96
CA GLY I 310 -8.54 -49.51 -10.94
C GLY I 310 -8.17 -50.90 -10.47
N ASP I 311 -8.49 -51.89 -11.30
CA ASP I 311 -8.24 -53.28 -10.93
C ASP I 311 -6.78 -53.64 -11.09
N ILE I 312 -6.25 -54.40 -10.13
CA ILE I 312 -4.84 -54.76 -10.09
C ILE I 312 -4.70 -56.16 -10.64
N ILE I 313 -3.67 -56.37 -11.47
CA ILE I 313 -3.43 -57.64 -12.12
C ILE I 313 -2.20 -58.27 -11.50
N GLY I 314 -2.33 -59.52 -11.05
CA GLY I 314 -1.20 -60.25 -10.51
C GLY I 314 -1.33 -60.57 -9.03
N ASP I 315 -0.47 -61.45 -8.55
CA ASP I 315 -0.43 -61.75 -7.12
C ASP I 315 0.14 -60.55 -6.36
N ILE I 316 -0.30 -60.39 -5.11
CA ILE I 316 -0.03 -59.21 -4.32
C ILE I 316 0.91 -59.58 -3.19
N ARG I 317 2.00 -58.83 -3.05
CA ARG I 317 2.94 -58.98 -1.96
C ARG I 317 2.95 -57.70 -1.15
N GLN I 318 3.75 -57.71 -0.09
CA GLN I 318 3.92 -56.54 0.75
C GLN I 318 5.10 -55.71 0.26
N ALA I 319 4.87 -54.41 0.11
CA ALA I 319 5.98 -53.50 -0.16
C ALA I 319 6.84 -53.36 1.10
N HIS I 320 8.15 -53.26 0.89
CA HIS I 320 9.10 -53.39 2.00
C HIS I 320 10.43 -52.77 1.60
N CYS I 321 11.39 -52.80 2.53
CA CYS I 321 12.70 -52.21 2.34
C CYS I 321 13.77 -53.16 2.83
N THR I 322 15.03 -52.83 2.54
CA THR I 322 16.16 -53.71 2.83
C THR I 322 17.43 -52.89 3.01
N VAL I 323 18.17 -53.15 4.08
CA VAL I 323 19.48 -52.56 4.32
C VAL I 323 20.50 -53.69 4.50
N SER I 324 21.75 -53.29 4.69
CA SER I 324 22.83 -54.22 4.99
C SER I 324 22.81 -54.56 6.48
N LYS I 325 23.79 -55.31 6.92
CA LYS I 325 23.89 -55.60 8.34
C LYS I 325 25.28 -55.33 8.90
N ALA I 326 26.33 -55.60 8.12
CA ALA I 326 27.69 -55.53 8.64
C ALA I 326 28.12 -54.09 8.88
N THR I 327 27.82 -53.21 7.92
CA THR I 327 28.13 -51.80 8.09
C THR I 327 27.27 -51.20 9.20
N TRP I 328 26.04 -51.70 9.33
CA TRP I 328 25.17 -51.29 10.43
C TRP I 328 25.76 -51.69 11.78
N ASN I 329 26.30 -52.91 11.88
CA ASN I 329 26.94 -53.35 13.12
C ASN I 329 28.17 -52.53 13.42
N GLU I 330 28.96 -52.21 12.40
CA GLU I 330 30.17 -51.42 12.60
C GLU I 330 29.84 -50.00 13.03
N THR I 331 28.80 -49.41 12.43
CA THR I 331 28.45 -48.04 12.76
C THR I 331 27.85 -47.96 14.15
N LEU I 332 27.06 -48.97 14.53
CA LEU I 332 26.55 -48.99 15.90
C LEU I 332 27.66 -49.22 16.91
N GLY I 333 28.69 -49.99 16.55
CA GLY I 333 29.85 -50.10 17.42
C GLY I 333 30.57 -48.78 17.60
N LYS I 334 30.65 -48.00 16.51
CA LYS I 334 31.21 -46.66 16.59
C LYS I 334 30.37 -45.76 17.49
N VAL I 335 29.05 -45.91 17.41
CA VAL I 335 28.16 -45.07 18.22
C VAL I 335 28.29 -45.42 19.70
N VAL I 336 28.35 -46.71 20.02
CA VAL I 336 28.55 -47.15 21.41
C VAL I 336 29.90 -46.69 21.92
N LYS I 337 30.91 -46.64 21.04
CA LYS I 337 32.21 -46.09 21.43
C LYS I 337 32.11 -44.60 21.75
N GLN I 338 31.41 -43.84 20.90
CA GLN I 338 31.36 -42.40 21.10
C GLN I 338 30.42 -41.97 22.21
N LEU I 339 29.48 -42.83 22.62
CA LEU I 339 28.53 -42.43 23.65
C LEU I 339 29.17 -42.27 25.02
N ARG I 340 30.13 -43.13 25.34
CA ARG I 340 30.59 -43.25 26.71
C ARG I 340 31.59 -42.18 27.13
N LYS I 341 31.86 -41.20 26.27
CA LYS I 341 32.70 -40.07 26.70
C LYS I 341 31.95 -39.21 27.71
N HIS I 342 30.75 -38.76 27.35
CA HIS I 342 29.91 -37.96 28.22
C HIS I 342 28.97 -38.82 29.06
N PHE I 343 29.14 -40.13 29.04
CA PHE I 343 28.34 -41.05 29.81
C PHE I 343 29.23 -41.80 30.79
N GLY I 344 28.61 -42.77 31.48
CA GLY I 344 29.37 -43.76 32.19
C GLY I 344 30.14 -44.59 31.20
N ASN I 345 31.45 -44.68 31.39
CA ASN I 345 32.27 -45.47 30.48
C ASN I 345 32.08 -46.97 30.69
N ASN I 346 31.45 -47.37 31.80
CA ASN I 346 31.29 -48.77 32.15
C ASN I 346 29.87 -49.07 32.60
N THR I 347 28.90 -48.28 32.14
CA THR I 347 27.51 -48.62 32.32
C THR I 347 27.06 -49.57 31.20
N ILE I 348 25.76 -49.79 31.10
CA ILE I 348 25.18 -50.65 30.07
C ILE I 348 24.37 -49.77 29.13
N ILE I 349 24.53 -50.00 27.83
CA ILE I 349 23.76 -49.30 26.81
C ILE I 349 22.82 -50.30 26.17
N ARG I 350 21.52 -49.98 26.16
CA ARG I 350 20.51 -50.85 25.58
C ARG I 350 19.63 -50.08 24.60
N PHE I 351 19.10 -50.80 23.63
CA PHE I 351 18.15 -50.26 22.68
C PHE I 351 16.83 -50.99 22.81
N ALA I 352 15.76 -50.32 22.39
CA ALA I 352 14.42 -50.88 22.50
C ALA I 352 13.53 -50.21 21.47
N ASN I 353 12.28 -50.68 21.42
CA ASN I 353 11.23 -50.04 20.64
C ASN I 353 10.93 -48.66 21.23
N SER I 354 10.30 -47.82 20.43
CA SER I 354 9.93 -46.48 20.85
C SER I 354 8.75 -46.53 21.83
N SER I 355 8.28 -45.36 22.26
CA SER I 355 7.30 -45.31 23.35
C SER I 355 5.90 -45.68 22.90
N GLY I 356 5.62 -45.69 21.61
CA GLY I 356 4.31 -46.07 21.13
C GLY I 356 3.31 -44.93 21.20
N GLY I 357 2.18 -45.13 20.53
CA GLY I 357 1.16 -44.10 20.45
C GLY I 357 0.80 -43.72 19.03
N ASP I 358 1.18 -42.51 18.63
CA ASP I 358 0.84 -41.99 17.32
C ASP I 358 1.62 -42.70 16.22
N LEU I 359 0.94 -42.95 15.09
CA LEU I 359 1.61 -43.51 13.92
C LEU I 359 2.50 -42.51 13.22
N GLU I 360 2.38 -41.22 13.55
CA GLU I 360 3.32 -40.25 13.02
C GLU I 360 4.72 -40.48 13.58
N VAL I 361 4.81 -40.76 14.88
CA VAL I 361 6.10 -40.96 15.54
C VAL I 361 6.48 -42.42 15.66
N THR I 362 5.59 -43.35 15.31
CA THR I 362 5.90 -44.76 15.50
C THR I 362 6.88 -45.23 14.44
N THR I 363 6.52 -45.13 13.17
CA THR I 363 7.32 -45.68 12.09
C THR I 363 8.01 -44.57 11.31
N HIS I 364 9.02 -44.96 10.54
CA HIS I 364 9.74 -44.04 9.69
C HIS I 364 8.93 -43.72 8.45
N SER I 365 8.91 -42.44 8.08
CA SER I 365 8.12 -42.01 6.95
C SER I 365 8.94 -41.08 6.06
N PHE I 366 8.66 -41.14 4.77
CA PHE I 366 9.49 -40.51 3.75
C PHE I 366 8.67 -40.36 2.47
N ASN I 367 9.33 -39.97 1.38
CA ASN I 367 8.66 -39.56 0.16
C ASN I 367 9.30 -40.20 -1.07
N CYS I 368 9.48 -41.52 -1.05
CA CYS I 368 9.88 -42.20 -2.26
C CYS I 368 8.72 -42.36 -3.21
N GLY I 369 9.01 -42.22 -4.51
CA GLY I 369 8.03 -42.45 -5.55
C GLY I 369 6.89 -41.47 -5.57
N GLY I 370 7.07 -40.27 -5.00
CA GLY I 370 5.96 -39.35 -4.86
C GLY I 370 4.88 -39.85 -3.94
N GLU I 371 5.25 -40.63 -2.93
CA GLU I 371 4.26 -41.29 -2.09
C GLU I 371 4.90 -41.55 -0.74
N PHE I 372 4.06 -41.78 0.26
CA PHE I 372 4.47 -41.82 1.65
C PHE I 372 4.36 -43.24 2.17
N PHE I 373 5.43 -43.74 2.78
CA PHE I 373 5.50 -45.12 3.25
C PHE I 373 5.68 -45.16 4.76
N TYR I 374 5.07 -46.16 5.38
CA TYR I 374 5.13 -46.35 6.83
C TYR I 374 5.85 -47.66 7.12
N CYS I 375 7.10 -47.55 7.54
CA CYS I 375 7.98 -48.71 7.72
C CYS I 375 8.42 -48.75 9.17
N ASN I 376 8.01 -49.79 9.88
CA ASN I 376 8.50 -50.01 11.23
C ASN I 376 9.94 -50.49 11.18
N THR I 377 10.75 -49.99 12.11
CA THR I 377 12.17 -50.31 12.22
C THR I 377 12.49 -50.89 13.59
N SER I 378 11.60 -51.74 14.11
CA SER I 378 11.79 -52.33 15.43
C SER I 378 12.95 -53.33 15.43
N GLY I 379 13.29 -53.89 14.26
CA GLY I 379 14.34 -54.86 14.21
C GLY I 379 15.73 -54.29 14.38
N LEU I 380 15.90 -53.00 14.06
CA LEU I 380 17.22 -52.40 14.13
C LEU I 380 17.71 -52.17 15.55
N PHE I 381 16.80 -52.17 16.52
CA PHE I 381 17.12 -51.77 17.89
C PHE I 381 16.94 -52.93 18.85
N ASN I 382 17.11 -54.14 18.36
CA ASN I 382 17.10 -55.36 19.16
C ASN I 382 18.53 -55.70 19.60
N SER I 383 19.22 -54.73 20.20
CA SER I 383 20.62 -54.90 20.54
C SER I 383 20.95 -54.18 21.84
N THR I 384 21.70 -54.88 22.69
CA THR I 384 22.26 -54.32 23.91
C THR I 384 23.77 -54.41 23.84
N TRP I 385 24.43 -53.66 24.70
CA TRP I 385 25.90 -53.66 24.72
C TRP I 385 26.35 -53.50 26.17
N ILE I 386 27.67 -53.39 26.35
CA ILE I 386 28.26 -53.09 27.64
C ILE I 386 29.63 -52.45 27.44
N ASP I 401 22.85 -61.57 5.28
CA ASP I 401 23.66 -60.38 5.12
C ASP I 401 22.80 -59.12 5.17
N SER I 402 21.52 -59.27 4.87
CA SER I 402 20.61 -58.15 4.77
C SER I 402 19.51 -58.26 5.82
N ILE I 403 18.76 -57.17 5.96
CA ILE I 403 17.70 -57.04 6.97
C ILE I 403 16.42 -56.64 6.25
N THR I 404 15.33 -57.36 6.54
CA THR I 404 14.05 -57.11 5.90
C THR I 404 13.26 -56.06 6.66
N LEU I 405 12.75 -55.07 5.94
CA LEU I 405 12.03 -53.94 6.53
C LEU I 405 10.63 -53.86 5.93
N PRO I 406 9.66 -54.55 6.52
CA PRO I 406 8.29 -54.52 5.98
C PRO I 406 7.59 -53.21 6.28
N CYS I 407 6.69 -52.82 5.38
CA CYS I 407 6.18 -51.45 5.36
C CYS I 407 4.65 -51.42 5.22
N ARG I 408 4.10 -50.20 5.35
CA ARG I 408 2.67 -49.93 5.22
C ARG I 408 2.49 -48.66 4.39
N ILE I 409 1.35 -48.57 3.70
CA ILE I 409 1.04 -47.45 2.82
C ILE I 409 -0.34 -46.92 3.17
N LYS I 410 -0.50 -45.58 3.18
CA LYS I 410 -1.80 -44.94 3.33
C LYS I 410 -2.08 -44.02 2.14
N GLN I 411 -3.34 -43.99 1.70
CA GLN I 411 -3.77 -43.14 0.59
C GLN I 411 -4.18 -41.75 1.03
N ILE I 412 -4.59 -41.57 2.28
CA ILE I 412 -5.05 -40.29 2.79
C ILE I 412 -4.02 -39.79 3.78
N ILE I 413 -3.54 -38.56 3.59
CA ILE I 413 -2.39 -38.05 4.31
C ILE I 413 -2.80 -36.81 5.08
N ASN I 414 -2.66 -36.87 6.40
CA ASN I 414 -2.70 -35.68 7.24
C ASN I 414 -1.27 -35.17 7.43
N MET I 415 -1.03 -33.94 7.03
CA MET I 415 0.24 -33.26 7.18
C MET I 415 0.43 -32.74 8.60
N TRP I 416 1.25 -31.70 8.74
CA TRP I 416 1.68 -31.10 10.01
C TRP I 416 0.54 -30.83 10.98
N GLN I 417 0.90 -30.66 12.26
CA GLN I 417 0.02 -30.85 13.41
C GLN I 417 -1.26 -30.01 13.39
N ARG I 418 -1.32 -28.98 12.56
CA ARG I 418 -2.54 -28.27 12.22
C ARG I 418 -3.56 -29.22 11.63
N ILE I 419 -4.66 -29.46 12.35
CA ILE I 419 -5.64 -30.45 11.94
C ILE I 419 -6.72 -29.82 11.07
N GLY I 420 -6.53 -28.55 10.71
CA GLY I 420 -7.47 -27.87 9.86
C GLY I 420 -7.31 -28.13 8.39
N GLN I 421 -6.42 -29.04 8.00
CA GLN I 421 -6.20 -29.39 6.60
C GLN I 421 -6.34 -30.89 6.44
N ALA I 422 -6.40 -31.33 5.18
CA ALA I 422 -6.36 -32.74 4.82
C ALA I 422 -5.98 -32.86 3.36
N MET I 423 -5.09 -33.82 3.07
CA MET I 423 -4.55 -33.96 1.72
C MET I 423 -4.77 -35.38 1.22
N TYR I 424 -5.04 -35.51 -0.07
CA TYR I 424 -5.26 -36.80 -0.71
C TYR I 424 -4.37 -36.94 -1.93
N ALA I 425 -3.89 -38.16 -2.16
CA ALA I 425 -3.05 -38.45 -3.31
C ALA I 425 -3.70 -39.52 -4.17
N PRO I 426 -3.54 -39.43 -5.49
CA PRO I 426 -4.03 -40.49 -6.37
C PRO I 426 -2.96 -41.56 -6.53
N PRO I 427 -3.34 -42.78 -6.92
CA PRO I 427 -2.32 -43.80 -7.16
C PRO I 427 -1.56 -43.53 -8.44
N ILE I 428 -0.32 -44.00 -8.47
CA ILE I 428 0.55 -43.88 -9.63
C ILE I 428 0.64 -45.25 -10.30
N GLN I 429 0.26 -45.32 -11.56
CA GLN I 429 0.15 -46.59 -12.25
C GLN I 429 1.55 -47.15 -12.57
N GLY I 430 1.80 -48.38 -12.13
CA GLY I 430 3.06 -49.03 -12.45
C GLY I 430 3.79 -49.64 -11.28
N VAL I 431 5.11 -49.69 -11.37
CA VAL I 431 5.98 -50.32 -10.37
C VAL I 431 7.13 -49.36 -10.08
N ILE I 432 7.37 -49.07 -8.79
CA ILE I 432 8.26 -48.00 -8.38
C ILE I 432 9.39 -48.57 -7.53
N ARG I 433 10.63 -48.18 -7.85
CA ARG I 433 11.80 -48.40 -7.02
C ARG I 433 12.19 -47.10 -6.33
N CYS I 434 13.01 -47.22 -5.28
CA CYS I 434 13.59 -46.06 -4.63
C CYS I 434 14.84 -46.46 -3.87
N VAL I 435 15.91 -45.69 -4.05
CA VAL I 435 17.19 -45.89 -3.40
C VAL I 435 17.52 -44.61 -2.65
N SER I 436 18.12 -44.74 -1.46
CA SER I 436 18.51 -43.56 -0.71
C SER I 436 19.68 -43.88 0.21
N ASN I 437 20.31 -42.82 0.72
CA ASN I 437 21.37 -42.93 1.71
C ASN I 437 20.82 -42.73 3.12
N ILE I 438 21.67 -42.93 4.12
CA ILE I 438 21.34 -42.71 5.52
C ILE I 438 22.52 -42.01 6.18
N THR I 439 22.25 -40.88 6.85
CA THR I 439 23.31 -39.99 7.31
C THR I 439 23.30 -39.64 8.80
N GLY I 440 22.21 -39.89 9.53
CA GLY I 440 22.22 -39.53 10.94
C GLY I 440 20.89 -39.86 11.60
N LEU I 441 20.87 -39.75 12.93
CA LEU I 441 19.74 -40.21 13.72
C LEU I 441 19.35 -39.21 14.79
N ILE I 442 18.09 -39.31 15.20
CA ILE I 442 17.52 -38.53 16.29
C ILE I 442 17.26 -39.48 17.45
N LEU I 443 17.75 -39.14 18.64
CA LEU I 443 17.55 -40.00 19.80
C LEU I 443 17.07 -39.19 20.99
N THR I 444 16.51 -39.90 21.95
CA THR I 444 16.08 -39.39 23.25
C THR I 444 16.81 -40.13 24.35
N ARG I 445 16.59 -39.69 25.59
CA ARG I 445 17.15 -40.33 26.76
C ARG I 445 16.04 -40.48 27.80
N ASP I 446 15.98 -41.64 28.44
CA ASP I 446 14.96 -41.90 29.44
C ASP I 446 15.41 -41.35 30.78
N GLY I 447 14.68 -41.67 31.85
CA GLY I 447 15.03 -41.17 33.17
C GLY I 447 14.42 -41.96 34.31
N GLY I 448 15.20 -42.19 35.37
CA GLY I 448 14.72 -42.92 36.53
C GLY I 448 15.62 -44.08 36.92
N SER I 449 16.81 -44.12 36.35
CA SER I 449 17.72 -45.24 36.53
C SER I 449 18.36 -45.24 37.92
N THR I 450 18.86 -46.40 38.31
CA THR I 450 19.55 -46.56 39.59
C THR I 450 21.06 -46.53 39.34
N ASN I 451 21.56 -45.30 39.13
CA ASN I 451 23.00 -44.96 39.13
C ASN I 451 23.76 -45.74 38.05
N SER I 452 23.43 -45.40 36.80
CA SER I 452 24.14 -45.82 35.59
C SER I 452 24.10 -47.34 35.39
N THR I 453 22.87 -47.85 35.34
CA THR I 453 22.62 -49.19 34.82
C THR I 453 21.37 -49.16 33.97
N THR I 454 21.38 -49.98 32.91
CA THR I 454 20.24 -50.26 32.03
C THR I 454 19.72 -48.97 31.36
N GLU I 455 20.58 -48.42 30.51
CA GLU I 455 20.24 -47.21 29.76
C GLU I 455 19.55 -47.60 28.46
N THR I 456 18.32 -47.14 28.27
CA THR I 456 17.54 -47.41 27.08
C THR I 456 17.40 -46.13 26.27
N PHE I 457 17.71 -46.19 24.99
CA PHE I 457 17.60 -45.05 24.11
C PHE I 457 16.56 -45.30 23.04
N ARG I 458 15.83 -44.26 22.71
CA ARG I 458 14.71 -44.33 21.77
C ARG I 458 14.74 -43.14 20.84
N PRO I 459 14.27 -43.31 19.61
CA PRO I 459 14.12 -42.17 18.70
C PRO I 459 12.77 -41.51 18.82
N GLY I 460 12.77 -40.19 18.64
CA GLY I 460 11.55 -39.39 18.68
C GLY I 460 11.71 -38.13 17.90
N GLY I 461 11.13 -37.04 18.40
CA GLY I 461 11.30 -35.73 17.79
C GLY I 461 10.46 -35.45 16.55
N GLY I 462 9.14 -35.42 16.73
CA GLY I 462 8.24 -35.10 15.62
C GLY I 462 8.21 -33.63 15.28
N ASP I 463 9.32 -33.10 14.78
CA ASP I 463 9.41 -31.70 14.40
C ASP I 463 10.36 -31.61 13.22
N MET I 464 10.08 -30.69 12.31
CA MET I 464 10.94 -30.46 11.18
C MET I 464 12.02 -29.44 11.45
N ARG I 465 12.00 -28.80 12.62
CA ARG I 465 12.94 -27.73 12.90
C ARG I 465 14.34 -28.26 13.14
N ASP I 466 14.46 -29.37 13.88
CA ASP I 466 15.77 -29.92 14.17
C ASP I 466 16.41 -30.51 12.93
N ASN I 467 15.59 -30.92 11.96
CA ASN I 467 16.09 -31.35 10.66
C ASN I 467 16.87 -30.26 9.95
N TRP I 468 16.58 -29.00 10.25
CA TRP I 468 17.21 -27.87 9.62
C TRP I 468 18.24 -27.21 10.52
N ARG I 469 18.11 -27.38 11.83
CA ARG I 469 19.20 -27.07 12.75
C ARG I 469 20.42 -27.93 12.43
N SER I 470 20.17 -29.21 12.11
CA SER I 470 21.23 -30.15 11.78
C SER I 470 22.00 -29.78 10.53
N GLU I 471 21.48 -28.87 9.71
CA GLU I 471 22.26 -28.30 8.61
C GLU I 471 22.80 -26.92 8.95
N LEU I 472 21.96 -26.03 9.44
CA LEU I 472 22.32 -24.63 9.59
C LEU I 472 23.01 -24.32 10.90
N TYR I 473 23.53 -25.34 11.60
CA TYR I 473 24.31 -25.11 12.82
C TYR I 473 25.55 -24.25 12.59
N LYS I 474 26.10 -24.24 11.38
CA LYS I 474 27.33 -23.49 11.15
C LYS I 474 27.13 -21.98 11.06
N TYR I 475 25.89 -21.49 11.03
CA TYR I 475 25.62 -20.22 10.39
C TYR I 475 25.06 -19.17 11.35
N LYS I 476 25.34 -17.91 11.04
CA LYS I 476 24.93 -16.77 11.84
C LYS I 476 25.00 -15.53 10.97
N VAL I 477 23.99 -14.67 11.10
CA VAL I 477 23.85 -13.50 10.24
C VAL I 477 24.43 -12.29 10.96
N VAL I 478 25.31 -11.57 10.28
CA VAL I 478 26.01 -10.43 10.86
C VAL I 478 25.80 -9.20 9.98
N LYS I 479 25.32 -8.13 10.59
CA LYS I 479 25.17 -6.85 9.92
C LYS I 479 26.52 -6.15 9.84
N ILE I 480 26.70 -5.35 8.78
CA ILE I 480 27.98 -4.69 8.49
C ILE I 480 27.79 -3.19 8.65
N GLU I 481 28.70 -2.56 9.40
CA GLU I 481 28.69 -1.10 9.55
C GLU I 481 30.04 -0.54 9.11
N PRO I 482 30.13 0.02 7.93
CA PRO I 482 31.44 0.39 7.39
C PRO I 482 31.92 1.78 7.79
N LEU I 483 31.33 2.37 8.82
CA LEU I 483 31.59 3.76 9.15
C LEU I 483 32.02 3.90 10.59
N GLY I 484 33.20 4.50 10.82
CA GLY I 484 33.72 4.67 12.16
C GLY I 484 34.40 6.00 12.32
N VAL I 485 34.75 6.31 13.58
CA VAL I 485 35.46 7.53 13.95
C VAL I 485 36.57 7.20 14.93
N ALA I 486 37.56 8.10 15.00
CA ALA I 486 38.70 7.96 15.90
C ALA I 486 39.40 9.30 16.02
N PRO I 487 40.07 9.58 17.13
CA PRO I 487 40.81 10.84 17.27
C PRO I 487 42.26 10.70 16.79
N THR I 488 42.92 11.85 16.67
CA THR I 488 44.32 11.91 16.26
C THR I 488 44.92 13.25 16.68
N ARG I 489 46.20 13.43 16.34
CA ARG I 489 46.94 14.67 16.59
C ARG I 489 46.99 15.58 15.39
N ALA I 490 46.41 15.19 14.26
CA ALA I 490 46.49 16.00 13.06
C ALA I 490 45.57 17.21 13.16
N LYS I 491 45.64 18.07 12.15
CA LYS I 491 44.89 19.32 12.17
C LYS I 491 44.11 19.48 10.87
N ARG I 492 43.12 20.38 10.90
CA ARG I 492 42.30 20.67 9.74
C ARG I 492 42.75 22.00 9.17
N ARG I 493 43.49 21.93 8.07
CA ARG I 493 43.98 23.14 7.41
C ARG I 493 42.85 23.81 6.66
N VAL I 494 42.55 25.05 7.02
CA VAL I 494 41.48 25.79 6.37
C VAL I 494 41.89 26.18 4.96
N GLY J 16 41.27 -7.03 0.19
CA GLY J 16 40.40 -8.18 0.33
C GLY J 16 39.07 -7.84 0.95
N PHE J 17 38.08 -8.68 0.72
CA PHE J 17 36.73 -8.49 1.27
C PHE J 17 36.78 -8.77 2.76
N LEU J 18 36.85 -7.71 3.57
CA LEU J 18 36.97 -7.75 5.04
C LEU J 18 38.21 -8.53 5.49
N GLY J 19 39.34 -8.22 4.85
CA GLY J 19 40.56 -8.96 5.13
C GLY J 19 41.31 -8.49 6.37
N ALA J 20 41.01 -7.30 6.87
CA ALA J 20 41.78 -6.68 7.95
C ALA J 20 41.14 -6.93 9.30
N ALA J 21 40.59 -8.13 9.50
CA ALA J 21 39.76 -8.40 10.67
C ALA J 21 40.58 -8.51 11.94
N GLY J 22 41.48 -9.49 12.01
CA GLY J 22 42.20 -9.73 13.23
C GLY J 22 43.47 -8.93 13.36
N SER J 23 43.40 -7.63 13.08
CA SER J 23 44.56 -6.77 13.11
C SER J 23 44.36 -5.62 14.10
N THR J 24 45.47 -5.02 14.49
CA THR J 24 45.41 -3.80 15.28
C THR J 24 45.03 -2.65 14.36
N MET J 25 44.33 -1.66 14.92
CA MET J 25 43.89 -0.49 14.17
C MET J 25 45.08 0.26 13.57
N GLY J 26 46.13 0.45 14.37
CA GLY J 26 47.35 1.04 13.83
C GLY J 26 48.10 0.12 12.91
N ALA J 27 47.87 -1.19 13.00
CA ALA J 27 48.54 -2.12 12.10
C ALA J 27 47.86 -2.13 10.73
N ALA J 28 46.53 -2.19 10.70
CA ALA J 28 45.80 -2.12 9.44
C ALA J 28 45.45 -0.68 9.10
N SER J 29 46.45 0.19 9.09
CA SER J 29 46.25 1.62 8.89
C SER J 29 46.77 2.11 7.55
N MET J 30 47.28 1.23 6.71
CA MET J 30 47.88 1.64 5.45
C MET J 30 47.21 1.01 4.25
N THR J 31 46.82 -0.26 4.34
CA THR J 31 46.27 -0.99 3.20
C THR J 31 44.75 -1.00 3.18
N LEU J 32 44.13 0.06 3.68
CA LEU J 32 42.68 0.15 3.63
C LEU J 32 42.18 0.68 2.29
N THR J 33 43.08 1.16 1.43
CA THR J 33 42.64 1.68 0.14
C THR J 33 42.28 0.54 -0.80
N VAL J 34 43.01 -0.58 -0.71
CA VAL J 34 42.65 -1.77 -1.47
C VAL J 34 41.31 -2.31 -0.98
N GLN J 35 41.08 -2.27 0.33
CA GLN J 35 39.77 -2.58 0.90
C GLN J 35 38.70 -1.62 0.36
N ALA J 36 39.07 -0.37 0.16
CA ALA J 36 38.10 0.64 -0.27
C ALA J 36 37.68 0.41 -1.72
N ARG J 37 38.63 0.10 -2.59
CA ARG J 37 38.27 -0.25 -3.96
C ARG J 37 37.52 -1.56 -4.01
N ASN J 38 37.88 -2.51 -3.16
CA ASN J 38 37.16 -3.78 -3.13
C ASN J 38 35.79 -3.64 -2.48
N LEU J 39 35.59 -2.65 -1.61
CA LEU J 39 34.26 -2.32 -1.12
C LEU J 39 33.59 -1.26 -1.96
N LEU J 40 33.91 -1.19 -3.25
CA LEU J 40 33.30 -0.22 -4.13
C LEU J 40 32.54 -1.00 -5.20
N SER J 41 31.74 -1.94 -4.73
CA SER J 41 31.08 -2.89 -5.61
C SER J 41 29.75 -3.27 -4.97
N GLY J 42 29.17 -4.38 -5.44
CA GLY J 42 27.99 -4.97 -4.84
C GLY J 42 26.81 -5.07 -5.77
N ILE J 43 26.50 -3.98 -6.49
CA ILE J 43 25.56 -4.10 -7.59
C ILE J 43 26.27 -4.29 -8.90
N VAL J 44 27.56 -3.94 -8.98
CA VAL J 44 28.30 -4.25 -10.17
C VAL J 44 28.63 -5.74 -10.18
N GLN J 45 28.94 -6.23 -11.39
CA GLN J 45 29.14 -7.65 -11.70
C GLN J 45 27.91 -8.47 -11.30
N GLN J 46 26.81 -8.18 -12.01
CA GLN J 46 25.54 -8.88 -11.83
C GLN J 46 25.64 -10.34 -12.24
N THR J 64 4.94 -13.82 -6.98
CA THR J 64 5.28 -15.04 -6.27
C THR J 64 5.76 -14.77 -4.85
N VAL J 65 6.09 -15.85 -4.13
CA VAL J 65 6.45 -15.73 -2.73
C VAL J 65 7.85 -15.16 -2.60
N TRP J 66 8.82 -15.75 -3.32
CA TRP J 66 10.21 -15.37 -3.16
C TRP J 66 10.49 -13.97 -3.70
N GLY J 67 9.72 -13.53 -4.69
CA GLY J 67 9.95 -12.22 -5.27
C GLY J 67 9.61 -11.09 -4.33
N ILE J 68 8.66 -11.32 -3.43
CA ILE J 68 8.36 -10.34 -2.39
C ILE J 68 9.57 -10.12 -1.50
N LYS J 69 10.22 -11.22 -1.13
CA LYS J 69 11.44 -11.15 -0.35
C LYS J 69 12.55 -10.46 -1.13
N GLN J 70 12.63 -10.72 -2.44
CA GLN J 70 13.65 -10.09 -3.27
C GLN J 70 13.46 -8.58 -3.32
N LEU J 71 12.21 -8.15 -3.47
CA LEU J 71 11.87 -6.74 -3.43
C LEU J 71 12.28 -6.09 -2.12
N GLN J 72 11.94 -6.75 -1.01
CA GLN J 72 12.29 -6.21 0.30
C GLN J 72 13.80 -6.16 0.51
N ALA J 73 14.52 -7.13 -0.06
CA ALA J 73 15.97 -7.15 0.03
C ALA J 73 16.57 -5.96 -0.71
N ARG J 74 16.05 -5.69 -1.91
CA ARG J 74 16.52 -4.54 -2.68
C ARG J 74 16.22 -3.24 -1.96
N VAL J 75 15.05 -3.15 -1.32
CA VAL J 75 14.67 -1.97 -0.55
C VAL J 75 15.65 -1.74 0.59
N LEU J 76 16.00 -2.80 1.30
CA LEU J 76 16.94 -2.69 2.41
C LEU J 76 18.31 -2.23 1.94
N ALA J 77 18.76 -2.77 0.81
CA ALA J 77 20.07 -2.40 0.28
C ALA J 77 20.12 -0.93 -0.12
N VAL J 78 19.07 -0.47 -0.80
CA VAL J 78 18.99 0.92 -1.23
C VAL J 78 18.95 1.85 -0.03
N GLU J 79 18.19 1.48 1.00
CA GLU J 79 18.06 2.33 2.17
C GLU J 79 19.38 2.44 2.93
N ARG J 80 20.13 1.33 3.04
CA ARG J 80 21.40 1.41 3.75
C ARG J 80 22.42 2.24 2.99
N TYR J 81 22.50 2.06 1.67
CA TYR J 81 23.47 2.82 0.90
C TYR J 81 23.14 4.31 0.91
N LEU J 82 21.85 4.65 0.86
CA LEU J 82 21.48 6.06 0.89
C LEU J 82 21.70 6.68 2.26
N ARG J 83 21.49 5.89 3.33
CA ARG J 83 21.83 6.33 4.68
C ARG J 83 23.29 6.72 4.77
N ASP J 84 24.17 5.86 4.25
CA ASP J 84 25.60 6.15 4.32
C ASP J 84 25.97 7.37 3.46
N GLN J 85 25.38 7.49 2.27
CA GLN J 85 25.74 8.61 1.44
C GLN J 85 25.19 9.94 1.96
N GLN J 86 24.03 9.91 2.61
CA GLN J 86 23.52 11.11 3.26
C GLN J 86 24.43 11.56 4.38
N LEU J 87 24.82 10.62 5.25
CA LEU J 87 25.64 10.99 6.39
C LEU J 87 27.04 11.43 5.97
N LEU J 88 27.54 10.92 4.84
CA LEU J 88 28.74 11.52 4.26
C LEU J 88 28.47 12.92 3.75
N GLY J 89 27.37 13.10 3.01
CA GLY J 89 27.17 14.32 2.29
C GLY J 89 26.84 15.51 3.14
N ILE J 90 26.36 15.29 4.37
CA ILE J 90 26.07 16.43 5.24
C ILE J 90 27.35 17.10 5.70
N TRP J 91 28.35 16.32 6.08
CA TRP J 91 29.59 16.88 6.59
C TRP J 91 30.44 17.42 5.45
N GLY J 92 31.57 18.00 5.80
CA GLY J 92 32.55 18.34 4.79
C GLY J 92 33.32 17.16 4.25
N CYS J 93 33.18 16.02 4.90
CA CYS J 93 33.84 14.79 4.48
C CYS J 93 32.86 14.01 3.62
N SER J 94 32.85 14.33 2.32
CA SER J 94 32.08 13.54 1.37
C SER J 94 32.85 13.33 0.07
N GLY J 95 34.13 13.69 0.04
CA GLY J 95 35.02 13.49 -1.07
C GLY J 95 35.90 12.29 -0.82
N LYS J 96 37.10 12.51 -0.29
CA LYS J 96 38.00 11.43 0.10
C LYS J 96 37.44 10.60 1.25
N LEU J 97 38.13 9.53 1.62
CA LEU J 97 37.61 8.66 2.66
C LEU J 97 38.16 8.97 4.04
N ILE J 98 39.32 9.60 4.13
CA ILE J 98 39.79 10.12 5.40
C ILE J 98 39.91 11.63 5.25
N CYS J 99 39.74 12.34 6.35
CA CYS J 99 39.61 13.79 6.31
C CYS J 99 39.92 14.34 7.69
N THR J 100 39.87 15.66 7.80
CA THR J 100 40.07 16.35 9.07
C THR J 100 38.91 17.30 9.31
N THR J 101 38.75 17.69 10.57
CA THR J 101 37.66 18.56 10.96
C THR J 101 38.12 19.43 12.13
N ASN J 102 37.22 20.29 12.59
CA ASN J 102 37.54 21.36 13.52
C ASN J 102 36.91 21.15 14.89
N VAL J 103 36.94 19.93 15.41
CA VAL J 103 36.37 19.64 16.72
C VAL J 103 37.48 19.19 17.64
N PRO J 104 37.67 19.84 18.79
CA PRO J 104 38.61 19.32 19.79
C PRO J 104 38.02 18.10 20.47
N TRP J 105 38.83 17.05 20.61
CA TRP J 105 38.33 15.81 21.17
C TRP J 105 38.22 15.95 22.68
N ASN J 106 37.01 15.79 23.19
CA ASN J 106 36.74 15.93 24.62
C ASN J 106 37.17 14.66 25.34
N SER J 107 37.76 14.83 26.51
CA SER J 107 38.25 13.70 27.29
C SER J 107 37.19 13.06 28.15
N SER J 108 35.92 13.37 27.95
CA SER J 108 34.87 12.76 28.74
C SER J 108 34.41 11.43 28.17
N TRP J 109 34.72 11.17 26.91
CA TRP J 109 34.21 10.00 26.23
C TRP J 109 35.12 8.81 26.47
N SER J 110 36.42 9.02 26.32
CA SER J 110 37.45 8.06 26.67
C SER J 110 38.54 8.78 27.43
N ASN J 111 39.52 8.03 27.92
CA ASN J 111 40.66 8.63 28.60
C ASN J 111 41.98 7.93 28.28
N ARG J 112 42.01 7.05 27.30
CA ARG J 112 43.17 6.24 27.02
C ARG J 112 44.20 7.04 26.21
N ASN J 113 45.48 6.73 26.44
CA ASN J 113 46.54 7.44 25.74
C ASN J 113 46.65 6.94 24.30
N LEU J 114 47.35 7.71 23.47
CA LEU J 114 47.27 7.55 22.02
C LEU J 114 47.92 6.26 21.55
N SER J 115 49.15 6.01 21.97
CA SER J 115 49.84 4.79 21.58
C SER J 115 49.15 3.56 22.16
N GLU J 116 48.55 3.73 23.35
CA GLU J 116 47.74 2.68 23.97
C GLU J 116 46.58 2.29 23.08
N ILE J 117 45.99 3.25 22.39
CA ILE J 117 44.89 2.95 21.48
C ILE J 117 45.41 2.35 20.18
N TRP J 118 46.38 3.01 19.55
CA TRP J 118 46.79 2.61 18.21
C TRP J 118 47.64 1.34 18.17
N ASP J 119 48.13 0.84 19.30
CA ASP J 119 48.93 -0.36 19.24
C ASP J 119 48.44 -1.50 20.12
N ASN J 120 47.33 -1.34 20.83
CA ASN J 120 46.95 -2.39 21.77
C ASN J 120 45.45 -2.61 21.75
N MET J 121 44.79 -2.36 20.62
CA MET J 121 43.33 -2.44 20.61
C MET J 121 42.85 -2.70 19.19
N THR J 122 41.82 -3.54 19.08
CA THR J 122 41.20 -3.84 17.80
C THR J 122 40.14 -2.78 17.49
N TRP J 123 39.34 -3.03 16.46
CA TRP J 123 38.25 -2.12 16.15
C TRP J 123 37.02 -2.39 17.01
N LEU J 124 36.73 -3.66 17.28
CA LEU J 124 35.53 -4.02 18.01
C LEU J 124 35.59 -3.53 19.45
N GLN J 125 36.78 -3.60 20.03
CA GLN J 125 36.96 -3.14 21.40
C GLN J 125 36.81 -1.62 21.49
N TRP J 126 37.33 -0.90 20.49
CA TRP J 126 37.12 0.54 20.41
C TRP J 126 35.65 0.87 20.21
N ASP J 127 34.97 0.05 19.41
CA ASP J 127 33.53 0.20 19.19
C ASP J 127 32.76 0.11 20.49
N LYS J 128 33.02 -0.94 21.26
CA LYS J 128 32.32 -1.06 22.53
C LYS J 128 32.81 -0.04 23.56
N GLU J 129 33.98 0.57 23.36
CA GLU J 129 34.37 1.67 24.21
C GLU J 129 33.79 3.01 23.80
N ILE J 130 33.21 3.15 22.61
CA ILE J 130 32.64 4.43 22.21
C ILE J 130 31.14 4.36 21.94
N SER J 131 30.52 3.19 21.94
CA SER J 131 29.14 3.11 21.44
C SER J 131 28.10 3.52 22.48
N ASN J 132 28.30 4.67 23.12
CA ASN J 132 27.25 5.39 23.81
C ASN J 132 27.26 6.87 23.51
N TYR J 133 28.39 7.43 23.08
CA TYR J 133 28.53 8.87 22.88
C TYR J 133 28.40 9.28 21.42
N THR J 134 27.90 8.39 20.57
CA THR J 134 28.06 8.55 19.13
C THR J 134 27.21 9.69 18.59
N GLN J 135 25.99 9.84 19.11
CA GLN J 135 25.05 10.81 18.59
C GLN J 135 25.50 12.23 18.88
N ILE J 136 26.14 12.42 20.03
CA ILE J 136 26.67 13.74 20.40
C ILE J 136 27.81 14.12 19.47
N ILE J 137 28.63 13.13 19.10
CA ILE J 137 29.72 13.36 18.17
C ILE J 137 29.19 13.75 16.80
N TYR J 138 28.12 13.07 16.37
CA TYR J 138 27.45 13.43 15.13
C TYR J 138 26.93 14.86 15.16
N GLY J 139 26.26 15.23 16.26
CA GLY J 139 25.70 16.57 16.35
C GLY J 139 26.75 17.65 16.41
N LEU J 140 27.87 17.37 17.06
CA LEU J 140 28.96 18.34 17.10
C LEU J 140 29.60 18.50 15.73
N LEU J 141 29.72 17.40 14.97
CA LEU J 141 30.21 17.52 13.61
C LEU J 141 29.24 18.31 12.74
N GLU J 142 27.95 18.13 12.98
CA GLU J 142 26.93 18.86 12.21
C GLU J 142 26.99 20.35 12.48
N GLU J 143 27.11 20.72 13.76
CA GLU J 143 27.18 22.14 14.08
C GLU J 143 28.48 22.76 13.61
N SER J 144 29.58 21.99 13.68
CA SER J 144 30.83 22.48 13.12
C SER J 144 30.75 22.61 11.61
N GLN J 145 29.92 21.80 10.97
CA GLN J 145 29.73 21.90 9.53
C GLN J 145 28.96 23.17 9.18
N ASN J 146 27.85 23.41 9.87
CA ASN J 146 27.03 24.58 9.57
C ASN J 146 27.76 25.86 9.95
N GLN J 147 28.18 25.96 11.20
CA GLN J 147 28.75 27.20 11.70
C GLN J 147 30.15 27.39 11.17
N GLN J 148 30.48 28.65 10.86
CA GLN J 148 31.81 29.13 10.52
C GLN J 148 32.37 28.49 9.27
N GLU J 149 31.52 27.95 8.42
CA GLU J 149 31.97 27.39 7.16
C GLU J 149 31.11 27.80 5.99
N LYS J 150 29.87 28.19 6.20
CA LYS J 150 29.01 28.59 5.09
C LYS J 150 28.55 30.03 5.19
N ASN J 151 27.99 30.43 6.33
CA ASN J 151 27.73 31.84 6.52
C ASN J 151 29.02 32.63 6.64
N GLU J 152 30.05 32.00 7.23
CA GLU J 152 31.39 32.59 7.18
C GLU J 152 31.89 32.68 5.76
N GLN J 153 31.64 31.63 4.96
CA GLN J 153 31.94 31.68 3.53
C GLN J 153 31.15 32.79 2.84
N ASP J 154 29.92 33.01 3.29
CA ASP J 154 29.08 34.04 2.69
C ASP J 154 29.61 35.44 2.99
N LEU J 155 30.10 35.65 4.21
CA LEU J 155 30.75 36.92 4.50
C LEU J 155 32.09 37.06 3.78
N LEU J 156 32.77 35.93 3.56
CA LEU J 156 34.03 35.98 2.83
C LEU J 156 33.80 36.27 1.36
N ALA J 157 32.62 35.95 0.83
CA ALA J 157 32.36 36.21 -0.57
C ALA J 157 32.20 37.70 -0.86
N LEU J 158 31.64 38.45 0.09
CA LEU J 158 31.48 39.89 -0.09
C LEU J 158 32.82 40.60 -0.05
N ASP J 159 33.16 41.26 -1.15
CA ASP J 159 34.36 42.09 -1.17
C ASP J 159 33.92 43.54 -1.09
C1 NAG K . -25.65 -18.95 36.51
C2 NAG K . -25.29 -20.16 35.67
C3 NAG K . -24.61 -21.19 36.57
C4 NAG K . -23.37 -20.56 37.23
C5 NAG K . -23.75 -19.23 37.91
C6 NAG K . -22.54 -18.46 38.38
C7 NAG K . -26.67 -20.59 33.71
C8 NAG K . -27.92 -21.21 33.18
N2 NAG K . -26.45 -20.74 35.02
O3 NAG K . -24.29 -22.32 35.76
O4 NAG K . -22.84 -21.40 38.24
O5 NAG K . -24.47 -18.36 37.02
O6 NAG K . -22.54 -17.13 37.86
O7 NAG K . -25.90 -19.99 32.98
C1 NAG K . -21.82 -22.28 37.74
C2 NAG K . -20.66 -22.45 38.72
C3 NAG K . -19.69 -23.52 38.22
C4 NAG K . -20.43 -24.82 37.93
C5 NAG K . -21.60 -24.56 36.97
C6 NAG K . -22.46 -25.78 36.75
C7 NAG K . -20.09 -20.47 40.04
C8 NAG K . -19.29 -19.20 40.09
N2 NAG K . -19.96 -21.19 38.93
O3 NAG K . -18.69 -23.74 39.21
O4 NAG K . -19.54 -25.76 37.34
O5 NAG K . -22.44 -23.55 37.52
O6 NAG K . -23.82 -25.52 37.10
O7 NAG K . -20.81 -20.82 40.96
C1 NAG L . -38.13 -26.61 23.68
C2 NAG L . -37.83 -26.79 25.17
C3 NAG L . -37.23 -28.16 25.43
C4 NAG L . -38.08 -29.27 24.85
C5 NAG L . -38.41 -28.99 23.38
C6 NAG L . -39.42 -29.95 22.79
C7 NAG L . -37.42 -24.64 26.26
C8 NAG L . -36.39 -23.64 26.69
N2 NAG L . -36.96 -25.73 25.66
O3 NAG L . -37.08 -28.34 26.83
O4 NAG L . -37.36 -30.49 24.92
O5 NAG L . -38.97 -27.68 23.23
O6 NAG L . -38.88 -31.27 22.68
O7 NAG L . -38.62 -24.44 26.43
C1 NAG L . -37.94 -31.41 25.88
C2 NAG L . -37.40 -32.82 25.61
C3 NAG L . -37.98 -33.81 26.61
C4 NAG L . -37.72 -33.35 28.03
C5 NAG L . -38.24 -31.92 28.24
C6 NAG L . -37.90 -31.36 29.59
C7 NAG L . -36.84 -33.98 23.53
C8 NAG L . -37.29 -34.33 22.14
N2 NAG L . -37.68 -33.23 24.24
O3 NAG L . -37.41 -35.10 26.41
O4 NAG L . -38.37 -34.22 28.95
O5 NAG L . -37.66 -31.04 27.26
O6 NAG L . -37.14 -32.28 30.37
O7 NAG L . -35.77 -34.38 23.98
C1 NAG M . -37.96 -9.66 1.71
C2 NAG M . -38.27 -8.24 1.16
C3 NAG M . -38.59 -7.29 2.31
C4 NAG M . -39.72 -7.85 3.15
C5 NAG M . -39.27 -9.19 3.70
C6 NAG M . -40.29 -9.86 4.58
C7 NAG M . -37.04 -7.98 -0.94
C8 NAG M . -35.85 -7.35 -1.61
N2 NAG M . -37.18 -7.73 0.36
O3 NAG M . -38.94 -6.01 1.77
O4 NAG M . -40.09 -7.03 4.24
O5 NAG M . -39.01 -10.08 2.59
O6 NAG M . -39.82 -11.11 5.08
O7 NAG M . -37.82 -8.70 -1.54
C1 NAG M . -41.27 -6.22 4.00
C2 NAG M . -42.61 -6.83 4.50
C3 NAG M . -43.74 -5.80 4.45
C4 NAG M . -43.33 -4.50 5.14
C5 NAG M . -42.05 -3.99 4.52
C6 NAG M . -41.53 -2.72 5.17
C7 NAG M . -43.65 -9.04 4.19
C8 NAG M . -43.93 -10.16 3.23
N2 NAG M . -42.97 -8.00 3.70
O3 NAG M . -44.90 -6.33 5.07
O4 NAG M . -44.36 -3.52 4.97
O5 NAG M . -41.03 -4.98 4.69
O6 NAG M . -40.76 -1.96 4.27
O7 NAG M . -44.02 -9.08 5.35
C1 NAG N . -15.52 1.45 27.76
C2 NAG N . -16.09 0.15 27.22
C3 NAG N . -16.30 -0.85 28.35
C4 NAG N . -15.01 -1.04 29.15
C5 NAG N . -14.45 0.30 29.60
C6 NAG N . -13.09 0.19 30.23
C7 NAG N . -17.76 -0.42 25.52
C8 NAG N . -19.07 -0.03 24.88
N2 NAG N . -17.33 0.38 26.50
O3 NAG N . -16.74 -2.11 27.84
O4 NAG N . -15.29 -1.83 30.31
O5 NAG N . -14.31 1.18 28.47
O6 NAG N . -12.33 -0.84 29.61
O7 NAG N . -17.14 -1.41 25.17
C1 NAG N . -14.70 -3.15 30.20
C2 NAG N . -14.64 -3.72 31.61
C3 NAG N . -14.03 -5.12 31.57
C4 NAG N . -14.77 -6.02 30.59
C5 NAG N . -14.96 -5.33 29.23
C6 NAG N . -15.92 -6.06 28.33
C7 NAG N . -14.48 -1.98 33.32
C8 NAG N . -13.56 -1.16 34.17
N2 NAG N . -13.88 -2.86 32.49
O3 NAG N . -14.10 -5.69 32.88
O4 NAG N . -13.97 -7.19 30.39
O5 NAG N . -15.48 -4.00 29.38
O6 NAG N . -16.94 -6.68 29.10
O7 NAG N . -15.69 -1.86 33.38
C1 BMA N . -14.58 -8.43 30.81
C2 BMA N . -13.79 -9.56 30.11
C3 BMA N . -14.30 -10.94 30.56
C4 BMA N . -14.48 -11.06 32.08
C5 BMA N . -15.19 -9.81 32.67
C6 BMA N . -15.15 -9.80 34.19
O2 BMA N . -12.43 -9.50 30.49
O3 BMA N . -13.43 -11.97 30.12
O4 BMA N . -15.25 -12.21 32.37
O5 BMA N . -14.53 -8.60 32.21
O6 BMA N . -14.05 -10.58 34.62
C1 MAN N . -14.11 -12.76 29.13
C2 MAN N . -13.59 -14.21 29.19
C3 MAN N . -12.12 -14.17 28.76
C4 MAN N . -12.03 -13.70 27.33
C5 MAN N . -12.54 -12.26 27.28
C6 MAN N . -12.60 -11.73 25.88
O2 MAN N . -14.26 -14.99 28.20
O3 MAN N . -11.40 -15.39 28.94
O4 MAN N . -10.69 -13.74 26.89
O5 MAN N . -13.90 -12.21 27.83
O6 MAN N . -13.06 -12.79 25.04
C1 MAN N . -14.47 -16.34 28.66
C2 MAN N . -14.06 -17.27 27.48
C3 MAN N . -14.92 -18.55 27.46
C4 MAN N . -15.27 -19.03 28.89
C5 MAN N . -16.11 -17.93 29.58
C6 MAN N . -15.93 -17.89 31.09
O2 MAN N . -12.71 -17.70 27.61
O3 MAN N . -14.28 -19.60 26.74
O4 MAN N . -16.00 -20.23 28.81
O5 MAN N . -15.82 -16.59 29.05
O6 MAN N . -14.57 -18.22 31.39
C1 MAN N . -13.10 -9.74 35.30
C2 MAN N . -11.71 -10.39 35.15
C3 MAN N . -11.63 -11.67 35.99
C4 MAN N . -12.12 -11.43 37.44
C5 MAN N . -13.52 -10.83 37.41
C6 MAN N . -14.06 -10.51 38.76
O2 MAN N . -10.67 -9.54 35.65
O3 MAN N . -10.32 -12.21 36.01
O4 MAN N . -12.15 -12.65 38.14
O5 MAN N . -13.47 -9.59 36.66
O6 MAN N . -14.35 -11.74 39.41
C1 NAG O . -13.99 7.34 32.94
C2 NAG O . -12.52 7.50 32.52
C3 NAG O . -11.61 7.56 33.74
C4 NAG O . -12.07 8.66 34.69
C5 NAG O . -13.51 8.37 35.08
C6 NAG O . -14.09 9.39 36.03
C7 NAG O . -11.18 6.52 30.71
C8 NAG O . -10.90 5.30 29.91
N2 NAG O . -12.13 6.40 31.65
O3 NAG O . -10.26 7.80 33.34
O4 NAG O . -11.25 8.70 35.86
O5 NAG O . -14.33 8.38 33.90
O6 NAG O . -14.23 8.83 37.33
O7 NAG O . -10.59 7.58 30.52
C1 NAG O . -10.42 9.87 35.84
C2 NAG O . -9.78 10.08 37.21
C3 NAG O . -8.83 11.27 37.17
C4 NAG O . -7.80 11.10 36.06
C5 NAG O . -8.50 10.86 34.73
C6 NAG O . -7.54 10.54 33.61
C7 NAG O . -11.31 9.28 38.96
C8 NAG O . -12.34 9.65 39.97
N2 NAG O . -10.81 10.28 38.23
O3 NAG O . -8.17 11.39 38.43
O4 NAG O . -6.98 12.26 35.97
O5 NAG O . -9.38 9.74 34.85
O6 NAG O . -6.34 11.29 33.73
O7 NAG O . -10.95 8.11 38.80
C1 NAG P . 9.06 35.65 17.53
C2 NAG P . 8.85 37.14 17.65
C3 NAG P . 10.11 37.78 18.24
C4 NAG P . 10.55 37.08 19.53
C5 NAG P . 10.49 35.54 19.40
C6 NAG P . 10.56 34.86 20.75
C7 NAG P . 7.80 38.86 16.27
C8 NAG P . 7.56 39.35 14.87
N2 NAG P . 8.52 37.74 16.38
O3 NAG P . 9.83 39.15 18.50
O4 NAG P . 11.92 37.39 19.81
O5 NAG P . 9.27 35.10 18.79
O6 NAG P . 9.30 34.31 21.09
O7 NAG P . 7.38 39.46 17.25
C1 NAG P . 12.28 38.59 20.52
C2 NAG P . 13.53 39.11 19.80
C3 NAG P . 14.01 40.42 20.42
C4 NAG P . 12.88 41.44 20.43
C5 NAG P . 11.68 40.88 21.19
C6 NAG P . 10.48 41.81 21.16
C7 NAG P . 15.42 37.93 18.80
C8 NAG P . 16.46 36.87 18.99
N2 NAG P . 14.58 38.13 19.82
O3 NAG P . 15.11 40.92 19.68
O4 NAG P . 13.31 42.64 21.07
O5 NAG P . 11.27 39.65 20.58
O6 NAG P . 10.78 43.02 20.49
O7 NAG P . 15.34 38.59 17.76
C1 NAG Q . -40.26 2.39 24.51
C2 NAG Q . -40.38 3.68 25.32
C3 NAG Q . -41.77 4.28 25.16
C4 NAG Q . -42.10 4.47 23.69
C5 NAG Q . -41.93 3.16 22.93
C6 NAG Q . -42.10 3.31 21.44
C7 NAG Q . -38.91 3.80 27.26
C8 NAG Q . -38.75 3.52 28.72
N2 NAG Q . -40.07 3.46 26.73
O3 NAG Q . -41.78 5.55 25.83
O4 NAG Q . -43.40 5.00 23.50
O5 NAG Q . -40.59 2.66 23.14
O6 NAG Q . -42.60 4.59 21.11
O7 NAG Q . -38.01 4.31 26.60
C1 NAG Q . -44.46 4.33 24.23
C2 NAG Q . -45.44 5.39 24.75
C3 NAG Q . -46.64 4.72 25.41
C4 NAG Q . -47.29 3.72 24.46
C5 NAG Q . -46.24 2.69 24.06
C6 NAG Q . -46.73 1.64 23.09
C7 NAG Q . -44.20 7.43 25.30
C8 NAG Q . -43.60 8.25 26.40
N2 NAG Q . -44.80 6.30 25.68
O3 NAG Q . -47.58 5.72 25.80
O4 NAG Q . -48.43 3.11 25.09
O5 NAG Q . -45.16 3.37 23.40
O6 NAG Q . -46.19 0.36 23.41
O7 NAG Q . -44.15 7.78 24.13
C1 BMA Q . -49.66 3.35 24.35
C2 BMA Q . -50.50 4.50 24.99
C3 BMA Q . -50.61 5.66 23.98
C4 BMA Q . -51.17 5.21 22.60
C5 BMA Q . -50.53 3.89 22.13
C6 BMA Q . -50.07 3.92 20.70
O2 BMA Q . -49.89 5.00 26.16
O3 BMA Q . -49.36 6.31 23.80
O4 BMA Q . -52.58 5.06 22.67
O5 BMA Q . -49.37 3.63 22.95
O6 BMA Q . -48.68 4.25 20.70
C1 NAG R . -38.49 -32.87 9.22
C2 NAG R . -39.65 -32.03 8.66
C3 NAG R . -40.33 -32.75 7.49
C4 NAG R . -40.77 -34.16 7.86
C5 NAG R . -39.72 -34.86 8.72
C6 NAG R . -39.45 -36.28 8.27
C7 NAG R . -40.46 -30.71 10.56
C8 NAG R . -41.55 -30.53 11.58
N2 NAG R . -40.62 -31.72 9.71
O3 NAG R . -39.43 -32.80 6.40
O4 NAG R . -42.03 -34.11 8.54
O5 NAG R . -38.49 -34.16 8.61
O6 NAG R . -40.03 -36.55 7.01
O7 NAG R . -39.49 -29.96 10.52
C1 NAG R . -42.88 -35.09 7.89
C2 NAG R . -43.60 -35.91 8.96
C3 NAG R . -44.49 -36.96 8.30
C4 NAG R . -45.44 -36.31 7.31
C5 NAG R . -44.68 -35.42 6.31
C6 NAG R . -45.60 -34.62 5.43
C7 NAG R . -42.26 -35.96 11.02
C8 NAG R . -41.28 -36.74 11.84
N2 NAG R . -42.65 -36.53 9.87
O3 NAG R . -45.23 -37.65 9.30
O4 NAG R . -46.14 -37.32 6.58
O5 NAG R . -43.86 -34.48 7.02
O6 NAG R . -46.48 -33.81 6.20
O7 NAG R . -42.68 -34.87 11.37
C1 NAG S . -41.39 9.21 21.27
C2 NAG S . -41.84 7.81 20.87
C3 NAG S . -43.17 7.89 20.13
C4 NAG S . -44.20 8.67 20.92
C5 NAG S . -43.63 10.01 21.42
C6 NAG S . -44.54 10.71 22.40
C7 NAG S . -39.97 6.25 20.59
C8 NAG S . -39.02 5.62 19.62
N2 NAG S . -40.84 7.12 20.07
O3 NAG S . -43.60 6.55 19.89
O4 NAG S . -45.32 9.03 20.11
O5 NAG S . -42.37 9.80 22.09
O6 NAG S . -44.41 10.16 23.70
O7 NAG S . -39.93 6.01 21.79
C1 NAG S . -46.41 8.10 20.02
C2 NAG S . -47.60 8.47 20.93
C3 NAG S . -48.82 7.58 20.61
C4 NAG S . -49.13 7.59 19.12
C5 NAG S . -47.90 7.19 18.33
C6 NAG S . -48.10 7.29 16.83
C7 NAG S . -47.85 9.09 23.29
C8 NAG S . -47.35 8.86 24.69
N2 NAG S . -47.25 8.38 22.33
O3 NAG S . -49.96 8.03 21.33
O4 NAG S . -50.18 6.66 18.85
O5 NAG S . -46.83 8.10 18.65
O6 NAG S . -47.87 8.60 16.36
O7 NAG S . -48.75 9.89 23.04
C1 NAG T . 13.82 40.36 -16.93
C2 NAG T . 14.79 41.03 -17.89
C3 NAG T . 14.05 41.56 -19.10
C4 NAG T . 13.18 40.49 -19.76
C5 NAG T . 12.32 39.78 -18.71
C6 NAG T . 11.65 38.53 -19.24
C7 NAG T . 16.78 42.41 -17.55
C8 NAG T . 17.40 43.54 -16.77
N2 NAG T . 15.53 42.09 -17.23
O3 NAG T . 14.98 42.05 -20.06
O4 NAG T . 12.33 41.14 -20.70
O5 NAG T . 13.12 39.34 -17.60
O6 NAG T . 10.29 38.79 -19.55
O7 NAG T . 17.40 41.83 -18.44
C1 NAG T . 12.41 40.66 -22.07
C2 NAG T . 11.07 41.04 -22.69
C3 NAG T . 10.99 40.52 -24.12
C4 NAG T . 12.16 41.04 -24.94
C5 NAG T . 13.49 40.77 -24.24
C6 NAG T . 14.65 41.48 -24.90
C7 NAG T . 9.04 41.43 -21.40
C8 NAG T . 7.92 40.81 -20.61
N2 NAG T . 9.95 40.58 -21.90
O3 NAG T . 9.74 40.90 -24.68
O4 NAG T . 12.19 40.40 -26.21
O5 NAG T . 13.47 41.21 -22.86
O6 NAG T . 14.22 42.67 -25.53
O7 NAG T . 9.12 42.63 -21.57
C1 BMA T . 11.67 41.12 -27.37
C2 BMA T . 12.81 41.43 -28.33
C3 BMA T . 12.35 41.80 -29.77
C4 BMA T . 11.03 41.14 -30.25
C5 BMA T . 10.03 40.88 -29.13
C6 BMA T . 8.91 39.86 -29.50
O2 BMA T . 13.63 40.30 -28.48
O3 BMA T . 13.36 41.40 -30.69
O4 BMA T . 10.43 41.97 -31.22
O5 BMA T . 10.71 40.31 -28.01
O6 BMA T . 8.51 39.99 -30.87
C1 MAN T . 7.07 40.17 -30.93
C2 MAN T . 6.38 39.09 -31.83
C3 MAN T . 5.98 39.68 -33.20
C4 MAN T . 7.00 40.69 -33.76
C5 MAN T . 7.47 41.69 -32.68
C6 MAN T . 7.21 43.12 -33.06
O2 MAN T . 5.11 38.71 -31.27
O3 MAN T . 4.68 40.26 -33.14
O4 MAN T . 8.10 39.99 -34.27
O5 MAN T . 6.81 41.44 -31.43
O6 MAN T . 7.41 43.92 -31.91
C1 NAG T . 4.75 37.34 -31.53
C2 NAG T . 3.97 36.86 -30.30
C3 NAG T . 2.53 36.48 -30.67
C4 NAG T . 2.46 35.52 -31.86
C5 NAG T . 3.51 35.86 -32.91
C6 NAG T . 2.98 35.81 -34.32
C7 NAG T . 5.39 35.93 -28.54
C8 NAG T . 6.02 34.70 -27.97
N2 NAG T . 4.65 35.76 -29.63
O3 NAG T . 1.79 37.66 -30.95
O4 NAG T . 2.61 34.18 -31.41
O5 NAG T . 3.96 37.20 -32.69
O6 NAG T . 1.56 35.75 -34.33
O7 NAG T . 5.54 37.04 -28.03
C1 GAL T . 1.54 33.38 -31.99
C2 GAL T . 2.17 32.19 -32.68
C3 GAL T . 1.09 31.46 -33.47
C4 GAL T . -0.02 30.98 -32.55
C5 GAL T . -0.51 32.11 -31.64
C6 GAL T . -1.34 31.59 -30.50
O2 GAL T . 3.20 32.58 -33.57
O3 GAL T . 1.61 30.30 -34.07
O4 GAL T . 0.43 29.92 -31.76
O5 GAL T . 0.59 32.86 -31.04
O6 GAL T . -0.53 31.23 -29.39
C1 NAG T . 6.32 44.85 -31.79
C2 NAG T . 6.78 46.00 -30.92
C3 NAG T . 5.65 47.01 -30.75
C4 NAG T . 5.18 47.50 -32.11
C5 NAG T . 4.82 46.32 -33.02
C6 NAG T . 4.56 46.74 -34.46
C7 NAG T . 8.56 45.51 -29.31
C8 NAG T . 8.88 45.02 -27.93
N2 NAG T . 7.26 45.55 -29.62
O3 NAG T . 6.12 48.09 -29.96
O4 NAG T . 4.02 48.32 -31.96
O5 NAG T . 5.89 45.36 -33.07
O6 NAG T . 5.35 47.86 -34.81
O7 NAG T . 9.42 45.86 -30.10
C1 GAL T . 4.33 49.69 -32.17
C2 GAL T . 3.26 50.27 -33.13
C3 GAL T . 3.22 51.80 -33.12
C4 GAL T . 3.22 52.35 -31.70
C5 GAL T . 4.41 51.80 -30.97
C6 GAL T . 4.50 52.25 -29.53
O2 GAL T . 3.54 49.89 -34.46
O3 GAL T . 2.01 52.25 -33.74
O4 GAL T . 2.04 51.95 -31.04
O5 GAL T . 4.33 50.37 -30.92
O6 GAL T . 4.10 53.60 -29.40
C1 MAN T . 14.18 42.46 -31.21
C2 MAN T . 14.76 41.91 -32.52
C3 MAN T . 15.55 40.68 -32.16
C4 MAN T . 16.72 41.05 -31.25
C5 MAN T . 16.20 41.75 -29.97
C6 MAN T . 17.30 42.46 -29.21
O2 MAN T . 15.77 42.74 -33.16
O3 MAN T . 16.04 40.03 -33.32
O4 MAN T . 17.44 39.91 -30.87
O5 MAN T . 15.21 42.79 -30.29
O6 MAN T . 17.44 43.76 -29.77
C1 NAG T . 15.49 44.14 -33.26
C2 NAG T . 16.81 44.81 -33.65
C3 NAG T . 16.60 46.32 -33.79
C4 NAG T . 15.47 46.60 -34.77
C5 NAG T . 14.21 45.86 -34.36
C6 NAG T . 13.10 45.99 -35.37
C7 NAG T . 19.10 44.25 -33.02
C8 NAG T . 20.05 43.97 -31.89
N2 NAG T . 17.84 44.52 -32.68
O3 NAG T . 17.80 46.92 -34.24
O4 NAG T . 15.20 48.00 -34.80
O5 NAG T . 14.48 44.45 -34.23
O6 NAG T . 13.17 44.96 -36.36
O7 NAG T . 19.46 44.23 -34.19
C1 FUC T . 9.42 37.81 -18.97
C2 FUC T . 8.81 37.00 -20.15
C3 FUC T . 8.96 35.49 -19.94
C4 FUC T . 8.50 35.10 -18.53
C5 FUC T . 9.31 35.88 -17.48
C6 FUC T . 8.45 36.52 -16.39
O2 FUC T . 9.37 37.39 -21.39
O3 FUC T . 8.14 34.79 -20.85
O4 FUC T . 7.12 35.39 -18.39
O5 FUC T . 10.10 36.95 -18.06
C1 NAG U . 0.38 33.83 -9.34
C2 NAG U . -0.04 35.28 -9.16
C3 NAG U . -1.48 35.35 -8.67
C4 NAG U . -2.41 34.66 -9.67
C5 NAG U . -1.91 33.24 -9.98
C6 NAG U . -2.63 32.63 -11.16
C7 NAG U . 1.16 35.89 -7.04
C8 NAG U . 2.11 36.88 -6.46
N2 NAG U . 0.86 36.08 -8.34
O3 NAG U . -1.82 36.71 -8.48
O4 NAG U . -3.74 34.56 -9.17
O5 NAG U . -0.50 33.18 -10.28
O6 NAG U . -2.04 31.41 -11.58
O7 NAG U . 0.69 34.97 -6.38
C1 NAG U . -4.67 35.62 -9.50
C2 NAG U . -6.01 35.08 -10.00
C3 NAG U . -6.99 36.23 -10.24
C4 NAG U . -7.13 37.12 -9.01
C5 NAG U . -5.75 37.57 -8.53
C6 NAG U . -5.79 38.30 -7.21
C7 NAG U . -6.66 33.33 -11.61
C8 NAG U . -6.31 32.64 -12.88
N2 NAG U . -5.82 34.31 -11.21
O3 NAG U . -8.28 35.69 -10.54
O4 NAG U . -7.90 38.27 -9.37
O5 NAG U . -4.89 36.43 -8.34
O6 NAG U . -6.40 39.58 -7.35
O7 NAG U . -7.66 33.05 -10.95
C1 BMA U . -9.20 38.49 -8.76
C2 BMA U . -9.59 39.98 -9.07
C3 BMA U . -10.99 40.35 -8.62
C4 BMA U . -11.98 39.31 -9.11
C5 BMA U . -11.57 37.91 -8.65
C6 BMA U . -12.53 36.89 -9.14
O2 BMA U . -9.62 40.16 -10.47
O3 BMA U . -11.35 41.64 -9.17
O4 BMA U . -13.27 39.58 -8.61
O5 BMA U . -10.24 37.59 -9.18
O6 BMA U . -11.89 35.65 -9.18
C1 MAN U . -11.84 42.56 -8.15
C2 MAN U . -12.66 43.74 -8.84
C3 MAN U . -11.73 44.84 -9.34
C4 MAN U . -10.79 45.29 -8.22
C5 MAN U . -9.91 44.08 -7.88
C6 MAN U . -8.85 44.36 -6.85
O2 MAN U . -13.49 44.40 -7.91
O3 MAN U . -12.46 45.94 -9.86
O4 MAN U . -9.97 46.36 -8.65
O5 MAN U . -10.77 43.04 -7.33
O6 MAN U . -9.41 45.21 -5.86
C1 NAG U . -14.87 44.17 -8.28
C2 NAG U . -15.77 44.94 -7.32
C3 NAG U . -17.23 44.75 -7.71
C4 NAG U . -17.45 45.13 -9.17
C5 NAG U . -16.47 44.37 -10.06
C6 NAG U . -16.53 44.80 -11.50
C7 NAG U . -15.22 45.40 -4.98
C8 NAG U . -15.02 44.82 -3.61
N2 NAG U . -15.54 44.54 -5.95
O3 NAG U . -18.05 45.54 -6.84
O4 NAG U . -18.77 44.79 -9.58
O5 NAG U . -15.13 44.60 -9.62
O6 NAG U . -16.29 43.70 -12.38
O7 NAG U . -15.10 46.61 -5.20
C1 GAL U . -19.64 45.95 -9.65
C2 GAL U . -20.26 46.09 -11.06
C3 GAL U . -21.32 47.20 -11.10
C4 GAL U . -22.36 47.00 -9.99
C5 GAL U . -21.64 46.90 -8.66
C6 GAL U . -22.55 46.57 -7.50
O2 GAL U . -19.30 46.44 -12.02
O3 GAL U . -22.03 47.17 -12.33
O4 GAL U . -23.11 45.82 -10.22
O5 GAL U . -20.67 45.83 -8.68
O6 GAL U . -22.60 45.18 -7.29
C1 NAG U . -10.33 47.58 -7.97
C2 NAG U . -9.05 48.38 -7.68
C3 NAG U . -9.41 49.73 -7.03
C4 NAG U . -10.46 50.47 -7.85
C5 NAG U . -11.66 49.57 -8.11
C6 NAG U . -12.69 50.22 -9.01
C7 NAG U . -6.83 47.76 -6.85
C8 NAG U . -6.07 46.91 -5.90
N2 NAG U . -8.16 47.63 -6.82
O3 NAG U . -8.24 50.52 -6.92
O4 NAG U . -10.88 51.63 -7.14
O5 NAG U . -11.24 48.37 -8.75
O6 NAG U . -13.33 51.30 -8.35
O7 NAG U . -6.28 48.56 -7.61
C1 MAN U . -12.14 34.98 -7.93
C2 MAN U . -11.28 33.69 -7.93
C3 MAN U . -11.92 32.61 -8.80
C4 MAN U . -13.35 32.36 -8.35
C5 MAN U . -14.14 33.65 -8.55
C6 MAN U . -15.57 33.52 -8.11
O2 MAN U . -11.23 33.13 -6.66
O3 MAN U . -11.20 31.40 -8.75
O4 MAN U . -13.93 31.33 -9.12
O5 MAN U . -13.53 34.71 -7.74
O6 MAN U . -15.56 33.35 -6.70
C1 NAG U . -9.85 33.21 -6.28
C2 NAG U . -9.75 33.33 -4.75
C3 NAG U . -8.29 33.27 -4.32
C4 NAG U . -7.57 32.06 -4.92
C5 NAG U . -7.80 32.01 -6.43
C6 NAG U . -7.23 30.77 -7.07
C7 NAG U . -11.68 34.70 -4.07
C8 NAG U . -12.12 36.04 -3.59
N2 NAG U . -10.36 34.57 -4.29
O3 NAG U . -8.22 33.21 -2.90
O4 NAG U . -6.18 32.14 -4.65
O5 NAG U . -9.20 32.02 -6.71
O6 NAG U . -5.98 30.41 -6.49
O7 NAG U . -12.45 33.78 -4.26
C1 FUC U . -2.35 30.38 -10.61
C2 FUC U . -3.45 29.41 -11.18
C3 FUC U . -2.89 28.56 -12.30
C4 FUC U . -1.65 27.82 -11.83
C5 FUC U . -0.61 28.82 -11.32
C6 FUC U . 0.60 28.16 -10.72
O2 FUC U . -4.63 30.08 -11.60
O3 FUC U . -3.85 27.59 -12.66
O4 FUC U . -2.01 26.95 -10.78
O5 FUC U . -1.16 29.67 -10.29
C1 NAG V . 45.08 -0.51 -29.42
C2 NAG V . 46.45 -0.72 -28.80
C3 NAG V . 47.17 -1.87 -29.51
C4 NAG V . 46.30 -3.13 -29.52
C5 NAG V . 44.89 -2.81 -30.04
C6 NAG V . 43.93 -3.96 -29.88
C7 NAG V . 47.52 1.24 -27.78
C8 NAG V . 48.38 2.45 -28.03
N2 NAG V . 47.26 0.49 -28.86
O3 NAG V . 48.40 -2.11 -28.84
O4 NAG V . 46.87 -4.09 -30.41
O5 NAG V . 44.33 -1.71 -29.32
O6 NAG V . 43.51 -4.11 -28.53
O7 NAG V . 47.09 0.95 -26.68
C1 NAG V . 47.53 -5.11 -29.65
C2 NAG V . 47.55 -6.42 -30.44
C3 NAG V . 48.36 -7.48 -29.70
C4 NAG V . 49.74 -6.96 -29.34
C5 NAG V . 49.64 -5.63 -28.60
C6 NAG V . 50.97 -4.98 -28.33
C7 NAG V . 45.83 -7.54 -31.80
C8 NAG V . 44.39 -7.94 -31.88
N2 NAG V . 46.20 -6.88 -30.69
O3 NAG V . 48.47 -8.65 -30.50
O4 NAG V . 50.41 -7.90 -28.51
O5 NAG V . 48.88 -4.70 -29.39
O6 NAG V . 50.84 -3.56 -28.25
O7 NAG V . 46.63 -7.80 -32.68
C1 NAG W . -44.46 -3.79 -26.96
C2 NAG W . -43.89 -2.78 -25.97
C3 NAG W . -44.99 -2.31 -25.02
C4 NAG W . -46.21 -1.81 -25.78
C5 NAG W . -46.64 -2.79 -26.87
C6 NAG W . -47.69 -2.24 -27.79
C7 NAG W . -41.77 -2.63 -24.73
C8 NAG W . -40.71 -3.38 -23.99
N2 NAG W . -42.77 -3.36 -25.23
O3 NAG W . -44.47 -1.27 -24.19
O4 NAG W . -47.32 -1.73 -24.89
O5 NAG W . -45.52 -3.18 -27.69
O6 NAG W . -48.88 -1.90 -27.08
O7 NAG W . -41.73 -1.41 -24.88
C1 NAG W . -47.62 -0.44 -24.34
C2 NAG W . -48.13 -0.70 -22.92
C3 NAG W . -48.40 0.61 -22.20
C4 NAG W . -47.17 1.51 -22.23
C5 NAG W . -46.72 1.72 -23.67
C6 NAG W . -45.44 2.50 -23.78
C7 NAG W . -49.27 -2.87 -22.81
C8 NAG W . -50.59 -3.59 -22.84
N2 NAG W . -49.31 -1.54 -22.94
O3 NAG W . -48.76 0.32 -20.85
O4 NAG W . -47.48 2.77 -21.64
O5 NAG W . -46.50 0.45 -24.30
O6 NAG W . -44.38 1.68 -24.27
O7 NAG W . -48.20 -3.48 -22.67
C1 NAG X . -45.30 -22.07 -22.92
C2 NAG X . -46.48 -21.39 -23.61
C3 NAG X . -47.82 -21.99 -23.15
C4 NAG X . -47.91 -22.07 -21.63
C5 NAG X . -46.63 -22.65 -21.03
C6 NAG X . -46.90 -23.83 -20.12
C7 NAG X . -45.76 -19.11 -24.13
C8 NAG X . -45.86 -17.66 -23.77
N2 NAG X . -46.47 -19.95 -23.37
O3 NAG X . -47.96 -23.29 -23.70
O4 NAG X . -48.16 -20.78 -21.08
O5 NAG X . -45.77 -23.12 -22.07
O6 NAG X . -48.26 -24.22 -20.17
O7 NAG X . -45.09 -19.49 -25.09
C1 NAG X . -49.12 -20.82 -20.00
C2 NAG X . -50.18 -19.75 -20.26
C3 NAG X . -51.23 -19.76 -19.15
C4 NAG X . -51.83 -21.15 -18.99
C5 NAG X . -50.73 -22.20 -18.80
C6 NAG X . -51.25 -23.60 -18.79
C7 NAG X . -49.24 -17.87 -21.52
C8 NAG X . -48.61 -16.51 -21.44
N2 NAG X . -49.56 -18.43 -20.36
O3 NAG X . -52.25 -18.82 -19.46
O4 NAG X . -52.70 -21.19 -17.87
O5 NAG X . -49.78 -22.12 -19.88
O6 NAG X . -50.87 -24.30 -19.97
O7 NAG X . -49.44 -18.44 -22.60
C1 NAG Y . -20.96 -33.03 -24.17
C2 NAG Y . -19.63 -33.03 -24.93
C3 NAG Y . -19.88 -32.92 -26.43
C4 NAG Y . -20.82 -34.01 -26.91
C5 NAG Y . -22.11 -34.00 -26.05
C6 NAG Y . -23.03 -35.15 -26.36
C7 NAG Y . -17.45 -32.12 -24.27
C8 NAG Y . -16.71 -30.91 -23.79
N2 NAG Y . -18.76 -31.96 -24.47
O3 NAG Y . -18.62 -32.99 -27.08
O4 NAG Y . -21.22 -33.80 -28.26
O5 NAG Y . -21.78 -34.09 -24.66
O6 NAG Y . -23.70 -34.97 -27.60
O7 NAG Y . -16.88 -33.19 -24.47
C1 NAG Y . -20.46 -34.49 -29.25
C2 NAG Y . -21.22 -35.67 -29.87
C3 NAG Y . -20.46 -36.25 -31.07
C4 NAG Y . -20.09 -35.15 -32.06
C5 NAG Y . -19.31 -34.05 -31.35
C6 NAG Y . -18.99 -32.88 -32.24
C7 NAG Y . -22.52 -37.53 -28.93
C8 NAG Y . -22.60 -38.54 -27.82
N2 NAG Y . -21.47 -36.71 -28.89
O3 NAG Y . -21.24 -37.24 -31.73
O4 NAG Y . -19.28 -35.69 -33.11
O5 NAG Y . -20.12 -33.54 -30.27
O6 NAG Y . -18.32 -31.85 -31.52
O7 NAG Y . -23.35 -37.47 -29.82
C1 NAG Z . -19.12 7.42 -39.00
C2 NAG Z . -18.49 8.19 -37.85
C3 NAG Z . -18.91 9.66 -37.89
C4 NAG Z . -18.59 10.25 -39.25
C5 NAG Z . -19.29 9.43 -40.33
C6 NAG Z . -19.00 9.90 -41.74
C7 NAG Z . -17.96 7.52 -35.56
C8 NAG Z . -18.46 6.88 -34.30
N2 NAG Z . -18.83 7.60 -36.57
O3 NAG Z . -18.22 10.37 -36.87
O4 NAG Z . -18.99 11.62 -39.31
O5 NAG Z . -18.86 8.07 -40.25
O6 NAG Z . -19.74 9.14 -42.68
O7 NAG Z . -16.81 7.94 -35.66
C1 NAG Z . -17.81 12.47 -39.39
C2 NAG Z . -18.19 13.94 -39.28
C3 NAG Z . -16.95 14.81 -39.31
C4 NAG Z . -15.94 14.36 -38.24
C5 NAG Z . -15.65 12.87 -38.39
C6 NAG Z . -14.80 12.32 -37.28
C7 NAG Z . -20.08 15.22 -40.19
C8 NAG Z . -20.93 15.51 -41.39
N2 NAG Z . -19.11 14.32 -40.34
O3 NAG Z . -17.30 16.17 -39.09
O4 NAG Z . -14.73 15.09 -38.38
O5 NAG Z . -16.87 12.12 -38.37
O6 NAG Z . -15.41 11.19 -36.68
O7 NAG Z . -20.28 15.78 -39.11
C1 NAG AA . -27.08 -18.28 -45.54
C2 NAG AA . -28.10 -18.13 -46.65
C3 NAG AA . -28.39 -19.50 -47.27
C4 NAG AA . -27.10 -20.17 -47.72
C5 NAG AA . -26.05 -20.16 -46.61
C6 NAG AA . -24.69 -20.61 -47.10
C7 NAG AA . -30.10 -16.75 -46.95
C8 NAG AA . -31.33 -16.19 -46.31
N2 NAG AA . -29.32 -17.51 -46.17
O3 NAG AA . -29.27 -19.33 -48.37
O4 NAG AA . -27.36 -21.53 -48.06
O5 NAG AA . -25.88 -18.84 -46.07
O6 NAG AA . -24.18 -19.71 -48.07
O7 NAG AA . -29.82 -16.53 -48.13
C1 NAG AA . -27.51 -21.80 -49.47
C2 NAG AA . -28.63 -22.83 -49.62
C3 NAG AA . -28.87 -23.12 -51.09
C4 NAG AA . -29.20 -21.82 -51.83
C5 NAG AA . -28.08 -20.81 -51.63
C6 NAG AA . -28.45 -19.45 -52.18
C7 NAG AA . -29.27 -24.80 -48.30
C8 NAG AA . -28.79 -26.03 -47.59
N2 NAG AA . -28.33 -24.05 -48.89
O3 NAG AA . -29.96 -24.03 -51.24
O4 NAG AA . -29.35 -22.08 -53.23
O5 NAG AA . -27.83 -20.62 -50.23
O6 NAG AA . -29.80 -19.14 -51.88
O7 NAG AA . -30.46 -24.50 -48.35
C1 NAG BA . 7.47 -15.30 -48.29
C2 NAG BA . 9.00 -15.26 -48.16
C3 NAG BA . 9.69 -16.15 -49.20
C4 NAG BA . 9.06 -17.54 -49.24
C5 NAG BA . 7.53 -17.45 -49.29
C6 NAG BA . 6.84 -18.78 -49.18
C7 NAG BA . 9.71 -12.83 -48.84
C8 NAG BA . 9.07 -12.87 -50.21
N2 NAG BA . 9.62 -13.93 -48.02
O3 NAG BA . 11.08 -16.22 -48.88
O4 NAG BA . 9.43 -18.24 -50.43
O5 NAG BA . 7.04 -16.64 -48.21
O6 NAG BA . 5.48 -18.70 -49.57
O7 NAG BA . 10.30 -11.83 -48.45
C1 NAG BA . 10.61 -19.05 -50.32
C2 NAG BA . 10.28 -20.55 -50.25
C3 NAG BA . 11.57 -21.37 -50.30
C4 NAG BA . 12.41 -20.98 -51.52
C5 NAG BA . 12.66 -19.47 -51.53
C6 NAG BA . 13.36 -19.02 -52.79
C7 NAG BA . 8.60 -21.84 -49.03
C8 NAG BA . 7.91 -22.04 -47.71
N2 NAG BA . 9.52 -20.88 -49.06
O3 NAG BA . 11.25 -22.76 -50.36
O4 NAG BA . 13.66 -21.65 -51.47
O5 NAG BA . 11.40 -18.78 -51.48
O6 NAG BA . 12.56 -19.27 -53.93
O7 NAG BA . 8.33 -22.52 -50.01
C1 NAG CA . -40.26 -32.36 -10.80
C2 NAG CA . -40.85 -32.92 -12.09
C3 NAG CA . -42.03 -33.86 -11.77
C4 NAG CA . -41.64 -34.90 -10.72
C5 NAG CA . -41.00 -34.22 -9.52
C6 NAG CA . -40.48 -35.20 -8.49
C7 NAG CA . -40.52 -31.27 -13.87
C8 NAG CA . -41.16 -30.17 -14.68
N2 NAG CA . -41.29 -31.85 -12.97
O3 NAG CA . -42.44 -34.50 -12.98
O4 NAG CA . -42.82 -35.54 -10.24
O5 NAG CA . -39.89 -33.43 -9.94
O6 NAG CA . -40.47 -34.62 -7.19
O7 NAG CA . -39.35 -31.59 -14.02
C1 NAG CA . -43.06 -36.86 -10.76
C2 NAG CA . -44.56 -36.92 -11.07
C3 NAG CA . -44.93 -38.26 -11.72
C4 NAG CA . -44.04 -38.52 -12.94
C5 NAG CA . -42.57 -38.45 -12.52
C6 NAG CA . -41.63 -38.60 -13.68
C7 NAG CA . -45.77 -35.51 -9.46
C8 NAG CA . -46.57 -35.48 -8.20
N2 NAG CA . -45.35 -36.72 -9.87
O3 NAG CA . -46.29 -38.23 -12.12
O4 NAG CA . -44.32 -39.81 -13.47
O5 NAG CA . -42.31 -37.16 -11.94
O6 NAG CA . -40.27 -38.72 -13.25
O7 NAG CA . -45.50 -34.49 -10.09
C1 NAG DA . -20.31 -19.88 -48.72
C2 NAG DA . -21.05 -20.75 -47.74
C3 NAG DA . -21.36 -22.10 -48.38
C4 NAG DA . -22.13 -21.91 -49.68
C5 NAG DA . -21.41 -20.90 -50.59
C6 NAG DA . -22.24 -20.51 -51.79
C7 NAG DA . -20.71 -20.36 -45.36
C8 NAG DA . -19.85 -20.62 -44.16
N2 NAG DA . -20.31 -20.92 -46.50
O3 NAG DA . -22.12 -22.88 -47.46
O4 NAG DA . -22.23 -23.15 -50.36
O5 NAG DA . -21.11 -19.69 -49.89
O6 NAG DA . -23.63 -20.62 -51.53
O7 NAG DA . -21.71 -19.65 -45.29
C1 NAG DA . -23.57 -23.69 -50.30
C2 NAG DA . -23.82 -24.57 -51.52
C3 NAG DA . -25.19 -25.23 -51.43
C4 NAG DA . -25.33 -25.99 -50.11
C5 NAG DA . -25.06 -25.05 -48.94
C6 NAG DA . -25.06 -25.75 -47.61
C7 NAG DA . -22.56 -23.68 -53.43
C8 NAG DA . -22.61 -22.86 -54.68
N2 NAG DA . -23.70 -23.81 -52.75
O3 NAG DA . -25.37 -26.13 -52.51
O4 NAG DA . -26.63 -26.53 -50.01
O5 NAG DA . -23.75 -24.46 -49.09
O6 NAG DA . -23.96 -26.64 -47.49
O7 NAG DA . -21.51 -24.20 -53.03
C1 NAG EA . -19.69 2.18 -33.13
C2 NAG EA . -20.49 1.22 -32.27
C3 NAG EA . -21.94 1.69 -32.19
C4 NAG EA . -22.03 3.14 -31.75
C5 NAG EA . -21.10 4.02 -32.59
C6 NAG EA . -20.97 5.42 -32.04
C7 NAG EA . -20.57 -1.22 -32.05
C8 NAG EA . -20.45 -2.54 -32.76
N2 NAG EA . -20.42 -0.13 -32.81
O3 NAG EA . -22.67 0.88 -31.28
O4 NAG EA . -23.36 3.59 -31.98
O5 NAG EA . -19.78 3.48 -32.60
O6 NAG EA . -21.13 5.45 -30.62
O7 NAG EA . -20.81 -1.16 -30.86
C1 NAG EA . -24.07 3.94 -30.79
C2 NAG EA . -25.02 5.05 -31.19
C3 NAG EA . -25.92 5.44 -30.03
C4 NAG EA . -26.65 4.22 -29.49
C5 NAG EA . -25.62 3.16 -29.10
C6 NAG EA . -26.25 1.86 -28.65
C7 NAG EA . -24.24 6.54 -32.98
C8 NAG EA . -23.46 7.77 -33.31
N2 NAG EA . -24.30 6.21 -31.68
O3 NAG EA . -26.85 6.42 -30.47
O4 NAG EA . -27.43 4.57 -28.36
O5 NAG EA . -24.80 2.84 -30.24
O6 NAG EA . -27.18 1.40 -29.61
O7 NAG EA . -24.79 5.86 -33.84
C1 BMA EA . -28.84 4.47 -28.65
C2 BMA EA . -29.51 4.34 -27.28
C3 BMA EA . -31.04 4.48 -27.37
C4 BMA EA . -31.49 5.64 -28.29
C5 BMA EA . -30.77 5.61 -29.66
C6 BMA EA . -31.13 6.85 -30.49
O2 BMA EA . -29.06 5.37 -26.39
O3 BMA EA . -31.60 4.67 -26.09
O4 BMA EA . -32.90 5.57 -28.48
O5 BMA EA . -29.33 5.59 -29.42
O6 BMA EA . -30.95 6.61 -31.91
C1 MAN EA . -32.13 3.43 -25.57
C2 MAN EA . -33.26 3.76 -24.55
C3 MAN EA . -32.70 4.09 -23.13
C4 MAN EA . -31.51 3.18 -22.72
C5 MAN EA . -30.48 3.21 -23.83
C6 MAN EA . -29.25 2.41 -23.53
O2 MAN EA . -34.16 2.66 -24.37
O3 MAN EA . -33.71 4.04 -22.13
O4 MAN EA . -30.93 3.64 -21.52
O5 MAN EA . -31.09 2.65 -25.00
O6 MAN EA . -28.32 2.66 -24.60
C1 NAG FA . -15.43 -55.57 -6.40
C2 NAG FA . -14.33 -55.44 -7.46
C3 NAG FA . -14.77 -56.00 -8.85
C4 NAG FA . -16.05 -56.84 -8.91
C5 NAG FA . -16.87 -56.83 -7.62
C6 NAG FA . -17.71 -58.08 -7.44
C7 NAG FA . -12.67 -53.65 -7.72
C8 NAG FA . -12.45 -52.18 -7.87
N2 NAG FA . -13.94 -54.05 -7.60
O3 NAG FA . -13.69 -56.75 -9.39
O4 NAG FA . -16.84 -56.27 -9.96
O5 NAG FA . -16.01 -56.78 -6.50
O6 NAG FA . -18.96 -57.97 -8.10
O7 NAG FA . -11.74 -54.45 -7.69
C1 NAG FA . -17.40 -57.19 -10.91
C2 NAG FA . -18.70 -56.54 -11.42
C3 NAG FA . -19.35 -57.40 -12.51
C4 NAG FA . -18.34 -57.73 -13.61
C5 NAG FA . -17.10 -58.36 -13.00
C6 NAG FA . -16.03 -58.67 -14.00
C7 NAG FA . -19.67 -55.18 -9.62
C8 NAG FA . -20.70 -55.13 -8.53
N2 NAG FA . -19.63 -56.32 -10.33
O3 NAG FA . -20.46 -56.70 -13.07
O4 NAG FA . -18.92 -58.63 -14.54
O5 NAG FA . -16.53 -57.47 -12.03
O6 NAG FA . -16.36 -59.81 -14.78
O7 NAG FA . -18.90 -54.26 -9.83
C1 NAG GA . -13.89 -38.83 14.75
C2 NAG GA . -13.34 -38.50 16.14
C3 NAG GA . -12.67 -39.72 16.73
C4 NAG GA . -13.72 -40.78 17.05
C5 NAG GA . -14.64 -41.03 15.85
C6 NAG GA . -16.11 -40.75 16.13
C7 NAG GA . -12.51 -36.33 16.89
C8 NAG GA . -11.46 -35.26 16.70
N2 NAG GA . -12.42 -37.38 16.08
O3 NAG GA . -11.98 -39.31 17.91
O4 NAG GA . -13.05 -42.02 17.30
O5 NAG GA . -14.25 -40.29 14.68
O6 NAG GA . -16.95 -41.56 15.32
O7 NAG GA . -13.39 -36.23 17.74
C1 NAG GA . -12.95 -42.30 18.70
C2 NAG GA . -13.71 -43.59 19.03
C3 NAG GA . -13.47 -43.98 20.50
C4 NAG GA . -11.99 -44.05 20.80
C5 NAG GA . -11.31 -42.73 20.43
C6 NAG GA . -9.81 -42.77 20.58
C7 NAG GA . -15.77 -44.19 17.85
C8 NAG GA . -17.24 -43.90 17.71
N2 NAG GA . -15.13 -43.45 18.76
O3 NAG GA . -14.08 -45.24 20.76
O4 NAG GA . -11.79 -44.30 22.19
O5 NAG GA . -11.56 -42.44 19.05
O6 NAG GA . -9.17 -42.95 19.33
O7 NAG GA . -15.21 -45.04 17.19
C1 NAG HA . 17.38 -39.36 -1.86
C2 NAG HA . 15.89 -39.57 -2.15
C3 NAG HA . 15.70 -40.56 -3.30
C4 NAG HA . 16.54 -40.15 -4.51
C5 NAG HA . 17.98 -39.94 -4.10
C6 NAG HA . 18.86 -39.43 -5.22
C7 NAG HA . 13.89 -39.81 -0.73
C8 NAG HA . 13.34 -40.38 0.54
N2 NAG HA . 15.20 -40.04 -0.96
O3 NAG HA . 14.32 -40.63 -3.65
O4 NAG HA . 16.50 -41.17 -5.51
O5 NAG HA . 18.05 -38.96 -3.05
O6 NAG HA . 18.13 -38.55 -6.06
O7 NAG HA . 13.20 -39.18 -1.52
C1 NAG HA . 15.67 -40.72 -6.61
C2 NAG HA . 16.17 -41.34 -7.90
C3 NAG HA . 15.26 -40.95 -9.07
C4 NAG HA . 13.79 -41.18 -8.75
C5 NAG HA . 13.43 -40.62 -7.37
C6 NAG HA . 12.04 -41.00 -6.90
C7 NAG HA . 18.42 -41.68 -8.84
C8 NAG HA . 19.78 -41.10 -9.02
N2 NAG HA . 17.55 -40.93 -8.17
O3 NAG HA . 15.62 -41.68 -10.23
O4 NAG HA . 13.03 -40.46 -9.72
O5 NAG HA . 14.33 -41.12 -6.38
O6 NAG HA . 11.86 -40.66 -5.53
O7 NAG HA . 18.11 -42.78 -9.30
C1 BMA HA . 12.17 -41.26 -10.55
C2 BMA HA . 11.60 -40.26 -11.59
C3 BMA HA . 10.67 -41.00 -12.53
C4 BMA HA . 11.33 -42.23 -13.14
C5 BMA HA . 11.95 -43.14 -12.05
C6 BMA HA . 12.72 -44.30 -12.65
O2 BMA HA . 12.64 -39.76 -12.40
O3 BMA HA . 10.25 -40.13 -13.56
O4 BMA HA . 10.38 -42.97 -13.87
O5 BMA HA . 12.83 -42.34 -11.21
O6 BMA HA . 12.10 -44.63 -13.90
C1 MAN HA . 8.81 -40.01 -13.55
C2 MAN HA . 8.36 -39.92 -15.02
C3 MAN HA . 8.95 -38.63 -15.60
C4 MAN HA . 8.45 -37.42 -14.82
C5 MAN HA . 8.86 -37.57 -13.34
C6 MAN HA . 8.27 -36.50 -12.46
O2 MAN HA . 6.96 -39.75 -15.06
O3 MAN HA . 8.68 -38.46 -16.98
O4 MAN HA . 9.02 -36.24 -15.34
O5 MAN HA . 8.40 -38.86 -12.83
O6 MAN HA . 8.31 -35.27 -13.18
C1 MAN HA . 6.39 -40.64 -16.04
C2 MAN HA . 5.48 -39.78 -16.90
C3 MAN HA . 4.36 -39.22 -16.02
C4 MAN HA . 3.61 -40.36 -15.29
C5 MAN HA . 4.61 -41.26 -14.53
C6 MAN HA . 3.97 -42.52 -13.98
O2 MAN HA . 4.80 -40.58 -17.88
O3 MAN HA . 3.45 -38.43 -16.76
O4 MAN HA . 2.69 -39.80 -14.36
O5 MAN HA . 5.68 -41.68 -15.43
O6 MAN HA . 5.01 -43.44 -13.66
C1 MAN HA . 12.93 -45.47 -14.70
C2 MAN HA . 14.16 -44.66 -15.22
C3 MAN HA . 13.71 -43.64 -16.27
C4 MAN HA . 12.88 -44.32 -17.38
C5 MAN HA . 11.69 -45.03 -16.73
C6 MAN HA . 10.83 -45.77 -17.74
O2 MAN HA . 15.10 -45.48 -15.89
O3 MAN HA . 14.80 -42.96 -16.86
O4 MAN HA . 12.42 -43.37 -18.31
O5 MAN HA . 12.18 -46.01 -15.78
O6 MAN HA . 9.54 -45.96 -17.18
C1 MAN HA . 15.37 -42.03 -15.91
C2 MAN HA . 14.73 -40.64 -16.18
C3 MAN HA . 15.22 -40.09 -17.52
C4 MAN HA . 16.74 -40.20 -17.69
C5 MAN HA . 17.22 -41.62 -17.38
C6 MAN HA . 18.72 -41.74 -17.36
O2 MAN HA . 15.15 -39.70 -15.20
O3 MAN HA . 14.80 -38.75 -17.71
O4 MAN HA . 17.10 -39.87 -19.02
O5 MAN HA . 16.75 -41.99 -16.06
O6 MAN HA . 19.17 -41.29 -16.10
C1 NAG IA . 24.56 -40.99 -1.54
C2 NAG IA . 25.09 -39.57 -1.69
C3 NAG IA . 25.99 -39.46 -2.91
C4 NAG IA . 27.13 -40.48 -2.81
C5 NAG IA . 26.56 -41.88 -2.62
C6 NAG IA . 27.62 -42.92 -2.36
C7 NAG IA . 23.62 -37.87 -0.73
C8 NAG IA . 22.48 -36.92 -0.97
N2 NAG IA . 24.00 -38.61 -1.76
O3 NAG IA . 26.51 -38.14 -2.97
O4 NAG IA . 27.93 -40.44 -3.99
O5 NAG IA . 25.67 -41.91 -1.49
O6 NAG IA . 28.67 -42.37 -1.55
O7 NAG IA . 24.17 -37.95 0.38
C1 NAG IA . 29.21 -39.86 -3.68
C2 NAG IA . 30.23 -40.30 -4.74
C3 NAG IA . 31.57 -39.62 -4.49
C4 NAG IA . 31.41 -38.11 -4.38
C5 NAG IA . 30.35 -37.77 -3.33
C6 NAG IA . 30.04 -36.29 -3.27
C7 NAG IA . 30.63 -42.44 -5.87
C8 NAG IA . 30.75 -43.92 -5.70
N2 NAG IA . 30.37 -41.74 -4.76
O3 NAG IA . 32.47 -39.93 -5.55
O4 NAG IA . 32.65 -37.53 -3.99
O5 NAG IA . 29.12 -38.43 -3.66
O6 NAG IA . 30.14 -35.70 -4.56
O7 NAG IA . 30.75 -41.89 -6.96
C1 NAG JA . 5.82 -52.61 13.67
C2 NAG JA . 5.87 -53.96 12.93
C3 NAG JA . 4.97 -54.99 13.60
C4 NAG JA . 5.18 -55.00 15.09
C5 NAG JA . 4.70 -53.67 15.68
C6 NAG JA . 5.52 -53.20 16.86
C7 NAG JA . 5.87 -54.53 10.53
C8 NAG JA . 5.33 -54.18 9.18
N2 NAG JA . 5.46 -53.77 11.55
O3 NAG JA . 5.26 -56.28 13.07
O4 NAG JA . 4.36 -56.02 15.63
O5 NAG JA . 4.73 -52.62 14.70
O6 NAG JA . 6.88 -53.61 16.73
O7 NAG JA . 6.64 -55.47 10.71
C1 NAG JA . 5.11 -57.01 16.31
C2 NAG JA . 4.20 -57.43 17.46
C3 NAG JA . 4.82 -58.58 18.24
C4 NAG JA . 5.18 -59.73 17.31
C5 NAG JA . 6.08 -59.21 16.19
C6 NAG JA . 6.40 -60.26 15.15
C7 NAG JA . 2.84 -55.55 18.25
C8 NAG JA . 2.73 -54.41 19.23
N2 NAG JA . 3.94 -56.29 18.34
O3 NAG JA . 3.86 -59.02 19.20
O4 NAG JA . 5.83 -60.78 18.02
O5 NAG JA . 5.42 -58.14 15.50
O6 NAG JA . 5.32 -61.18 15.00
O7 NAG JA . 1.98 -55.76 17.41
C1 BMA JA . 4.95 -61.91 18.24
C2 BMA JA . 4.96 -62.19 19.77
C3 BMA JA . 3.92 -63.25 20.10
C4 BMA JA . 2.54 -62.81 19.61
C5 BMA JA . 2.60 -62.63 18.07
C6 BMA JA . 1.32 -62.05 17.53
O2 BMA JA . 4.58 -61.03 20.49
O3 BMA JA . 3.86 -63.51 21.50
O4 BMA JA . 1.58 -63.80 19.93
O5 BMA JA . 3.62 -61.66 17.76
O6 BMA JA . 1.48 -60.63 17.51
C1 NAG KA . 20.20 -29.25 33.14
C2 NAG KA . 20.39 -27.94 33.93
C3 NAG KA . 20.55 -28.20 35.44
C4 NAG KA . 19.50 -29.18 35.96
C5 NAG KA . 19.40 -30.40 35.05
C6 NAG KA . 18.30 -31.35 35.44
C7 NAG KA . 22.72 -27.01 33.20
C8 NAG KA . 23.51 -28.25 33.58
N2 NAG KA . 21.37 -26.99 33.39
O3 NAG KA . 20.45 -26.94 36.11
O4 NAG KA . 19.90 -29.70 37.23
O5 NAG KA . 19.14 -30.00 33.70
O6 NAG KA . 18.23 -32.46 34.55
O7 NAG KA . 23.28 -26.03 32.73
C1 NAG KA . 19.39 -29.00 38.37
C2 NAG KA . 18.59 -29.95 39.27
C3 NAG KA . 18.18 -29.26 40.57
C4 NAG KA . 19.40 -28.65 41.26
C5 NAG KA . 20.12 -27.71 40.29
C6 NAG KA . 21.41 -27.14 40.87
C7 NAG KA . 16.90 -31.66 38.79
C8 NAG KA . 15.68 -32.01 38.00
N2 NAG KA . 17.41 -30.45 38.57
O3 NAG KA . 17.57 -30.19 41.44
O4 NAG KA . 18.99 -27.92 42.41
O5 NAG KA . 20.48 -28.44 39.11
O6 NAG KA . 22.55 -27.67 40.20
O7 NAG KA . 17.40 -32.45 39.59
C1 NAG LA . -27.79 -45.45 -4.22
C2 NAG LA . -27.81 -46.43 -3.06
C3 NAG LA . -28.89 -47.49 -3.29
C4 NAG LA . -30.24 -46.85 -3.57
C5 NAG LA . -30.13 -45.80 -4.68
C6 NAG LA . -31.40 -45.01 -4.86
C7 NAG LA . -25.55 -46.55 -2.10
C8 NAG LA . -24.30 -47.35 -2.01
N2 NAG LA . -26.52 -47.06 -2.87
O3 NAG LA . -28.98 -48.33 -2.15
O4 NAG LA . -31.14 -47.84 -4.05
O5 NAG LA . -29.08 -44.86 -4.37
O6 NAG LA . -31.38 -44.28 -6.08
O7 NAG LA . -25.69 -45.48 -1.51
C1 NAG LA . -32.15 -48.21 -3.09
C2 NAG LA . -31.98 -49.70 -2.79
C3 NAG LA . -33.04 -50.16 -1.79
C4 NAG LA . -32.98 -49.30 -0.54
C5 NAG LA . -33.08 -47.82 -0.88
C6 NAG LA . -32.85 -46.92 0.32
C7 NAG LA . -30.96 -50.83 -4.72
C8 NAG LA . -31.21 -51.64 -5.95
N2 NAG LA . -32.04 -50.48 -4.01
O3 NAG LA . -32.81 -51.52 -1.47
O4 NAG LA . -34.06 -49.65 0.32
O5 NAG LA . -32.07 -47.47 -1.85
O6 NAG LA . -31.57 -46.30 0.24
O7 NAG LA . -29.83 -50.49 -4.37
C1 NAG MA . 7.57 -52.45 20.32
C2 NAG MA . 6.28 -52.26 21.11
C3 NAG MA . 5.97 -53.52 21.92
C4 NAG MA . 5.96 -54.75 21.03
C5 NAG MA . 7.26 -54.84 20.23
C6 NAG MA . 7.25 -55.95 19.21
C7 NAG MA . 5.31 -50.34 22.28
C8 NAG MA . 5.56 -49.20 23.22
N2 NAG MA . 6.36 -51.10 21.99
O3 NAG MA . 4.70 -53.37 22.56
O4 NAG MA . 5.85 -55.92 21.84
O5 NAG MA . 7.46 -53.61 19.50
O6 NAG MA . 7.64 -55.48 17.92
O7 NAG MA . 4.19 -50.56 21.82
C1 NAG MA . 4.54 -56.53 21.77
C2 NAG MA . 4.63 -57.96 22.31
C3 NAG MA . 3.23 -58.58 22.36
C4 NAG MA . 2.26 -57.71 23.13
C5 NAG MA . 2.26 -56.29 22.55
C6 NAG MA . 1.42 -55.33 23.35
C7 NAG MA . 6.84 -58.82 21.70
C8 NAG MA . 7.61 -59.70 20.77
N2 NAG MA . 5.52 -58.76 21.50
O3 NAG MA . 3.31 -59.87 22.97
O4 NAG MA . 0.95 -58.25 23.05
O5 NAG MA . 3.59 -55.77 22.54
O6 NAG MA . 1.37 -55.70 24.73
O7 NAG MA . 7.39 -58.18 22.60
C1 NAG NA . 33.24 17.57 27.74
C2 NAG NA . 33.02 19.08 27.67
C3 NAG NA . 32.45 19.60 28.98
C4 NAG NA . 31.21 18.83 29.38
C5 NAG NA . 31.54 17.34 29.41
C6 NAG NA . 30.35 16.46 29.75
C7 NAG NA . 34.29 20.90 26.63
C8 NAG NA . 35.64 21.47 26.37
N2 NAG NA . 34.26 19.76 27.32
O3 NAG NA . 32.17 20.99 28.85
O4 NAG NA . 30.74 19.20 30.68
O5 NAG NA . 32.02 16.92 28.13
O6 NAG NA . 29.18 16.85 29.05
O7 NAG NA . 33.27 21.47 26.25
C1 NAG NA . 29.62 20.08 30.61
C2 NAG NA . 28.79 20.01 31.88
C3 NAG NA . 27.67 21.06 31.84
C4 NAG NA . 28.26 22.44 31.65
C5 NAG NA . 29.12 22.46 30.39
C6 NAG NA . 29.87 23.76 30.19
C7 NAG NA . 28.09 18.13 33.28
C8 NAG NA . 27.50 16.75 33.32
N2 NAG NA . 28.24 18.68 32.07
O3 NAG NA . 26.90 20.98 33.03
O4 NAG NA . 27.24 23.43 31.52
O5 NAG NA . 30.11 21.43 30.44
O6 NAG NA . 31.17 23.52 29.66
O7 NAG NA . 28.39 18.73 34.31
C1 BMA NA . 27.10 24.20 32.74
C2 BMA NA . 27.07 25.75 32.45
C3 BMA NA . 26.67 26.52 33.73
C4 BMA NA . 25.42 25.90 34.40
C5 BMA NA . 25.69 24.43 34.66
C6 BMA NA . 24.54 23.76 35.32
O2 BMA NA . 26.09 26.07 31.49
O3 BMA NA . 26.45 27.91 33.47
O4 BMA NA . 25.13 26.53 35.63
O5 BMA NA . 25.91 23.80 33.39
O6 BMA NA . 24.27 24.51 36.47
C1 MAN NA . 23.10 23.98 37.11
C2 MAN NA . 21.90 24.63 36.46
C3 MAN NA . 21.99 26.14 36.65
C4 MAN NA . 22.18 26.52 38.13
C5 MAN NA . 23.36 25.71 38.74
C6 MAN NA . 23.47 25.90 40.23
O2 MAN NA . 20.75 24.30 37.17
O3 MAN NA . 20.84 26.78 36.14
O4 MAN NA . 22.47 27.89 38.22
O5 MAN NA . 23.14 24.30 38.47
O6 MAN NA . 24.62 25.20 40.70
C1 NAG NA . 20.26 23.04 36.77
C2 NAG NA . 19.30 22.56 37.87
C3 NAG NA . 18.48 21.36 37.40
C4 NAG NA . 17.84 21.62 36.04
C5 NAG NA . 18.96 21.98 35.07
C6 NAG NA . 18.48 22.26 33.68
C7 NAG NA . 20.45 23.14 39.96
C8 NAG NA . 21.21 22.61 41.14
N2 NAG NA . 20.04 22.23 39.07
O3 NAG NA . 17.48 21.09 38.38
O4 NAG NA . 17.12 20.50 35.56
O5 NAG NA . 19.58 23.17 35.56
O6 NAG NA . 17.45 23.24 33.69
O7 NAG NA . 20.24 24.33 39.81
C1 GAL NA . 15.69 20.66 35.74
C2 GAL NA . 14.98 21.08 34.43
C3 GAL NA . 13.48 21.12 34.62
C4 GAL NA . 12.96 19.80 35.15
C5 GAL NA . 13.67 19.47 36.43
C6 GAL NA . 13.29 18.11 36.97
O2 GAL NA . 15.30 22.38 34.04
O3 GAL NA . 12.84 21.36 33.39
O4 GAL NA . 13.21 18.78 34.21
O5 GAL NA . 15.10 19.44 36.24
O6 GAL NA . 12.93 17.24 35.93
C1 NAG NA . 24.32 24.71 42.02
C2 NAG NA . 25.14 23.45 42.26
C3 NAG NA . 24.88 22.91 43.67
C4 NAG NA . 25.11 24.00 44.71
C5 NAG NA . 24.33 25.27 44.35
C6 NAG NA . 24.67 26.44 45.24
C7 NAG NA . 25.57 22.22 40.18
C8 NAG NA . 25.10 21.14 39.26
N2 NAG NA . 24.83 22.43 41.28
O3 NAG NA . 25.74 21.82 43.91
O4 NAG NA . 24.68 23.54 45.99
O5 NAG NA . 24.64 25.68 43.02
O6 NAG NA . 26.05 26.45 45.58
O7 NAG NA . 26.57 22.90 39.94
C1 GAL NA . 25.79 23.34 46.88
C2 GAL NA . 25.27 22.77 48.22
C3 GAL NA . 26.44 22.52 49.18
C4 GAL NA . 27.58 21.70 48.53
C5 GAL NA . 27.92 22.26 47.14
C6 GAL NA . 28.84 21.36 46.31
O2 GAL NA . 24.39 23.66 48.85
O3 GAL NA . 25.98 21.77 50.30
O4 GAL NA . 27.21 20.34 48.43
O5 GAL NA . 26.75 22.43 46.33
O6 GAL NA . 28.11 20.78 45.22
C1 MAN NA . 27.26 28.68 34.38
C2 MAN NA . 26.30 29.62 35.17
C3 MAN NA . 25.85 30.80 34.31
C4 MAN NA . 27.01 31.48 33.59
C5 MAN NA . 27.79 30.44 32.78
C6 MAN NA . 29.00 31.03 32.10
O2 MAN NA . 26.97 30.22 36.28
O3 MAN NA . 25.15 31.76 35.09
O4 MAN NA . 26.53 32.46 32.71
O5 MAN NA . 28.26 29.42 33.68
O6 MAN NA . 28.56 32.10 31.29
C1 FUC NA . 28.11 16.13 29.69
C2 FUC NA . 26.78 16.86 29.37
C3 FUC NA . 26.33 16.61 27.92
C4 FUC NA . 26.37 15.13 27.56
C5 FUC NA . 27.72 14.54 27.89
C6 FUC NA . 27.76 13.04 27.72
O2 FUC NA . 26.90 18.25 29.63
O3 FUC NA . 24.98 17.04 27.77
O4 FUC NA . 25.36 14.46 28.29
O5 FUC NA . 28.08 14.78 29.25
C1 NAG OA . 27.01 2.14 27.54
C2 NAG OA . 27.88 1.88 28.77
C3 NAG OA . 27.51 0.55 29.42
C4 NAG OA . 26.02 0.52 29.76
C5 NAG OA . 25.21 0.83 28.50
C6 NAG OA . 23.73 0.93 28.77
C7 NAG OA . 30.01 1.20 27.63
C8 NAG OA . 31.47 1.53 27.55
N2 NAG OA . 29.30 1.97 28.48
O3 NAG OA . 28.32 0.39 30.59
O4 NAG OA . 25.63 -0.79 30.19
O5 NAG OA . 25.62 2.08 27.92
O6 NAG OA . 23.11 1.76 27.80
O7 NAG OA . 29.51 0.30 26.96
C1 NAG OA . 25.58 -0.96 31.62
C2 NAG OA . 24.29 -1.66 32.04
C3 NAG OA . 24.33 -2.02 33.53
C4 NAG OA . 25.62 -2.71 33.94
C5 NAG OA . 26.83 -1.94 33.42
C6 NAG OA . 28.14 -2.64 33.65
C7 NAG OA . 21.90 -1.28 31.60
C8 NAG OA . 20.85 -0.26 31.31
N2 NAG OA . 23.15 -0.82 31.75
O3 NAG OA . 23.24 -2.90 33.82
O4 NAG OA . 25.70 -2.73 35.36
O5 NAG OA . 26.69 -1.75 32.00
O6 NAG OA . 29.12 -1.76 34.15
O7 NAG OA . 21.63 -2.47 31.70
C1 BMA OA . 25.57 -4.05 35.96
C2 BMA OA . 26.51 -4.07 37.25
C3 BMA OA . 26.00 -4.98 38.40
C4 BMA OA . 24.48 -5.18 38.43
C5 BMA OA . 24.03 -5.54 37.06
C6 BMA OA . 22.60 -5.97 37.05
O2 BMA OA . 26.67 -2.78 37.81
O3 BMA OA . 26.42 -4.48 39.67
O4 BMA OA . 24.12 -6.24 39.30
O5 BMA OA . 24.20 -4.37 36.24
O6 BMA OA . 22.11 -5.93 35.72
C1 MAN OA . 27.19 -5.51 40.32
C2 MAN OA . 27.39 -5.16 41.84
C3 MAN OA . 28.40 -4.06 41.99
C4 MAN OA . 29.70 -4.54 41.36
C5 MAN OA . 29.45 -4.65 39.83
C6 MAN OA . 30.64 -5.07 38.99
O2 MAN OA . 28.01 -6.22 42.52
O3 MAN OA . 28.60 -3.73 43.34
O4 MAN OA . 30.76 -3.68 41.68
O5 MAN OA . 28.44 -5.68 39.64
O6 MAN OA . 31.15 -6.28 39.54
C1 NAG OA . 27.02 -6.91 43.30
C2 NAG OA . 27.64 -8.22 43.76
C3 NAG OA . 26.65 -9.01 44.63
C4 NAG OA . 26.05 -8.15 45.73
C5 NAG OA . 25.59 -6.79 45.19
C6 NAG OA . 25.19 -5.82 46.28
C7 NAG OA . 29.11 -9.84 42.65
C8 NAG OA . 29.40 -10.58 41.38
N2 NAG OA . 28.06 -9.02 42.62
O3 NAG OA . 27.33 -10.12 45.20
O4 NAG OA . 24.90 -8.80 46.25
O5 NAG OA . 26.62 -6.15 44.44
O6 NAG OA . 24.01 -6.26 46.94
O7 NAG OA . 29.80 -9.97 43.65
C1 GAL OA . 25.16 -9.33 47.56
C2 GAL OA . 23.84 -9.33 48.33
C3 GAL OA . 24.06 -9.88 49.73
C4 GAL OA . 24.69 -11.29 49.67
C5 GAL OA . 25.91 -11.30 48.73
C6 GAL OA . 26.39 -12.68 48.34
O2 GAL OA . 23.31 -8.03 48.46
O3 GAL OA . 22.83 -10.00 50.44
O4 GAL OA . 23.72 -12.22 49.23
O5 GAL OA . 25.65 -10.64 47.47
O6 GAL OA . 26.08 -12.94 46.97
C1 NAG OA . 31.69 -4.52 42.40
C2 NAG OA . 33.10 -3.97 42.18
C3 NAG OA . 34.11 -4.84 42.92
C4 NAG OA . 33.74 -4.98 44.38
C5 NAG OA . 32.30 -5.43 44.55
C6 NAG OA . 31.83 -5.42 45.98
C7 NAG OA . 33.29 -2.76 40.06
C8 NAG OA . 33.67 -2.85 38.61
N2 NAG OA . 33.41 -3.89 40.77
O3 NAG OA . 35.41 -4.25 42.79
O4 NAG OA . 34.59 -5.94 45.01
O5 NAG OA . 31.41 -4.56 43.82
O6 NAG OA . 32.84 -5.93 46.85
O7 NAG OA . 32.91 -1.72 40.56
C1 MAN OA . 22.63 -7.04 34.98
C2 MAN OA . 22.35 -6.71 33.52
C3 MAN OA . 20.84 -6.71 33.32
C4 MAN OA . 20.24 -8.07 33.69
C5 MAN OA . 20.57 -8.38 35.16
C6 MAN OA . 20.20 -9.77 35.54
O2 MAN OA . 22.81 -7.75 32.69
O3 MAN OA . 20.50 -6.39 31.99
O4 MAN OA . 18.84 -8.02 33.53
O5 MAN OA . 22.01 -8.25 35.38
O6 MAN OA . 21.33 -10.60 35.27
C1 NAG OA . 23.75 -7.23 31.73
C2 NAG OA . 24.16 -8.36 30.79
C3 NAG OA . 25.08 -7.83 29.70
C4 NAG OA . 24.45 -6.65 28.98
C5 NAG OA . 24.02 -5.59 29.99
C6 NAG OA . 23.25 -4.45 29.35
C7 NAG OA . 24.12 -10.49 32.01
C8 NAG OA . 24.93 -11.51 32.73
N2 NAG OA . 24.79 -9.46 31.52
O3 NAG OA . 25.37 -8.87 28.77
O4 NAG OA . 25.38 -6.09 28.06
O5 NAG OA . 23.17 -6.16 30.98
O6 NAG OA . 22.96 -4.73 27.98
O7 NAG OA . 22.90 -10.59 31.89
C1 FUC OA . 22.37 0.94 26.88
C2 FUC OA . 20.94 1.36 26.99
C3 FUC OA . 20.88 2.86 26.75
C4 FUC OA . 21.38 3.20 25.33
C5 FUC OA . 22.72 2.50 25.04
C6 FUC OA . 22.98 2.38 23.55
O2 FUC OA . 20.37 1.04 28.25
O3 FUC OA . 19.55 3.30 26.83
O4 FUC OA . 20.42 2.76 24.40
O5 FUC OA . 22.81 1.14 25.56
C1 NAG PA . -22.98 0.01 38.78
C2 NAG PA . -22.86 1.14 39.77
C3 NAG PA . -21.65 0.92 40.66
C4 NAG PA . -21.76 -0.44 41.36
C5 NAG PA . -22.01 -1.56 40.35
C6 NAG PA . -22.39 -2.85 41.03
C7 NAG PA . -23.85 3.26 39.08
C8 NAG PA . -23.63 4.56 38.36
N2 NAG PA . -22.80 2.43 39.12
O3 NAG PA . -21.57 1.97 41.62
O4 NAG PA . -20.58 -0.71 42.09
O5 NAG PA . -23.11 -1.24 39.47
O6 NAG PA . -23.60 -2.73 41.77
O7 NAG PA . -24.92 2.97 39.60
C1 NAG QA . -29.75 36.81 26.34
C2 NAG QA . -28.79 37.66 25.49
C3 NAG QA . -27.42 37.79 26.18
C4 NAG QA . -27.58 38.25 27.63
C5 NAG QA . -28.54 37.33 28.36
C6 NAG QA . -28.82 37.76 29.77
C7 NAG QA . -29.46 37.33 23.14
C8 NAG QA . -29.13 36.64 21.85
N2 NAG QA . -28.62 37.09 24.17
O3 NAG QA . -26.63 38.75 25.47
O4 NAG QA . -26.31 38.24 28.28
O5 NAG QA . -29.79 37.33 27.67
O6 NAG QA . -30.21 37.64 30.08
O7 NAG QA . -30.44 38.04 23.27
C1 NAG RA . -42.30 13.31 29.88
C2 NAG RA . -42.42 12.50 31.16
C3 NAG RA . -43.85 12.56 31.69
C4 NAG RA . -44.29 14.00 31.86
C5 NAG RA . -44.06 14.81 30.57
C6 NAG RA . -44.29 16.29 30.73
C7 NAG RA . -40.81 10.66 31.37
C8 NAG RA . -40.53 9.22 31.08
N2 NAG RA . -41.99 11.12 30.96
O3 NAG RA . -43.90 11.89 32.95
O4 NAG RA . -45.68 14.04 32.19
O5 NAG RA . -42.70 14.66 30.13
O6 NAG RA . -43.14 17.02 30.35
O7 NAG RA . -40.00 11.39 31.93
C1 NAG SA . -17.46 28.93 15.51
C2 NAG SA . -16.68 29.57 14.35
C3 NAG SA . -17.66 30.23 13.37
C4 NAG SA . -18.49 31.30 14.07
C5 NAG SA . -19.03 30.79 15.40
C6 NAG SA . -20.52 31.03 15.56
C7 NAG SA . -14.72 31.07 14.15
C8 NAG SA . -13.87 32.07 14.86
N2 NAG SA . -15.74 30.56 14.86
O3 NAG SA . -18.53 29.23 12.85
O4 NAG SA . -17.65 32.43 14.32
O5 NAG SA . -18.84 29.37 15.49
O6 NAG SA . -21.26 30.32 14.58
O7 NAG SA . -14.50 30.74 12.99
C1 NAG TA . -25.32 28.27 5.44
C2 NAG TA . -26.86 28.44 5.37
C3 NAG TA . -27.28 29.66 4.52
C4 NAG TA . -26.51 30.90 4.96
C5 NAG TA . -25.00 30.63 4.98
C6 NAG TA . -24.21 31.80 5.51
C7 NAG TA . -27.78 26.40 4.03
C8 NAG TA . -26.91 26.63 2.80
N2 NAG TA . -27.67 27.24 5.09
O3 NAG TA . -28.67 29.87 4.64
O4 NAG TA . -26.78 31.98 4.07
O5 NAG TA . -24.71 29.52 5.84
O6 NAG TA . -24.51 32.03 6.88
O7 NAG TA . -28.55 25.46 4.07
C1 NAG UA . 9.43 46.45 8.79
C2 NAG UA . 8.00 46.31 9.32
C3 NAG UA . 7.45 47.69 9.70
C4 NAG UA . 8.40 48.44 10.62
C5 NAG UA . 9.80 48.48 10.02
C6 NAG UA . 10.83 49.10 10.95
C7 NAG UA . 6.05 45.00 8.66
C8 NAG UA . 5.28 44.41 7.52
N2 NAG UA . 7.15 45.68 8.33
O3 NAG UA . 6.20 47.53 10.37
O4 NAG UA . 7.95 49.78 10.82
O5 NAG UA . 10.24 47.15 9.75
O6 NAG UA . 10.22 50.06 11.80
O7 NAG UA . 5.68 44.87 9.82
C1 NAG VA . 15.34 51.61 -0.74
C2 NAG VA . 14.93 52.32 0.56
C3 NAG VA . 13.91 53.43 0.28
C4 NAG VA . 14.41 54.37 -0.80
C5 NAG VA . 14.71 53.57 -2.05
C6 NAG VA . 15.27 54.41 -3.17
C7 NAG VA . 15.17 50.76 2.43
C8 NAG VA . 14.45 49.83 3.37
N2 NAG VA . 14.41 51.39 1.54
O3 NAG VA . 13.65 54.15 1.48
O4 NAG VA . 13.42 55.36 -1.09
O5 NAG VA . 15.70 52.58 -1.75
O6 NAG VA . 16.46 53.83 -3.70
O7 NAG VA . 16.38 50.91 2.48
C1 NAG WA . 30.40 16.34 -44.38
C2 NAG WA . 30.79 15.51 -45.60
C3 NAG WA . 32.15 15.96 -46.13
C4 NAG WA . 32.13 17.45 -46.42
C5 NAG WA . 31.69 18.24 -45.18
C6 NAG WA . 31.50 19.71 -45.45
C7 NAG WA . 30.32 13.17 -46.13
C8 NAG WA . 30.41 11.75 -45.66
N2 NAG WA . 30.80 14.09 -45.29
O3 NAG WA . 32.46 15.23 -47.31
O4 NAG WA . 33.42 17.89 -46.82
O5 NAG WA . 30.43 17.74 -44.72
O6 NAG WA . 30.28 19.95 -46.12
O7 NAG WA . 29.83 13.46 -47.21
C1 NAG XA . 43.17 14.96 -41.91
C2 NAG XA . 43.11 13.96 -43.06
C3 NAG XA . 44.49 13.81 -43.70
C4 NAG XA . 45.04 15.16 -44.13
C5 NAG XA . 45.01 16.14 -42.96
C6 NAG XA . 45.40 17.54 -43.35
C7 NAG XA . 41.32 12.33 -42.64
C8 NAG XA . 40.98 10.96 -42.14
N2 NAG XA . 42.62 12.67 -42.60
O3 NAG XA . 44.40 12.94 -44.83
O4 NAG XA . 46.37 15.03 -44.60
O5 NAG XA . 43.68 16.22 -42.40
O6 NAG XA . 44.81 17.90 -44.60
O7 NAG XA . 40.47 13.10 -43.06
C1 NAG YA . 30.79 -5.73 -33.70
C2 NAG YA . 31.02 -5.93 -35.21
C3 NAG YA . 29.96 -6.87 -35.80
C4 NAG YA . 29.90 -8.18 -35.01
C5 NAG YA . 29.67 -7.88 -33.54
C6 NAG YA . 29.68 -9.13 -32.67
C7 NAG YA . 30.13 -3.76 -36.08
C8 NAG YA . 30.49 -2.56 -36.91
N2 NAG YA . 31.10 -4.68 -35.95
O3 NAG YA . 30.27 -7.13 -37.17
O4 NAG YA . 28.84 -9.00 -35.50
O5 NAG YA . 30.71 -7.03 -33.04
O6 NAG YA . 28.56 -9.95 -32.97
O7 NAG YA . 29.01 -3.86 -35.56
C1 NAG ZA . -30.17 4.02 -41.43
C2 NAG ZA . -30.27 4.76 -42.77
C3 NAG ZA . -30.58 6.25 -42.53
C4 NAG ZA . -31.80 6.42 -41.64
C5 NAG ZA . -31.59 5.65 -40.34
C6 NAG ZA . -32.79 5.70 -39.41
C7 NAG ZA . -28.87 3.62 -44.42
C8 NAG ZA . -27.55 3.62 -45.14
N2 NAG ZA . -29.06 4.61 -43.55
O3 NAG ZA . -30.80 6.88 -43.78
O4 NAG ZA . -32.03 7.78 -41.36
O5 NAG ZA . -31.36 4.26 -40.63
O6 NAG ZA . -32.64 4.77 -38.34
O7 NAG ZA . -29.72 2.77 -44.62
C1 NAG AB . -0.28 -3.18 -65.97
C2 NAG AB . 0.10 -1.69 -65.88
C3 NAG AB . 1.35 -1.42 -66.72
C4 NAG AB . 2.48 -2.34 -66.33
C5 NAG AB . 2.01 -3.80 -66.44
C6 NAG AB . 3.05 -4.80 -65.96
C7 NAG AB . -1.88 -0.32 -65.44
C8 NAG AB . -2.95 0.55 -66.04
N2 NAG AB . -1.00 -0.84 -66.29
O3 NAG AB . 1.76 -0.06 -66.52
O4 NAG AB . 3.59 -2.15 -67.22
O5 NAG AB . 0.85 -3.98 -65.61
O6 NAG AB . 2.52 -5.63 -64.94
O7 NAG AB . -1.82 -0.53 -64.24
C1 NAG BB . 19.23 18.74 -39.35
C2 NAG BB . 18.54 19.60 -40.41
C3 NAG BB . 19.23 20.97 -40.50
C4 NAG BB . 19.33 21.62 -39.12
C5 NAG BB . 19.94 20.67 -38.11
C6 NAG BB . 19.89 21.21 -36.70
C7 NAG BB . 17.58 19.10 -42.60
C8 NAG BB . 17.76 18.35 -43.89
N2 NAG BB . 18.55 18.94 -41.70
O3 NAG BB . 18.50 21.80 -41.38
O4 NAG BB . 20.15 22.78 -39.23
O5 NAG BB . 19.22 19.43 -38.10
O6 NAG BB . 19.29 20.25 -35.82
O7 NAG BB . 16.61 19.80 -42.39
C1 NAG CB . -24.02 -14.61 -55.95
C2 NAG CB . -24.88 -13.60 -56.70
C3 NAG CB . -26.11 -13.25 -55.88
C4 NAG CB . -26.88 -14.50 -55.49
C5 NAG CB . -25.95 -15.50 -54.79
C6 NAG CB . -26.61 -16.83 -54.53
C7 NAG CB . -24.24 -11.78 -58.21
C8 NAG CB . -23.38 -10.57 -58.39
N2 NAG CB . -24.12 -12.41 -57.04
O3 NAG CB . -26.96 -12.39 -56.64
O4 NAG CB . -27.94 -14.17 -54.60
O5 NAG CB . -24.80 -15.77 -55.63
O6 NAG CB . -26.52 -17.69 -55.65
O7 NAG CB . -25.00 -12.19 -59.09
C1 NAG DB . 5.47 -2.56 -48.38
C2 NAG DB . 6.91 -2.35 -47.87
C3 NAG DB . 7.70 -3.65 -47.98
C4 NAG DB . 7.75 -4.13 -49.43
C5 NAG DB . 6.36 -4.11 -50.06
C6 NAG DB . 5.98 -5.42 -50.69
C7 NAG DB . 8.63 -0.62 -48.18
C8 NAG DB . 9.17 0.43 -49.11
N2 NAG DB . 7.57 -1.30 -48.63
O3 NAG DB . 7.07 -4.65 -47.18
O4 NAG DB . 8.61 -3.28 -50.17
O5 NAG DB . 5.37 -3.85 -49.04
O6 NAG DB . 5.77 -6.42 -49.69
O7 NAG DB . 9.12 -0.83 -47.08
C1 NAG EB . 19.68 -51.92 -4.08
C2 NAG EB . 20.03 -53.36 -4.42
C3 NAG EB . 21.31 -53.40 -5.25
C4 NAG EB . 21.19 -52.51 -6.48
C5 NAG EB . 20.75 -51.10 -6.08
C6 NAG EB . 20.44 -50.24 -7.27
C7 NAG EB . 19.17 -54.92 -2.76
C8 NAG EB . 19.47 -55.70 -1.51
N2 NAG EB . 20.16 -54.17 -3.23
O3 NAG EB . 21.57 -54.74 -5.64
O4 NAG EB . 22.45 -52.44 -7.14
O5 NAG EB . 19.56 -51.15 -5.29
O6 NAG EB . 19.12 -50.48 -7.74
O7 NAG EB . 18.08 -54.99 -3.32
C1 NAG FB . 0.36 -54.68 -15.69
C2 NAG FB . 1.68 -54.47 -16.43
C3 NAG FB . 1.41 -54.09 -17.89
C4 NAG FB . 0.51 -55.12 -18.56
C5 NAG FB . -0.77 -55.32 -17.75
C6 NAG FB . -1.64 -56.43 -18.28
C7 NAG FB . 3.84 -53.47 -15.79
C8 NAG FB . 4.51 -52.36 -15.07
N2 NAG FB . 2.50 -53.46 -15.79
O3 NAG FB . 2.63 -53.98 -18.61
O4 NAG FB . 0.17 -54.69 -19.87
O5 NAG FB . -0.45 -55.66 -16.39
O6 NAG FB . -1.55 -56.52 -19.69
O7 NAG FB . 4.47 -54.35 -16.37
C1 NAG GB . 36.59 -44.07 31.47
C2 NAG GB . 37.30 -44.82 30.33
C3 NAG GB . 38.54 -44.02 29.89
C4 NAG GB . 38.14 -42.59 29.53
C5 NAG GB . 37.36 -41.93 30.67
C6 NAG GB . 36.83 -40.56 30.32
C7 NAG GB . 37.62 -47.20 29.88
C8 NAG GB . 38.03 -48.53 30.45
N2 NAG GB . 37.67 -46.16 30.72
O3 NAG GB . 39.14 -44.66 28.78
O4 NAG GB . 39.30 -41.82 29.25
O5 NAG GB . 36.23 -42.74 31.02
O6 NAG GB . 36.20 -39.95 31.44
O7 NAG GB . 37.25 -47.08 28.72
C1 NAG HB . 47.30 -12.93 14.17
C2 NAG HB . 48.01 -11.72 13.55
C3 NAG HB . 49.43 -12.09 13.17
C4 NAG HB . 50.17 -12.66 14.37
C5 NAG HB . 49.39 -13.81 14.98
C6 NAG HB . 49.99 -14.33 16.26
C7 NAG HB . 47.12 -9.93 12.13
C8 NAG HB . 46.34 -9.59 10.90
N2 NAG HB . 47.27 -11.23 12.39
O3 NAG HB . 50.11 -10.95 12.67
O4 NAG HB . 51.45 -13.13 13.97
O5 NAG HB . 48.05 -13.40 15.30
O6 NAG HB . 51.38 -13.99 16.35
O7 NAG HB . 47.58 -9.07 12.87
C1 NAG IB . 15.25 -60.01 19.08
C2 NAG IB . 14.93 -60.94 17.91
C3 NAG IB . 14.66 -62.36 18.41
C4 NAG IB . 15.79 -62.85 19.30
C5 NAG IB . 16.04 -61.85 20.43
C6 NAG IB . 17.22 -62.21 21.29
C7 NAG IB . 13.94 -59.73 16.02
C8 NAG IB . 12.67 -59.30 15.36
N2 NAG IB . 13.80 -60.44 17.15
O3 NAG IB . 14.51 -63.23 17.29
O4 NAG IB . 15.46 -64.12 19.87
O5 NAG IB . 16.32 -60.56 19.86
O6 NAG IB . 18.07 -61.10 21.49
O7 NAG IB . 15.04 -59.45 15.56
C1 NAG JB . 29.88 -29.13 24.76
C2 NAG JB . 29.95 -27.98 25.75
C3 NAG JB . 28.88 -28.14 26.85
C4 NAG JB . 28.55 -29.59 27.16
C5 NAG JB . 28.24 -30.40 25.89
C6 NAG JB . 26.79 -30.77 25.77
C7 NAG JB . 31.83 -26.64 26.57
C8 NAG JB . 33.20 -26.66 27.16
N2 NAG JB . 31.27 -27.83 26.31
O3 NAG JB . 27.70 -27.45 26.46
O4 NAG JB . 29.62 -30.20 27.86
O5 NAG JB . 28.58 -29.65 24.71
O6 NAG JB . 25.94 -29.64 25.97
O7 NAG JB . 31.24 -25.59 26.34
C1 NAG KB . 50.60 7.71 27.92
C2 NAG KB . 50.01 8.01 29.32
C3 NAG KB . 50.84 7.31 30.40
C4 NAG KB . 51.01 5.83 30.10
C5 NAG KB . 51.58 5.66 28.69
C6 NAG KB . 51.71 4.21 28.27
C7 NAG KB . 48.90 10.20 29.28
C8 NAG KB . 49.03 11.66 29.59
N2 NAG KB . 49.98 9.44 29.56
O3 NAG KB . 50.20 7.48 31.66
O4 NAG KB . 51.91 5.25 31.03
O5 NAG KB . 50.70 6.29 27.74
O6 NAG KB . 51.70 4.09 26.86
O7 NAG KB . 47.89 9.72 28.80
#